data_9GZK
#
_entry.id   9GZK
#
_cell.length_a   86.318
_cell.length_b   290.759
_cell.length_c   91.031
_cell.angle_alpha   90.000
_cell.angle_beta   100.245
_cell.angle_gamma   90.000
#
_symmetry.space_group_name_H-M   'P 1 21 1'
#
loop_
_entity.id
_entity.type
_entity.pdbx_description
1 polymer Glycosyltransferase
2 non-polymer (Ribitol-phosphate)4-(CH2)6-NH2
3 non-polymer 'MAGNESIUM ION'
4 water water
#
_entity_poly.entity_id   1
_entity_poly.type   'polypeptide(L)'
_entity_poly.pdbx_seq_one_letter_code
;GMRNLKDRVLNSLKGNKKDIKISVVVPTYNTELEGLKNLMASIDKQTMNPDEYELVFVDDGSTTDTYERLQEFAETRPNM
TVKQIENSGWGSRPRNIATKMAKGEYILYLDHDDTVFPETFERVYNFGKENNLDVVSGKEVRTNGWSWGWKQFSENNPHA
EEMGIECLLPMTPHKFYKREFLLENDITFDDGARVLWEDVYFNSKAFIHGAKVGILADYPTYYWIATGANNSSSFGRDPH
EKWNQINKLFNFFKDNIKEQRDLDFMLTHWYRSRVLGILGQWLLKNNNERIDIEFNYAKKLAEELIPAYISENLDKNNQV
KDYLLRQGDLDSLKKLAQIDAGITALSYVEDAYFKEDKLFFKTSTKMTYEDKEDFFIEKTADRMERILPEEIKSKLPKEF
FDYSDDLAEFTYEPSIKGRNSRATWKIDGSTSNVEVVNKKANLYKIEGEMSFSVQINDYILDAADKKQPWDIATRFTGLG
YTSHRALTIGKILIKTALINNKTMIVYKNASGLISLDVGSSVRSIVEDSGVKREQILIDKTSGKVTIPLNEIHVFGESLI
EGNAELKPVGISDADPINVKAKLIGEANKARVEVLLGDEKLSGEYHLVTNIQGKKDKQQIKITL
;
_entity_poly.pdbx_strand_id   A,B,C,D,E,F
#
loop_
_chem_comp.id
_chem_comp.type
_chem_comp.name
_chem_comp.formula
A1IR6 non-polymer (Ribitol-phosphate)4-(CH2)6-NH2 'C26 H59 N O29 P4'
MG non-polymer 'MAGNESIUM ION' 'Mg 2'
#
# COMPACT_ATOMS: atom_id res chain seq x y z
N LYS A 18 -22.56 -65.25 26.88
CA LYS A 18 -22.27 -64.62 28.15
C LYS A 18 -23.55 -64.08 28.80
N ASP A 19 -23.41 -63.49 29.97
CA ASP A 19 -24.55 -62.94 30.71
C ASP A 19 -24.94 -61.60 30.11
N ILE A 20 -26.17 -61.50 29.62
CA ILE A 20 -26.67 -60.26 29.04
C ILE A 20 -27.07 -59.32 30.16
N LYS A 21 -26.43 -58.15 30.22
CA LYS A 21 -26.68 -57.22 31.31
C LYS A 21 -27.95 -56.41 31.10
N ILE A 22 -28.29 -56.07 29.85
CA ILE A 22 -29.39 -55.16 29.57
C ILE A 22 -30.11 -55.63 28.32
N SER A 23 -31.44 -55.62 28.38
CA SER A 23 -32.29 -55.88 27.22
C SER A 23 -33.01 -54.59 26.84
N VAL A 24 -32.90 -54.21 25.59
CA VAL A 24 -33.57 -53.01 25.06
C VAL A 24 -34.83 -53.45 24.33
N VAL A 25 -35.98 -53.06 24.84
CA VAL A 25 -37.27 -53.41 24.26
C VAL A 25 -37.75 -52.22 23.43
N VAL A 26 -37.94 -52.44 22.14
CA VAL A 26 -38.38 -51.38 21.24
C VAL A 26 -39.58 -51.85 20.43
N PRO A 27 -40.80 -51.41 20.75
CA PRO A 27 -41.93 -51.67 19.87
C PRO A 27 -41.97 -50.66 18.72
N THR A 28 -42.32 -51.15 17.54
CA THR A 28 -42.30 -50.34 16.33
C THR A 28 -43.60 -50.50 15.56
N TYR A 29 -44.02 -49.42 14.91
CA TYR A 29 -45.13 -49.46 13.97
C TYR A 29 -45.04 -48.23 13.06
N ASN A 30 -44.79 -48.47 11.78
CA ASN A 30 -44.62 -47.39 10.79
C ASN A 30 -43.64 -46.35 11.30
N THR A 31 -42.50 -46.83 11.79
CA THR A 31 -41.49 -45.95 12.37
C THR A 31 -40.86 -45.08 11.31
N GLU A 32 -40.66 -43.81 11.64
CA GLU A 32 -39.89 -42.93 10.76
C GLU A 32 -38.46 -43.44 10.64
N LEU A 33 -37.98 -43.55 9.40
CA LEU A 33 -36.67 -44.15 9.17
C LEU A 33 -35.56 -43.33 9.80
N GLU A 34 -35.69 -42.01 9.81
CA GLU A 34 -34.65 -41.15 10.37
C GLU A 34 -34.54 -41.33 11.87
N GLY A 35 -35.68 -41.28 12.58
CA GLY A 35 -35.64 -41.52 14.01
C GLY A 35 -35.16 -42.92 14.37
N LEU A 36 -35.41 -43.89 13.50
CA LEU A 36 -34.91 -45.24 13.73
C LEU A 36 -33.41 -45.32 13.54
N LYS A 37 -32.88 -44.59 12.55
CA LYS A 37 -31.44 -44.52 12.36
C LYS A 37 -30.76 -43.90 13.58
N ASN A 38 -31.32 -42.79 14.08
CA ASN A 38 -30.75 -42.15 15.26
C ASN A 38 -30.83 -43.06 16.48
N LEU A 39 -31.89 -43.85 16.58
CA LEU A 39 -32.02 -44.82 17.67
C LEU A 39 -30.90 -45.86 17.59
N MET A 40 -30.69 -46.43 16.41
CA MET A 40 -29.66 -47.45 16.26
C MET A 40 -28.27 -46.88 16.51
N ALA A 41 -28.04 -45.62 16.12
CA ALA A 41 -26.75 -45.00 16.35
C ALA A 41 -26.49 -44.81 17.85
N SER A 42 -27.52 -44.41 18.60
CA SER A 42 -27.37 -44.22 20.03
C SER A 42 -27.03 -45.52 20.74
N ILE A 43 -27.57 -46.64 20.26
CA ILE A 43 -27.23 -47.93 20.84
C ILE A 43 -25.80 -48.32 20.50
N ASP A 44 -25.37 -48.04 19.27
CA ASP A 44 -24.01 -48.39 18.86
C ASP A 44 -22.96 -47.56 19.59
N LYS A 45 -23.31 -46.33 19.99
CA LYS A 45 -22.38 -45.47 20.72
C LYS A 45 -22.16 -45.92 22.16
N GLN A 46 -22.89 -46.93 22.63
CA GLN A 46 -22.80 -47.33 24.02
C GLN A 46 -21.40 -47.81 24.38
N THR A 47 -20.92 -47.37 25.54
CA THR A 47 -19.60 -47.79 26.01
C THR A 47 -19.58 -49.24 26.46
N MET A 48 -20.74 -49.83 26.74
CA MET A 48 -20.81 -51.23 27.12
C MET A 48 -20.52 -52.12 25.92
N ASN A 49 -19.83 -53.23 26.18
CA ASN A 49 -19.53 -54.18 25.12
C ASN A 49 -20.83 -54.70 24.51
N PRO A 50 -20.96 -54.72 23.17
CA PRO A 50 -22.23 -55.12 22.57
C PRO A 50 -22.66 -56.55 22.87
N ASP A 51 -21.74 -57.43 23.26
CA ASP A 51 -22.13 -58.78 23.63
C ASP A 51 -22.70 -58.88 25.03
N GLU A 52 -22.76 -57.78 25.77
CA GLU A 52 -23.33 -57.74 27.10
C GLU A 52 -24.74 -57.18 27.13
N TYR A 53 -25.28 -56.76 25.99
CA TYR A 53 -26.67 -56.34 25.91
C TYR A 53 -27.29 -56.90 24.63
N GLU A 54 -28.62 -56.89 24.59
CA GLU A 54 -29.36 -57.39 23.44
C GLU A 54 -30.47 -56.40 23.10
N LEU A 55 -30.85 -56.40 21.81
CA LEU A 55 -31.91 -55.55 21.31
C LEU A 55 -33.08 -56.42 20.86
N VAL A 56 -34.25 -56.18 21.45
CA VAL A 56 -35.44 -56.97 21.16
C VAL A 56 -36.47 -56.04 20.53
N PHE A 57 -36.58 -56.10 19.21
CA PHE A 57 -37.56 -55.31 18.47
C PHE A 57 -38.78 -56.16 18.14
N VAL A 58 -39.96 -55.59 18.32
CA VAL A 58 -41.22 -56.24 17.99
C VAL A 58 -42.02 -55.29 17.11
N ASP A 59 -42.29 -55.71 15.87
CA ASP A 59 -43.05 -54.90 14.93
C ASP A 59 -44.53 -55.23 15.05
N ASP A 60 -45.35 -54.20 15.18
CA ASP A 60 -46.79 -54.35 15.39
C ASP A 60 -47.56 -54.29 14.07
N GLY A 61 -47.11 -55.10 13.10
CA GLY A 61 -47.75 -55.17 11.81
C GLY A 61 -47.72 -53.85 11.06
N SER A 62 -46.52 -53.41 10.68
CA SER A 62 -46.38 -52.12 10.02
C SER A 62 -46.90 -52.18 8.59
N THR A 63 -47.58 -51.11 8.17
CA THR A 63 -48.00 -50.97 6.79
C THR A 63 -46.88 -50.46 5.89
N THR A 64 -45.75 -50.08 6.45
CA THR A 64 -44.58 -49.61 5.72
C THR A 64 -43.50 -50.68 5.73
N ASP A 65 -42.31 -50.33 5.26
CA ASP A 65 -41.18 -51.24 5.21
C ASP A 65 -40.35 -51.21 6.49
N THR A 66 -40.98 -51.01 7.65
CA THR A 66 -40.24 -50.90 8.90
C THR A 66 -39.60 -52.24 9.28
N TYR A 67 -40.37 -53.33 9.18
CA TYR A 67 -39.83 -54.65 9.51
C TYR A 67 -38.70 -55.04 8.56
N GLU A 68 -38.79 -54.64 7.30
CA GLU A 68 -37.72 -54.95 6.35
C GLU A 68 -36.45 -54.18 6.70
N ARG A 69 -36.59 -52.95 7.19
CA ARG A 69 -35.41 -52.20 7.61
C ARG A 69 -34.81 -52.77 8.89
N LEU A 70 -35.67 -53.26 9.79
CA LEU A 70 -35.18 -53.85 11.03
C LEU A 70 -34.39 -55.13 10.77
N GLN A 71 -34.82 -55.93 9.80
CA GLN A 71 -34.07 -57.12 9.42
C GLN A 71 -32.70 -56.74 8.86
N GLU A 72 -32.63 -55.67 8.07
CA GLU A 72 -31.36 -55.21 7.54
C GLU A 72 -30.45 -54.73 8.66
N PHE A 73 -31.02 -54.13 9.71
CA PHE A 73 -30.21 -53.74 10.86
C PHE A 73 -29.68 -54.95 11.60
N ALA A 74 -30.49 -55.99 11.75
CA ALA A 74 -30.12 -57.16 12.55
C ALA A 74 -29.15 -58.09 11.84
N GLU A 75 -28.89 -57.89 10.54
CA GLU A 75 -27.95 -58.74 9.84
C GLU A 75 -26.54 -58.60 10.41
N THR A 76 -26.11 -57.37 10.69
CA THR A 76 -24.77 -57.10 11.18
C THR A 76 -24.71 -56.99 12.70
N ARG A 77 -25.76 -57.39 13.41
CA ARG A 77 -25.82 -57.28 14.86
C ARG A 77 -26.32 -58.59 15.44
N PRO A 78 -25.41 -59.46 15.90
CA PRO A 78 -25.85 -60.76 16.45
C PRO A 78 -26.68 -60.62 17.71
N ASN A 79 -26.63 -59.48 18.40
CA ASN A 79 -27.38 -59.27 19.63
C ASN A 79 -28.74 -58.62 19.38
N MET A 80 -29.23 -58.66 18.14
CA MET A 80 -30.48 -58.00 17.77
C MET A 80 -31.50 -59.04 17.33
N THR A 81 -32.73 -58.89 17.81
CA THR A 81 -33.83 -59.80 17.50
C THR A 81 -35.01 -58.99 17.02
N VAL A 82 -35.59 -59.39 15.89
CA VAL A 82 -36.72 -58.69 15.28
C VAL A 82 -37.87 -59.67 15.13
N LYS A 83 -38.98 -59.40 15.82
CA LYS A 83 -40.17 -60.23 15.76
C LYS A 83 -41.35 -59.38 15.26
N GLN A 84 -42.24 -60.00 14.50
CA GLN A 84 -43.37 -59.30 13.91
C GLN A 84 -44.66 -60.02 14.27
N ILE A 85 -45.57 -59.31 14.93
CA ILE A 85 -46.88 -59.85 15.30
C ILE A 85 -47.94 -59.22 14.41
N GLU A 86 -49.21 -59.36 14.80
CA GLU A 86 -50.30 -58.76 14.05
C GLU A 86 -50.52 -57.32 14.50
N ASN A 87 -51.77 -56.84 14.44
CA ASN A 87 -52.07 -55.47 14.83
C ASN A 87 -52.48 -55.44 16.30
N SER A 88 -51.86 -56.32 17.09
CA SER A 88 -52.04 -56.53 18.52
C SER A 88 -53.34 -57.26 18.86
N GLY A 89 -54.17 -57.64 17.88
CA GLY A 89 -55.32 -58.49 18.16
C GLY A 89 -56.24 -57.93 19.23
N TRP A 90 -56.45 -56.62 19.21
CA TRP A 90 -57.17 -55.88 20.25
C TRP A 90 -56.48 -55.97 21.62
N GLY A 91 -56.26 -57.18 22.11
CA GLY A 91 -55.79 -57.36 23.47
C GLY A 91 -54.42 -57.99 23.58
N SER A 92 -53.41 -57.30 23.06
CA SER A 92 -52.02 -57.73 23.19
C SER A 92 -51.12 -56.52 23.04
N ARG A 93 -49.96 -56.56 23.68
CA ARG A 93 -49.05 -55.43 23.71
C ARG A 93 -47.64 -55.90 23.36
N PRO A 94 -46.96 -55.21 22.43
CA PRO A 94 -45.60 -55.64 22.05
C PRO A 94 -44.60 -55.60 23.18
N ARG A 95 -44.75 -54.67 24.12
CA ARG A 95 -43.80 -54.58 25.23
C ARG A 95 -43.84 -55.84 26.10
N ASN A 96 -45.03 -56.43 26.27
CA ASN A 96 -45.13 -57.67 27.03
C ASN A 96 -44.53 -58.84 26.24
N ILE A 97 -44.77 -58.86 24.93
CA ILE A 97 -44.23 -59.94 24.10
C ILE A 97 -42.71 -59.88 24.07
N ALA A 98 -42.15 -58.68 23.91
CA ALA A 98 -40.70 -58.53 23.91
C ALA A 98 -40.08 -58.81 25.28
N THR A 99 -40.85 -58.66 26.36
CA THR A 99 -40.33 -58.94 27.69
C THR A 99 -40.18 -60.45 27.91
N LYS A 100 -41.17 -61.24 27.48
CA LYS A 100 -41.12 -62.68 27.67
C LYS A 100 -39.96 -63.33 26.94
N MET A 101 -39.45 -62.69 25.89
CA MET A 101 -38.31 -63.20 25.14
C MET A 101 -37.00 -62.51 25.51
N ALA A 102 -37.03 -61.60 26.46
CA ALA A 102 -35.81 -60.94 26.91
C ALA A 102 -34.98 -61.88 27.78
N LYS A 103 -33.67 -61.67 27.76
CA LYS A 103 -32.74 -62.49 28.53
C LYS A 103 -31.86 -61.68 29.49
N GLY A 104 -31.88 -60.35 29.39
CA GLY A 104 -31.00 -59.54 30.21
C GLY A 104 -31.46 -59.42 31.66
N GLU A 105 -30.55 -58.94 32.50
CA GLU A 105 -30.88 -58.73 33.90
C GLU A 105 -31.80 -57.52 34.07
N TYR A 106 -31.56 -56.46 33.30
CA TYR A 106 -32.39 -55.27 33.33
C TYR A 106 -33.03 -55.04 31.96
N ILE A 107 -34.23 -54.48 31.98
CA ILE A 107 -34.99 -54.19 30.77
C ILE A 107 -35.23 -52.69 30.68
N LEU A 108 -34.94 -52.12 29.52
CA LEU A 108 -35.27 -50.74 29.21
C LEU A 108 -36.31 -50.71 28.10
N TYR A 109 -37.40 -49.98 28.33
CA TYR A 109 -38.47 -49.85 27.33
C TYR A 109 -38.21 -48.56 26.56
N LEU A 110 -37.49 -48.70 25.44
CA LEU A 110 -37.11 -47.58 24.60
C LEU A 110 -38.10 -47.43 23.45
N ASP A 111 -38.64 -46.23 23.29
CA ASP A 111 -39.57 -45.95 22.21
C ASP A 111 -38.81 -45.76 20.89
N HIS A 112 -39.52 -45.96 19.79
CA HIS A 112 -38.89 -46.04 18.47
C HIS A 112 -38.52 -44.67 17.90
N ASP A 113 -38.75 -43.57 18.62
CA ASP A 113 -38.33 -42.25 18.17
C ASP A 113 -37.56 -41.50 19.24
N ASP A 114 -37.02 -42.20 20.23
CA ASP A 114 -36.17 -41.62 21.25
C ASP A 114 -34.74 -42.13 21.07
N THR A 115 -33.83 -41.60 21.90
CA THR A 115 -32.44 -42.02 21.88
C THR A 115 -31.94 -42.20 23.31
N VAL A 116 -30.75 -42.77 23.41
CA VAL A 116 -30.11 -43.06 24.69
C VAL A 116 -28.68 -42.53 24.65
N PHE A 117 -28.23 -41.97 25.78
CA PHE A 117 -26.92 -41.34 25.84
C PHE A 117 -25.80 -42.39 25.88
N PRO A 118 -24.60 -42.05 25.39
CA PRO A 118 -23.61 -43.10 25.08
C PRO A 118 -23.06 -43.84 26.29
N GLU A 119 -23.22 -43.34 27.52
CA GLU A 119 -22.73 -44.03 28.70
C GLU A 119 -23.86 -44.51 29.60
N THR A 120 -25.08 -44.60 29.08
CA THR A 120 -26.23 -44.94 29.91
C THR A 120 -26.14 -46.39 30.41
N PHE A 121 -25.98 -47.34 29.48
CA PHE A 121 -26.00 -48.75 29.86
C PHE A 121 -24.95 -49.07 30.92
N GLU A 122 -23.73 -48.59 30.71
CA GLU A 122 -22.64 -48.88 31.65
C GLU A 122 -22.91 -48.24 33.00
N ARG A 123 -23.31 -46.97 33.02
CA ARG A 123 -23.53 -46.28 34.29
C ARG A 123 -24.75 -46.83 35.02
N VAL A 124 -25.83 -47.11 34.28
CA VAL A 124 -27.06 -47.58 34.92
C VAL A 124 -26.84 -48.97 35.51
N TYR A 125 -26.21 -49.87 34.76
CA TYR A 125 -26.05 -51.24 35.24
C TYR A 125 -25.16 -51.29 36.47
N ASN A 126 -24.00 -50.64 36.42
CA ASN A 126 -23.09 -50.64 37.55
C ASN A 126 -23.74 -50.02 38.79
N PHE A 127 -24.67 -49.09 38.59
CA PHE A 127 -25.37 -48.49 39.72
C PHE A 127 -26.39 -49.47 40.30
N GLY A 128 -27.17 -50.12 39.43
CA GLY A 128 -28.17 -51.07 39.92
C GLY A 128 -27.55 -52.32 40.52
N LYS A 129 -26.42 -52.77 39.98
CA LYS A 129 -25.78 -53.98 40.49
C LYS A 129 -25.21 -53.76 41.88
N GLU A 130 -24.49 -52.65 42.08
CA GLU A 130 -23.84 -52.38 43.36
C GLU A 130 -24.82 -51.99 44.45
N ASN A 131 -26.07 -51.69 44.11
CA ASN A 131 -27.09 -51.38 45.11
C ASN A 131 -28.26 -52.36 45.06
N ASN A 132 -28.14 -53.43 44.27
CA ASN A 132 -29.16 -54.49 44.20
C ASN A 132 -30.55 -53.91 43.95
N LEU A 133 -30.63 -53.04 42.94
CA LEU A 133 -31.85 -52.30 42.67
C LEU A 133 -32.78 -53.08 41.76
N ASP A 134 -34.07 -52.97 42.03
CA ASP A 134 -35.10 -53.51 41.15
C ASP A 134 -35.52 -52.51 40.08
N VAL A 135 -35.45 -51.22 40.38
CA VAL A 135 -35.77 -50.16 39.43
C VAL A 135 -34.70 -49.09 39.54
N VAL A 136 -34.07 -48.75 38.41
CA VAL A 136 -33.11 -47.66 38.32
C VAL A 136 -33.78 -46.52 37.58
N SER A 137 -34.07 -45.43 38.29
CA SER A 137 -34.70 -44.25 37.72
C SER A 137 -33.60 -43.26 37.37
N GLY A 138 -33.17 -43.27 36.11
CA GLY A 138 -32.13 -42.38 35.66
C GLY A 138 -32.65 -41.05 35.17
N LYS A 139 -31.78 -40.04 35.20
CA LYS A 139 -32.14 -38.71 34.76
C LYS A 139 -32.66 -38.75 33.32
N GLU A 140 -33.82 -38.15 33.11
CA GLU A 140 -34.48 -38.15 31.81
C GLU A 140 -34.47 -36.74 31.23
N VAL A 141 -34.39 -36.67 29.90
CA VAL A 141 -34.24 -35.41 29.17
C VAL A 141 -35.35 -35.31 28.14
N ARG A 142 -35.96 -34.13 28.06
CA ARG A 142 -37.00 -33.84 27.09
C ARG A 142 -36.60 -32.65 26.24
N THR A 143 -37.17 -32.59 25.03
CA THR A 143 -36.81 -31.55 24.08
C THR A 143 -37.10 -30.16 24.64
N ASN A 144 -38.32 -29.96 25.14
CA ASN A 144 -38.79 -28.65 25.56
C ASN A 144 -38.82 -28.57 27.09
N GLY A 145 -38.76 -27.33 27.58
CA GLY A 145 -38.83 -27.07 29.00
C GLY A 145 -37.47 -26.81 29.61
N TRP A 146 -37.48 -26.14 30.76
CA TRP A 146 -36.26 -25.80 31.49
C TRP A 146 -35.91 -26.82 32.56
N SER A 147 -36.72 -27.86 32.74
CA SER A 147 -36.45 -28.87 33.75
C SER A 147 -37.28 -30.12 33.44
N TRP A 148 -36.87 -31.23 34.04
CA TRP A 148 -37.65 -32.45 34.02
C TRP A 148 -37.22 -33.29 35.21
N GLY A 149 -38.16 -33.59 36.11
CA GLY A 149 -37.78 -34.24 37.35
C GLY A 149 -36.88 -33.37 38.20
N TRP A 150 -37.16 -32.06 38.24
CA TRP A 150 -36.31 -31.11 38.95
C TRP A 150 -36.08 -31.53 40.39
N LYS A 151 -37.11 -32.09 41.03
CA LYS A 151 -36.98 -32.50 42.43
C LYS A 151 -36.29 -33.84 42.57
N GLN A 152 -36.65 -34.81 41.73
CA GLN A 152 -36.15 -36.18 41.91
C GLN A 152 -34.74 -36.34 41.35
N PHE A 153 -34.46 -35.76 40.19
CA PHE A 153 -33.14 -35.87 39.57
C PHE A 153 -32.13 -34.86 40.12
N SER A 154 -32.19 -34.56 41.41
CA SER A 154 -31.28 -33.59 42.01
C SER A 154 -29.99 -34.23 42.51
N GLU A 155 -30.03 -35.49 42.93
CA GLU A 155 -28.84 -36.18 43.41
C GLU A 155 -29.08 -37.69 43.37
N ASN A 156 -27.98 -38.43 43.29
CA ASN A 156 -28.06 -39.89 43.29
C ASN A 156 -28.59 -40.38 44.63
N ASN A 157 -29.50 -41.36 44.58
CA ASN A 157 -30.13 -41.91 45.77
C ASN A 157 -30.22 -43.43 45.62
N PRO A 158 -29.26 -44.18 46.14
CA PRO A 158 -29.31 -45.65 45.99
C PRO A 158 -30.42 -46.29 46.79
N HIS A 159 -30.98 -45.61 47.79
CA HIS A 159 -32.10 -46.15 48.56
C HIS A 159 -33.30 -45.22 48.42
N ALA A 160 -33.72 -44.96 47.18
CA ALA A 160 -34.75 -43.97 46.93
C ALA A 160 -36.14 -44.46 47.38
N GLU A 161 -36.37 -45.76 47.38
CA GLU A 161 -37.68 -46.27 47.74
C GLU A 161 -38.06 -45.98 49.18
N GLU A 162 -37.11 -45.53 50.01
CA GLU A 162 -37.43 -45.12 51.37
C GLU A 162 -38.17 -43.79 51.41
N MET A 163 -38.05 -42.98 50.35
CA MET A 163 -38.79 -41.72 50.25
C MET A 163 -40.29 -41.94 50.08
N GLY A 164 -40.72 -43.16 49.78
CA GLY A 164 -42.08 -43.42 49.37
C GLY A 164 -42.20 -43.52 47.88
N ILE A 165 -43.45 -43.63 47.42
CA ILE A 165 -43.73 -43.78 46.00
C ILE A 165 -43.30 -42.57 45.18
N GLU A 166 -42.98 -41.45 45.83
CA GLU A 166 -42.53 -40.26 45.12
C GLU A 166 -41.22 -40.48 44.37
N CYS A 167 -40.41 -41.45 44.80
CA CYS A 167 -39.11 -41.67 44.20
C CYS A 167 -39.18 -42.02 42.71
N LEU A 168 -40.32 -42.54 42.25
CA LEU A 168 -40.46 -42.99 40.87
C LEU A 168 -40.90 -41.88 39.92
N LEU A 169 -41.17 -40.68 40.42
CA LEU A 169 -41.62 -39.62 39.55
C LEU A 169 -40.43 -38.97 38.84
N PRO A 170 -40.60 -38.52 37.59
CA PRO A 170 -41.81 -38.70 36.77
C PRO A 170 -41.96 -40.14 36.28
N MET A 171 -43.20 -40.64 36.28
CA MET A 171 -43.46 -42.06 36.05
C MET A 171 -43.58 -42.38 34.56
N THR A 172 -42.50 -42.06 33.83
CA THR A 172 -42.36 -42.53 32.46
C THR A 172 -41.95 -44.00 32.48
N PRO A 173 -42.14 -44.71 31.37
CA PRO A 173 -41.66 -46.09 31.28
C PRO A 173 -40.18 -46.20 30.91
N HIS A 174 -39.46 -45.09 30.90
CA HIS A 174 -38.08 -45.01 30.46
C HIS A 174 -37.09 -45.23 31.58
N LYS A 175 -37.33 -46.22 32.44
CA LYS A 175 -36.43 -46.61 33.50
C LYS A 175 -35.83 -47.98 33.17
N PHE A 176 -34.98 -48.46 34.08
CA PHE A 176 -34.36 -49.77 33.95
C PHE A 176 -34.91 -50.66 35.05
N TYR A 177 -35.67 -51.69 34.65
CA TYR A 177 -36.33 -52.60 35.58
C TYR A 177 -35.62 -53.94 35.58
N LYS A 178 -35.43 -54.50 36.78
CA LYS A 178 -34.85 -55.83 36.89
C LYS A 178 -35.83 -56.85 36.35
N ARG A 179 -35.40 -57.62 35.35
CA ARG A 179 -36.30 -58.58 34.71
C ARG A 179 -36.77 -59.64 35.70
N GLU A 180 -35.90 -60.03 36.64
CA GLU A 180 -36.29 -60.99 37.66
C GLU A 180 -37.45 -60.46 38.50
N PHE A 181 -37.42 -59.15 38.79
CA PHE A 181 -38.47 -58.56 39.63
C PHE A 181 -39.80 -58.50 38.90
N LEU A 182 -39.78 -58.15 37.61
CA LEU A 182 -41.01 -58.03 36.85
C LEU A 182 -41.69 -59.39 36.67
N LEU A 183 -40.92 -60.41 36.31
CA LEU A 183 -41.49 -61.73 36.07
C LEU A 183 -42.02 -62.36 37.35
N GLU A 184 -41.34 -62.11 38.48
CA GLU A 184 -41.77 -62.72 39.75
C GLU A 184 -43.14 -62.20 40.17
N ASN A 185 -43.33 -60.88 40.15
CA ASN A 185 -44.59 -60.27 40.55
C ASN A 185 -45.57 -60.14 39.39
N ASP A 186 -45.20 -60.57 38.19
CA ASP A 186 -46.03 -60.51 37.00
C ASP A 186 -46.54 -59.08 36.76
N ILE A 187 -45.60 -58.18 36.60
CA ILE A 187 -45.88 -56.77 36.31
C ILE A 187 -45.78 -56.59 34.80
N THR A 188 -46.93 -56.42 34.15
CA THR A 188 -47.00 -56.23 32.71
C THR A 188 -47.70 -54.91 32.41
N PHE A 189 -47.92 -54.65 31.13
CA PHE A 189 -48.70 -53.50 30.68
C PHE A 189 -50.13 -53.94 30.41
N ASP A 190 -51.08 -53.16 30.91
CA ASP A 190 -52.50 -53.50 30.77
C ASP A 190 -52.87 -53.65 29.29
N ASP A 191 -53.51 -54.78 28.96
CA ASP A 191 -53.84 -55.09 27.57
C ASP A 191 -55.17 -54.46 27.17
N GLY A 192 -55.22 -53.14 27.28
CA GLY A 192 -56.32 -52.34 26.75
C GLY A 192 -55.83 -51.51 25.59
N ALA A 193 -56.64 -51.44 24.53
CA ALA A 193 -56.15 -50.86 23.28
C ALA A 193 -55.78 -49.39 23.44
N ARG A 194 -56.57 -48.64 24.22
CA ARG A 194 -56.40 -47.19 24.36
C ARG A 194 -56.47 -46.84 25.86
N VAL A 195 -55.44 -47.21 26.60
CA VAL A 195 -55.29 -46.83 28.00
C VAL A 195 -54.25 -45.72 28.08
N LEU A 196 -54.60 -44.61 28.72
CA LEU A 196 -53.68 -43.52 28.94
C LEU A 196 -52.96 -43.69 30.27
N TRP A 197 -51.75 -43.12 30.35
CA TRP A 197 -50.90 -43.27 31.53
C TRP A 197 -50.61 -44.74 31.83
N GLU A 198 -50.47 -45.54 30.77
CA GLU A 198 -50.11 -46.95 30.94
C GLU A 198 -48.85 -47.11 31.77
N ASP A 199 -47.94 -46.15 31.70
CA ASP A 199 -46.70 -46.21 32.47
C ASP A 199 -46.92 -45.89 33.94
N VAL A 200 -47.98 -45.17 34.29
CA VAL A 200 -48.25 -44.89 35.70
C VAL A 200 -48.73 -46.14 36.41
N TYR A 201 -49.54 -46.96 35.74
CA TYR A 201 -49.89 -48.27 36.29
C TYR A 201 -48.65 -49.13 36.45
N PHE A 202 -47.75 -49.09 35.47
CA PHE A 202 -46.58 -49.96 35.49
C PHE A 202 -45.63 -49.60 36.63
N ASN A 203 -45.34 -48.31 36.79
CA ASN A 203 -44.41 -47.89 37.84
C ASN A 203 -45.02 -48.07 39.22
N SER A 204 -46.33 -47.81 39.36
CA SER A 204 -46.98 -47.97 40.66
C SER A 204 -47.01 -49.44 41.07
N LYS A 205 -47.29 -50.35 40.13
CA LYS A 205 -47.27 -51.77 40.44
C LYS A 205 -45.87 -52.23 40.86
N ALA A 206 -44.83 -51.63 40.28
CA ALA A 206 -43.47 -51.97 40.69
C ALA A 206 -43.21 -51.61 42.15
N PHE A 207 -43.68 -50.44 42.57
CA PHE A 207 -43.44 -50.01 43.95
C PHE A 207 -44.32 -50.77 44.94
N ILE A 208 -45.56 -51.09 44.54
CA ILE A 208 -46.47 -51.81 45.43
C ILE A 208 -45.90 -53.16 45.80
N HIS A 209 -45.17 -53.81 44.89
CA HIS A 209 -44.55 -55.11 45.16
C HIS A 209 -43.18 -54.97 45.80
N GLY A 210 -42.86 -53.81 46.37
CA GLY A 210 -41.65 -53.65 47.14
C GLY A 210 -40.37 -53.65 46.33
N ALA A 211 -40.28 -52.77 45.34
CA ALA A 211 -39.07 -52.68 44.53
C ALA A 211 -38.06 -51.77 45.22
N LYS A 212 -36.81 -52.23 45.29
CA LYS A 212 -35.71 -51.35 45.66
C LYS A 212 -35.43 -50.40 44.51
N VAL A 213 -35.64 -49.10 44.74
CA VAL A 213 -35.54 -48.09 43.69
C VAL A 213 -34.35 -47.21 43.97
N GLY A 214 -33.55 -46.96 42.95
CA GLY A 214 -32.44 -46.03 43.05
C GLY A 214 -32.54 -44.97 41.96
N ILE A 215 -32.19 -43.75 42.33
CA ILE A 215 -32.23 -42.60 41.41
C ILE A 215 -30.81 -42.29 40.97
N LEU A 216 -30.58 -42.32 39.66
CA LEU A 216 -29.30 -41.95 39.07
C LEU A 216 -29.47 -40.58 38.41
N ALA A 217 -28.90 -39.55 39.03
CA ALA A 217 -29.14 -38.18 38.60
C ALA A 217 -27.93 -37.47 38.01
N ASP A 218 -26.72 -37.99 38.23
CA ASP A 218 -25.52 -37.28 37.80
C ASP A 218 -25.18 -37.48 36.33
N TYR A 219 -26.02 -38.20 35.58
CA TYR A 219 -25.75 -38.42 34.17
C TYR A 219 -27.09 -38.60 33.44
N PRO A 220 -27.31 -37.87 32.34
CA PRO A 220 -28.57 -38.03 31.60
C PRO A 220 -28.60 -39.35 30.86
N THR A 221 -29.65 -40.13 31.10
CA THR A 221 -29.72 -41.51 30.61
C THR A 221 -30.64 -41.68 29.41
N TYR A 222 -31.75 -40.95 29.35
CA TYR A 222 -32.76 -41.17 28.33
C TYR A 222 -33.20 -39.83 27.75
N TYR A 223 -33.25 -39.75 26.42
CA TYR A 223 -33.74 -38.57 25.72
C TYR A 223 -35.13 -38.88 25.16
N TRP A 224 -36.15 -38.35 25.82
CA TRP A 224 -37.53 -38.43 25.34
C TRP A 224 -37.73 -37.30 24.33
N ILE A 225 -37.70 -37.64 23.04
CA ILE A 225 -37.73 -36.65 21.98
C ILE A 225 -39.17 -36.28 21.68
N ALA A 226 -39.41 -34.98 21.52
CA ALA A 226 -40.75 -34.47 21.21
C ALA A 226 -41.03 -34.63 19.73
N THR A 227 -42.05 -35.41 19.39
CA THR A 227 -42.50 -35.57 18.02
C THR A 227 -43.95 -35.18 17.84
N GLY A 228 -44.85 -35.65 18.69
CA GLY A 228 -46.24 -35.28 18.64
C GLY A 228 -46.98 -35.81 17.43
N GLY A 236 -57.57 -37.91 25.86
CA GLY A 236 -56.79 -36.90 25.15
C GLY A 236 -57.61 -35.67 24.80
N ARG A 237 -57.94 -35.53 23.51
CA ARG A 237 -58.75 -34.40 23.07
C ARG A 237 -60.23 -34.61 23.39
N ASP A 238 -60.69 -35.85 23.41
CA ASP A 238 -62.07 -36.14 23.76
C ASP A 238 -62.27 -35.96 25.27
N PRO A 239 -63.10 -35.01 25.71
CA PRO A 239 -63.27 -34.82 27.16
C PRO A 239 -63.89 -36.02 27.84
N HIS A 240 -64.72 -36.80 27.15
CA HIS A 240 -65.30 -38.00 27.74
C HIS A 240 -64.26 -39.09 27.88
N GLU A 241 -63.47 -39.32 26.83
CA GLU A 241 -62.37 -40.29 26.93
C GLU A 241 -61.36 -39.87 27.98
N LYS A 242 -61.03 -38.58 28.03
CA LYS A 242 -60.07 -38.07 29.01
C LYS A 242 -60.53 -38.36 30.43
N TRP A 243 -61.78 -37.97 30.76
CA TRP A 243 -62.27 -38.15 32.11
C TRP A 243 -62.66 -39.59 32.42
N ASN A 244 -62.92 -40.41 31.40
CA ASN A 244 -63.05 -41.84 31.63
C ASN A 244 -61.73 -42.43 32.10
N GLN A 245 -60.62 -41.96 31.53
CA GLN A 245 -59.31 -42.47 31.92
C GLN A 245 -58.90 -41.93 33.29
N ILE A 246 -59.22 -40.67 33.58
CA ILE A 246 -58.86 -40.09 34.88
C ILE A 246 -59.59 -40.83 36.00
N ASN A 247 -60.83 -41.22 35.77
CA ASN A 247 -61.55 -42.02 36.75
C ASN A 247 -60.90 -43.40 36.90
N LYS A 248 -60.46 -43.99 35.79
CA LYS A 248 -59.83 -45.31 35.86
C LYS A 248 -58.51 -45.26 36.61
N LEU A 249 -57.79 -44.13 36.53
CA LEU A 249 -56.50 -44.02 37.20
C LEU A 249 -56.67 -43.83 38.70
N PHE A 250 -57.59 -42.95 39.12
CA PHE A 250 -57.83 -42.77 40.55
C PHE A 250 -58.39 -44.05 41.17
N ASN A 251 -59.25 -44.77 40.44
CA ASN A 251 -59.75 -46.04 40.94
C ASN A 251 -58.62 -47.06 41.09
N PHE A 252 -57.57 -46.94 40.28
CA PHE A 252 -56.41 -47.79 40.44
C PHE A 252 -55.67 -47.48 41.74
N PHE A 253 -55.48 -46.19 42.03
CA PHE A 253 -54.80 -45.80 43.26
C PHE A 253 -55.54 -46.30 44.48
N LYS A 254 -56.85 -46.00 44.57
CA LYS A 254 -57.63 -46.32 45.75
C LYS A 254 -57.76 -47.82 45.98
N ASP A 255 -57.62 -48.64 44.93
CA ASP A 255 -57.84 -50.07 45.06
C ASP A 255 -56.55 -50.88 45.23
N ASN A 256 -55.40 -50.31 44.91
CA ASN A 256 -54.16 -51.08 44.88
C ASN A 256 -53.08 -50.57 45.82
N ILE A 257 -52.92 -49.26 45.95
CA ILE A 257 -51.93 -48.70 46.84
C ILE A 257 -52.44 -48.84 48.28
N LYS A 258 -51.76 -49.67 49.08
CA LYS A 258 -52.21 -49.97 50.43
C LYS A 258 -51.49 -49.18 51.50
N GLU A 259 -50.26 -48.72 51.24
CA GLU A 259 -49.58 -47.84 52.18
C GLU A 259 -50.22 -46.46 52.16
N GLN A 260 -50.57 -45.96 53.34
CA GLN A 260 -51.29 -44.69 53.42
C GLN A 260 -50.47 -43.53 52.89
N ARG A 261 -49.20 -43.48 53.28
CA ARG A 261 -48.33 -42.38 52.82
C ARG A 261 -48.25 -42.35 51.30
N ASP A 262 -48.14 -43.52 50.67
CA ASP A 262 -48.04 -43.57 49.21
C ASP A 262 -49.37 -43.21 48.55
N LEU A 263 -50.47 -43.77 49.07
CA LEU A 263 -51.79 -43.47 48.50
C LEU A 263 -52.11 -41.99 48.59
N ASP A 264 -51.82 -41.37 49.75
CA ASP A 264 -52.10 -39.95 49.91
C ASP A 264 -51.27 -39.09 48.96
N PHE A 265 -50.05 -39.52 48.63
CA PHE A 265 -49.23 -38.76 47.70
C PHE A 265 -49.81 -38.82 46.28
N MET A 266 -50.13 -40.02 45.81
CA MET A 266 -50.66 -40.16 44.45
C MET A 266 -52.00 -39.47 44.31
N LEU A 267 -52.85 -39.57 45.33
CA LEU A 267 -54.13 -38.85 45.30
C LEU A 267 -53.91 -37.35 45.25
N THR A 268 -53.02 -36.83 46.11
CA THR A 268 -52.76 -35.40 46.14
C THR A 268 -52.10 -34.93 44.84
N HIS A 269 -51.11 -35.68 44.35
CA HIS A 269 -50.36 -35.26 43.17
C HIS A 269 -51.24 -35.19 41.94
N TRP A 270 -52.10 -36.20 41.74
CA TRP A 270 -52.90 -36.25 40.52
C TRP A 270 -54.17 -35.42 40.63
N TYR A 271 -54.69 -35.21 41.85
CA TYR A 271 -55.81 -34.29 42.01
C TYR A 271 -55.37 -32.86 41.75
N ARG A 272 -54.17 -32.49 42.18
CA ARG A 272 -53.68 -31.13 41.95
C ARG A 272 -53.31 -30.90 40.49
N SER A 273 -52.63 -31.87 39.87
CA SER A 273 -52.08 -31.65 38.54
C SER A 273 -53.13 -31.82 37.45
N ARG A 274 -53.99 -32.83 37.56
CA ARG A 274 -54.93 -33.15 36.49
C ARG A 274 -56.36 -32.69 36.76
N VAL A 275 -56.78 -32.65 38.01
CA VAL A 275 -58.18 -32.30 38.31
C VAL A 275 -58.29 -30.80 38.59
N LEU A 276 -57.56 -30.31 39.59
CA LEU A 276 -57.54 -28.88 39.85
C LEU A 276 -56.83 -28.11 38.74
N GLY A 277 -55.97 -28.78 37.96
CA GLY A 277 -55.22 -28.13 36.90
C GLY A 277 -56.05 -27.60 35.76
N ILE A 278 -57.33 -27.99 35.66
CA ILE A 278 -58.22 -27.41 34.67
C ILE A 278 -58.97 -26.20 35.19
N LEU A 279 -58.87 -25.91 36.48
CA LEU A 279 -59.63 -24.83 37.11
C LEU A 279 -58.86 -23.52 37.14
N GLY A 280 -57.78 -23.40 36.39
CA GLY A 280 -57.03 -22.17 36.33
C GLY A 280 -57.11 -21.49 34.98
N GLN A 281 -55.97 -21.28 34.34
CA GLN A 281 -55.94 -20.64 33.02
C GLN A 281 -56.58 -21.49 31.93
N TRP A 282 -56.82 -22.78 32.20
CA TRP A 282 -57.55 -23.62 31.26
C TRP A 282 -58.94 -23.06 30.99
N LEU A 283 -59.54 -22.38 31.97
CA LEU A 283 -60.86 -21.78 31.79
C LEU A 283 -60.81 -20.64 30.79
N LEU A 284 -59.68 -19.97 30.67
CA LEU A 284 -59.53 -18.84 29.75
C LEU A 284 -59.15 -19.24 28.34
N LYS A 285 -59.02 -20.55 28.07
CA LYS A 285 -58.55 -21.02 26.77
C LYS A 285 -59.52 -22.00 26.11
N ASN A 286 -60.71 -22.19 26.68
CA ASN A 286 -61.68 -23.13 26.14
C ASN A 286 -63.06 -22.50 26.11
N ASN A 287 -63.90 -23.00 25.20
CA ASN A 287 -65.26 -22.51 25.08
C ASN A 287 -66.11 -22.99 26.26
N ASN A 288 -67.20 -22.27 26.50
CA ASN A 288 -68.04 -22.54 27.67
C ASN A 288 -68.68 -23.92 27.64
N GLU A 289 -68.84 -24.51 26.46
CA GLU A 289 -69.43 -25.84 26.39
C GLU A 289 -68.46 -26.90 26.89
N ARG A 290 -67.21 -26.83 26.44
CA ARG A 290 -66.20 -27.77 26.93
C ARG A 290 -65.91 -27.55 28.41
N ILE A 291 -65.98 -26.29 28.88
CA ILE A 291 -65.78 -26.01 30.29
C ILE A 291 -66.87 -26.68 31.13
N ASP A 292 -68.11 -26.64 30.64
CA ASP A 292 -69.22 -27.25 31.38
C ASP A 292 -69.04 -28.77 31.47
N ILE A 293 -68.52 -29.39 30.42
CA ILE A 293 -68.38 -30.85 30.40
C ILE A 293 -67.31 -31.29 31.39
N GLU A 294 -66.12 -30.68 31.33
CA GLU A 294 -65.02 -31.14 32.15
C GLU A 294 -65.19 -30.73 33.61
N PHE A 295 -65.75 -29.54 33.86
CA PHE A 295 -65.99 -29.12 35.23
C PHE A 295 -66.99 -30.03 35.92
N ASN A 296 -68.02 -30.46 35.21
CA ASN A 296 -68.98 -31.40 35.78
C ASN A 296 -68.34 -32.75 36.06
N TYR A 297 -67.42 -33.18 35.20
CA TYR A 297 -66.68 -34.41 35.47
C TYR A 297 -65.73 -34.24 36.65
N ALA A 298 -65.06 -33.09 36.74
CA ALA A 298 -64.13 -32.84 37.83
C ALA A 298 -64.86 -32.80 39.17
N LYS A 299 -65.98 -32.07 39.23
CA LYS A 299 -66.75 -32.00 40.47
C LYS A 299 -67.27 -33.38 40.87
N LYS A 300 -67.68 -34.18 39.90
CA LYS A 300 -68.15 -35.54 40.19
C LYS A 300 -67.01 -36.42 40.69
N LEU A 301 -65.81 -36.22 40.15
CA LEU A 301 -64.67 -37.04 40.58
C LEU A 301 -64.16 -36.61 41.95
N ALA A 302 -64.22 -35.32 42.26
CA ALA A 302 -63.77 -34.84 43.56
C ALA A 302 -64.65 -35.40 44.67
N GLU A 303 -65.98 -35.36 44.48
CA GLU A 303 -66.90 -35.75 45.54
C GLU A 303 -66.91 -37.25 45.76
N GLU A 304 -66.63 -38.04 44.72
CA GLU A 304 -66.75 -39.50 44.83
C GLU A 304 -65.44 -40.17 45.23
N LEU A 305 -64.31 -39.69 44.72
CA LEU A 305 -63.04 -40.38 44.90
C LEU A 305 -62.03 -39.65 45.77
N ILE A 306 -62.06 -38.32 45.81
CA ILE A 306 -61.04 -37.53 46.48
C ILE A 306 -61.52 -37.25 47.90
N PRO A 307 -60.91 -37.83 48.93
CA PRO A 307 -61.34 -37.55 50.30
C PRO A 307 -61.11 -36.10 50.68
N ALA A 308 -61.80 -35.67 51.74
CA ALA A 308 -61.72 -34.29 52.17
C ALA A 308 -60.35 -33.96 52.78
N TYR A 309 -59.68 -34.95 53.37
CA TYR A 309 -58.41 -34.67 54.02
C TYR A 309 -57.30 -34.37 53.03
N ILE A 310 -57.49 -34.67 51.75
CA ILE A 310 -56.51 -34.28 50.73
C ILE A 310 -56.36 -32.77 50.68
N SER A 311 -57.44 -32.04 51.00
CA SER A 311 -57.37 -30.58 51.02
C SER A 311 -56.30 -30.06 51.96
N GLU A 312 -55.96 -30.82 53.01
CA GLU A 312 -54.95 -30.39 53.96
C GLU A 312 -53.55 -30.34 53.34
N ASN A 313 -53.30 -31.18 52.33
CA ASN A 313 -51.99 -31.28 51.71
C ASN A 313 -51.80 -30.29 50.56
N LEU A 314 -52.69 -29.31 50.41
CA LEU A 314 -52.65 -28.38 49.29
C LEU A 314 -52.22 -27.00 49.75
N ASP A 315 -51.62 -26.24 48.84
CA ASP A 315 -51.31 -24.85 49.09
C ASP A 315 -52.58 -24.01 49.04
N LYS A 316 -52.46 -22.75 49.46
CA LYS A 316 -53.63 -21.89 49.63
C LYS A 316 -54.44 -21.78 48.36
N ASN A 317 -53.77 -21.54 47.22
CA ASN A 317 -54.50 -21.32 45.97
C ASN A 317 -55.19 -22.59 45.50
N ASN A 318 -54.60 -23.77 45.74
CA ASN A 318 -55.26 -25.02 45.37
C ASN A 318 -56.38 -25.36 46.34
N GLN A 319 -56.30 -24.90 47.58
CA GLN A 319 -57.41 -25.10 48.51
C GLN A 319 -58.62 -24.26 48.09
N VAL A 320 -58.38 -23.07 47.57
CA VAL A 320 -59.47 -22.25 47.04
C VAL A 320 -60.13 -22.95 45.86
N LYS A 321 -59.32 -23.51 44.96
CA LYS A 321 -59.86 -24.22 43.81
C LYS A 321 -60.62 -25.46 44.23
N ASP A 322 -60.11 -26.18 45.24
CA ASP A 322 -60.78 -27.38 45.72
C ASP A 322 -62.13 -27.04 46.35
N TYR A 323 -62.19 -25.94 47.11
CA TYR A 323 -63.42 -25.57 47.79
C TYR A 323 -64.50 -25.15 46.79
N LEU A 324 -64.15 -24.24 45.87
CA LEU A 324 -65.12 -23.78 44.89
C LEU A 324 -65.57 -24.89 43.94
N LEU A 325 -64.69 -25.86 43.69
CA LEU A 325 -65.07 -26.99 42.83
C LEU A 325 -66.21 -27.78 43.44
N ARG A 326 -66.08 -28.15 44.72
CA ARG A 326 -67.13 -28.92 45.39
C ARG A 326 -68.39 -28.09 45.60
N GLN A 327 -68.25 -26.76 45.68
CA GLN A 327 -69.41 -25.87 45.75
C GLN A 327 -70.13 -25.73 44.42
N GLY A 328 -69.54 -26.23 43.32
CA GLY A 328 -70.09 -26.01 42.01
C GLY A 328 -69.98 -24.60 41.49
N ASP A 329 -69.15 -23.77 42.13
CA ASP A 329 -69.05 -22.35 41.81
C ASP A 329 -68.05 -22.17 40.66
N LEU A 330 -68.51 -22.53 39.45
CA LEU A 330 -67.68 -22.32 38.27
C LEU A 330 -67.55 -20.83 37.94
N ASP A 331 -68.52 -20.02 38.34
CA ASP A 331 -68.47 -18.59 38.05
C ASP A 331 -67.32 -17.92 38.79
N SER A 332 -67.17 -18.21 40.08
CA SER A 332 -66.08 -17.61 40.85
C SER A 332 -64.72 -18.12 40.39
N LEU A 333 -64.65 -19.37 39.93
CA LEU A 333 -63.38 -19.90 39.43
C LEU A 333 -62.96 -19.21 38.12
N LYS A 334 -63.93 -18.83 37.28
CA LYS A 334 -63.59 -18.13 36.06
C LYS A 334 -63.06 -16.72 36.36
N LYS A 335 -63.68 -16.02 37.31
CA LYS A 335 -63.17 -14.71 37.70
C LYS A 335 -61.78 -14.81 38.31
N LEU A 336 -61.56 -15.84 39.14
CA LEU A 336 -60.25 -16.02 39.76
C LEU A 336 -59.18 -16.27 38.71
N ALA A 337 -59.52 -17.00 37.64
CA ALA A 337 -58.56 -17.24 36.57
C ALA A 337 -58.16 -15.94 35.89
N GLN A 338 -59.12 -15.04 35.68
CA GLN A 338 -58.81 -13.74 35.10
C GLN A 338 -57.95 -12.90 36.04
N ILE A 339 -58.23 -12.95 37.34
CA ILE A 339 -57.45 -12.19 38.31
C ILE A 339 -56.02 -12.72 38.38
N ASP A 340 -55.83 -14.03 38.24
CA ASP A 340 -54.52 -14.66 38.34
C ASP A 340 -53.75 -14.66 37.03
N ALA A 341 -54.36 -14.25 35.93
CA ALA A 341 -53.72 -14.37 34.63
C ALA A 341 -52.45 -13.51 34.56
N GLY A 342 -51.35 -14.13 34.14
CA GLY A 342 -50.13 -13.41 33.85
C GLY A 342 -49.16 -13.28 35.01
N ILE A 343 -49.49 -13.82 36.19
CA ILE A 343 -48.56 -13.74 37.31
C ILE A 343 -47.31 -14.55 36.98
N THR A 344 -46.15 -13.93 37.16
CA THR A 344 -44.89 -14.57 36.79
C THR A 344 -43.75 -13.89 37.54
N ALA A 345 -42.55 -14.43 37.35
CA ALA A 345 -41.33 -13.87 37.95
C ALA A 345 -40.21 -14.02 36.93
N LEU A 346 -39.84 -12.93 36.29
CA LEU A 346 -38.78 -12.92 35.30
C LEU A 346 -37.53 -12.28 35.90
N SER A 347 -36.37 -12.87 35.62
CA SER A 347 -35.10 -12.42 36.18
C SER A 347 -34.35 -11.57 35.15
N TYR A 348 -33.89 -10.40 35.58
CA TYR A 348 -33.04 -9.53 34.78
C TYR A 348 -31.59 -9.71 35.20
N VAL A 349 -30.69 -9.57 34.23
CA VAL A 349 -29.26 -9.64 34.52
C VAL A 349 -28.80 -8.32 35.12
N GLU A 350 -28.36 -8.34 36.37
CA GLU A 350 -27.79 -7.15 36.99
C GLU A 350 -26.29 -7.03 36.73
N ASP A 351 -25.59 -8.15 36.57
CA ASP A 351 -24.17 -8.13 36.29
C ASP A 351 -23.76 -9.49 35.73
N ALA A 352 -22.74 -9.48 34.87
CA ALA A 352 -22.21 -10.70 34.27
C ALA A 352 -20.76 -10.46 33.91
N TYR A 353 -19.87 -11.35 34.35
CA TYR A 353 -18.44 -11.18 34.14
C TYR A 353 -17.73 -12.50 34.38
N PHE A 354 -16.56 -12.65 33.75
CA PHE A 354 -15.69 -13.78 33.99
C PHE A 354 -14.69 -13.45 35.09
N LYS A 355 -14.50 -14.38 36.01
CA LYS A 355 -13.51 -14.25 37.07
C LYS A 355 -12.81 -15.60 37.23
N GLU A 356 -11.48 -15.58 37.13
CA GLU A 356 -10.68 -16.79 37.07
C GLU A 356 -11.21 -17.72 35.97
N ASP A 357 -11.70 -18.90 36.34
CA ASP A 357 -12.16 -19.89 35.38
C ASP A 357 -13.67 -20.11 35.44
N LYS A 358 -14.42 -19.11 35.87
CA LYS A 358 -15.86 -19.23 36.02
C LYS A 358 -16.55 -17.98 35.50
N LEU A 359 -17.81 -18.13 35.14
CA LEU A 359 -18.67 -17.03 34.69
C LEU A 359 -19.63 -16.68 35.81
N PHE A 360 -19.60 -15.44 36.26
CA PHE A 360 -20.38 -14.99 37.41
C PHE A 360 -21.58 -14.17 36.96
N PHE A 361 -22.71 -14.40 37.62
CA PHE A 361 -23.95 -13.68 37.36
C PHE A 361 -24.49 -13.06 38.64
N LYS A 362 -25.15 -11.92 38.49
CA LYS A 362 -25.98 -11.34 39.53
C LYS A 362 -27.33 -11.01 38.91
N THR A 363 -28.40 -11.56 39.46
CA THR A 363 -29.73 -11.40 38.90
C THR A 363 -30.66 -10.77 39.92
N SER A 364 -31.81 -10.31 39.41
CA SER A 364 -32.87 -9.75 40.24
C SER A 364 -34.20 -10.12 39.62
N THR A 365 -35.21 -10.32 40.47
CA THR A 365 -36.54 -10.66 40.00
C THR A 365 -37.58 -10.14 40.97
N LYS A 366 -38.83 -10.09 40.49
CA LYS A 366 -39.97 -9.76 41.32
C LYS A 366 -41.22 -10.27 40.65
N MET A 367 -42.17 -10.71 41.47
CA MET A 367 -43.44 -11.17 40.94
C MET A 367 -44.18 -10.02 40.28
N THR A 368 -44.63 -10.24 39.04
CA THR A 368 -45.30 -9.22 38.25
C THR A 368 -46.46 -9.85 37.50
N TYR A 369 -47.18 -9.02 36.76
CA TYR A 369 -48.13 -9.46 35.74
C TYR A 369 -47.48 -9.22 34.38
N GLU A 370 -47.00 -10.30 33.74
CA GLU A 370 -46.42 -10.23 32.40
C GLU A 370 -45.21 -9.29 32.35
N ASP A 371 -44.36 -9.36 33.38
CA ASP A 371 -43.11 -8.59 33.45
CA ASP A 371 -43.12 -8.59 33.43
C ASP A 371 -43.37 -7.08 33.40
N LYS A 372 -44.56 -6.66 33.84
CA LYS A 372 -44.96 -5.26 33.80
C LYS A 372 -45.14 -4.80 35.25
N GLU A 373 -46.35 -4.40 35.64
CA GLU A 373 -46.56 -3.87 36.97
C GLU A 373 -46.43 -4.97 38.03
N ASP A 374 -46.12 -4.56 39.25
CA ASP A 374 -45.79 -5.50 40.31
C ASP A 374 -47.01 -6.30 40.74
N PHE A 375 -46.76 -7.51 41.23
CA PHE A 375 -47.77 -8.31 41.90
C PHE A 375 -47.77 -7.96 43.39
N PHE A 376 -48.96 -7.70 43.93
CA PHE A 376 -49.09 -7.22 45.29
C PHE A 376 -49.87 -8.21 46.15
N ILE A 377 -49.54 -8.23 47.44
CA ILE A 377 -50.37 -8.84 48.47
C ILE A 377 -50.67 -7.77 49.50
N GLU A 378 -51.79 -7.92 50.21
CA GLU A 378 -52.31 -6.90 51.08
C GLU A 378 -52.21 -7.33 52.54
N LYS A 379 -51.89 -6.38 53.41
CA LYS A 379 -51.73 -6.62 54.84
C LYS A 379 -52.91 -6.01 55.57
N THR A 380 -53.84 -6.86 56.02
CA THR A 380 -54.98 -6.46 56.83
C THR A 380 -54.82 -7.08 58.21
N ALA A 381 -54.86 -6.25 59.25
CA ALA A 381 -54.56 -6.66 60.63
C ALA A 381 -53.16 -7.27 60.62
N ASP A 382 -52.96 -8.49 61.12
CA ASP A 382 -51.68 -9.17 61.02
C ASP A 382 -51.73 -10.30 59.98
N ARG A 383 -52.61 -10.18 59.00
CA ARG A 383 -52.76 -11.17 57.95
C ARG A 383 -52.24 -10.62 56.62
N MET A 384 -51.55 -11.45 55.86
CA MET A 384 -51.06 -11.12 54.53
C MET A 384 -51.97 -11.80 53.52
N GLU A 385 -52.91 -11.05 52.96
CA GLU A 385 -54.01 -11.62 52.22
C GLU A 385 -53.81 -11.53 50.72
N ARG A 386 -54.33 -12.53 50.01
CA ARG A 386 -54.46 -12.48 48.56
C ARG A 386 -55.47 -11.40 48.18
N ILE A 387 -55.07 -10.52 47.27
CA ILE A 387 -55.93 -9.41 46.86
C ILE A 387 -57.07 -9.96 46.01
N LEU A 388 -58.29 -9.89 46.52
CA LEU A 388 -59.47 -10.43 45.87
C LEU A 388 -60.63 -9.45 46.04
N PRO A 389 -61.58 -9.45 45.10
CA PRO A 389 -62.79 -8.64 45.29
C PRO A 389 -63.63 -9.18 46.43
N GLU A 390 -64.33 -8.27 47.10
CA GLU A 390 -65.08 -8.65 48.31
C GLU A 390 -66.14 -9.69 48.02
N GLU A 391 -66.71 -9.70 46.81
CA GLU A 391 -67.75 -10.66 46.48
C GLU A 391 -67.21 -12.09 46.54
N ILE A 392 -66.01 -12.31 46.04
CA ILE A 392 -65.42 -13.65 46.09
C ILE A 392 -64.85 -13.94 47.47
N LYS A 393 -64.33 -12.91 48.16
CA LYS A 393 -63.73 -13.13 49.48
C LYS A 393 -64.76 -13.61 50.50
N SER A 394 -66.01 -13.20 50.35
CA SER A 394 -67.06 -13.66 51.27
C SER A 394 -67.45 -15.10 51.01
N LYS A 395 -67.26 -15.58 49.78
CA LYS A 395 -67.58 -16.97 49.45
C LYS A 395 -66.53 -17.96 49.92
N LEU A 396 -65.37 -17.49 50.39
CA LEU A 396 -64.27 -18.39 50.70
C LEU A 396 -64.01 -18.44 52.20
N PRO A 397 -63.54 -19.59 52.71
CA PRO A 397 -63.04 -19.63 54.08
C PRO A 397 -61.90 -18.63 54.27
N LYS A 398 -61.85 -18.06 55.48
CA LYS A 398 -60.94 -16.95 55.76
C LYS A 398 -59.47 -17.35 55.62
N GLU A 399 -59.14 -18.59 55.97
CA GLU A 399 -57.73 -18.99 55.98
C GLU A 399 -57.16 -19.24 54.59
N PHE A 400 -58.02 -19.48 53.59
CA PHE A 400 -57.55 -19.91 52.29
C PHE A 400 -56.92 -18.80 51.47
N PHE A 401 -57.17 -17.52 51.79
CA PHE A 401 -56.51 -16.42 51.14
C PHE A 401 -55.59 -15.65 52.10
N ASP A 402 -55.01 -16.36 53.06
CA ASP A 402 -54.05 -15.79 54.00
C ASP A 402 -52.68 -16.41 53.72
N TYR A 403 -51.72 -15.57 53.32
CA TYR A 403 -50.38 -16.01 52.96
C TYR A 403 -49.39 -15.89 54.11
N SER A 404 -49.85 -15.59 55.32
CA SER A 404 -48.94 -15.29 56.42
C SER A 404 -47.99 -16.44 56.70
N ASP A 405 -48.47 -17.68 56.59
CA ASP A 405 -47.65 -18.84 56.91
C ASP A 405 -46.66 -19.21 55.82
N ASP A 406 -46.77 -18.63 54.62
CA ASP A 406 -46.00 -19.07 53.47
C ASP A 406 -44.98 -18.03 53.00
N LEU A 407 -44.83 -16.92 53.72
CA LEU A 407 -43.94 -15.85 53.29
C LEU A 407 -42.46 -16.15 53.55
N ALA A 408 -42.13 -17.37 53.98
CA ALA A 408 -40.75 -17.76 54.19
C ALA A 408 -40.39 -19.03 53.42
N GLU A 409 -41.15 -19.35 52.38
CA GLU A 409 -40.94 -20.58 51.60
C GLU A 409 -40.59 -20.28 50.16
N PHE A 410 -40.05 -19.10 49.88
CA PHE A 410 -39.67 -18.74 48.52
C PHE A 410 -38.37 -19.42 48.13
N THR A 411 -38.30 -19.87 46.87
CA THR A 411 -37.08 -20.45 46.31
C THR A 411 -36.70 -19.67 45.06
N TYR A 412 -35.39 -19.50 44.86
CA TYR A 412 -34.87 -18.73 43.74
C TYR A 412 -33.56 -19.38 43.32
N GLU A 413 -33.57 -20.07 42.19
CA GLU A 413 -32.46 -20.92 41.80
C GLU A 413 -32.14 -20.74 40.32
N PRO A 414 -30.87 -20.87 39.93
CA PRO A 414 -30.51 -20.79 38.51
C PRO A 414 -30.44 -22.17 37.88
N SER A 415 -30.49 -22.23 36.55
CA SER A 415 -30.37 -23.50 35.84
C SER A 415 -29.79 -23.25 34.47
N ILE A 416 -29.31 -24.33 33.85
CA ILE A 416 -28.68 -24.26 32.54
C ILE A 416 -29.22 -25.39 31.68
N LYS A 417 -29.29 -25.14 30.37
CA LYS A 417 -29.78 -26.13 29.43
C LYS A 417 -28.88 -26.12 28.19
N GLY A 418 -28.41 -27.30 27.80
CA GLY A 418 -27.60 -27.41 26.60
C GLY A 418 -28.48 -27.46 25.37
N ARG A 419 -28.21 -26.58 24.41
CA ARG A 419 -29.07 -26.44 23.25
C ARG A 419 -29.04 -27.67 22.33
N ASN A 420 -27.98 -28.47 22.41
CA ASN A 420 -27.88 -29.67 21.57
C ASN A 420 -28.40 -30.91 22.28
N SER A 421 -28.00 -31.11 23.55
CA SER A 421 -28.41 -32.29 24.29
C SER A 421 -29.80 -32.14 24.91
N ARG A 422 -30.29 -30.90 25.05
CA ARG A 422 -31.55 -30.57 25.72
C ARG A 422 -31.54 -30.97 27.19
N ALA A 423 -30.39 -31.34 27.74
CA ALA A 423 -30.29 -31.71 29.14
C ALA A 423 -30.29 -30.46 30.01
N THR A 424 -31.04 -30.50 31.11
CA THR A 424 -31.16 -29.38 32.03
C THR A 424 -30.49 -29.74 33.35
N TRP A 425 -29.84 -28.76 33.96
CA TRP A 425 -29.14 -28.94 35.23
C TRP A 425 -29.39 -27.74 36.13
N LYS A 426 -29.52 -28.00 37.42
CA LYS A 426 -29.50 -26.91 38.40
C LYS A 426 -28.06 -26.45 38.61
N ILE A 427 -27.85 -25.14 38.59
CA ILE A 427 -26.53 -24.58 38.87
C ILE A 427 -26.38 -24.49 40.38
N ASP A 428 -25.50 -25.32 40.94
CA ASP A 428 -25.31 -25.38 42.38
C ASP A 428 -24.46 -24.21 42.86
N GLY A 429 -24.47 -24.01 44.19
CA GLY A 429 -23.64 -23.01 44.82
C GLY A 429 -24.19 -21.61 44.83
N SER A 430 -25.41 -21.40 44.32
CA SER A 430 -25.96 -20.06 44.25
C SER A 430 -26.38 -19.56 45.63
N THR A 431 -26.37 -18.24 45.78
CA THR A 431 -26.89 -17.58 46.97
C THR A 431 -28.02 -16.66 46.56
N SER A 432 -29.17 -16.79 47.22
CA SER A 432 -30.35 -16.01 46.86
C SER A 432 -31.04 -15.53 48.12
N ASN A 433 -31.86 -14.49 47.96
CA ASN A 433 -32.60 -13.90 49.07
C ASN A 433 -33.87 -13.27 48.52
N VAL A 434 -35.01 -13.60 49.13
CA VAL A 434 -36.31 -13.11 48.70
C VAL A 434 -36.94 -12.33 49.86
N GLU A 435 -37.38 -11.12 49.57
CA GLU A 435 -37.93 -10.23 50.59
C GLU A 435 -39.35 -9.81 50.22
N VAL A 436 -40.19 -9.66 51.24
CA VAL A 436 -41.54 -9.13 51.08
C VAL A 436 -41.48 -7.67 51.50
N VAL A 437 -41.50 -6.77 50.52
CA VAL A 437 -41.23 -5.35 50.72
C VAL A 437 -42.53 -4.56 50.65
N ASN A 438 -42.72 -3.65 51.60
CA ASN A 438 -43.86 -2.74 51.61
C ASN A 438 -43.57 -1.59 50.64
N LYS A 439 -44.21 -1.64 49.47
CA LYS A 439 -43.95 -0.63 48.46
C LYS A 439 -44.76 0.64 48.72
N LYS A 440 -46.04 0.49 49.06
CA LYS A 440 -46.92 1.63 49.29
C LYS A 440 -48.11 1.16 50.10
N ALA A 441 -48.62 2.07 50.95
CA ALA A 441 -49.78 1.79 51.79
C ALA A 441 -49.62 0.48 52.54
N ASN A 442 -50.56 -0.44 52.33
CA ASN A 442 -50.49 -1.79 52.90
C ASN A 442 -50.19 -2.84 51.84
N LEU A 443 -49.68 -2.44 50.69
CA LEU A 443 -49.39 -3.36 49.60
C LEU A 443 -47.93 -3.79 49.65
N TYR A 444 -47.71 -5.09 49.41
CA TYR A 444 -46.39 -5.69 49.50
C TYR A 444 -46.07 -6.43 48.22
N LYS A 445 -44.84 -6.25 47.73
CA LYS A 445 -44.33 -6.98 46.57
C LYS A 445 -43.29 -7.99 47.04
N ILE A 446 -43.00 -8.94 46.16
CA ILE A 446 -42.07 -10.03 46.45
C ILE A 446 -40.86 -9.86 45.53
N GLU A 447 -39.72 -9.51 46.11
CA GLU A 447 -38.50 -9.22 45.37
C GLU A 447 -37.41 -10.21 45.73
N GLY A 448 -36.63 -10.61 44.72
CA GLY A 448 -35.54 -11.55 44.93
C GLY A 448 -34.26 -11.06 44.28
N GLU A 449 -33.15 -11.49 44.87
CA GLU A 449 -31.83 -11.24 44.33
C GLU A 449 -31.02 -12.52 44.40
N MET A 450 -30.15 -12.71 43.41
CA MET A 450 -29.39 -13.96 43.33
C MET A 450 -28.04 -13.69 42.68
N SER A 451 -27.03 -14.43 43.14
CA SER A 451 -25.70 -14.42 42.56
C SER A 451 -25.22 -15.86 42.43
N PHE A 452 -24.71 -16.22 41.25
CA PHE A 452 -24.23 -17.57 41.03
C PHE A 452 -23.10 -17.53 40.01
N SER A 453 -22.31 -18.60 39.99
CA SER A 453 -21.22 -18.77 39.04
C SER A 453 -21.41 -20.10 38.32
N VAL A 454 -20.90 -20.17 37.09
CA VAL A 454 -21.05 -21.35 36.25
C VAL A 454 -19.67 -21.90 35.94
N GLN A 455 -19.40 -23.11 36.40
CA GLN A 455 -18.22 -23.88 36.01
C GLN A 455 -18.69 -24.85 34.93
N ILE A 456 -18.39 -24.52 33.68
CA ILE A 456 -19.00 -25.24 32.55
C ILE A 456 -18.63 -26.71 32.56
N ASN A 457 -17.50 -27.06 33.17
CA ASN A 457 -17.09 -28.46 33.24
C ASN A 457 -18.06 -29.31 34.06
N ASP A 458 -18.84 -28.69 34.95
CA ASP A 458 -19.82 -29.43 35.74
C ASP A 458 -20.91 -30.05 34.89
N TYR A 459 -21.04 -29.63 33.62
CA TYR A 459 -22.13 -30.09 32.77
C TYR A 459 -21.64 -30.73 31.48
N ILE A 460 -20.33 -30.88 31.31
CA ILE A 460 -19.76 -31.55 30.14
C ILE A 460 -19.47 -32.98 30.58
N LEU A 461 -20.32 -33.90 30.14
CA LEU A 461 -20.19 -35.32 30.47
C LEU A 461 -19.92 -36.20 29.26
N ASP A 462 -20.42 -35.81 28.08
CA ASP A 462 -20.09 -36.48 26.83
C ASP A 462 -19.15 -35.60 26.02
N ALA A 463 -18.36 -36.24 25.16
CA ALA A 463 -17.45 -35.49 24.29
C ALA A 463 -18.20 -34.46 23.46
N ALA A 464 -19.43 -34.78 23.05
CA ALA A 464 -20.23 -33.86 22.25
C ALA A 464 -20.61 -32.61 23.02
N ASP A 465 -20.58 -32.65 24.35
CA ASP A 465 -20.94 -31.49 25.16
C ASP A 465 -19.86 -30.41 25.16
N LYS A 466 -18.65 -30.72 24.69
CA LYS A 466 -17.57 -29.74 24.77
C LYS A 466 -17.83 -28.56 23.84
N LYS A 467 -18.54 -28.76 22.75
CA LYS A 467 -18.83 -27.73 21.75
C LYS A 467 -20.35 -27.65 21.62
N GLN A 468 -20.95 -26.67 22.29
CA GLN A 468 -22.40 -26.56 22.38
C GLN A 468 -22.81 -25.18 22.90
N PRO A 469 -23.94 -24.63 22.44
CA PRO A 469 -24.48 -23.44 23.09
C PRO A 469 -25.28 -23.80 24.33
N TRP A 470 -25.14 -22.99 25.37
CA TRP A 470 -25.85 -23.20 26.63
C TRP A 470 -26.78 -22.02 26.88
N ASP A 471 -27.95 -22.32 27.45
CA ASP A 471 -28.96 -21.32 27.75
C ASP A 471 -29.23 -21.29 29.24
N ILE A 472 -29.32 -20.09 29.81
CA ILE A 472 -29.46 -19.89 31.24
C ILE A 472 -30.90 -19.52 31.57
N ALA A 473 -31.41 -20.03 32.69
CA ALA A 473 -32.76 -19.77 33.13
C ALA A 473 -32.77 -19.64 34.66
N THR A 474 -33.88 -19.12 35.18
CA THR A 474 -34.08 -18.99 36.62
C THR A 474 -35.41 -19.62 37.01
N ARG A 475 -35.44 -20.23 38.19
CA ARG A 475 -36.63 -20.89 38.71
C ARG A 475 -37.02 -20.20 40.02
N PHE A 476 -38.22 -19.62 40.04
CA PHE A 476 -38.73 -18.88 41.19
C PHE A 476 -40.07 -19.47 41.58
N THR A 477 -40.18 -19.96 42.81
CA THR A 477 -41.43 -20.49 43.34
C THR A 477 -41.79 -19.75 44.62
N GLY A 478 -43.09 -19.63 44.86
CA GLY A 478 -43.58 -18.96 46.05
C GLY A 478 -45.06 -18.65 45.95
N LEU A 479 -45.76 -18.70 47.09
CA LEU A 479 -47.20 -18.48 47.18
C LEU A 479 -48.00 -19.38 46.24
N GLY A 480 -47.45 -20.53 45.86
CA GLY A 480 -48.16 -21.44 44.99
C GLY A 480 -47.82 -21.33 43.51
N TYR A 481 -47.03 -20.34 43.12
CA TYR A 481 -46.67 -20.13 41.72
C TYR A 481 -45.26 -20.64 41.45
N THR A 482 -45.10 -21.34 40.32
CA THR A 482 -43.80 -21.80 39.85
C THR A 482 -43.50 -21.07 38.55
N SER A 483 -42.39 -20.34 38.51
CA SER A 483 -42.02 -19.52 37.37
C SER A 483 -40.58 -19.87 36.97
N HIS A 484 -40.44 -20.71 35.95
CA HIS A 484 -39.14 -21.16 35.45
C HIS A 484 -38.99 -20.63 34.03
N ARG A 485 -38.27 -19.52 33.88
CA ARG A 485 -38.14 -18.84 32.60
C ARG A 485 -36.69 -18.48 32.33
N ALA A 486 -36.40 -18.20 31.06
CA ALA A 486 -35.06 -17.87 30.64
C ALA A 486 -34.58 -16.57 31.26
N LEU A 487 -33.28 -16.51 31.54
CA LEU A 487 -32.68 -15.27 32.02
C LEU A 487 -32.57 -14.27 30.88
N THR A 488 -32.84 -13.00 31.18
CA THR A 488 -32.94 -11.98 30.15
C THR A 488 -32.13 -10.75 30.55
N ILE A 489 -31.85 -9.91 29.53
CA ILE A 489 -31.18 -8.63 29.73
C ILE A 489 -31.59 -7.71 28.58
N GLY A 490 -31.55 -6.41 28.85
CA GLY A 490 -31.94 -5.43 27.85
C GLY A 490 -30.77 -4.82 27.11
N LYS A 491 -29.75 -4.38 27.85
CA LYS A 491 -28.57 -3.79 27.24
C LYS A 491 -27.82 -4.82 26.41
N ILE A 492 -27.00 -4.32 25.49
CA ILE A 492 -26.14 -5.19 24.70
C ILE A 492 -25.10 -5.83 25.63
N LEU A 493 -25.00 -7.15 25.58
CA LEU A 493 -24.03 -7.88 26.39
C LEU A 493 -23.31 -8.88 25.49
N ILE A 494 -22.02 -8.66 25.28
CA ILE A 494 -21.14 -9.61 24.59
C ILE A 494 -19.81 -9.61 25.33
N LYS A 495 -19.48 -10.71 25.99
CA LYS A 495 -18.20 -10.83 26.70
C LYS A 495 -17.60 -12.19 26.39
N THR A 496 -16.32 -12.19 26.02
CA THR A 496 -15.61 -13.39 25.62
C THR A 496 -14.60 -13.81 26.69
N ALA A 497 -14.24 -15.09 26.65
CA ALA A 497 -13.23 -15.62 27.55
C ALA A 497 -12.54 -16.80 26.89
N LEU A 498 -11.27 -16.99 27.23
CA LEU A 498 -10.47 -18.13 26.79
C LEU A 498 -9.89 -18.77 28.04
N ILE A 499 -10.51 -19.86 28.49
CA ILE A 499 -10.21 -20.47 29.78
C ILE A 499 -9.83 -21.93 29.56
N ASN A 500 -8.56 -22.24 29.72
CA ASN A 500 -8.04 -23.61 29.68
C ASN A 500 -8.54 -24.36 28.43
N ASN A 501 -8.22 -23.79 27.27
CA ASN A 501 -8.56 -24.33 25.96
C ASN A 501 -10.07 -24.35 25.70
N LYS A 502 -10.84 -23.57 26.45
CA LYS A 502 -12.28 -23.44 26.23
C LYS A 502 -12.58 -22.02 25.82
N THR A 503 -13.13 -21.84 24.61
CA THR A 503 -13.62 -20.55 24.15
C THR A 503 -15.04 -20.35 24.66
N MET A 504 -15.27 -19.27 25.40
CA MET A 504 -16.55 -19.03 26.05
C MET A 504 -17.04 -17.63 25.69
N ILE A 505 -18.30 -17.53 25.29
CA ILE A 505 -18.93 -16.25 24.96
C ILE A 505 -20.30 -16.23 25.61
N VAL A 506 -20.50 -15.29 26.54
CA VAL A 506 -21.82 -15.03 27.12
C VAL A 506 -22.40 -13.83 26.39
N TYR A 507 -23.66 -13.95 25.95
CA TYR A 507 -24.23 -12.94 25.09
C TYR A 507 -25.74 -12.90 25.22
N LYS A 508 -26.31 -11.73 24.96
CA LYS A 508 -27.74 -11.58 24.77
C LYS A 508 -28.09 -12.02 23.35
N ASN A 509 -28.89 -13.07 23.21
CA ASN A 509 -29.24 -13.55 21.89
C ASN A 509 -30.30 -12.65 21.27
N ALA A 510 -30.76 -13.02 20.08
CA ALA A 510 -31.70 -12.18 19.34
C ALA A 510 -33.06 -12.08 20.02
N SER A 511 -33.36 -12.97 20.96
CA SER A 511 -34.60 -12.93 21.71
C SER A 511 -34.47 -12.19 23.03
N GLY A 512 -33.32 -11.56 23.28
CA GLY A 512 -33.07 -10.91 24.56
C GLY A 512 -32.76 -11.85 25.69
N LEU A 513 -32.50 -13.12 25.41
CA LEU A 513 -32.21 -14.13 26.43
C LEU A 513 -30.71 -14.38 26.52
N ILE A 514 -30.29 -14.84 27.70
CA ILE A 514 -28.87 -15.04 27.96
C ILE A 514 -28.43 -16.40 27.46
N SER A 515 -27.37 -16.41 26.65
CA SER A 515 -26.81 -17.64 26.12
C SER A 515 -25.31 -17.67 26.37
N LEU A 516 -24.75 -18.87 26.33
CA LEU A 516 -23.32 -19.09 26.57
C LEU A 516 -22.81 -20.05 25.49
N ASP A 517 -22.01 -19.52 24.57
CA ASP A 517 -21.41 -20.33 23.51
C ASP A 517 -20.06 -20.84 23.98
N VAL A 518 -19.88 -22.16 23.96
CA VAL A 518 -18.65 -22.81 24.38
C VAL A 518 -18.14 -23.67 23.23
N GLY A 519 -16.94 -23.37 22.75
CA GLY A 519 -16.35 -24.11 21.65
C GLY A 519 -16.69 -23.57 20.28
N SER A 520 -17.13 -22.33 20.17
CA SER A 520 -17.47 -21.70 18.89
C SER A 520 -18.58 -22.45 18.17
N SER A 521 -19.64 -22.78 18.91
CA SER A 521 -20.76 -23.49 18.30
C SER A 521 -21.58 -22.57 17.42
N VAL A 522 -21.79 -21.33 17.84
CA VAL A 522 -22.61 -20.39 17.08
C VAL A 522 -21.94 -19.05 16.84
N ARG A 523 -20.94 -18.66 17.63
CA ARG A 523 -20.32 -17.35 17.49
C ARG A 523 -18.81 -17.48 17.36
N SER A 524 -18.18 -16.41 16.89
CA SER A 524 -16.74 -16.35 16.69
C SER A 524 -16.09 -15.54 17.80
N ILE A 525 -15.13 -16.15 18.50
CA ILE A 525 -14.52 -15.47 19.64
C ILE A 525 -13.61 -14.34 19.16
N VAL A 526 -13.02 -14.47 17.97
CA VAL A 526 -12.23 -13.37 17.43
C VAL A 526 -13.13 -12.20 17.03
N GLU A 527 -14.29 -12.50 16.45
CA GLU A 527 -15.19 -11.44 16.01
C GLU A 527 -15.77 -10.68 17.20
N ASP A 528 -16.07 -11.38 18.28
CA ASP A 528 -16.66 -10.74 19.46
C ASP A 528 -15.62 -10.12 20.38
N SER A 529 -14.38 -10.59 20.36
CA SER A 529 -13.34 -9.96 21.17
C SER A 529 -12.80 -8.70 20.52
N GLY A 530 -12.77 -8.64 19.20
CA GLY A 530 -12.12 -7.56 18.49
C GLY A 530 -10.65 -7.82 18.25
N VAL A 531 -10.04 -6.96 17.45
CA VAL A 531 -8.65 -7.10 17.06
C VAL A 531 -7.95 -5.77 17.25
N LYS A 532 -6.84 -5.77 17.98
CA LYS A 532 -5.97 -4.59 18.06
C LYS A 532 -5.28 -4.43 16.71
N ARG A 533 -6.01 -3.83 15.76
CA ARG A 533 -5.59 -3.82 14.37
C ARG A 533 -4.24 -3.12 14.21
N GLU A 534 -4.00 -2.06 14.98
CA GLU A 534 -2.77 -1.30 14.90
C GLU A 534 -1.60 -1.97 15.63
N GLN A 535 -1.79 -3.19 16.13
CA GLN A 535 -0.75 -3.91 16.85
C GLN A 535 -0.44 -5.26 16.22
N ILE A 536 -0.86 -5.46 14.97
CA ILE A 536 -0.53 -6.69 14.26
C ILE A 536 0.95 -6.68 13.89
N LEU A 537 1.63 -7.78 14.17
CA LEU A 537 3.06 -7.91 13.92
C LEU A 537 3.29 -8.87 12.76
N ILE A 538 3.99 -8.40 11.73
CA ILE A 538 4.36 -9.23 10.60
C ILE A 538 5.85 -9.54 10.71
N ASP A 539 6.17 -10.77 11.10
CA ASP A 539 7.55 -11.24 11.14
C ASP A 539 7.84 -11.91 9.80
N LYS A 540 8.51 -11.17 8.91
CA LYS A 540 8.69 -11.66 7.54
C LYS A 540 9.66 -12.83 7.49
N THR A 541 10.70 -12.80 8.33
CA THR A 541 11.70 -13.87 8.29
C THR A 541 11.15 -15.16 8.87
N SER A 542 10.45 -15.09 10.00
CA SER A 542 9.84 -16.28 10.57
C SER A 542 8.50 -16.62 9.93
N GLY A 543 7.96 -15.73 9.10
CA GLY A 543 6.69 -15.98 8.45
C GLY A 543 5.50 -16.01 9.37
N LYS A 544 5.57 -15.38 10.53
CA LYS A 544 4.51 -15.40 11.52
C LYS A 544 3.82 -14.05 11.58
N VAL A 545 2.48 -14.06 11.52
CA VAL A 545 1.66 -12.87 11.67
C VAL A 545 0.90 -13.01 12.98
N THR A 546 1.14 -12.08 13.90
CA THR A 546 0.51 -12.11 15.22
C THR A 546 -0.66 -11.14 15.26
N ILE A 547 -1.82 -11.63 15.66
CA ILE A 547 -3.04 -10.84 15.74
C ILE A 547 -3.56 -10.91 17.17
N PRO A 548 -3.25 -9.90 18.00
CA PRO A 548 -3.74 -9.92 19.39
C PRO A 548 -5.21 -9.56 19.48
N LEU A 549 -5.89 -10.20 20.42
CA LEU A 549 -7.31 -9.96 20.64
C LEU A 549 -7.50 -8.81 21.62
N ASN A 550 -8.59 -8.06 21.42
CA ASN A 550 -8.79 -6.83 22.17
C ASN A 550 -9.41 -7.10 23.54
N GLU A 551 -10.73 -7.24 23.59
CA GLU A 551 -11.46 -7.43 24.84
C GLU A 551 -11.77 -8.91 25.03
N ILE A 552 -11.06 -9.55 25.96
CA ILE A 552 -11.24 -10.98 26.22
C ILE A 552 -10.63 -11.30 27.57
N HIS A 553 -11.32 -12.15 28.33
CA HIS A 553 -10.81 -12.64 29.61
C HIS A 553 -9.99 -13.89 29.37
N VAL A 554 -8.74 -13.88 29.79
CA VAL A 554 -7.81 -14.97 29.54
C VAL A 554 -7.35 -15.55 30.88
N PHE A 555 -7.52 -16.85 31.04
CA PHE A 555 -7.13 -17.55 32.27
C PHE A 555 -6.51 -18.88 31.90
N GLY A 556 -5.39 -19.21 32.55
CA GLY A 556 -4.70 -20.45 32.27
C GLY A 556 -4.05 -20.45 30.89
N GLU A 557 -3.45 -21.59 30.56
CA GLU A 557 -2.80 -21.77 29.27
C GLU A 557 -3.79 -22.32 28.25
N SER A 558 -3.69 -21.84 27.01
CA SER A 558 -4.61 -22.26 25.96
C SER A 558 -3.87 -22.27 24.62
N LEU A 559 -4.05 -23.34 23.86
CA LEU A 559 -3.54 -23.44 22.49
C LEU A 559 -4.56 -24.21 21.67
N ILE A 560 -5.32 -23.50 20.85
CA ILE A 560 -6.35 -24.09 20.00
C ILE A 560 -5.90 -23.98 18.56
N GLU A 561 -5.70 -25.11 17.90
CA GLU A 561 -5.25 -25.13 16.52
C GLU A 561 -6.40 -24.76 15.59
N GLY A 562 -6.08 -24.05 14.52
CA GLY A 562 -7.06 -23.65 13.52
C GLY A 562 -6.39 -23.44 12.20
N ASN A 563 -6.94 -22.54 11.39
CA ASN A 563 -6.36 -22.17 10.11
C ASN A 563 -6.84 -20.79 9.73
N ALA A 564 -6.34 -20.27 8.61
CA ALA A 564 -6.72 -18.96 8.13
C ALA A 564 -6.60 -18.94 6.61
N GLU A 565 -7.27 -17.97 6.00
CA GLU A 565 -7.34 -17.85 4.54
C GLU A 565 -6.82 -16.49 4.12
N LEU A 566 -5.83 -16.49 3.23
CA LEU A 566 -5.31 -15.28 2.62
C LEU A 566 -5.86 -15.16 1.20
N LYS A 567 -6.17 -13.93 0.80
CA LYS A 567 -6.73 -13.69 -0.51
C LYS A 567 -6.20 -12.34 -1.01
N PRO A 568 -5.61 -12.29 -2.20
CA PRO A 568 -5.02 -11.04 -2.68
C PRO A 568 -6.08 -9.98 -2.91
N VAL A 569 -5.82 -8.77 -2.40
CA VAL A 569 -6.76 -7.67 -2.53
C VAL A 569 -6.84 -7.23 -3.99
N GLY A 570 -8.07 -7.16 -4.52
CA GLY A 570 -8.27 -6.70 -5.88
C GLY A 570 -8.71 -7.80 -6.83
N ILE A 571 -8.10 -8.97 -6.72
CA ILE A 571 -8.48 -10.10 -7.56
C ILE A 571 -9.78 -10.69 -7.05
N SER A 572 -10.81 -10.68 -7.90
CA SER A 572 -12.17 -11.02 -7.50
C SER A 572 -12.31 -12.48 -7.08
N ASP A 573 -12.17 -13.40 -8.03
CA ASP A 573 -12.37 -14.82 -7.77
C ASP A 573 -11.07 -15.55 -7.44
N ALA A 574 -10.23 -14.96 -6.58
CA ALA A 574 -8.98 -15.60 -6.21
C ALA A 574 -9.25 -16.76 -5.25
N ASP A 575 -8.56 -17.88 -5.49
CA ASP A 575 -8.64 -19.00 -4.57
C ASP A 575 -8.07 -18.59 -3.22
N PRO A 576 -8.68 -19.01 -2.11
CA PRO A 576 -8.11 -18.72 -0.79
C PRO A 576 -6.81 -19.48 -0.60
N ILE A 577 -5.81 -18.79 -0.05
CA ILE A 577 -4.54 -19.41 0.29
C ILE A 577 -4.63 -19.90 1.73
N ASN A 578 -4.68 -21.22 1.90
CA ASN A 578 -4.88 -21.81 3.22
C ASN A 578 -3.57 -21.91 3.98
N VAL A 579 -3.55 -21.35 5.19
CA VAL A 579 -2.38 -21.36 6.05
C VAL A 579 -2.80 -21.80 7.45
N LYS A 580 -1.82 -22.25 8.22
CA LYS A 580 -2.05 -22.69 9.58
C LYS A 580 -2.21 -21.48 10.51
N ALA A 581 -3.09 -21.63 11.49
CA ALA A 581 -3.30 -20.61 12.50
C ALA A 581 -3.55 -21.29 13.84
N LYS A 582 -3.38 -20.52 14.92
CA LYS A 582 -3.62 -21.05 16.25
C LYS A 582 -4.00 -19.91 17.18
N LEU A 583 -5.01 -20.14 18.00
CA LEU A 583 -5.41 -19.20 19.05
C LEU A 583 -4.66 -19.56 20.33
N ILE A 584 -3.91 -18.59 20.85
CA ILE A 584 -3.05 -18.80 22.00
C ILE A 584 -3.55 -17.96 23.17
N GLY A 585 -3.60 -18.56 24.35
CA GLY A 585 -3.86 -17.83 25.57
C GLY A 585 -2.76 -18.06 26.59
N GLU A 586 -2.03 -16.99 26.92
CA GLU A 586 -0.96 -17.10 27.91
C GLU A 586 -0.74 -15.74 28.53
N ALA A 587 -0.34 -15.74 29.81
CA ALA A 587 -0.07 -14.52 30.56
C ALA A 587 -1.26 -13.56 30.50
N ASN A 588 -2.47 -14.12 30.60
CA ASN A 588 -3.70 -13.34 30.65
C ASN A 588 -3.88 -12.48 29.40
N LYS A 589 -3.42 -12.98 28.25
CA LYS A 589 -3.57 -12.30 26.98
C LYS A 589 -3.83 -13.33 25.89
N ALA A 590 -4.60 -12.93 24.88
CA ALA A 590 -4.99 -13.81 23.80
C ALA A 590 -4.49 -13.26 22.47
N ARG A 591 -4.10 -14.17 21.58
CA ARG A 591 -3.59 -13.78 20.27
C ARG A 591 -3.76 -14.94 19.30
N VAL A 592 -3.89 -14.59 18.02
CA VAL A 592 -3.94 -15.58 16.94
C VAL A 592 -2.65 -15.43 16.12
N GLU A 593 -1.87 -16.50 16.05
CA GLU A 593 -0.66 -16.52 15.24
C GLU A 593 -0.95 -17.22 13.92
N VAL A 594 -0.66 -16.53 12.82
CA VAL A 594 -0.85 -17.07 11.47
C VAL A 594 0.53 -17.35 10.89
N LEU A 595 0.72 -18.58 10.42
CA LEU A 595 2.00 -19.04 9.88
C LEU A 595 1.91 -19.10 8.37
N LEU A 596 2.73 -18.27 7.70
CA LEU A 596 2.69 -18.21 6.24
C LEU A 596 3.30 -19.46 5.59
N GLY A 597 4.11 -20.22 6.31
CA GLY A 597 4.65 -21.44 5.76
C GLY A 597 5.55 -21.17 4.57
N ASP A 598 5.45 -22.04 3.57
CA ASP A 598 6.26 -21.92 2.36
C ASP A 598 5.62 -21.03 1.31
N GLU A 599 4.63 -20.22 1.68
CA GLU A 599 3.92 -19.40 0.71
C GLU A 599 4.77 -18.20 0.31
N LYS A 600 4.90 -17.98 -1.00
CA LYS A 600 5.60 -16.82 -1.55
C LYS A 600 4.56 -15.76 -1.89
N LEU A 601 4.47 -14.72 -1.08
CA LEU A 601 3.43 -13.72 -1.21
C LEU A 601 4.04 -12.33 -1.28
N SER A 602 3.42 -11.48 -2.10
CA SER A 602 3.84 -10.08 -2.25
C SER A 602 2.62 -9.25 -2.58
N GLY A 603 2.38 -8.21 -1.79
CA GLY A 603 1.26 -7.32 -1.96
C GLY A 603 0.36 -7.31 -0.74
N GLU A 604 -0.84 -6.75 -0.93
CA GLU A 604 -1.83 -6.64 0.14
C GLU A 604 -2.81 -7.80 0.04
N TYR A 605 -3.07 -8.45 1.17
CA TYR A 605 -3.94 -9.62 1.23
C TYR A 605 -5.00 -9.44 2.29
N HIS A 606 -6.19 -9.98 2.02
CA HIS A 606 -7.19 -10.15 3.07
C HIS A 606 -6.78 -11.32 3.96
N LEU A 607 -7.02 -11.19 5.25
CA LEU A 607 -6.72 -12.24 6.23
C LEU A 607 -7.97 -12.54 7.01
N VAL A 608 -8.47 -13.77 6.90
CA VAL A 608 -9.65 -14.22 7.64
C VAL A 608 -9.24 -15.43 8.47
N THR A 609 -9.41 -15.33 9.78
CA THR A 609 -9.09 -16.43 10.68
C THR A 609 -10.24 -17.43 10.74
N ASN A 610 -9.90 -18.70 10.93
CA ASN A 610 -10.88 -19.78 11.04
C ASN A 610 -10.53 -20.63 12.26
N ILE A 611 -11.01 -20.22 13.42
CA ILE A 611 -10.79 -20.95 14.67
C ILE A 611 -12.08 -21.72 14.98
N GLN A 612 -11.97 -23.04 15.08
CA GLN A 612 -13.07 -23.91 15.47
C GLN A 612 -14.27 -23.78 14.53
N GLY A 613 -14.00 -23.52 13.25
CA GLY A 613 -15.05 -23.47 12.24
C GLY A 613 -15.74 -22.14 12.10
N LYS A 614 -15.37 -21.13 12.87
CA LYS A 614 -15.99 -19.82 12.83
C LYS A 614 -15.00 -18.80 12.28
N LYS A 615 -15.42 -18.08 11.24
CA LYS A 615 -14.59 -17.05 10.64
C LYS A 615 -14.90 -15.69 11.22
N ASP A 616 -13.86 -14.91 11.48
CA ASP A 616 -14.05 -13.55 11.95
C ASP A 616 -14.55 -12.66 10.81
N LYS A 617 -15.04 -11.49 11.17
CA LYS A 617 -15.45 -10.46 10.22
C LYS A 617 -14.72 -9.15 10.49
N GLN A 618 -13.45 -9.24 10.90
CA GLN A 618 -12.68 -8.08 11.32
C GLN A 618 -12.06 -7.33 10.16
N GLN A 619 -12.16 -7.83 8.93
CA GLN A 619 -11.68 -7.13 7.73
C GLN A 619 -10.18 -6.87 7.80
N ILE A 620 -9.42 -7.86 8.28
CA ILE A 620 -7.98 -7.68 8.46
C ILE A 620 -7.30 -7.66 7.10
N LYS A 621 -6.40 -6.70 6.91
CA LYS A 621 -5.56 -6.61 5.72
C LYS A 621 -4.12 -6.50 6.15
N ILE A 622 -3.25 -7.29 5.53
CA ILE A 622 -1.81 -7.23 5.78
C ILE A 622 -1.09 -7.03 4.46
N THR A 623 0.08 -6.41 4.54
CA THR A 623 0.92 -6.16 3.37
C THR A 623 2.17 -7.01 3.48
N LEU A 624 2.37 -7.90 2.53
CA LEU A 624 3.54 -8.78 2.51
C LEU A 624 4.45 -8.45 1.33
N ASP B 19 -65.63 37.37 -3.13
CA ASP B 19 -64.70 37.53 -2.02
C ASP B 19 -64.21 36.18 -1.51
N ILE B 20 -63.25 35.58 -2.22
CA ILE B 20 -62.75 34.26 -1.85
C ILE B 20 -61.88 34.38 -0.60
N LYS B 21 -62.14 33.52 0.37
CA LYS B 21 -61.38 33.51 1.62
C LYS B 21 -60.17 32.59 1.57
N ILE B 22 -60.34 31.38 1.04
CA ILE B 22 -59.29 30.37 1.03
C ILE B 22 -59.04 29.91 -0.40
N SER B 23 -57.77 29.77 -0.75
CA SER B 23 -57.37 29.19 -2.03
C SER B 23 -56.55 27.94 -1.75
N VAL B 24 -56.93 26.83 -2.37
CA VAL B 24 -56.27 25.54 -2.18
C VAL B 24 -55.44 25.23 -3.42
N VAL B 25 -54.16 24.92 -3.20
CA VAL B 25 -53.22 24.60 -4.26
C VAL B 25 -52.87 23.12 -4.16
N VAL B 26 -53.16 22.37 -5.22
CA VAL B 26 -52.90 20.93 -5.22
C VAL B 26 -52.10 20.53 -6.46
N PRO B 27 -50.81 20.22 -6.33
CA PRO B 27 -50.07 19.62 -7.44
C PRO B 27 -50.25 18.11 -7.48
N THR B 28 -50.48 17.59 -8.69
CA THR B 28 -50.76 16.17 -8.88
C THR B 28 -49.86 15.60 -9.97
N TYR B 29 -49.49 14.33 -9.79
CA TYR B 29 -48.70 13.60 -10.78
C TYR B 29 -48.82 12.12 -10.49
N ASN B 30 -49.48 11.38 -11.38
CA ASN B 30 -49.66 9.94 -11.24
C ASN B 30 -50.29 9.58 -9.91
N THR B 31 -51.39 10.27 -9.58
CA THR B 31 -52.04 10.06 -8.30
C THR B 31 -52.79 8.74 -8.28
N GLU B 32 -52.79 8.10 -7.11
CA GLU B 32 -53.58 6.89 -6.92
C GLU B 32 -55.07 7.23 -6.99
N LEU B 33 -55.83 6.36 -7.66
CA LEU B 33 -57.24 6.64 -7.89
C LEU B 33 -58.01 6.73 -6.58
N GLU B 34 -57.65 5.91 -5.60
CA GLU B 34 -58.35 5.93 -4.32
C GLU B 34 -57.92 7.13 -3.47
N GLY B 35 -56.65 7.51 -3.54
CA GLY B 35 -56.19 8.64 -2.76
C GLY B 35 -56.75 9.96 -3.23
N LEU B 36 -56.86 10.14 -4.55
CA LEU B 36 -57.41 11.39 -5.09
C LEU B 36 -58.89 11.51 -4.81
N LYS B 37 -59.62 10.40 -4.77
CA LYS B 37 -61.05 10.44 -4.48
C LYS B 37 -61.30 10.89 -3.05
N ASN B 38 -60.48 10.41 -2.10
CA ASN B 38 -60.67 10.80 -0.71
C ASN B 38 -60.31 12.25 -0.46
N LEU B 39 -59.45 12.83 -1.30
CA LEU B 39 -59.08 14.24 -1.15
C LEU B 39 -60.28 15.14 -1.44
N MET B 40 -60.99 14.87 -2.53
CA MET B 40 -62.12 15.71 -2.91
C MET B 40 -63.22 15.68 -1.85
N ALA B 41 -63.40 14.53 -1.19
CA ALA B 41 -64.44 14.43 -0.17
C ALA B 41 -64.13 15.31 1.04
N SER B 42 -62.85 15.46 1.39
CA SER B 42 -62.49 16.27 2.54
C SER B 42 -62.72 17.75 2.29
N ILE B 43 -62.64 18.19 1.04
CA ILE B 43 -62.89 19.60 0.74
C ILE B 43 -64.38 19.88 0.61
N ASP B 44 -65.14 18.93 0.06
CA ASP B 44 -66.57 19.12 -0.11
C ASP B 44 -67.30 19.19 1.23
N LYS B 45 -66.76 18.54 2.26
CA LYS B 45 -67.38 18.51 3.58
C LYS B 45 -66.91 19.63 4.48
N GLN B 46 -66.50 20.76 3.92
CA GLN B 46 -66.07 21.90 4.73
C GLN B 46 -67.28 22.69 5.23
N THR B 47 -67.21 23.12 6.48
CA THR B 47 -68.28 23.94 7.05
C THR B 47 -68.37 25.30 6.37
N MET B 48 -67.29 25.77 5.76
CA MET B 48 -67.31 27.02 5.03
C MET B 48 -68.17 26.90 3.77
N ASN B 49 -68.86 27.98 3.43
CA ASN B 49 -69.71 27.99 2.25
C ASN B 49 -68.87 27.71 1.00
N PRO B 50 -69.31 26.81 0.12
CA PRO B 50 -68.46 26.45 -1.04
C PRO B 50 -68.15 27.59 -1.98
N ASP B 51 -68.92 28.68 -1.95
CA ASP B 51 -68.64 29.82 -2.81
C ASP B 51 -67.57 30.75 -2.25
N GLU B 52 -66.85 30.32 -1.21
CA GLU B 52 -65.80 31.13 -0.60
C GLU B 52 -64.41 30.54 -0.74
N TYR B 53 -64.28 29.37 -1.36
CA TYR B 53 -62.97 28.77 -1.59
C TYR B 53 -62.92 28.18 -2.99
N GLU B 54 -61.70 28.09 -3.53
CA GLU B 54 -61.48 27.57 -4.87
C GLU B 54 -60.43 26.46 -4.82
N LEU B 55 -60.45 25.60 -5.83
CA LEU B 55 -59.50 24.52 -5.99
C LEU B 55 -58.66 24.77 -7.24
N VAL B 56 -57.35 24.79 -7.07
CA VAL B 56 -56.42 25.06 -8.17
C VAL B 56 -55.50 23.86 -8.30
N PHE B 57 -55.83 22.95 -9.21
CA PHE B 57 -54.99 21.80 -9.50
C PHE B 57 -54.07 22.11 -10.68
N VAL B 58 -52.83 21.64 -10.58
CA VAL B 58 -51.85 21.81 -11.64
C VAL B 58 -51.12 20.47 -11.83
N ASP B 59 -51.36 19.81 -12.96
CA ASP B 59 -50.75 18.52 -13.23
C ASP B 59 -49.35 18.71 -13.78
N ASP B 60 -48.39 17.97 -13.21
CA ASP B 60 -46.99 18.08 -13.61
C ASP B 60 -46.63 17.00 -14.63
N GLY B 61 -47.31 17.08 -15.78
CA GLY B 61 -47.07 16.17 -16.89
C GLY B 61 -47.22 14.71 -16.54
N SER B 62 -48.46 14.29 -16.27
CA SER B 62 -48.69 12.90 -15.89
C SER B 62 -48.58 11.98 -17.11
N THR B 63 -47.90 10.85 -16.91
CA THR B 63 -47.81 9.84 -17.96
C THR B 63 -49.01 8.91 -17.98
N THR B 64 -49.70 8.76 -16.86
CA THR B 64 -50.89 7.92 -16.78
C THR B 64 -52.12 8.77 -17.09
N ASP B 65 -53.29 8.34 -16.63
CA ASP B 65 -54.54 9.05 -16.87
C ASP B 65 -54.98 9.89 -15.68
N THR B 66 -54.02 10.32 -14.86
CA THR B 66 -54.36 11.13 -13.68
C THR B 66 -54.91 12.49 -14.08
N TYR B 67 -54.35 13.10 -15.11
CA TYR B 67 -54.84 14.40 -15.57
C TYR B 67 -56.24 14.30 -16.15
N GLU B 68 -56.57 13.16 -16.78
CA GLU B 68 -57.91 12.98 -17.32
C GLU B 68 -58.95 12.83 -16.21
N ARG B 69 -58.54 12.33 -15.04
CA ARG B 69 -59.47 12.22 -13.93
C ARG B 69 -59.80 13.59 -13.34
N LEU B 70 -58.80 14.49 -13.30
CA LEU B 70 -59.04 15.83 -12.78
C LEU B 70 -60.02 16.60 -13.65
N GLN B 71 -59.94 16.43 -14.97
CA GLN B 71 -60.90 17.07 -15.87
C GLN B 71 -62.31 16.55 -15.66
N GLU B 72 -62.45 15.37 -15.04
CA GLU B 72 -63.78 14.86 -14.71
C GLU B 72 -64.28 15.45 -13.39
N PHE B 73 -63.40 15.62 -12.42
CA PHE B 73 -63.79 16.26 -11.17
C PHE B 73 -64.15 17.73 -11.37
N ALA B 74 -63.50 18.39 -12.34
CA ALA B 74 -63.79 19.79 -12.63
C ALA B 74 -65.01 19.97 -13.52
N GLU B 75 -65.64 18.88 -13.97
CA GLU B 75 -66.84 19.01 -14.79
C GLU B 75 -68.07 19.34 -13.95
N THR B 76 -68.11 18.90 -12.69
CA THR B 76 -69.22 19.16 -11.79
C THR B 76 -68.97 20.30 -10.84
N ARG B 77 -67.76 20.41 -10.29
CA ARG B 77 -67.45 21.49 -9.38
C ARG B 77 -67.14 22.77 -10.15
N PRO B 78 -67.75 23.90 -9.79
CA PRO B 78 -67.54 25.14 -10.57
C PRO B 78 -66.27 25.88 -10.19
N ASN B 79 -65.83 25.74 -8.94
CA ASN B 79 -64.68 26.48 -8.44
C ASN B 79 -63.39 25.66 -8.47
N MET B 80 -63.32 24.64 -9.33
CA MET B 80 -62.13 23.81 -9.47
C MET B 80 -61.53 24.01 -10.85
N THR B 81 -60.25 24.36 -10.89
CA THR B 81 -59.54 24.63 -12.13
C THR B 81 -58.41 23.62 -12.32
N VAL B 82 -58.21 23.18 -13.55
CA VAL B 82 -57.18 22.20 -13.91
C VAL B 82 -56.30 22.80 -14.99
N LYS B 83 -55.00 22.51 -14.92
CA LYS B 83 -54.05 23.06 -15.87
C LYS B 83 -52.82 22.16 -15.92
N GLN B 84 -52.59 21.51 -17.07
CA GLN B 84 -51.41 20.69 -17.26
C GLN B 84 -50.25 21.55 -17.76
N ILE B 85 -49.05 21.28 -17.22
CA ILE B 85 -47.86 22.05 -17.52
C ILE B 85 -46.70 21.08 -17.75
N GLU B 86 -45.71 21.54 -18.50
CA GLU B 86 -44.54 20.73 -18.84
C GLU B 86 -43.96 20.04 -17.61
N ASN B 87 -43.45 18.82 -17.82
CA ASN B 87 -42.93 18.03 -16.72
C ASN B 87 -41.70 18.70 -16.12
N SER B 88 -41.64 18.71 -14.78
CA SER B 88 -40.54 19.35 -14.08
C SER B 88 -39.96 18.53 -12.93
N GLY B 89 -40.48 17.34 -12.66
CA GLY B 89 -39.92 16.52 -11.61
C GLY B 89 -40.58 16.72 -10.26
N TRP B 90 -40.08 17.67 -9.47
CA TRP B 90 -40.66 17.94 -8.16
C TRP B 90 -41.83 18.91 -8.28
N GLY B 91 -42.63 18.97 -7.21
CA GLY B 91 -43.88 19.70 -7.24
C GLY B 91 -43.78 21.16 -6.85
N SER B 92 -42.60 21.76 -7.03
CA SER B 92 -42.44 23.18 -6.71
C SER B 92 -42.90 24.07 -7.85
N ARG B 93 -42.64 23.67 -9.09
CA ARG B 93 -43.14 24.43 -10.23
C ARG B 93 -44.67 24.50 -10.28
N PRO B 94 -45.41 23.40 -10.13
CA PRO B 94 -46.88 23.52 -10.10
C PRO B 94 -47.39 24.38 -8.96
N ARG B 95 -46.69 24.39 -7.82
CA ARG B 95 -47.13 25.22 -6.70
C ARG B 95 -46.93 26.70 -7.00
N ASN B 96 -45.85 27.04 -7.70
CA ASN B 96 -45.59 28.44 -8.03
C ASN B 96 -46.58 28.96 -9.06
N ILE B 97 -46.91 28.14 -10.07
CA ILE B 97 -47.80 28.59 -11.13
C ILE B 97 -49.26 28.60 -10.65
N ALA B 98 -49.61 27.72 -9.71
CA ALA B 98 -50.95 27.77 -9.14
C ALA B 98 -51.11 28.94 -8.18
N THR B 99 -50.02 29.43 -7.59
CA THR B 99 -50.11 30.53 -6.64
C THR B 99 -50.40 31.84 -7.36
N LYS B 100 -49.78 32.07 -8.52
CA LYS B 100 -50.00 33.31 -9.24
C LYS B 100 -51.44 33.42 -9.73
N MET B 101 -52.03 32.31 -10.18
CA MET B 101 -53.38 32.28 -10.69
C MET B 101 -54.43 32.11 -9.58
N ALA B 102 -54.05 32.31 -8.33
CA ALA B 102 -54.99 32.26 -7.23
C ALA B 102 -55.52 33.66 -6.92
N LYS B 103 -56.73 33.70 -6.35
CA LYS B 103 -57.35 34.97 -5.99
C LYS B 103 -57.89 34.97 -4.57
N GLY B 104 -57.53 33.98 -3.74
CA GLY B 104 -57.97 33.95 -2.37
C GLY B 104 -57.03 34.67 -1.43
N GLU B 105 -57.57 35.08 -0.28
CA GLU B 105 -56.77 35.82 0.69
C GLU B 105 -55.72 34.92 1.34
N TYR B 106 -56.07 33.67 1.62
CA TYR B 106 -55.15 32.70 2.21
C TYR B 106 -54.96 31.53 1.26
N ILE B 107 -53.78 30.91 1.33
CA ILE B 107 -53.41 29.79 0.46
C ILE B 107 -53.00 28.61 1.33
N LEU B 108 -53.54 27.44 1.01
CA LEU B 108 -53.15 26.19 1.65
C LEU B 108 -52.58 25.25 0.59
N TYR B 109 -51.36 24.77 0.83
CA TYR B 109 -50.71 23.84 -0.09
C TYR B 109 -51.09 22.42 0.34
N LEU B 110 -51.99 21.80 -0.42
CA LEU B 110 -52.51 20.47 -0.11
C LEU B 110 -51.92 19.47 -1.10
N ASP B 111 -51.35 18.39 -0.57
CA ASP B 111 -50.78 17.35 -1.43
C ASP B 111 -51.86 16.37 -1.86
N HIS B 112 -51.60 15.67 -2.97
CA HIS B 112 -52.57 14.78 -3.58
C HIS B 112 -52.78 13.49 -2.82
N ASP B 113 -52.11 13.29 -1.68
CA ASP B 113 -52.28 12.09 -0.88
C ASP B 113 -52.78 12.40 0.53
N ASP B 114 -53.24 13.62 0.79
CA ASP B 114 -53.63 14.06 2.12
C ASP B 114 -55.08 14.52 2.11
N THR B 115 -55.61 14.76 3.31
CA THR B 115 -56.99 15.21 3.48
C THR B 115 -57.02 16.36 4.48
N VAL B 116 -58.17 17.04 4.53
CA VAL B 116 -58.37 18.18 5.41
C VAL B 116 -59.61 17.93 6.27
N PHE B 117 -59.60 18.46 7.47
CA PHE B 117 -60.70 18.27 8.42
C PHE B 117 -61.83 19.24 8.12
N PRO B 118 -63.07 18.91 8.54
CA PRO B 118 -64.23 19.67 8.06
C PRO B 118 -64.27 21.13 8.51
N GLU B 119 -63.85 21.42 9.74
CA GLU B 119 -63.91 22.78 10.26
C GLU B 119 -62.62 23.56 10.07
N THR B 120 -61.73 23.11 9.18
CA THR B 120 -60.44 23.75 9.03
C THR B 120 -60.57 25.14 8.42
N PHE B 121 -61.23 25.24 7.26
CA PHE B 121 -61.30 26.52 6.56
C PHE B 121 -61.96 27.59 7.41
N GLU B 122 -63.03 27.23 8.13
CA GLU B 122 -63.74 28.22 8.94
C GLU B 122 -62.91 28.65 10.15
N ARG B 123 -62.30 27.68 10.84
CA ARG B 123 -61.54 28.01 12.04
C ARG B 123 -60.25 28.75 11.71
N VAL B 124 -59.58 28.37 10.62
CA VAL B 124 -58.31 29.00 10.28
C VAL B 124 -58.51 30.42 9.82
N TYR B 125 -59.48 30.64 8.91
CA TYR B 125 -59.68 31.97 8.35
C TYR B 125 -60.07 32.97 9.43
N ASN B 126 -60.98 32.61 10.32
CA ASN B 126 -61.36 33.50 11.41
C ASN B 126 -60.16 33.81 12.31
N PHE B 127 -59.33 32.81 12.59
CA PHE B 127 -58.16 33.03 13.42
C PHE B 127 -57.15 33.95 12.73
N GLY B 128 -56.96 33.76 11.42
CA GLY B 128 -55.97 34.55 10.71
C GLY B 128 -56.39 35.97 10.45
N LYS B 129 -57.69 36.21 10.27
CA LYS B 129 -58.18 37.55 9.99
C LYS B 129 -58.46 38.36 11.24
N GLU B 130 -58.89 37.70 12.33
CA GLU B 130 -59.13 38.42 13.57
C GLU B 130 -57.83 38.81 14.29
N ASN B 131 -56.68 38.33 13.81
CA ASN B 131 -55.40 38.71 14.39
C ASN B 131 -54.42 39.24 13.35
N ASN B 132 -54.87 39.43 12.11
CA ASN B 132 -54.07 39.96 11.01
C ASN B 132 -52.76 39.16 10.87
N LEU B 133 -52.93 37.91 10.47
CA LEU B 133 -51.83 36.95 10.39
C LEU B 133 -51.42 36.74 8.94
N ASP B 134 -50.11 36.60 8.73
CA ASP B 134 -49.56 36.26 7.42
C ASP B 134 -49.44 34.76 7.23
N VAL B 135 -49.07 34.03 8.28
CA VAL B 135 -48.93 32.59 8.25
C VAL B 135 -49.72 32.01 9.42
N VAL B 136 -50.66 31.12 9.13
CA VAL B 136 -51.41 30.39 10.15
C VAL B 136 -50.87 28.97 10.19
N SER B 137 -50.27 28.60 11.32
CA SER B 137 -49.66 27.28 11.49
C SER B 137 -50.64 26.42 12.29
N GLY B 138 -51.48 25.68 11.57
CA GLY B 138 -52.48 24.86 12.21
C GLY B 138 -51.96 23.50 12.63
N LYS B 139 -52.70 22.86 13.53
CA LYS B 139 -52.31 21.56 14.06
C LYS B 139 -52.32 20.52 12.96
N GLU B 140 -51.18 19.86 12.75
CA GLU B 140 -51.05 18.85 11.71
C GLU B 140 -51.06 17.46 12.31
N VAL B 141 -51.67 16.52 11.60
CA VAL B 141 -51.83 15.15 12.06
C VAL B 141 -51.14 14.22 11.07
N ARG B 142 -50.33 13.31 11.60
CA ARG B 142 -49.68 12.28 10.80
C ARG B 142 -50.24 10.92 11.17
N THR B 143 -50.03 9.95 10.27
CA THR B 143 -50.61 8.62 10.45
C THR B 143 -50.01 7.91 11.66
N ASN B 144 -48.69 7.78 11.69
CA ASN B 144 -48.01 7.06 12.76
C ASN B 144 -47.43 8.04 13.78
N GLY B 145 -47.06 7.48 14.93
CA GLY B 145 -46.43 8.26 15.98
C GLY B 145 -47.42 8.73 17.03
N TRP B 146 -46.90 9.00 18.21
CA TRP B 146 -47.71 9.44 19.35
C TRP B 146 -47.76 10.95 19.48
N SER B 147 -47.06 11.69 18.62
CA SER B 147 -47.09 13.15 18.68
C SER B 147 -46.61 13.70 17.35
N TRP B 148 -47.00 14.96 17.11
CA TRP B 148 -46.45 15.73 16.00
C TRP B 148 -46.66 17.20 16.33
N GLY B 149 -45.57 17.95 16.43
CA GLY B 149 -45.66 19.30 16.93
C GLY B 149 -46.03 19.36 18.39
N TRP B 150 -45.42 18.49 19.21
CA TRP B 150 -45.78 18.40 20.62
C TRP B 150 -45.58 19.73 21.33
N LYS B 151 -44.44 20.37 21.11
CA LYS B 151 -44.14 21.62 21.80
C LYS B 151 -44.89 22.80 21.18
N GLN B 152 -45.04 22.82 19.86
CA GLN B 152 -45.60 24.00 19.20
C GLN B 152 -47.12 23.95 19.20
N PHE B 153 -47.71 22.82 18.84
CA PHE B 153 -49.16 22.70 18.77
C PHE B 153 -49.78 22.38 20.13
N SER B 154 -49.34 23.10 21.17
CA SER B 154 -49.85 22.90 22.52
C SER B 154 -50.99 23.84 22.87
N GLU B 155 -50.89 25.10 22.46
CA GLU B 155 -51.92 26.09 22.74
C GLU B 155 -52.03 27.06 21.57
N ASN B 156 -53.17 27.73 21.49
CA ASN B 156 -53.33 28.79 20.50
C ASN B 156 -52.45 29.97 20.85
N ASN B 157 -51.88 30.61 19.82
CA ASN B 157 -51.00 31.75 20.01
C ASN B 157 -51.20 32.70 18.83
N PRO B 158 -51.98 33.77 19.01
CA PRO B 158 -52.23 34.70 17.90
C PRO B 158 -51.04 35.57 17.55
N HIS B 159 -50.01 35.64 18.40
CA HIS B 159 -48.82 36.44 18.15
C HIS B 159 -47.60 35.58 18.44
N ALA B 160 -47.42 34.53 17.63
CA ALA B 160 -46.37 33.55 17.85
C ALA B 160 -45.02 33.96 17.28
N GLU B 161 -44.99 34.91 16.33
CA GLU B 161 -43.72 35.33 15.74
C GLU B 161 -42.82 36.05 16.74
N GLU B 162 -43.35 36.43 17.91
CA GLU B 162 -42.54 37.10 18.91
C GLU B 162 -41.51 36.18 19.56
N MET B 163 -41.73 34.86 19.52
CA MET B 163 -40.80 33.90 20.09
C MET B 163 -39.69 33.52 19.13
N GLY B 164 -39.69 34.04 17.92
CA GLY B 164 -38.66 33.73 16.94
C GLY B 164 -39.16 32.77 15.88
N ILE B 165 -38.21 32.35 15.03
CA ILE B 165 -38.51 31.45 13.92
C ILE B 165 -39.02 30.09 14.38
N GLU B 166 -38.90 29.79 15.68
CA GLU B 166 -39.36 28.52 16.22
C GLU B 166 -40.85 28.31 16.03
N CYS B 167 -41.64 29.39 15.92
CA CYS B 167 -43.09 29.26 15.85
C CYS B 167 -43.57 28.58 14.57
N LEU B 168 -42.72 28.46 13.56
CA LEU B 168 -43.12 27.83 12.31
C LEU B 168 -42.85 26.34 12.26
N LEU B 169 -42.16 25.78 13.27
CA LEU B 169 -41.94 24.34 13.30
C LEU B 169 -43.23 23.64 13.70
N PRO B 170 -43.52 22.45 13.13
CA PRO B 170 -42.76 21.80 12.06
C PRO B 170 -42.93 22.52 10.73
N MET B 171 -41.82 22.69 9.99
CA MET B 171 -41.83 23.48 8.75
C MET B 171 -42.30 22.64 7.57
N THR B 172 -43.54 22.18 7.68
CA THR B 172 -44.25 21.56 6.58
C THR B 172 -44.94 22.63 5.74
N PRO B 173 -45.18 22.38 4.46
CA PRO B 173 -45.88 23.37 3.63
C PRO B 173 -47.38 23.43 3.85
N HIS B 174 -47.89 22.65 4.81
CA HIS B 174 -49.33 22.50 5.03
C HIS B 174 -49.87 23.55 5.98
N LYS B 175 -49.49 24.79 5.76
CA LYS B 175 -49.95 25.93 6.55
C LYS B 175 -50.83 26.83 5.70
N PHE B 176 -51.28 27.93 6.29
CA PHE B 176 -52.10 28.92 5.61
C PHE B 176 -51.31 30.22 5.51
N TYR B 177 -50.81 30.51 4.32
CA TYR B 177 -50.03 31.72 4.06
C TYR B 177 -50.91 32.73 3.33
N LYS B 178 -50.90 33.97 3.81
CA LYS B 178 -51.64 35.03 3.12
C LYS B 178 -51.01 35.30 1.76
N ARG B 179 -51.81 35.16 0.71
CA ARG B 179 -51.29 35.34 -0.65
C ARG B 179 -50.75 36.74 -0.87
N GLU B 180 -51.36 37.74 -0.22
CA GLU B 180 -50.84 39.11 -0.31
C GLU B 180 -49.40 39.18 0.21
N PHE B 181 -49.10 38.45 1.28
CA PHE B 181 -47.76 38.47 1.85
C PHE B 181 -46.78 37.69 0.99
N LEU B 182 -47.23 36.62 0.33
CA LEU B 182 -46.33 35.80 -0.47
C LEU B 182 -45.88 36.54 -1.73
N LEU B 183 -46.83 37.14 -2.45
CA LEU B 183 -46.49 37.79 -3.71
C LEU B 183 -45.74 39.10 -3.50
N GLU B 184 -46.04 39.82 -2.42
CA GLU B 184 -45.38 41.10 -2.17
C GLU B 184 -43.91 40.91 -1.83
N ASN B 185 -43.58 39.85 -1.09
CA ASN B 185 -42.21 39.57 -0.70
C ASN B 185 -41.54 38.54 -1.59
N ASP B 186 -42.19 38.14 -2.68
CA ASP B 186 -41.60 37.25 -3.70
C ASP B 186 -41.18 35.92 -3.10
N ILE B 187 -41.99 35.40 -2.18
CA ILE B 187 -41.71 34.12 -1.54
C ILE B 187 -42.23 33.00 -2.43
N THR B 188 -41.32 32.21 -2.98
CA THR B 188 -41.65 31.11 -3.89
C THR B 188 -40.90 29.86 -3.47
N PHE B 189 -41.23 28.76 -4.13
CA PHE B 189 -40.46 27.53 -4.01
C PHE B 189 -39.38 27.48 -5.08
N ASP B 190 -38.28 26.79 -4.76
CA ASP B 190 -37.20 26.65 -5.73
C ASP B 190 -37.69 25.89 -6.96
N ASP B 191 -37.41 26.44 -8.13
CA ASP B 191 -37.89 25.85 -9.38
C ASP B 191 -36.89 24.92 -10.02
N GLY B 192 -35.66 24.85 -9.50
CA GLY B 192 -34.61 24.12 -10.16
C GLY B 192 -34.54 22.64 -9.83
N ALA B 193 -33.34 22.15 -9.51
CA ALA B 193 -33.16 20.74 -9.22
C ALA B 193 -33.79 20.41 -7.86
N ARG B 194 -34.28 19.17 -7.75
CA ARG B 194 -34.98 18.76 -6.54
C ARG B 194 -34.05 18.81 -5.34
N VAL B 195 -34.43 19.58 -4.33
CA VAL B 195 -33.67 19.72 -3.10
C VAL B 195 -34.49 19.17 -1.95
N LEU B 196 -33.81 18.74 -0.91
CA LEU B 196 -34.49 18.25 0.29
C LEU B 196 -34.85 19.42 1.19
N TRP B 197 -35.97 19.27 1.90
CA TRP B 197 -36.47 20.27 2.84
C TRP B 197 -36.77 21.60 2.14
N GLU B 198 -37.33 21.53 0.93
CA GLU B 198 -37.69 22.76 0.22
C GLU B 198 -38.78 23.53 0.96
N ASP B 199 -39.59 22.86 1.78
CA ASP B 199 -40.58 23.54 2.60
C ASP B 199 -39.93 24.29 3.75
N VAL B 200 -38.72 23.89 4.18
CA VAL B 200 -38.01 24.66 5.19
C VAL B 200 -37.54 25.99 4.63
N TYR B 201 -37.08 25.98 3.37
CA TYR B 201 -36.74 27.23 2.70
C TYR B 201 -37.93 28.17 2.65
N PHE B 202 -39.11 27.65 2.30
CA PHE B 202 -40.29 28.48 2.12
C PHE B 202 -40.70 29.13 3.43
N ASN B 203 -40.77 28.35 4.51
CA ASN B 203 -41.17 28.89 5.80
C ASN B 203 -40.14 29.88 6.33
N SER B 204 -38.86 29.55 6.22
CA SER B 204 -37.82 30.45 6.71
C SER B 204 -37.84 31.77 5.96
N LYS B 205 -37.95 31.73 4.63
CA LYS B 205 -38.05 32.95 3.84
C LYS B 205 -39.25 33.79 4.24
N ALA B 206 -40.34 33.14 4.65
CA ALA B 206 -41.52 33.89 5.08
C ALA B 206 -41.29 34.58 6.40
N PHE B 207 -40.59 33.93 7.33
CA PHE B 207 -40.34 34.55 8.63
C PHE B 207 -39.26 35.61 8.54
N ILE B 208 -38.27 35.43 7.66
CA ILE B 208 -37.22 36.43 7.49
C ILE B 208 -37.83 37.76 7.07
N HIS B 209 -38.89 37.72 6.25
CA HIS B 209 -39.59 38.91 5.80
C HIS B 209 -40.57 39.45 6.85
N GLY B 210 -40.47 39.00 8.10
CA GLY B 210 -41.28 39.53 9.17
C GLY B 210 -42.75 39.17 9.09
N ALA B 211 -43.05 37.89 9.00
CA ALA B 211 -44.45 37.44 8.95
C ALA B 211 -45.02 37.33 10.35
N LYS B 212 -46.25 37.80 10.52
CA LYS B 212 -46.98 37.66 11.78
C LYS B 212 -47.56 36.26 11.85
N VAL B 213 -46.92 35.39 12.61
CA VAL B 213 -47.28 33.98 12.67
C VAL B 213 -48.29 33.76 13.79
N GLY B 214 -49.28 32.91 13.51
CA GLY B 214 -50.24 32.50 14.52
C GLY B 214 -50.42 31.00 14.54
N ILE B 215 -50.37 30.40 15.74
CA ILE B 215 -50.48 28.96 15.90
C ILE B 215 -51.91 28.63 16.32
N LEU B 216 -52.61 27.87 15.47
CA LEU B 216 -53.94 27.35 15.78
C LEU B 216 -53.78 25.90 16.19
N ALA B 217 -53.77 25.66 17.50
CA ALA B 217 -53.46 24.33 18.03
C ALA B 217 -54.66 23.59 18.60
N ASP B 218 -55.82 24.23 18.69
CA ASP B 218 -56.98 23.62 19.32
C ASP B 218 -57.82 22.76 18.37
N TYR B 219 -57.41 22.62 17.11
CA TYR B 219 -58.19 21.85 16.16
C TYR B 219 -57.25 21.26 15.11
N PRO B 220 -57.38 19.96 14.81
CA PRO B 220 -56.55 19.36 13.76
C PRO B 220 -56.96 19.89 12.38
N THR B 221 -56.04 20.59 11.73
CA THR B 221 -56.34 21.26 10.48
C THR B 221 -55.96 20.43 9.26
N TYR B 222 -54.91 19.61 9.34
CA TYR B 222 -54.35 18.93 8.19
C TYR B 222 -53.96 17.52 8.58
N TYR B 223 -54.15 16.58 7.65
CA TYR B 223 -53.79 15.18 7.85
C TYR B 223 -52.78 14.79 6.78
N TRP B 224 -51.49 14.83 7.14
CA TRP B 224 -50.43 14.32 6.29
C TRP B 224 -50.46 12.80 6.37
N ILE B 225 -51.00 12.16 5.34
CA ILE B 225 -51.24 10.72 5.35
C ILE B 225 -49.97 10.00 4.90
N ALA B 226 -49.51 9.06 5.72
CA ALA B 226 -48.39 8.21 5.34
C ALA B 226 -48.87 7.17 4.32
N THR B 227 -48.32 7.23 3.11
CA THR B 227 -48.72 6.35 2.03
C THR B 227 -47.56 5.44 1.64
N GLY B 228 -47.90 4.33 0.99
CA GLY B 228 -46.92 3.38 0.52
C GLY B 228 -46.16 2.69 1.64
N SER B 234 -37.85 10.73 -4.88
CA SER B 234 -37.48 9.67 -3.96
C SER B 234 -35.97 9.66 -3.73
N PHE B 235 -35.25 10.50 -4.49
CA PHE B 235 -33.81 10.58 -4.36
C PHE B 235 -33.43 11.00 -2.95
N GLY B 236 -32.24 10.61 -2.52
CA GLY B 236 -31.77 10.94 -1.18
C GLY B 236 -31.09 9.79 -0.47
N ARG B 237 -31.34 8.56 -0.94
CA ARG B 237 -30.69 7.39 -0.35
C ARG B 237 -29.18 7.48 -0.53
N ASP B 238 -28.73 8.05 -1.64
CA ASP B 238 -27.31 8.23 -1.90
C ASP B 238 -26.69 9.12 -0.83
N PRO B 239 -25.64 8.68 -0.14
CA PRO B 239 -25.07 9.52 0.93
C PRO B 239 -24.42 10.80 0.41
N HIS B 240 -23.73 10.72 -0.73
CA HIS B 240 -23.13 11.92 -1.31
C HIS B 240 -24.20 12.94 -1.68
N GLU B 241 -25.32 12.47 -2.23
CA GLU B 241 -26.43 13.36 -2.55
C GLU B 241 -27.10 13.88 -1.30
N LYS B 242 -27.21 13.03 -0.26
CA LYS B 242 -27.85 13.43 0.98
C LYS B 242 -27.09 14.57 1.64
N TRP B 243 -25.77 14.42 1.80
CA TRP B 243 -24.98 15.43 2.48
C TRP B 243 -24.62 16.61 1.58
N ASN B 244 -24.79 16.47 0.26
CA ASN B 244 -24.75 17.66 -0.59
C ASN B 244 -25.96 18.55 -0.35
N GLN B 245 -27.10 17.96 0.00
CA GLN B 245 -28.29 18.76 0.30
C GLN B 245 -28.19 19.40 1.68
N ILE B 246 -27.59 18.70 2.65
CA ILE B 246 -27.46 19.25 4.00
C ILE B 246 -26.56 20.48 3.97
N ASN B 247 -25.50 20.45 3.17
CA ASN B 247 -24.63 21.62 3.03
C ASN B 247 -25.38 22.80 2.43
N LYS B 248 -26.29 22.53 1.48
CA LYS B 248 -27.02 23.61 0.85
C LYS B 248 -28.00 24.26 1.83
N LEU B 249 -28.63 23.46 2.68
CA LEU B 249 -29.56 24.03 3.65
C LEU B 249 -28.83 24.85 4.71
N PHE B 250 -27.69 24.35 5.19
CA PHE B 250 -26.94 25.09 6.20
C PHE B 250 -26.40 26.40 5.65
N ASN B 251 -25.93 26.39 4.39
CA ASN B 251 -25.47 27.62 3.77
C ASN B 251 -26.63 28.61 3.59
N PHE B 252 -27.85 28.10 3.40
CA PHE B 252 -29.00 28.99 3.31
C PHE B 252 -29.25 29.71 4.62
N PHE B 253 -29.08 29.01 5.75
CA PHE B 253 -29.31 29.64 7.04
C PHE B 253 -28.29 30.74 7.31
N LYS B 254 -27.01 30.45 7.08
CA LYS B 254 -25.96 31.41 7.39
C LYS B 254 -26.01 32.63 6.47
N ASP B 255 -26.57 32.49 5.28
CA ASP B 255 -26.58 33.58 4.31
C ASP B 255 -27.82 34.46 4.40
N ASN B 256 -28.98 33.89 4.72
CA ASN B 256 -30.25 34.60 4.59
C ASN B 256 -30.87 35.00 5.92
N ILE B 257 -30.72 34.19 6.97
CA ILE B 257 -31.30 34.54 8.27
C ILE B 257 -30.47 35.67 8.86
N LYS B 258 -31.12 36.80 9.14
CA LYS B 258 -30.42 37.99 9.62
C LYS B 258 -30.42 38.09 11.14
N GLU B 259 -31.53 37.74 11.79
CA GLU B 259 -31.60 37.80 13.24
C GLU B 259 -30.68 36.76 13.86
N GLN B 260 -29.88 37.20 14.83
CA GLN B 260 -28.92 36.29 15.47
C GLN B 260 -29.62 35.21 16.28
N ARG B 261 -30.68 35.57 16.99
CA ARG B 261 -31.42 34.58 17.77
C ARG B 261 -32.07 33.55 16.87
N ASP B 262 -32.60 33.98 15.71
CA ASP B 262 -33.25 33.03 14.81
C ASP B 262 -32.24 32.19 14.06
N LEU B 263 -31.04 32.72 13.78
CA LEU B 263 -30.01 31.92 13.13
C LEU B 263 -29.48 30.85 14.06
N ASP B 264 -29.21 31.21 15.32
CA ASP B 264 -28.69 30.24 16.28
C ASP B 264 -29.66 29.09 16.50
N PHE B 265 -30.97 29.37 16.46
CA PHE B 265 -31.95 28.31 16.64
C PHE B 265 -31.93 27.33 15.47
N MET B 266 -31.97 27.85 14.24
CA MET B 266 -32.00 26.98 13.07
C MET B 266 -30.73 26.16 12.96
N LEU B 267 -29.59 26.74 13.33
CA LEU B 267 -28.34 25.99 13.32
C LEU B 267 -28.34 24.93 14.42
N THR B 268 -28.78 25.29 15.63
CA THR B 268 -28.78 24.33 16.72
C THR B 268 -29.80 23.22 16.48
N HIS B 269 -30.95 23.55 15.89
CA HIS B 269 -32.00 22.55 15.69
C HIS B 269 -31.57 21.52 14.64
N TRP B 270 -31.00 21.98 13.53
CA TRP B 270 -30.66 21.09 12.42
C TRP B 270 -29.31 20.41 12.59
N TYR B 271 -28.36 21.04 13.30
CA TYR B 271 -27.11 20.36 13.60
C TYR B 271 -27.33 19.21 14.58
N ARG B 272 -28.35 19.33 15.43
CA ARG B 272 -28.65 18.27 16.39
C ARG B 272 -29.46 17.14 15.75
N SER B 273 -30.42 17.48 14.88
CA SER B 273 -31.37 16.50 14.39
C SER B 273 -30.82 15.71 13.21
N ARG B 274 -30.22 16.39 12.23
CA ARG B 274 -29.79 15.73 11.00
C ARG B 274 -28.29 15.42 10.97
N VAL B 275 -27.47 16.17 11.70
CA VAL B 275 -26.03 15.94 11.68
C VAL B 275 -25.65 15.01 12.83
N LEU B 276 -25.88 15.46 14.06
CA LEU B 276 -25.63 14.60 15.21
C LEU B 276 -26.57 13.41 15.24
N GLY B 277 -27.69 13.48 14.52
CA GLY B 277 -28.66 12.40 14.51
C GLY B 277 -28.13 11.11 13.93
N ILE B 278 -27.08 11.16 13.12
CA ILE B 278 -26.46 9.95 12.59
C ILE B 278 -25.38 9.40 13.49
N LEU B 279 -25.12 10.04 14.63
CA LEU B 279 -24.05 9.63 15.53
C LEU B 279 -24.57 8.82 16.71
N GLY B 280 -25.85 8.47 16.73
CA GLY B 280 -26.40 7.65 17.79
C GLY B 280 -26.67 6.22 17.34
N GLN B 281 -27.93 5.80 17.42
CA GLN B 281 -28.29 4.44 17.03
C GLN B 281 -28.18 4.21 15.52
N TRP B 282 -28.03 5.27 14.73
CA TRP B 282 -27.85 5.12 13.29
C TRP B 282 -26.60 4.33 12.97
N LEU B 283 -25.58 4.40 13.84
CA LEU B 283 -24.33 3.67 13.61
C LEU B 283 -24.52 2.16 13.71
N LEU B 284 -25.55 1.69 14.39
CA LEU B 284 -25.80 0.26 14.56
C LEU B 284 -26.72 -0.30 13.48
N LYS B 285 -27.19 0.53 12.56
CA LYS B 285 -28.13 0.10 11.52
C LYS B 285 -27.54 0.13 10.12
N ASN B 286 -26.27 0.51 9.97
CA ASN B 286 -25.64 0.62 8.66
C ASN B 286 -24.29 -0.05 8.69
N ASN B 287 -23.72 -0.28 7.50
CA ASN B 287 -22.42 -0.90 7.37
C ASN B 287 -21.32 0.14 7.50
N ASN B 288 -20.09 -0.35 7.70
CA ASN B 288 -18.96 0.54 7.96
C ASN B 288 -18.69 1.48 6.79
N GLU B 289 -19.01 1.06 5.56
CA GLU B 289 -18.67 1.87 4.39
C GLU B 289 -19.56 3.10 4.30
N ARG B 290 -20.88 2.91 4.38
CA ARG B 290 -21.81 4.04 4.43
C ARG B 290 -21.54 4.91 5.65
N ILE B 291 -21.15 4.31 6.77
CA ILE B 291 -20.86 5.09 7.97
C ILE B 291 -19.64 5.97 7.77
N ASP B 292 -18.57 5.39 7.21
CA ASP B 292 -17.34 6.16 6.98
C ASP B 292 -17.57 7.33 6.04
N ILE B 293 -18.45 7.18 5.05
CA ILE B 293 -18.71 8.26 4.11
C ILE B 293 -19.51 9.37 4.78
N GLU B 294 -20.60 9.01 5.47
CA GLU B 294 -21.45 10.02 6.07
C GLU B 294 -20.81 10.65 7.31
N PHE B 295 -19.98 9.90 8.04
CA PHE B 295 -19.29 10.47 9.19
C PHE B 295 -18.28 11.51 8.75
N ASN B 296 -17.57 11.26 7.66
CA ASN B 296 -16.61 12.24 7.16
C ASN B 296 -17.29 13.51 6.68
N TYR B 297 -18.44 13.37 6.02
CA TYR B 297 -19.22 14.55 5.63
C TYR B 297 -19.63 15.36 6.85
N ALA B 298 -20.11 14.66 7.90
CA ALA B 298 -20.56 15.34 9.11
C ALA B 298 -19.40 16.08 9.80
N LYS B 299 -18.25 15.43 9.89
CA LYS B 299 -17.09 16.08 10.49
C LYS B 299 -16.64 17.28 9.66
N LYS B 300 -16.72 17.16 8.32
CA LYS B 300 -16.34 18.26 7.46
C LYS B 300 -17.33 19.42 7.56
N LEU B 301 -18.61 19.12 7.78
CA LEU B 301 -19.61 20.19 7.86
C LEU B 301 -19.58 20.89 9.21
N ALA B 302 -19.34 20.15 10.29
CA ALA B 302 -19.28 20.77 11.61
C ALA B 302 -18.08 21.71 11.72
N GLU B 303 -16.97 21.35 11.08
CA GLU B 303 -15.77 22.18 11.15
C GLU B 303 -15.91 23.45 10.31
N GLU B 304 -16.66 23.39 9.22
CA GLU B 304 -16.74 24.51 8.29
C GLU B 304 -17.91 25.44 8.58
N LEU B 305 -19.10 24.87 8.83
CA LEU B 305 -20.32 25.66 8.89
C LEU B 305 -20.86 25.86 10.31
N ILE B 306 -20.52 24.99 11.25
CA ILE B 306 -21.12 25.01 12.58
C ILE B 306 -20.12 25.64 13.54
N PRO B 307 -20.35 26.85 14.03
CA PRO B 307 -19.45 27.45 15.02
C PRO B 307 -19.45 26.66 16.32
N ALA B 308 -18.46 26.97 17.16
CA ALA B 308 -18.30 26.24 18.41
C ALA B 308 -19.36 26.61 19.43
N TYR B 309 -19.88 27.84 19.38
CA TYR B 309 -20.84 28.28 20.39
C TYR B 309 -22.20 27.61 20.25
N ILE B 310 -22.45 26.89 19.15
CA ILE B 310 -23.72 26.19 18.99
C ILE B 310 -23.76 24.97 19.91
N SER B 311 -22.62 24.31 20.10
CA SER B 311 -22.58 23.11 20.93
C SER B 311 -22.90 23.42 22.39
N GLU B 312 -22.67 24.66 22.82
CA GLU B 312 -22.99 25.03 24.20
C GLU B 312 -24.48 25.06 24.47
N ASN B 313 -25.31 25.05 23.42
CA ASN B 313 -26.76 25.00 23.56
C ASN B 313 -27.30 23.58 23.48
N LEU B 314 -26.43 22.57 23.64
CA LEU B 314 -26.82 21.17 23.49
C LEU B 314 -26.74 20.46 24.84
N ASP B 315 -27.51 19.39 24.96
CA ASP B 315 -27.46 18.56 26.15
C ASP B 315 -26.11 17.84 26.25
N LYS B 316 -25.90 17.17 27.39
CA LYS B 316 -24.63 16.51 27.64
C LYS B 316 -24.33 15.47 26.57
N ASN B 317 -25.32 14.61 26.26
CA ASN B 317 -25.08 13.54 25.30
C ASN B 317 -24.79 14.06 23.90
N ASN B 318 -25.40 15.19 23.51
CA ASN B 318 -25.09 15.77 22.22
C ASN B 318 -23.77 16.53 22.23
N GLN B 319 -23.42 17.15 23.36
CA GLN B 319 -22.09 17.74 23.49
C GLN B 319 -21.00 16.68 23.38
N VAL B 320 -21.27 15.47 23.86
CA VAL B 320 -20.33 14.37 23.70
C VAL B 320 -20.18 14.02 22.23
N LYS B 321 -21.31 13.85 21.54
CA LYS B 321 -21.27 13.51 20.12
C LYS B 321 -20.61 14.63 19.31
N ASP B 322 -20.84 15.88 19.69
CA ASP B 322 -20.20 17.00 19.00
C ASP B 322 -18.69 16.97 19.18
N TYR B 323 -18.23 16.70 20.40
CA TYR B 323 -16.79 16.66 20.65
C TYR B 323 -16.14 15.50 19.90
N LEU B 324 -16.77 14.32 19.92
CA LEU B 324 -16.18 13.16 19.25
C LEU B 324 -16.27 13.27 17.74
N LEU B 325 -17.27 13.98 17.22
CA LEU B 325 -17.37 14.18 15.78
C LEU B 325 -16.20 15.01 15.27
N ARG B 326 -15.92 16.13 15.93
CA ARG B 326 -14.84 17.01 15.49
C ARG B 326 -13.48 16.37 15.69
N GLN B 327 -13.35 15.47 16.68
CA GLN B 327 -12.11 14.74 16.90
C GLN B 327 -11.94 13.57 15.93
N GLY B 328 -12.94 13.26 15.12
CA GLY B 328 -12.85 12.14 14.20
C GLY B 328 -12.80 10.79 14.89
N ASP B 329 -13.33 10.69 16.10
CA ASP B 329 -13.27 9.44 16.87
C ASP B 329 -14.57 8.66 16.66
N LEU B 330 -14.72 8.16 15.42
CA LEU B 330 -15.87 7.34 15.09
C LEU B 330 -15.88 6.04 15.91
N ASP B 331 -14.70 5.55 16.29
CA ASP B 331 -14.62 4.32 17.06
C ASP B 331 -15.32 4.46 18.41
N SER B 332 -15.13 5.59 19.08
CA SER B 332 -15.79 5.79 20.37
C SER B 332 -17.28 6.07 20.22
N LEU B 333 -17.68 6.70 19.12
CA LEU B 333 -19.11 6.92 18.88
C LEU B 333 -19.84 5.61 18.62
N LYS B 334 -19.20 4.69 17.89
CA LYS B 334 -19.79 3.37 17.69
C LYS B 334 -19.94 2.64 19.03
N LYS B 335 -18.99 2.84 19.94
CA LYS B 335 -19.06 2.15 21.23
C LYS B 335 -20.12 2.77 22.14
N LEU B 336 -20.27 4.10 22.09
CA LEU B 336 -21.30 4.74 22.90
C LEU B 336 -22.70 4.36 22.41
N ALA B 337 -22.86 4.17 21.10
CA ALA B 337 -24.16 3.77 20.58
C ALA B 337 -24.58 2.41 21.13
N GLN B 338 -23.63 1.47 21.24
CA GLN B 338 -23.93 0.17 21.81
C GLN B 338 -24.18 0.25 23.32
N ILE B 339 -23.66 1.27 23.98
CA ILE B 339 -23.90 1.42 25.42
C ILE B 339 -25.27 2.05 25.68
N ASP B 340 -25.69 2.96 24.81
CA ASP B 340 -26.97 3.66 24.97
C ASP B 340 -28.12 2.95 24.28
N ALA B 341 -27.87 1.83 23.61
CA ALA B 341 -28.93 1.14 22.89
C ALA B 341 -29.99 0.62 23.85
N GLY B 342 -31.26 0.91 23.53
CA GLY B 342 -32.37 0.37 24.27
C GLY B 342 -32.86 1.20 25.43
N ILE B 343 -32.22 2.33 25.72
CA ILE B 343 -32.64 3.17 26.84
C ILE B 343 -34.04 3.70 26.56
N THR B 344 -34.98 3.36 27.44
CA THR B 344 -36.38 3.72 27.24
C THR B 344 -37.04 3.95 28.60
N ALA B 345 -38.33 4.25 28.57
CA ALA B 345 -39.11 4.44 29.79
C ALA B 345 -40.55 4.07 29.47
N LEU B 346 -40.97 2.88 29.91
CA LEU B 346 -42.31 2.37 29.65
C LEU B 346 -43.16 2.54 30.90
N SER B 347 -44.40 2.99 30.71
CA SER B 347 -45.30 3.27 31.82
C SER B 347 -46.22 2.08 32.08
N TYR B 348 -46.35 1.72 33.34
CA TYR B 348 -47.24 0.64 33.78
C TYR B 348 -48.45 1.23 34.48
N VAL B 349 -49.62 0.63 34.28
CA VAL B 349 -50.83 1.09 34.94
C VAL B 349 -50.84 0.59 36.38
N GLU B 350 -50.81 1.52 37.34
CA GLU B 350 -50.93 1.16 38.75
C GLU B 350 -52.38 1.20 39.23
N ASP B 351 -53.21 2.05 38.62
CA ASP B 351 -54.62 2.13 38.97
C ASP B 351 -55.38 2.78 37.82
N ALA B 352 -56.58 2.28 37.56
CA ALA B 352 -57.46 2.83 36.54
C ALA B 352 -58.90 2.67 36.99
N TYR B 353 -59.64 3.77 37.01
CA TYR B 353 -61.02 3.74 37.50
C TYR B 353 -61.76 4.96 36.98
N PHE B 354 -63.09 4.82 36.91
CA PHE B 354 -63.96 5.93 36.57
C PHE B 354 -64.46 6.61 37.84
N LYS B 355 -64.52 7.94 37.81
CA LYS B 355 -65.08 8.71 38.91
C LYS B 355 -65.69 9.97 38.34
N GLU B 356 -66.94 10.26 38.71
CA GLU B 356 -67.71 11.37 38.16
C GLU B 356 -67.81 11.16 36.65
N ASP B 357 -67.39 12.10 35.81
CA ASP B 357 -67.52 11.97 34.37
C ASP B 357 -66.19 11.73 33.67
N LYS B 358 -65.18 11.25 34.40
CA LYS B 358 -63.84 11.13 33.87
C LYS B 358 -63.26 9.75 34.19
N LEU B 359 -62.18 9.42 33.48
CA LEU B 359 -61.42 8.19 33.68
C LEU B 359 -60.08 8.53 34.28
N PHE B 360 -59.79 7.98 35.45
CA PHE B 360 -58.59 8.30 36.21
C PHE B 360 -57.53 7.22 36.05
N PHE B 361 -56.28 7.64 35.98
CA PHE B 361 -55.14 6.74 35.85
C PHE B 361 -54.09 7.06 36.92
N LYS B 362 -53.44 6.01 37.42
CA LYS B 362 -52.18 6.14 38.16
C LYS B 362 -51.16 5.28 37.43
N THR B 363 -50.08 5.92 36.98
CA THR B 363 -49.03 5.23 36.24
C THR B 363 -47.69 5.40 36.92
N SER B 364 -46.75 4.53 36.58
CA SER B 364 -45.39 4.58 37.09
C SER B 364 -44.45 4.20 35.96
N THR B 365 -43.19 4.61 36.09
CA THR B 365 -42.19 4.28 35.09
C THR B 365 -40.80 4.47 35.67
N LYS B 366 -39.82 3.88 34.99
CA LYS B 366 -38.42 4.09 35.30
C LYS B 366 -37.61 3.85 34.03
N MET B 367 -36.49 4.55 33.92
CA MET B 367 -35.60 4.34 32.78
C MET B 367 -34.99 2.95 32.86
N THR B 368 -35.11 2.19 31.76
CA THR B 368 -34.62 0.83 31.69
C THR B 368 -33.93 0.62 30.35
N TYR B 369 -33.44 -0.60 30.15
CA TYR B 369 -32.97 -1.08 28.85
C TYR B 369 -34.01 -2.06 28.34
N GLU B 370 -34.88 -1.60 27.44
N GLU B 370 -34.87 -1.58 27.43
CA GLU B 370 -35.89 -2.46 26.79
CA GLU B 370 -35.89 -2.39 26.79
C GLU B 370 -36.84 -3.07 27.82
C GLU B 370 -36.81 -3.06 27.81
N ASP B 371 -37.34 -2.25 28.73
CA ASP B 371 -38.36 -2.63 29.71
CA ASP B 371 -38.37 -2.66 29.69
C ASP B 371 -37.88 -3.75 30.65
N LYS B 372 -36.56 -3.90 30.79
CA LYS B 372 -35.99 -4.93 31.64
C LYS B 372 -35.22 -4.33 32.81
N GLU B 373 -33.90 -4.51 32.82
CA GLU B 373 -33.12 -4.05 33.96
C GLU B 373 -33.05 -2.52 33.99
N ASP B 374 -32.77 -1.98 35.19
CA ASP B 374 -32.78 -0.55 35.40
C ASP B 374 -31.62 0.14 34.69
N PHE B 375 -31.86 1.39 34.29
CA PHE B 375 -30.81 2.27 33.79
C PHE B 375 -30.20 3.03 34.97
N PHE B 376 -28.87 3.12 34.99
CA PHE B 376 -28.16 3.64 36.14
C PHE B 376 -27.26 4.81 35.76
N ILE B 377 -27.13 5.75 36.69
CA ILE B 377 -26.07 6.74 36.70
C ILE B 377 -25.34 6.61 38.03
N GLU B 378 -24.03 6.85 38.02
CA GLU B 378 -23.20 6.59 39.18
C GLU B 378 -22.76 7.90 39.83
N LYS B 379 -22.62 7.85 41.15
CA LYS B 379 -22.25 9.01 41.95
C LYS B 379 -20.79 8.86 42.39
N THR B 380 -19.91 9.66 41.80
CA THR B 380 -18.52 9.76 42.20
C THR B 380 -18.31 11.10 42.89
N ALA B 381 -17.76 11.07 44.11
CA ALA B 381 -17.66 12.25 44.96
C ALA B 381 -19.02 12.89 45.13
N ASP B 382 -19.18 14.13 44.66
CA ASP B 382 -20.47 14.80 44.70
C ASP B 382 -20.91 15.24 43.32
N ARG B 383 -20.92 14.32 42.37
CA ARG B 383 -21.40 14.60 41.02
C ARG B 383 -21.94 13.32 40.41
N MET B 384 -23.15 13.40 39.85
CA MET B 384 -23.78 12.25 39.20
C MET B 384 -23.25 12.16 37.76
N GLU B 385 -22.63 11.04 37.43
CA GLU B 385 -21.95 10.88 36.16
C GLU B 385 -22.58 9.79 35.32
N ARG B 386 -22.50 9.98 34.00
CA ARG B 386 -22.89 8.95 33.05
C ARG B 386 -21.93 7.76 33.16
N ILE B 387 -22.50 6.55 33.15
CA ILE B 387 -21.71 5.34 33.33
C ILE B 387 -21.03 5.01 32.01
N LEU B 388 -19.71 5.20 31.95
CA LEU B 388 -18.92 5.00 30.75
C LEU B 388 -17.68 4.18 31.06
N PRO B 389 -17.15 3.46 30.08
CA PRO B 389 -15.85 2.81 30.27
C PRO B 389 -14.75 3.83 30.42
N GLU B 390 -13.69 3.45 31.14
CA GLU B 390 -12.61 4.39 31.41
C GLU B 390 -11.87 4.78 30.14
N GLU B 391 -11.84 3.91 29.14
CA GLU B 391 -11.14 4.24 27.89
C GLU B 391 -11.84 5.36 27.13
N ILE B 392 -13.16 5.42 27.19
CA ILE B 392 -13.90 6.51 26.58
C ILE B 392 -14.02 7.71 27.51
N LYS B 393 -14.16 7.45 28.81
CA LYS B 393 -14.33 8.54 29.78
C LYS B 393 -13.08 9.39 29.89
N SER B 394 -11.92 8.84 29.59
CA SER B 394 -10.68 9.61 29.61
C SER B 394 -10.49 10.47 28.37
N LYS B 395 -11.28 10.23 27.32
CA LYS B 395 -11.19 10.99 26.09
C LYS B 395 -12.11 12.20 26.06
N LEU B 396 -12.94 12.39 27.09
CA LEU B 396 -13.95 13.43 27.07
C LEU B 396 -13.67 14.46 28.17
N PRO B 397 -14.07 15.71 27.96
CA PRO B 397 -14.07 16.68 29.06
C PRO B 397 -15.00 16.22 30.17
N LYS B 398 -14.58 16.47 31.42
CA LYS B 398 -15.30 15.93 32.57
C LYS B 398 -16.73 16.47 32.66
N GLU B 399 -16.98 17.66 32.12
CA GLU B 399 -18.29 18.28 32.25
C GLU B 399 -19.32 17.61 31.35
N PHE B 400 -18.89 16.93 30.29
CA PHE B 400 -19.84 16.40 29.30
C PHE B 400 -20.54 15.13 29.76
N PHE B 401 -19.99 14.41 30.73
CA PHE B 401 -20.66 13.25 31.30
C PHE B 401 -21.04 13.47 32.76
N ASP B 402 -21.26 14.72 33.15
CA ASP B 402 -21.67 15.07 34.50
C ASP B 402 -23.12 15.56 34.43
N TYR B 403 -24.04 14.69 34.85
CA TYR B 403 -25.47 14.97 34.80
C TYR B 403 -25.97 15.76 36.00
N SER B 404 -25.07 16.33 36.81
CA SER B 404 -25.49 16.94 38.07
C SER B 404 -26.45 18.10 37.84
N ASP B 405 -26.18 18.94 36.86
CA ASP B 405 -27.00 20.13 36.63
C ASP B 405 -28.34 19.82 35.98
N ASP B 406 -28.57 18.58 35.54
CA ASP B 406 -29.75 18.24 34.75
C ASP B 406 -30.70 17.30 35.47
N LEU B 407 -30.54 17.10 36.77
CA LEU B 407 -31.36 16.12 37.50
C LEU B 407 -32.73 16.64 37.87
N ALA B 408 -33.03 17.92 37.62
CA ALA B 408 -34.34 18.49 37.90
C ALA B 408 -35.09 18.85 36.63
N GLU B 409 -34.65 18.33 35.48
CA GLU B 409 -35.23 18.66 34.19
C GLU B 409 -36.01 17.51 33.57
N PHE B 410 -36.50 16.58 34.40
CA PHE B 410 -37.29 15.47 33.89
C PHE B 410 -38.74 15.90 33.66
N THR B 411 -39.35 15.32 32.63
CA THR B 411 -40.76 15.53 32.34
C THR B 411 -41.45 14.18 32.21
N TYR B 412 -42.70 14.13 32.65
CA TYR B 412 -43.49 12.90 32.61
C TYR B 412 -44.94 13.31 32.38
N GLU B 413 -45.43 13.09 31.17
CA GLU B 413 -46.74 13.57 30.75
C GLU B 413 -47.53 12.45 30.09
N PRO B 414 -48.87 12.57 30.05
CA PRO B 414 -49.67 11.60 29.31
C PRO B 414 -50.14 12.14 27.97
N SER B 415 -50.50 11.26 27.05
CA SER B 415 -51.04 11.69 25.76
C SER B 415 -52.09 10.70 25.29
N ILE B 416 -52.93 11.15 24.37
CA ILE B 416 -54.01 10.34 23.81
C ILE B 416 -53.91 10.41 22.30
N LYS B 417 -54.49 9.41 21.63
CA LYS B 417 -54.51 9.37 20.18
C LYS B 417 -55.78 8.68 19.71
N GLY B 418 -56.51 9.37 18.82
CA GLY B 418 -57.67 8.75 18.21
C GLY B 418 -57.24 7.82 17.09
N ARG B 419 -57.71 6.58 17.15
CA ARG B 419 -57.27 5.57 16.19
C ARG B 419 -57.80 5.85 14.79
N ASN B 420 -58.94 6.53 14.67
CA ASN B 420 -59.49 6.86 13.37
C ASN B 420 -58.94 8.17 12.83
N SER B 421 -59.03 9.25 13.62
CA SER B 421 -58.57 10.56 13.15
C SER B 421 -57.06 10.68 13.18
N ARG B 422 -56.36 9.77 13.88
CA ARG B 422 -54.90 9.77 14.01
C ARG B 422 -54.37 10.98 14.76
N ALA B 423 -55.25 11.82 15.29
CA ALA B 423 -54.84 13.01 16.01
C ALA B 423 -54.32 12.63 17.40
N THR B 424 -53.28 13.32 17.84
CA THR B 424 -52.69 13.12 19.16
C THR B 424 -52.82 14.39 19.98
N TRP B 425 -52.95 14.22 21.30
CA TRP B 425 -53.14 15.34 22.20
C TRP B 425 -52.44 15.09 23.52
N LYS B 426 -51.84 16.15 24.06
CA LYS B 426 -51.39 16.12 25.45
C LYS B 426 -52.59 16.14 26.38
N ILE B 427 -52.53 15.34 27.43
CA ILE B 427 -53.60 15.26 28.42
C ILE B 427 -53.24 16.20 29.56
N ASP B 428 -53.97 17.31 29.67
CA ASP B 428 -53.62 18.35 30.62
C ASP B 428 -54.05 17.98 32.03
N GLY B 429 -53.51 18.71 33.01
CA GLY B 429 -53.87 18.53 34.40
C GLY B 429 -53.17 17.40 35.11
N SER B 430 -52.15 16.81 34.50
CA SER B 430 -51.47 15.67 35.11
C SER B 430 -50.61 16.12 36.28
N THR B 431 -50.39 15.19 37.21
CA THR B 431 -49.49 15.38 38.34
C THR B 431 -48.43 14.30 38.28
N SER B 432 -47.16 14.71 38.14
CA SER B 432 -46.07 13.76 37.99
C SER B 432 -44.87 14.22 38.81
N ASN B 433 -44.11 13.23 39.28
CA ASN B 433 -42.89 13.48 40.04
C ASN B 433 -41.84 12.44 39.64
N VAL B 434 -40.62 12.90 39.42
CA VAL B 434 -39.53 12.05 38.97
C VAL B 434 -38.40 12.12 39.99
N GLU B 435 -37.91 10.95 40.40
CA GLU B 435 -36.95 10.84 41.49
C GLU B 435 -35.66 10.19 41.01
N VAL B 436 -34.55 10.63 41.57
CA VAL B 436 -33.25 9.98 41.40
C VAL B 436 -32.98 9.21 42.68
N VAL B 437 -33.13 7.89 42.62
CA VAL B 437 -33.14 7.03 43.80
C VAL B 437 -31.89 6.16 43.81
N ASN B 438 -31.26 6.05 44.98
CA ASN B 438 -30.07 5.23 45.15
C ASN B 438 -30.49 3.77 45.27
N LYS B 439 -30.43 3.05 44.16
CA LYS B 439 -30.84 1.64 44.16
C LYS B 439 -29.87 0.80 44.97
N LYS B 440 -28.58 0.90 44.70
CA LYS B 440 -27.57 0.08 45.35
C LYS B 440 -26.22 0.75 45.18
N ALA B 441 -25.32 0.49 46.13
CA ALA B 441 -23.97 1.02 46.10
C ALA B 441 -23.97 2.52 45.83
N ASN B 442 -23.38 2.94 44.71
CA ASN B 442 -23.42 4.32 44.26
C ASN B 442 -24.23 4.49 42.99
N LEU B 443 -25.06 3.50 42.65
CA LEU B 443 -25.86 3.54 41.43
C LEU B 443 -27.23 4.13 41.71
N TYR B 444 -27.71 4.94 40.77
CA TYR B 444 -28.96 5.67 40.93
C TYR B 444 -29.85 5.44 39.73
N LYS B 445 -31.12 5.14 39.99
CA LYS B 445 -32.12 4.98 38.95
C LYS B 445 -33.03 6.20 38.92
N ILE B 446 -33.83 6.30 37.86
CA ILE B 446 -34.74 7.42 37.65
C ILE B 446 -36.15 6.85 37.64
N GLU B 447 -36.94 7.19 38.65
CA GLU B 447 -38.30 6.68 38.80
C GLU B 447 -39.30 7.81 38.66
N GLY B 448 -40.43 7.51 38.01
CA GLY B 448 -41.48 8.48 37.83
C GLY B 448 -42.84 7.93 38.22
N GLU B 449 -43.64 8.76 38.87
CA GLU B 449 -45.02 8.45 39.19
C GLU B 449 -45.91 9.55 38.65
N MET B 450 -47.03 9.17 38.04
CA MET B 450 -47.93 10.13 37.42
C MET B 450 -49.37 9.72 37.64
N SER B 451 -50.21 10.71 37.93
CA SER B 451 -51.65 10.52 38.04
C SER B 451 -52.33 11.58 37.19
N PHE B 452 -53.29 11.15 36.36
CA PHE B 452 -53.99 12.05 35.47
C PHE B 452 -55.39 11.52 35.25
N SER B 453 -56.25 12.36 34.67
CA SER B 453 -57.60 11.97 34.31
C SER B 453 -57.85 12.33 32.85
N VAL B 454 -58.80 11.63 32.25
CA VAL B 454 -59.15 11.82 30.84
C VAL B 454 -60.58 12.33 30.77
N GLN B 455 -60.77 13.48 30.15
CA GLN B 455 -62.09 14.01 29.82
C GLN B 455 -62.25 13.86 28.31
N ILE B 456 -63.01 12.85 27.88
CA ILE B 456 -63.06 12.51 26.47
C ILE B 456 -63.71 13.61 25.63
N ASN B 457 -64.52 14.48 26.26
CA ASN B 457 -65.10 15.60 25.51
C ASN B 457 -64.06 16.64 25.12
N ASP B 458 -62.85 16.57 25.67
CA ASP B 458 -61.80 17.50 25.27
C ASP B 458 -61.28 17.19 23.86
N TYR B 459 -61.36 15.94 23.45
CA TYR B 459 -60.77 15.49 22.19
C TYR B 459 -61.82 15.12 21.15
N ILE B 460 -63.10 15.31 21.45
CA ILE B 460 -64.18 15.09 20.51
C ILE B 460 -64.51 16.43 19.87
N LEU B 461 -64.13 16.60 18.62
CA LEU B 461 -64.35 17.85 17.90
C LEU B 461 -65.20 17.68 16.64
N ASP B 462 -65.09 16.56 15.95
CA ASP B 462 -65.93 16.24 14.81
C ASP B 462 -66.93 15.16 15.21
N ALA B 463 -68.05 15.12 14.48
CA ALA B 463 -69.08 14.13 14.78
C ALA B 463 -68.54 12.71 14.71
N ALA B 464 -67.58 12.45 13.82
CA ALA B 464 -67.00 11.12 13.70
C ALA B 464 -66.16 10.75 14.92
N ASP B 465 -65.67 11.74 15.68
CA ASP B 465 -64.87 11.44 16.87
C ASP B 465 -65.69 10.86 18.01
N LYS B 466 -67.02 10.89 17.92
CA LYS B 466 -67.85 10.39 19.02
C LYS B 466 -67.87 8.86 19.08
N LYS B 467 -67.50 8.19 17.99
CA LYS B 467 -67.44 6.72 17.94
C LYS B 467 -66.06 6.35 17.42
N GLN B 468 -65.14 6.04 18.34
CA GLN B 468 -63.76 5.85 17.94
C GLN B 468 -62.99 5.16 19.07
N PRO B 469 -62.04 4.29 18.76
CA PRO B 469 -61.11 3.82 19.79
C PRO B 469 -60.04 4.87 20.06
N TRP B 470 -59.67 5.01 21.33
CA TRP B 470 -58.62 5.92 21.75
C TRP B 470 -57.49 5.13 22.39
N ASP B 471 -56.26 5.45 22.01
CA ASP B 471 -55.07 4.82 22.57
C ASP B 471 -54.32 5.82 23.43
N ILE B 472 -53.93 5.39 24.63
CA ILE B 472 -53.29 6.25 25.61
C ILE B 472 -51.79 5.93 25.65
N ALA B 473 -50.97 6.97 25.73
CA ALA B 473 -49.53 6.84 25.80
C ALA B 473 -48.98 7.74 26.90
N THR B 474 -47.69 7.62 27.15
CA THR B 474 -46.97 8.50 28.08
C THR B 474 -45.68 8.96 27.43
N ARG B 475 -45.21 10.13 27.86
CA ARG B 475 -44.03 10.76 27.30
C ARG B 475 -43.08 11.11 28.42
N PHE B 476 -41.85 10.62 28.35
CA PHE B 476 -40.84 10.82 29.38
C PHE B 476 -39.58 11.37 28.73
N THR B 477 -39.09 12.51 29.24
CA THR B 477 -37.85 13.10 28.78
C THR B 477 -36.92 13.32 29.96
N GLY B 478 -35.62 13.09 29.74
CA GLY B 478 -34.63 13.29 30.78
C GLY B 478 -33.25 12.83 30.36
N LEU B 479 -32.22 13.57 30.78
CA LEU B 479 -30.82 13.25 30.50
C LEU B 479 -30.55 13.14 29.00
N GLY B 480 -31.34 13.86 28.19
CA GLY B 480 -31.17 13.84 26.75
C GLY B 480 -31.95 12.76 26.03
N TYR B 481 -32.74 11.95 26.73
CA TYR B 481 -33.52 10.89 26.13
C TYR B 481 -35.00 11.27 26.13
N THR B 482 -35.69 10.91 25.06
CA THR B 482 -37.12 11.13 24.91
C THR B 482 -37.78 9.80 24.63
N SER B 483 -38.73 9.40 25.48
CA SER B 483 -39.42 8.13 25.36
C SER B 483 -40.92 8.37 25.36
N HIS B 484 -41.56 8.22 24.21
CA HIS B 484 -43.00 8.39 24.06
C HIS B 484 -43.57 7.06 23.59
N ARG B 485 -44.24 6.35 24.50
CA ARG B 485 -44.69 4.98 24.23
C ARG B 485 -46.07 4.76 24.82
N ALA B 486 -46.77 3.77 24.26
CA ALA B 486 -48.11 3.46 24.69
C ALA B 486 -48.13 2.97 26.13
N LEU B 487 -49.16 3.37 26.87
CA LEU B 487 -49.36 2.87 28.22
C LEU B 487 -49.74 1.39 28.17
N THR B 488 -49.16 0.60 29.07
CA THR B 488 -49.33 -0.83 29.07
C THR B 488 -49.72 -1.33 30.46
N ILE B 489 -50.19 -2.57 30.51
CA ILE B 489 -50.56 -3.23 31.76
C ILE B 489 -50.45 -4.73 31.57
N GLY B 490 -50.17 -5.43 32.65
CA GLY B 490 -50.02 -6.87 32.59
C GLY B 490 -51.29 -7.62 32.93
N LYS B 491 -51.88 -7.29 34.08
CA LYS B 491 -53.12 -7.94 34.48
C LYS B 491 -54.24 -7.57 33.53
N ILE B 492 -55.26 -8.45 33.48
CA ILE B 492 -56.43 -8.18 32.67
C ILE B 492 -57.19 -7.00 33.25
N LEU B 493 -57.55 -6.05 32.38
CA LEU B 493 -58.24 -4.84 32.80
C LEU B 493 -59.42 -4.63 31.87
N ILE B 494 -60.63 -4.62 32.44
CA ILE B 494 -61.86 -4.32 31.71
C ILE B 494 -62.78 -3.58 32.67
N LYS B 495 -63.05 -2.31 32.39
CA LYS B 495 -63.94 -1.51 33.22
C LYS B 495 -64.79 -0.61 32.33
N THR B 496 -66.09 -0.61 32.56
CA THR B 496 -67.05 0.08 31.71
C THR B 496 -67.69 1.26 32.44
N ALA B 497 -68.25 2.16 31.66
CA ALA B 497 -68.91 3.35 32.20
C ALA B 497 -69.96 3.85 31.22
N LEU B 498 -71.00 4.48 31.75
CA LEU B 498 -72.06 5.11 30.97
C LEU B 498 -72.20 6.54 31.50
N ILE B 499 -71.60 7.49 30.80
CA ILE B 499 -71.44 8.86 31.29
C ILE B 499 -72.07 9.81 30.28
N ASN B 500 -73.22 10.37 30.63
CA ASN B 500 -73.89 11.40 29.83
C ASN B 500 -73.97 11.01 28.36
N ASN B 501 -74.66 9.88 28.12
CA ASN B 501 -74.89 9.33 26.79
C ASN B 501 -73.60 8.89 26.10
N LYS B 502 -72.54 8.59 26.85
CA LYS B 502 -71.30 8.10 26.30
C LYS B 502 -71.00 6.73 26.90
N THR B 503 -70.87 5.72 26.04
CA THR B 503 -70.41 4.40 26.46
C THR B 503 -68.89 4.38 26.41
N MET B 504 -68.27 4.06 27.54
CA MET B 504 -66.82 4.11 27.68
C MET B 504 -66.31 2.82 28.29
N ILE B 505 -65.30 2.23 27.65
CA ILE B 505 -64.71 0.96 28.08
C ILE B 505 -63.20 1.11 28.03
N VAL B 506 -62.58 1.15 29.20
CA VAL B 506 -61.12 1.10 29.30
C VAL B 506 -60.71 -0.36 29.42
N TYR B 507 -59.66 -0.76 28.71
CA TYR B 507 -59.33 -2.17 28.63
C TYR B 507 -57.91 -2.36 28.13
N LYS B 508 -57.32 -3.49 28.51
CA LYS B 508 -56.06 -3.96 27.95
C LYS B 508 -56.36 -4.63 26.61
N ASN B 509 -55.88 -4.02 25.52
CA ASN B 509 -56.22 -4.50 24.19
C ASN B 509 -55.45 -5.79 23.87
N ALA B 510 -55.62 -6.27 22.63
CA ALA B 510 -55.00 -7.52 22.22
C ALA B 510 -53.47 -7.42 22.17
N SER B 511 -52.93 -6.22 22.11
CA SER B 511 -51.48 -6.01 22.09
C SER B 511 -50.92 -5.74 23.48
N GLY B 512 -51.74 -5.80 24.52
CA GLY B 512 -51.27 -5.54 25.87
C GLY B 512 -51.18 -4.08 26.23
N LEU B 513 -51.80 -3.20 25.44
CA LEU B 513 -51.75 -1.77 25.66
C LEU B 513 -53.12 -1.28 26.12
N ILE B 514 -53.13 -0.06 26.64
CA ILE B 514 -54.34 0.55 27.20
C ILE B 514 -55.11 1.24 26.08
N SER B 515 -56.40 0.95 25.98
CA SER B 515 -57.27 1.57 24.99
C SER B 515 -58.57 2.00 25.66
N LEU B 516 -59.20 3.01 25.07
CA LEU B 516 -60.48 3.54 25.54
C LEU B 516 -61.46 3.51 24.38
N ASP B 517 -62.42 2.60 24.44
CA ASP B 517 -63.46 2.50 23.42
C ASP B 517 -64.63 3.40 23.81
N VAL B 518 -65.02 4.29 22.90
CA VAL B 518 -66.11 5.23 23.12
C VAL B 518 -67.12 5.04 21.99
N GLY B 519 -68.37 4.74 22.35
CA GLY B 519 -69.40 4.56 21.35
C GLY B 519 -69.51 3.16 20.79
N SER B 520 -68.95 2.17 21.47
CA SER B 520 -69.03 0.77 21.06
C SER B 520 -68.40 0.55 19.69
N SER B 521 -67.20 1.13 19.50
CA SER B 521 -66.51 0.96 18.22
C SER B 521 -65.89 -0.43 18.10
N VAL B 522 -65.46 -1.02 19.21
CA VAL B 522 -64.85 -2.35 19.17
C VAL B 522 -65.43 -3.32 20.19
N ARG B 523 -66.07 -2.87 21.27
CA ARG B 523 -66.51 -3.76 22.33
C ARG B 523 -67.94 -3.44 22.74
N SER B 524 -68.63 -4.45 23.27
CA SER B 524 -70.01 -4.33 23.71
C SER B 524 -70.04 -3.99 25.19
N ILE B 525 -70.68 -2.87 25.54
CA ILE B 525 -70.71 -2.44 26.94
C ILE B 525 -71.58 -3.36 27.78
N VAL B 526 -72.65 -3.90 27.21
CA VAL B 526 -73.46 -4.87 27.94
C VAL B 526 -72.67 -6.15 28.21
N GLU B 527 -71.87 -6.59 27.22
CA GLU B 527 -71.08 -7.79 27.40
C GLU B 527 -70.01 -7.61 28.46
N ASP B 528 -69.32 -6.46 28.45
CA ASP B 528 -68.23 -6.24 29.39
C ASP B 528 -68.71 -5.84 30.78
N SER B 529 -69.94 -5.34 30.92
CA SER B 529 -70.48 -4.97 32.23
C SER B 529 -71.09 -6.17 32.95
N GLY B 530 -71.75 -7.05 32.23
CA GLY B 530 -72.43 -8.18 32.86
C GLY B 530 -73.89 -7.87 33.12
N VAL B 531 -74.70 -8.93 33.15
CA VAL B 531 -76.14 -8.83 33.33
C VAL B 531 -76.52 -9.54 34.63
N LYS B 532 -77.25 -8.83 35.49
CA LYS B 532 -77.84 -9.47 36.67
C LYS B 532 -79.00 -10.35 36.22
N ARG B 533 -78.66 -11.59 35.84
CA ARG B 533 -79.64 -12.47 35.21
C ARG B 533 -80.84 -12.75 36.11
N GLU B 534 -80.62 -12.84 37.41
CA GLU B 534 -81.68 -13.14 38.36
C GLU B 534 -82.52 -11.91 38.71
N GLN B 535 -82.27 -10.77 38.07
CA GLN B 535 -83.03 -9.55 38.33
C GLN B 535 -83.67 -9.01 37.06
N ILE B 536 -83.80 -9.84 36.02
CA ILE B 536 -84.48 -9.42 34.79
C ILE B 536 -85.98 -9.34 35.06
N LEU B 537 -86.56 -8.18 34.79
CA LEU B 537 -87.97 -7.94 35.06
C LEU B 537 -88.79 -8.01 33.79
N ILE B 538 -89.96 -8.62 33.88
CA ILE B 538 -90.93 -8.70 32.79
C ILE B 538 -92.28 -8.28 33.36
N ASP B 539 -92.80 -7.15 32.88
CA ASP B 539 -94.05 -6.62 33.42
C ASP B 539 -95.22 -7.52 33.04
N LYS B 540 -96.16 -7.68 33.97
CA LYS B 540 -97.33 -8.52 33.72
C LYS B 540 -98.19 -7.95 32.60
N THR B 541 -98.54 -6.66 32.68
CA THR B 541 -99.41 -6.03 31.71
C THR B 541 -98.64 -5.25 30.65
N SER B 542 -97.67 -4.43 31.07
CA SER B 542 -96.95 -3.59 30.12
C SER B 542 -96.14 -4.41 29.12
N GLY B 543 -95.63 -5.56 29.55
CA GLY B 543 -94.80 -6.36 28.66
C GLY B 543 -93.44 -5.76 28.40
N LYS B 544 -92.91 -4.98 29.33
CA LYS B 544 -91.59 -4.38 29.21
C LYS B 544 -90.55 -5.26 29.88
N VAL B 545 -89.49 -5.59 29.16
CA VAL B 545 -88.41 -6.42 29.66
C VAL B 545 -87.27 -5.51 30.12
N THR B 546 -86.88 -5.63 31.38
CA THR B 546 -85.83 -4.82 31.97
C THR B 546 -84.62 -5.71 32.26
N ILE B 547 -83.45 -5.30 31.78
CA ILE B 547 -82.22 -6.05 31.93
C ILE B 547 -81.19 -5.16 32.60
N PRO B 548 -81.02 -5.26 33.92
CA PRO B 548 -80.06 -4.42 34.62
C PRO B 548 -78.62 -4.87 34.40
N LEU B 549 -77.72 -3.90 34.26
CA LEU B 549 -76.31 -4.16 34.08
C LEU B 549 -75.61 -4.29 35.43
N ASN B 550 -74.61 -5.17 35.49
CA ASN B 550 -73.96 -5.50 36.75
C ASN B 550 -72.88 -4.49 37.11
N GLU B 551 -71.70 -4.64 36.53
CA GLU B 551 -70.53 -3.84 36.87
C GLU B 551 -70.37 -2.72 35.84
N ILE B 552 -70.74 -1.51 36.21
CA ILE B 552 -70.63 -0.35 35.32
C ILE B 552 -70.73 0.92 36.16
N HIS B 553 -69.88 1.89 35.84
CA HIS B 553 -69.92 3.19 36.47
C HIS B 553 -70.90 4.08 35.70
N VAL B 554 -71.98 4.47 36.37
CA VAL B 554 -73.03 5.28 35.76
C VAL B 554 -73.02 6.66 36.42
N PHE B 555 -72.93 7.70 35.59
CA PHE B 555 -72.90 9.08 36.07
C PHE B 555 -73.71 9.94 35.12
N GLY B 556 -74.66 10.70 35.66
CA GLY B 556 -75.53 11.52 34.85
C GLY B 556 -76.61 10.71 34.16
N GLU B 557 -77.49 11.43 33.48
CA GLU B 557 -78.58 10.80 32.73
C GLU B 557 -78.08 10.34 31.36
N SER B 558 -78.55 9.17 30.94
CA SER B 558 -78.17 8.61 29.65
C SER B 558 -79.37 7.90 29.04
N LEU B 559 -79.41 7.90 27.70
CA LEU B 559 -80.49 7.24 26.97
C LEU B 559 -79.98 6.99 25.55
N ILE B 560 -79.63 5.73 25.26
CA ILE B 560 -79.04 5.35 23.99
C ILE B 560 -79.98 4.37 23.31
N GLU B 561 -80.55 4.79 22.17
CA GLU B 561 -81.54 3.98 21.48
C GLU B 561 -80.85 2.85 20.71
N GLY B 562 -81.34 1.63 20.90
CA GLY B 562 -80.83 0.48 20.19
C GLY B 562 -81.92 -0.48 19.77
N ASN B 563 -81.61 -1.77 19.73
CA ASN B 563 -82.60 -2.79 19.39
C ASN B 563 -82.14 -4.11 19.98
N ALA B 564 -83.06 -5.08 19.98
CA ALA B 564 -82.79 -6.42 20.48
C ALA B 564 -83.26 -7.44 19.47
N GLU B 565 -82.82 -8.69 19.67
CA GLU B 565 -83.20 -9.80 18.81
C GLU B 565 -83.75 -10.93 19.67
N LEU B 566 -84.87 -11.51 19.23
CA LEU B 566 -85.53 -12.59 19.93
C LEU B 566 -85.66 -13.81 19.04
N LYS B 567 -85.36 -14.99 19.61
CA LYS B 567 -85.51 -16.25 18.91
C LYS B 567 -86.17 -17.22 19.89
N PRO B 568 -87.20 -17.96 19.46
CA PRO B 568 -87.82 -18.94 20.36
C PRO B 568 -86.86 -20.07 20.67
N VAL B 569 -86.89 -20.51 21.94
CA VAL B 569 -85.99 -21.57 22.38
C VAL B 569 -86.46 -22.90 21.81
N GLY B 570 -85.56 -23.62 21.18
CA GLY B 570 -85.88 -24.91 20.58
C GLY B 570 -85.86 -24.89 19.07
N ILE B 571 -86.68 -24.01 18.48
CA ILE B 571 -86.75 -23.91 17.03
C ILE B 571 -85.40 -23.47 16.50
N SER B 572 -84.82 -24.28 15.62
CA SER B 572 -83.44 -24.13 15.19
C SER B 572 -83.21 -22.84 14.42
N ASP B 573 -83.76 -22.76 13.21
CA ASP B 573 -83.56 -21.62 12.31
C ASP B 573 -84.79 -20.73 12.22
N ALA B 574 -85.41 -20.44 13.37
CA ALA B 574 -86.59 -19.58 13.40
C ALA B 574 -86.21 -18.15 13.02
N ASP B 575 -87.08 -17.51 12.26
CA ASP B 575 -86.85 -16.13 11.87
C ASP B 575 -86.81 -15.24 13.10
N PRO B 576 -85.79 -14.40 13.26
CA PRO B 576 -85.67 -13.59 14.47
C PRO B 576 -86.74 -12.52 14.53
N ILE B 577 -86.94 -12.00 15.75
CA ILE B 577 -87.94 -10.98 16.01
C ILE B 577 -87.19 -9.72 16.43
N ASN B 578 -87.06 -8.77 15.52
CA ASN B 578 -86.36 -7.54 15.81
C ASN B 578 -87.31 -6.55 16.47
N VAL B 579 -86.87 -6.01 17.62
CA VAL B 579 -87.68 -5.10 18.41
C VAL B 579 -86.76 -4.04 19.00
N LYS B 580 -87.35 -2.89 19.34
CA LYS B 580 -86.57 -1.74 19.79
C LYS B 580 -86.21 -1.88 21.28
N ALA B 581 -84.97 -1.52 21.59
CA ALA B 581 -84.48 -1.48 22.96
C ALA B 581 -83.73 -0.17 23.17
N LYS B 582 -83.41 0.12 24.43
CA LYS B 582 -82.68 1.34 24.75
C LYS B 582 -81.88 1.13 26.02
N LEU B 583 -80.66 1.67 26.03
CA LEU B 583 -79.81 1.66 27.21
C LEU B 583 -80.04 2.94 28.00
N ILE B 584 -80.34 2.79 29.29
CA ILE B 584 -80.71 3.90 30.15
C ILE B 584 -79.67 4.05 31.25
N GLY B 585 -79.21 5.28 31.47
CA GLY B 585 -78.40 5.60 32.62
C GLY B 585 -79.14 6.54 33.55
N GLU B 586 -79.43 6.09 34.77
CA GLU B 586 -80.26 6.86 35.68
C GLU B 586 -80.01 6.40 37.10
N ALA B 587 -79.89 7.36 38.02
CA ALA B 587 -79.70 7.09 39.45
C ALA B 587 -78.48 6.20 39.68
N ASN B 588 -77.41 6.45 38.91
CA ASN B 588 -76.15 5.71 39.02
C ASN B 588 -76.34 4.23 38.74
N LYS B 589 -77.27 3.88 37.85
CA LYS B 589 -77.52 2.50 37.46
C LYS B 589 -77.88 2.45 35.99
N ALA B 590 -77.41 1.41 35.31
CA ALA B 590 -77.67 1.20 33.90
C ALA B 590 -78.58 -0.01 33.70
N ARG B 591 -79.37 0.03 32.64
CA ARG B 591 -80.31 -1.03 32.34
C ARG B 591 -80.70 -0.96 30.88
N VAL B 592 -81.11 -2.10 30.34
CA VAL B 592 -81.59 -2.19 28.96
C VAL B 592 -83.08 -2.53 29.01
N GLU B 593 -83.91 -1.62 28.52
CA GLU B 593 -85.35 -1.81 28.49
C GLU B 593 -85.75 -2.25 27.08
N VAL B 594 -86.30 -3.45 26.96
CA VAL B 594 -86.75 -4.00 25.70
C VAL B 594 -88.26 -3.86 25.64
N LEU B 595 -88.73 -2.91 24.81
CA LEU B 595 -90.15 -2.64 24.66
C LEU B 595 -90.72 -3.57 23.60
N LEU B 596 -91.49 -4.57 24.05
CA LEU B 596 -92.08 -5.54 23.11
C LEU B 596 -93.30 -4.95 22.40
N GLY B 597 -94.38 -4.73 23.16
CA GLY B 597 -95.55 -4.07 22.62
C GLY B 597 -96.41 -4.94 21.72
N ASP B 598 -96.49 -4.58 20.44
CA ASP B 598 -97.37 -5.29 19.51
C ASP B 598 -96.96 -6.74 19.31
N GLU B 599 -95.70 -7.08 19.59
CA GLU B 599 -95.22 -8.46 19.41
C GLU B 599 -95.93 -9.43 20.33
N LYS B 600 -96.92 -10.14 19.80
CA LYS B 600 -97.64 -11.17 20.57
C LYS B 600 -96.75 -12.40 20.68
N LEU B 601 -96.09 -12.55 21.83
CA LEU B 601 -95.11 -13.61 22.03
C LEU B 601 -95.45 -14.41 23.28
N SER B 602 -95.12 -15.69 23.23
CA SER B 602 -95.42 -16.61 24.33
C SER B 602 -94.39 -17.74 24.32
N GLY B 603 -93.91 -18.10 25.49
CA GLY B 603 -92.91 -19.14 25.64
C GLY B 603 -91.56 -18.57 26.01
N GLU B 604 -90.55 -19.44 25.94
CA GLU B 604 -89.18 -19.07 26.26
C GLU B 604 -88.46 -18.57 25.02
N TYR B 605 -87.71 -17.49 25.17
CA TYR B 605 -87.05 -16.82 24.05
C TYR B 605 -85.63 -16.42 24.41
N HIS B 606 -84.73 -16.55 23.46
CA HIS B 606 -83.40 -15.96 23.58
C HIS B 606 -83.47 -14.46 23.32
N LEU B 607 -82.65 -13.70 24.04
CA LEU B 607 -82.63 -12.24 23.91
C LEU B 607 -81.20 -11.80 23.68
N VAL B 608 -80.96 -11.14 22.55
CA VAL B 608 -79.65 -10.60 22.20
C VAL B 608 -79.80 -9.10 22.00
N THR B 609 -79.25 -8.32 22.93
CA THR B 609 -79.28 -6.87 22.80
C THR B 609 -78.28 -6.42 21.73
N ASN B 610 -78.59 -5.29 21.10
CA ASN B 610 -77.76 -4.73 20.03
C ASN B 610 -77.71 -3.21 20.22
N ILE B 611 -76.84 -2.77 21.11
CA ILE B 611 -76.65 -1.35 21.40
C ILE B 611 -75.47 -0.86 20.59
N GLN B 612 -75.69 0.15 19.75
CA GLN B 612 -74.65 0.80 18.97
C GLN B 612 -73.90 -0.18 18.07
N GLY B 613 -74.60 -1.21 17.58
CA GLY B 613 -73.99 -2.15 16.66
C GLY B 613 -73.08 -3.18 17.28
N LYS B 614 -73.20 -3.42 18.58
CA LYS B 614 -72.40 -4.43 19.27
C LYS B 614 -73.35 -5.34 20.05
N LYS B 615 -73.42 -6.60 19.64
CA LYS B 615 -74.28 -7.56 20.31
C LYS B 615 -73.57 -8.17 21.51
N ASP B 616 -74.37 -8.55 22.51
CA ASP B 616 -73.85 -9.17 23.72
C ASP B 616 -73.85 -10.69 23.58
N LYS B 617 -73.08 -11.33 24.45
CA LYS B 617 -72.95 -12.78 24.49
C LYS B 617 -73.33 -13.32 25.87
N GLN B 618 -74.34 -12.69 26.49
CA GLN B 618 -74.74 -13.03 27.85
C GLN B 618 -75.65 -14.25 27.94
N GLN B 619 -76.00 -14.86 26.81
CA GLN B 619 -76.84 -16.07 26.79
C GLN B 619 -78.16 -15.84 27.51
N ILE B 620 -78.77 -14.67 27.28
CA ILE B 620 -79.96 -14.27 28.01
C ILE B 620 -81.16 -15.05 27.49
N LYS B 621 -81.89 -15.70 28.40
CA LYS B 621 -83.14 -16.36 28.10
C LYS B 621 -84.23 -15.79 29.00
N ILE B 622 -85.42 -15.57 28.43
CA ILE B 622 -86.57 -15.10 29.17
C ILE B 622 -87.77 -15.95 28.80
N THR B 623 -88.78 -15.95 29.68
CA THR B 623 -90.03 -16.65 29.46
C THR B 623 -91.16 -15.64 29.37
N LEU B 624 -91.97 -15.75 28.32
CA LEU B 624 -93.06 -14.80 28.10
C LEU B 624 -94.41 -15.51 28.02
N ASP C 19 -18.40 42.04 -34.52
CA ASP C 19 -19.17 40.82 -34.70
C ASP C 19 -18.53 39.63 -33.98
N ILE C 20 -19.15 39.19 -32.91
CA ILE C 20 -18.67 38.04 -32.15
C ILE C 20 -19.10 36.77 -32.87
N LYS C 21 -18.13 35.93 -33.21
CA LYS C 21 -18.40 34.70 -33.96
C LYS C 21 -18.79 33.54 -33.08
N ILE C 22 -18.29 33.48 -31.85
CA ILE C 22 -18.47 32.33 -30.98
C ILE C 22 -18.63 32.81 -29.55
N SER C 23 -19.64 32.28 -28.84
CA SER C 23 -19.82 32.52 -27.42
C SER C 23 -19.54 31.21 -26.68
N VAL C 24 -18.59 31.25 -25.76
CA VAL C 24 -18.21 30.07 -24.98
C VAL C 24 -18.94 30.14 -23.64
N VAL C 25 -19.80 29.17 -23.41
CA VAL C 25 -20.61 29.10 -22.19
C VAL C 25 -19.99 28.07 -21.26
N VAL C 26 -19.60 28.51 -20.07
CA VAL C 26 -19.01 27.61 -19.06
C VAL C 26 -19.74 27.77 -17.74
N PRO C 27 -20.58 26.81 -17.35
CA PRO C 27 -21.17 26.84 -16.00
C PRO C 27 -20.18 26.29 -14.98
N THR C 28 -20.03 27.01 -13.87
CA THR C 28 -19.07 26.64 -12.84
C THR C 28 -19.76 26.46 -11.49
N TYR C 29 -19.24 25.53 -10.70
CA TYR C 29 -19.68 25.34 -9.32
C TYR C 29 -18.57 24.62 -8.57
N ASN C 30 -17.85 25.35 -7.70
CA ASN C 30 -16.74 24.80 -6.94
C ASN C 30 -15.72 24.13 -7.87
N THR C 31 -15.38 24.83 -8.94
CA THR C 31 -14.52 24.28 -9.97
C THR C 31 -13.11 24.03 -9.44
N GLU C 32 -12.52 22.91 -9.85
CA GLU C 32 -11.12 22.64 -9.53
C GLU C 32 -10.24 23.73 -10.12
N LEU C 33 -9.37 24.29 -9.30
CA LEU C 33 -8.55 25.42 -9.72
C LEU C 33 -7.65 25.06 -10.91
N GLU C 34 -6.98 23.91 -10.82
CA GLU C 34 -6.07 23.52 -11.90
C GLU C 34 -6.84 23.21 -13.18
N GLY C 35 -8.02 22.60 -13.06
CA GLY C 35 -8.83 22.35 -14.24
C GLY C 35 -9.32 23.62 -14.89
N LEU C 36 -9.70 24.61 -14.07
CA LEU C 36 -10.13 25.90 -14.62
C LEU C 36 -8.97 26.64 -15.26
N LYS C 37 -7.76 26.51 -14.70
CA LYS C 37 -6.59 27.12 -15.33
C LYS C 37 -6.32 26.50 -16.70
N ASN C 38 -6.44 25.17 -16.81
CA ASN C 38 -6.21 24.51 -18.08
C ASN C 38 -7.28 24.91 -19.10
N LEU C 39 -8.53 25.06 -18.65
CA LEU C 39 -9.58 25.52 -19.55
C LEU C 39 -9.28 26.92 -20.07
N MET C 40 -8.75 27.79 -19.20
CA MET C 40 -8.46 29.16 -19.61
C MET C 40 -7.31 29.22 -20.60
N ALA C 41 -6.29 28.37 -20.42
CA ALA C 41 -5.17 28.36 -21.34
C ALA C 41 -5.57 27.83 -22.71
N SER C 42 -6.57 26.95 -22.77
CA SER C 42 -7.02 26.41 -24.05
C SER C 42 -7.77 27.46 -24.85
N ILE C 43 -8.53 28.32 -24.18
CA ILE C 43 -9.26 29.37 -24.88
C ILE C 43 -8.31 30.43 -25.40
N ASP C 44 -7.25 30.72 -24.64
CA ASP C 44 -6.30 31.74 -25.06
C ASP C 44 -5.45 31.28 -26.24
N LYS C 45 -5.22 29.97 -26.37
CA LYS C 45 -4.43 29.44 -27.47
C LYS C 45 -5.21 29.35 -28.77
N GLN C 46 -6.46 29.82 -28.80
CA GLN C 46 -7.25 29.75 -30.02
C GLN C 46 -6.65 30.65 -31.08
N THR C 47 -6.52 30.11 -32.30
CA THR C 47 -5.99 30.89 -33.41
C THR C 47 -6.92 32.03 -33.81
N MET C 48 -8.21 31.92 -33.50
CA MET C 48 -9.15 32.98 -33.82
C MET C 48 -8.82 34.25 -33.04
N ASN C 49 -9.05 35.40 -33.67
CA ASN C 49 -8.80 36.68 -33.03
C ASN C 49 -9.64 36.80 -31.76
N PRO C 50 -9.05 37.16 -30.62
CA PRO C 50 -9.81 37.18 -29.36
C PRO C 50 -11.00 38.15 -29.36
N ASP C 51 -10.97 39.19 -30.18
CA ASP C 51 -12.10 40.11 -30.26
C ASP C 51 -13.24 39.59 -31.13
N GLU C 52 -13.17 38.32 -31.54
CA GLU C 52 -14.24 37.70 -32.31
C GLU C 52 -14.90 36.55 -31.57
N TYR C 53 -14.58 36.35 -30.29
CA TYR C 53 -15.29 35.41 -29.44
C TYR C 53 -15.42 36.01 -28.05
N GLU C 54 -16.41 35.51 -27.31
CA GLU C 54 -16.67 35.97 -25.95
C GLU C 54 -16.79 34.78 -25.02
N LEU C 55 -16.49 35.01 -23.74
CA LEU C 55 -16.57 33.99 -22.71
C LEU C 55 -17.70 34.34 -21.75
N VAL C 56 -18.60 33.39 -21.53
CA VAL C 56 -19.77 33.59 -20.68
C VAL C 56 -19.67 32.59 -19.53
N PHE C 57 -19.26 33.06 -18.36
CA PHE C 57 -19.17 32.22 -17.17
C PHE C 57 -20.34 32.56 -16.24
N VAL C 58 -21.12 31.54 -15.90
CA VAL C 58 -22.23 31.68 -14.95
C VAL C 58 -21.93 30.75 -13.78
N ASP C 59 -21.64 31.33 -12.61
CA ASP C 59 -21.35 30.56 -11.42
C ASP C 59 -22.66 30.17 -10.74
N ASP C 60 -22.79 28.89 -10.40
CA ASP C 60 -24.01 28.36 -9.79
C ASP C 60 -23.94 28.43 -8.26
N GLY C 61 -23.57 29.60 -7.74
CA GLY C 61 -23.45 29.77 -6.30
C GLY C 61 -22.42 28.86 -5.69
N SER C 62 -21.16 29.04 -6.08
CA SER C 62 -20.09 28.19 -5.57
C SER C 62 -19.82 28.47 -4.09
N THR C 63 -19.53 27.42 -3.34
CA THR C 63 -19.22 27.56 -1.93
C THR C 63 -17.76 27.90 -1.69
N THR C 64 -16.88 27.64 -2.66
CA THR C 64 -15.47 28.00 -2.56
C THR C 64 -15.28 29.40 -3.13
N ASP C 65 -14.04 29.76 -3.49
CA ASP C 65 -13.74 31.07 -4.05
C ASP C 65 -13.72 31.05 -5.58
N THR C 66 -14.50 30.16 -6.20
CA THR C 66 -14.50 30.08 -7.66
C THR C 66 -14.96 31.38 -8.29
N TYR C 67 -15.96 32.03 -7.70
CA TYR C 67 -16.48 33.28 -8.26
C TYR C 67 -15.44 34.40 -8.21
N GLU C 68 -14.57 34.39 -7.20
CA GLU C 68 -13.49 35.39 -7.14
C GLU C 68 -12.42 35.08 -8.17
N ARG C 69 -12.09 33.79 -8.36
CA ARG C 69 -11.10 33.42 -9.36
C ARG C 69 -11.56 33.84 -10.76
N LEU C 70 -12.85 33.66 -11.05
CA LEU C 70 -13.37 34.09 -12.35
C LEU C 70 -13.32 35.60 -12.50
N GLN C 71 -13.60 36.34 -11.42
CA GLN C 71 -13.47 37.79 -11.46
C GLN C 71 -12.02 38.22 -11.59
N GLU C 72 -11.09 37.41 -11.06
CA GLU C 72 -9.67 37.69 -11.28
C GLU C 72 -9.29 37.45 -12.73
N PHE C 73 -9.94 36.49 -13.40
CA PHE C 73 -9.69 36.29 -14.82
C PHE C 73 -10.33 37.39 -15.67
N ALA C 74 -11.50 37.87 -15.25
CA ALA C 74 -12.22 38.87 -16.04
C ALA C 74 -11.62 40.26 -15.95
N GLU C 75 -10.61 40.46 -15.10
CA GLU C 75 -9.97 41.77 -15.02
C GLU C 75 -9.17 42.09 -16.27
N THR C 76 -8.40 41.11 -16.76
CA THR C 76 -7.53 41.31 -17.92
C THR C 76 -8.13 40.80 -19.21
N ARG C 77 -9.42 40.48 -19.22
CA ARG C 77 -10.08 39.92 -20.41
C ARG C 77 -11.38 40.68 -20.66
N PRO C 78 -11.39 41.64 -21.59
CA PRO C 78 -12.62 42.39 -21.85
C PRO C 78 -13.73 41.54 -22.44
N ASN C 79 -13.40 40.48 -23.18
CA ASN C 79 -14.40 39.63 -23.79
C ASN C 79 -14.98 38.60 -22.84
N MET C 80 -14.60 38.64 -21.56
CA MET C 80 -15.09 37.70 -20.56
C MET C 80 -16.12 38.38 -19.66
N THR C 81 -17.20 37.66 -19.38
CA THR C 81 -18.24 38.12 -18.48
C THR C 81 -18.50 37.04 -17.43
N VAL C 82 -18.48 37.44 -16.15
CA VAL C 82 -18.73 36.54 -15.04
C VAL C 82 -20.02 36.99 -14.35
N LYS C 83 -20.89 36.03 -14.06
CA LYS C 83 -22.15 36.31 -13.38
C LYS C 83 -22.46 35.16 -12.43
N GLN C 84 -22.85 35.50 -11.20
CA GLN C 84 -23.23 34.51 -10.21
C GLN C 84 -24.74 34.52 -10.03
N ILE C 85 -25.28 33.36 -9.62
CA ILE C 85 -26.70 33.20 -9.40
C ILE C 85 -26.89 32.25 -8.22
N GLU C 86 -28.09 32.25 -7.66
CA GLU C 86 -28.42 31.34 -6.58
C GLU C 86 -28.24 29.89 -7.03
N ASN C 87 -27.89 29.02 -6.08
CA ASN C 87 -27.53 27.65 -6.40
C ASN C 87 -28.66 26.91 -7.10
N SER C 88 -28.49 26.66 -8.40
CA SER C 88 -29.49 25.97 -9.21
C SER C 88 -29.47 24.45 -9.01
N GLY C 89 -28.36 23.91 -8.52
CA GLY C 89 -28.23 22.47 -8.35
C GLY C 89 -27.33 21.84 -9.39
N TRP C 90 -27.73 21.98 -10.66
CA TRP C 90 -26.91 21.52 -11.78
C TRP C 90 -26.67 22.66 -12.76
N GLY C 91 -26.05 22.35 -13.89
CA GLY C 91 -25.63 23.37 -14.84
C GLY C 91 -26.64 23.76 -15.89
N SER C 92 -27.85 23.18 -15.89
CA SER C 92 -28.81 23.49 -16.95
C SER C 92 -29.29 24.94 -16.87
N ARG C 93 -29.59 25.42 -15.67
CA ARG C 93 -30.03 26.80 -15.50
C ARG C 93 -28.88 27.77 -15.77
N PRO C 94 -27.66 27.54 -15.27
CA PRO C 94 -26.55 28.40 -15.69
C PRO C 94 -26.31 28.42 -17.19
N ARG C 95 -26.50 27.30 -17.87
CA ARG C 95 -26.37 27.27 -19.33
C ARG C 95 -27.44 28.13 -19.99
N ASN C 96 -28.67 28.06 -19.49
CA ASN C 96 -29.76 28.83 -20.10
C ASN C 96 -29.59 30.32 -19.83
N ILE C 97 -29.13 30.69 -18.64
CA ILE C 97 -28.86 32.10 -18.35
C ILE C 97 -27.76 32.62 -19.28
N ALA C 98 -26.68 31.84 -19.43
CA ALA C 98 -25.58 32.26 -20.27
C ALA C 98 -25.99 32.33 -21.74
N THR C 99 -26.93 31.50 -22.17
CA THR C 99 -27.37 31.53 -23.56
C THR C 99 -28.13 32.81 -23.87
N LYS C 100 -29.00 33.25 -22.96
CA LYS C 100 -29.80 34.45 -23.21
C LYS C 100 -28.92 35.70 -23.28
N MET C 101 -27.89 35.76 -22.45
CA MET C 101 -26.98 36.90 -22.44
C MET C 101 -25.83 36.75 -23.43
N ALA C 102 -25.74 35.61 -24.12
CA ALA C 102 -24.71 35.44 -25.14
C ALA C 102 -25.03 36.31 -26.35
N LYS C 103 -23.98 36.60 -27.13
CA LYS C 103 -24.11 37.49 -28.27
C LYS C 103 -23.52 36.93 -29.56
N GLY C 104 -22.78 35.84 -29.53
CA GLY C 104 -22.14 35.31 -30.71
C GLY C 104 -23.10 34.58 -31.64
N GLU C 105 -22.59 34.22 -32.81
CA GLU C 105 -23.39 33.49 -33.79
C GLU C 105 -23.54 32.02 -33.41
N TYR C 106 -22.46 31.41 -32.93
CA TYR C 106 -22.47 30.03 -32.46
C TYR C 106 -22.16 29.99 -30.97
N ILE C 107 -22.78 29.05 -30.27
CA ILE C 107 -22.59 28.88 -28.83
C ILE C 107 -21.96 27.51 -28.59
N LEU C 108 -20.87 27.50 -27.85
CA LEU C 108 -20.23 26.27 -27.41
C LEU C 108 -20.51 26.07 -25.91
N TYR C 109 -20.99 24.89 -25.56
CA TYR C 109 -21.23 24.53 -24.17
C TYR C 109 -20.01 23.76 -23.67
N LEU C 110 -19.15 24.46 -22.92
CA LEU C 110 -17.89 23.92 -22.45
C LEU C 110 -17.99 23.67 -20.95
N ASP C 111 -17.71 22.44 -20.52
CA ASP C 111 -17.75 22.11 -19.11
C ASP C 111 -16.43 22.49 -18.45
N HIS C 112 -16.52 22.85 -17.16
CA HIS C 112 -15.45 23.56 -16.48
C HIS C 112 -14.20 22.71 -16.25
N ASP C 113 -14.19 21.43 -16.63
CA ASP C 113 -12.99 20.61 -16.49
C ASP C 113 -12.62 19.94 -17.80
N ASP C 114 -12.99 20.56 -18.92
CA ASP C 114 -12.61 20.13 -20.25
C ASP C 114 -11.74 21.19 -20.91
N THR C 115 -11.10 20.82 -22.02
CA THR C 115 -10.30 21.76 -22.79
C THR C 115 -10.69 21.66 -24.25
N VAL C 116 -10.36 22.73 -24.99
CA VAL C 116 -10.67 22.84 -26.41
C VAL C 116 -9.36 23.01 -27.18
N PHE C 117 -9.27 22.37 -28.33
CA PHE C 117 -8.05 22.39 -29.12
C PHE C 117 -7.84 23.76 -29.78
N PRO C 118 -6.59 24.11 -30.10
CA PRO C 118 -6.30 25.51 -30.46
C PRO C 118 -6.95 25.99 -31.76
N GLU C 119 -7.20 25.12 -32.73
CA GLU C 119 -7.77 25.55 -34.00
C GLU C 119 -9.26 25.25 -34.11
N THR C 120 -9.94 25.03 -32.97
CA THR C 120 -11.33 24.60 -33.02
C THR C 120 -12.24 25.76 -33.43
N PHE C 121 -12.09 26.92 -32.81
CA PHE C 121 -13.00 28.04 -33.07
C PHE C 121 -12.96 28.43 -34.54
N GLU C 122 -11.76 28.54 -35.12
CA GLU C 122 -11.63 28.98 -36.50
C GLU C 122 -12.19 27.94 -37.46
N ARG C 123 -11.87 26.66 -37.25
CA ARG C 123 -12.33 25.62 -38.16
C ARG C 123 -13.83 25.41 -38.06
N VAL C 124 -14.39 25.50 -36.86
CA VAL C 124 -15.82 25.26 -36.68
C VAL C 124 -16.63 26.41 -37.28
N TYR C 125 -16.26 27.66 -36.97
CA TYR C 125 -17.00 28.79 -37.51
C TYR C 125 -16.94 28.83 -39.03
N ASN C 126 -15.77 28.55 -39.59
CA ASN C 126 -15.66 28.49 -41.05
C ASN C 126 -16.46 27.33 -41.62
N PHE C 127 -16.53 26.22 -40.90
CA PHE C 127 -17.31 25.08 -41.39
C PHE C 127 -18.80 25.36 -41.29
N GLY C 128 -19.22 26.09 -40.27
CA GLY C 128 -20.63 26.37 -40.07
C GLY C 128 -21.15 27.53 -40.90
N LYS C 129 -20.41 28.62 -40.94
CA LYS C 129 -20.85 29.80 -41.69
C LYS C 129 -20.96 29.50 -43.18
N GLU C 130 -20.04 28.69 -43.71
CA GLU C 130 -20.03 28.38 -45.13
C GLU C 130 -21.13 27.41 -45.55
N ASN C 131 -21.64 26.60 -44.61
CA ASN C 131 -22.69 25.64 -44.91
C ASN C 131 -24.02 26.01 -44.27
N ASN C 132 -24.11 27.18 -43.65
CA ASN C 132 -25.35 27.65 -43.01
C ASN C 132 -25.87 26.64 -41.98
N LEU C 133 -24.94 26.01 -41.28
CA LEU C 133 -25.29 24.97 -40.32
C LEU C 133 -25.84 25.57 -39.04
N ASP C 134 -26.77 24.84 -38.42
CA ASP C 134 -27.31 25.22 -37.12
C ASP C 134 -26.62 24.49 -35.97
N VAL C 135 -26.11 23.29 -36.22
CA VAL C 135 -25.33 22.53 -35.23
C VAL C 135 -24.10 21.97 -35.93
N VAL C 136 -22.93 22.25 -35.36
CA VAL C 136 -21.67 21.68 -35.83
C VAL C 136 -21.29 20.57 -34.88
N SER C 137 -21.33 19.32 -35.36
CA SER C 137 -20.97 18.16 -34.55
C SER C 137 -19.50 17.84 -34.81
N GLY C 138 -18.63 18.54 -34.09
CA GLY C 138 -17.20 18.36 -34.28
C GLY C 138 -16.67 17.14 -33.57
N LYS C 139 -15.51 16.67 -34.05
CA LYS C 139 -14.88 15.48 -33.51
C LYS C 139 -14.52 15.68 -32.04
N GLU C 140 -14.99 14.79 -31.19
CA GLU C 140 -14.76 14.86 -29.76
C GLU C 140 -13.74 13.80 -29.35
N VAL C 141 -12.96 14.13 -28.32
CA VAL C 141 -11.89 13.27 -27.82
C VAL C 141 -12.13 12.98 -26.35
N ARG C 142 -11.96 11.72 -25.96
CA ARG C 142 -12.07 11.30 -24.57
C ARG C 142 -10.76 10.66 -24.12
N THR C 143 -10.57 10.62 -22.80
CA THR C 143 -9.30 10.17 -22.25
C THR C 143 -9.07 8.69 -22.51
N ASN C 144 -10.08 7.86 -22.26
CA ASN C 144 -9.94 6.42 -22.36
C ASN C 144 -10.63 5.89 -23.62
N GLY C 145 -10.23 4.70 -24.03
CA GLY C 145 -10.81 4.04 -25.18
C GLY C 145 -9.98 4.22 -26.43
N TRP C 146 -10.25 3.36 -27.42
CA TRP C 146 -9.57 3.43 -28.70
C TRP C 146 -10.38 4.17 -29.76
N SER C 147 -11.58 4.61 -29.44
CA SER C 147 -12.41 5.33 -30.39
C SER C 147 -13.48 6.11 -29.64
N TRP C 148 -13.98 7.15 -30.30
CA TRP C 148 -15.15 7.88 -29.82
C TRP C 148 -15.87 8.44 -31.04
N GLY C 149 -17.10 7.99 -31.27
CA GLY C 149 -17.77 8.33 -32.51
C GLY C 149 -17.07 7.74 -33.71
N TRP C 150 -16.66 6.47 -33.60
CA TRP C 150 -15.93 5.82 -34.68
C TRP C 150 -16.71 5.86 -36.00
N LYS C 151 -18.03 5.68 -35.92
CA LYS C 151 -18.85 5.67 -37.13
C LYS C 151 -19.12 7.09 -37.64
N GLN C 152 -19.45 8.01 -36.73
CA GLN C 152 -19.81 9.37 -37.15
C GLN C 152 -18.58 10.20 -37.50
N PHE C 153 -17.63 10.29 -36.57
CA PHE C 153 -16.41 11.08 -36.79
C PHE C 153 -15.43 10.32 -37.69
N SER C 154 -15.90 10.01 -38.89
CA SER C 154 -15.09 9.35 -39.90
C SER C 154 -14.58 10.33 -40.96
N GLU C 155 -15.49 11.05 -41.61
CA GLU C 155 -15.13 12.09 -42.55
C GLU C 155 -16.16 13.20 -42.48
N ASN C 156 -15.81 14.36 -43.04
CA ASN C 156 -16.67 15.53 -42.94
C ASN C 156 -17.93 15.35 -43.75
N ASN C 157 -19.03 15.93 -43.24
CA ASN C 157 -20.34 15.82 -43.88
C ASN C 157 -21.07 17.14 -43.65
N PRO C 158 -21.08 18.04 -44.64
CA PRO C 158 -21.73 19.35 -44.44
C PRO C 158 -23.25 19.30 -44.49
N HIS C 159 -23.85 18.16 -44.84
CA HIS C 159 -25.30 17.99 -44.85
C HIS C 159 -25.65 16.70 -44.13
N ALA C 160 -25.18 16.58 -42.88
CA ALA C 160 -25.34 15.34 -42.14
C ALA C 160 -26.78 15.07 -41.74
N GLU C 161 -27.62 16.09 -41.65
CA GLU C 161 -29.01 15.89 -41.22
C GLU C 161 -29.81 15.06 -42.21
N GLU C 162 -29.31 14.86 -43.43
CA GLU C 162 -29.97 13.96 -44.37
C GLU C 162 -29.91 12.50 -43.91
N MET C 163 -28.93 12.16 -43.07
CA MET C 163 -28.84 10.80 -42.54
C MET C 163 -29.90 10.51 -41.50
N GLY C 164 -30.55 11.53 -40.95
CA GLY C 164 -31.47 11.36 -39.85
C GLY C 164 -30.84 11.76 -38.53
N ILE C 165 -31.61 11.55 -37.46
CA ILE C 165 -31.18 11.94 -36.12
C ILE C 165 -29.91 11.23 -35.68
N GLU C 166 -29.48 10.20 -36.41
CA GLU C 166 -28.23 9.52 -36.09
C GLU C 166 -27.02 10.43 -36.25
N CYS C 167 -27.14 11.46 -37.10
CA CYS C 167 -26.01 12.34 -37.40
C CYS C 167 -25.51 13.11 -36.18
N LEU C 168 -26.27 13.13 -35.09
CA LEU C 168 -25.89 13.86 -33.89
C LEU C 168 -25.22 13.00 -32.83
N LEU C 169 -25.06 11.70 -33.08
CA LEU C 169 -24.37 10.87 -32.12
C LEU C 169 -22.85 11.09 -32.21
N PRO C 170 -22.14 11.06 -31.07
CA PRO C 170 -22.66 10.90 -29.71
C PRO C 170 -23.35 12.16 -29.21
N MET C 171 -24.48 12.01 -28.52
CA MET C 171 -25.30 13.16 -28.14
C MET C 171 -24.78 13.82 -26.86
N THR C 172 -23.51 14.23 -26.93
CA THR C 172 -22.93 15.10 -25.92
C THR C 172 -23.31 16.54 -26.23
N PRO C 173 -23.30 17.42 -25.22
CA PRO C 173 -23.64 18.83 -25.47
C PRO C 173 -22.48 19.63 -26.03
N HIS C 174 -21.33 19.00 -26.23
CA HIS C 174 -20.10 19.68 -26.61
C HIS C 174 -20.00 19.97 -28.11
N LYS C 175 -21.11 20.38 -28.71
CA LYS C 175 -21.17 20.80 -30.10
C LYS C 175 -21.31 22.31 -30.16
N PHE C 176 -21.34 22.85 -31.38
CA PHE C 176 -21.49 24.27 -31.61
C PHE C 176 -22.87 24.53 -32.20
N TYR C 177 -23.69 25.28 -31.46
CA TYR C 177 -25.08 25.54 -31.83
C TYR C 177 -25.25 27.00 -32.23
N LYS C 178 -26.00 27.22 -33.30
CA LYS C 178 -26.32 28.58 -33.73
C LYS C 178 -27.23 29.23 -32.69
N ARG C 179 -26.81 30.40 -32.18
CA ARG C 179 -27.57 31.06 -31.13
C ARG C 179 -28.97 31.41 -31.62
N GLU C 180 -29.09 31.90 -32.86
CA GLU C 180 -30.40 32.24 -33.41
C GLU C 180 -31.32 31.02 -33.43
N PHE C 181 -30.75 29.85 -33.73
CA PHE C 181 -31.56 28.64 -33.80
C PHE C 181 -32.09 28.24 -32.42
N LEU C 182 -31.23 28.33 -31.41
CA LEU C 182 -31.66 27.97 -30.06
C LEU C 182 -32.73 28.93 -29.53
N LEU C 183 -32.67 30.21 -29.93
CA LEU C 183 -33.62 31.19 -29.43
C LEU C 183 -34.92 31.17 -30.23
N GLU C 184 -34.83 31.07 -31.55
CA GLU C 184 -36.01 31.12 -32.40
C GLU C 184 -36.92 29.92 -32.19
N ASN C 185 -36.38 28.80 -31.68
CA ASN C 185 -37.16 27.60 -31.43
C ASN C 185 -37.33 27.31 -29.94
N ASP C 186 -36.88 28.21 -29.08
CA ASP C 186 -36.97 28.05 -27.62
C ASP C 186 -36.40 26.70 -27.19
N ILE C 187 -35.24 26.35 -27.75
CA ILE C 187 -34.56 25.11 -27.41
C ILE C 187 -33.63 25.42 -26.23
N THR C 188 -34.04 25.03 -25.03
CA THR C 188 -33.25 25.18 -23.84
C THR C 188 -33.02 23.82 -23.20
N PHE C 189 -32.18 23.80 -22.17
CA PHE C 189 -32.09 22.63 -21.32
C PHE C 189 -33.32 22.59 -20.42
N ASP C 190 -33.35 21.62 -19.51
CA ASP C 190 -34.41 21.51 -18.52
C ASP C 190 -33.92 22.13 -17.22
N ASP C 191 -34.55 23.23 -16.81
CA ASP C 191 -34.15 23.86 -15.56
C ASP C 191 -34.77 23.20 -14.34
N GLY C 192 -35.70 22.25 -14.53
CA GLY C 192 -36.36 21.59 -13.43
C GLY C 192 -35.51 20.53 -12.76
N ALA C 193 -36.14 19.44 -12.33
CA ALA C 193 -35.42 18.38 -11.63
C ALA C 193 -34.39 17.73 -12.53
N ARG C 194 -33.32 17.23 -11.92
CA ARG C 194 -32.22 16.63 -12.66
C ARG C 194 -32.72 15.41 -13.42
N VAL C 195 -32.33 15.31 -14.69
CA VAL C 195 -32.69 14.19 -15.54
C VAL C 195 -31.41 13.61 -16.14
N LEU C 196 -31.36 12.29 -16.27
CA LEU C 196 -30.21 11.66 -16.90
C LEU C 196 -30.26 11.86 -18.41
N TRP C 197 -29.09 12.01 -19.02
CA TRP C 197 -28.96 12.22 -20.46
C TRP C 197 -29.70 13.49 -20.90
N GLU C 198 -29.51 14.57 -20.15
N GLU C 198 -29.48 14.58 -20.16
CA GLU C 198 -30.14 15.84 -20.53
CA GLU C 198 -30.11 15.84 -20.50
C GLU C 198 -29.67 16.31 -21.90
C GLU C 198 -29.64 16.35 -21.86
N ASP C 199 -28.41 16.02 -22.25
CA ASP C 199 -27.89 16.41 -23.54
C ASP C 199 -28.49 15.60 -24.69
N VAL C 200 -29.09 14.44 -24.38
CA VAL C 200 -29.85 13.71 -25.39
C VAL C 200 -31.19 14.40 -25.65
N TYR C 201 -31.85 14.87 -24.59
CA TYR C 201 -33.03 15.72 -24.77
C TYR C 201 -32.69 16.95 -25.60
N PHE C 202 -31.58 17.61 -25.26
CA PHE C 202 -31.22 18.86 -25.91
C PHE C 202 -30.92 18.66 -27.39
N ASN C 203 -30.16 17.61 -27.73
CA ASN C 203 -29.83 17.38 -29.13
C ASN C 203 -31.01 16.84 -29.92
N SER C 204 -31.87 16.03 -29.29
CA SER C 204 -33.07 15.55 -29.96
C SER C 204 -33.99 16.71 -30.33
N LYS C 205 -34.24 17.61 -29.37
CA LYS C 205 -35.06 18.78 -29.65
C LYS C 205 -34.43 19.65 -30.75
N ALA C 206 -33.10 19.69 -30.81
CA ALA C 206 -32.44 20.41 -31.89
C ALA C 206 -32.77 19.81 -33.24
N PHE C 207 -32.87 18.47 -33.31
CA PHE C 207 -33.17 17.81 -34.58
C PHE C 207 -34.66 17.85 -34.90
N ILE C 208 -35.51 17.79 -33.88
CA ILE C 208 -36.96 17.85 -34.11
C ILE C 208 -37.35 19.16 -34.80
N HIS C 209 -36.63 20.24 -34.52
CA HIS C 209 -36.89 21.54 -35.12
C HIS C 209 -36.11 21.75 -36.41
N GLY C 210 -35.70 20.69 -37.07
CA GLY C 210 -35.10 20.78 -38.39
C GLY C 210 -33.77 21.52 -38.43
N ALA C 211 -32.81 21.10 -37.60
CA ALA C 211 -31.50 21.72 -37.60
C ALA C 211 -30.67 21.20 -38.76
N LYS C 212 -29.99 22.12 -39.45
CA LYS C 212 -28.98 21.76 -40.43
C LYS C 212 -27.71 21.38 -39.68
N VAL C 213 -27.34 20.10 -39.74
CA VAL C 213 -26.26 19.55 -38.94
C VAL C 213 -25.11 19.19 -39.85
N GLY C 214 -23.90 19.58 -39.46
CA GLY C 214 -22.70 19.17 -40.15
C GLY C 214 -21.72 18.56 -39.18
N ILE C 215 -20.96 17.58 -39.67
CA ILE C 215 -19.97 16.85 -38.89
C ILE C 215 -18.58 17.25 -39.37
N LEU C 216 -17.82 17.89 -38.50
CA LEU C 216 -16.42 18.20 -38.77
C LEU C 216 -15.57 17.12 -38.11
N ALA C 217 -15.00 16.22 -38.92
CA ALA C 217 -14.33 15.04 -38.41
C ALA C 217 -12.82 15.03 -38.62
N ASP C 218 -12.27 15.99 -39.37
CA ASP C 218 -10.86 15.98 -39.69
C ASP C 218 -10.00 16.69 -38.66
N TYR C 219 -10.60 17.27 -37.61
CA TYR C 219 -9.85 17.98 -36.60
C TYR C 219 -10.53 17.76 -35.24
N PRO C 220 -9.78 17.31 -34.23
CA PRO C 220 -10.37 17.14 -32.89
C PRO C 220 -10.74 18.48 -32.28
N THR C 221 -12.01 18.65 -31.96
CA THR C 221 -12.52 19.94 -31.50
C THR C 221 -12.69 20.03 -29.99
N TYR C 222 -13.00 18.92 -29.32
CA TYR C 222 -13.34 18.96 -27.90
C TYR C 222 -12.66 17.80 -27.19
N TYR C 223 -12.06 18.09 -26.04
CA TYR C 223 -11.49 17.06 -25.17
C TYR C 223 -12.39 16.91 -23.94
N TRP C 224 -13.09 15.79 -23.87
CA TRP C 224 -13.90 15.43 -22.71
C TRP C 224 -13.00 14.67 -21.75
N ILE C 225 -12.49 15.37 -20.74
CA ILE C 225 -11.48 14.80 -19.84
C ILE C 225 -12.17 13.99 -18.76
N ALA C 226 -11.68 12.77 -18.54
CA ALA C 226 -12.15 11.98 -17.43
C ALA C 226 -11.55 12.49 -16.13
N THR C 227 -12.37 12.52 -15.08
CA THR C 227 -11.90 13.02 -13.79
C THR C 227 -11.99 11.92 -12.73
N PHE C 235 -25.45 10.75 -9.32
CA PHE C 235 -26.85 10.63 -9.66
C PHE C 235 -27.08 9.48 -10.64
N GLY C 236 -28.18 8.75 -10.45
CA GLY C 236 -28.49 7.63 -11.31
C GLY C 236 -27.83 6.33 -10.91
N ARG C 237 -27.15 6.28 -9.77
CA ARG C 237 -26.54 5.03 -9.32
C ARG C 237 -27.56 4.12 -8.64
N ASP C 238 -28.53 4.69 -7.94
CA ASP C 238 -29.66 3.93 -7.41
C ASP C 238 -30.37 3.23 -8.56
N PRO C 239 -30.50 1.90 -8.53
CA PRO C 239 -31.20 1.22 -9.63
C PRO C 239 -32.64 1.68 -9.82
N HIS C 240 -33.33 2.03 -8.73
CA HIS C 240 -34.69 2.55 -8.86
C HIS C 240 -34.69 3.90 -9.57
N GLU C 241 -33.74 4.77 -9.23
CA GLU C 241 -33.65 6.06 -9.91
C GLU C 241 -33.16 5.91 -11.34
N LYS C 242 -32.31 4.91 -11.59
CA LYS C 242 -31.79 4.68 -12.94
C LYS C 242 -32.93 4.39 -13.92
N TRP C 243 -33.76 3.38 -13.60
CA TRP C 243 -34.81 2.97 -14.51
C TRP C 243 -35.97 3.94 -14.54
N ASN C 244 -36.16 4.74 -13.49
CA ASN C 244 -37.07 5.88 -13.59
C ASN C 244 -36.58 6.85 -14.64
N GLN C 245 -35.26 7.08 -14.71
CA GLN C 245 -34.70 7.95 -15.73
C GLN C 245 -34.74 7.31 -17.11
N ILE C 246 -34.67 5.98 -17.18
CA ILE C 246 -34.72 5.31 -18.48
C ILE C 246 -36.14 5.32 -19.03
N ASN C 247 -37.14 5.12 -18.17
CA ASN C 247 -38.52 5.20 -18.61
C ASN C 247 -38.86 6.58 -19.13
N LYS C 248 -38.35 7.62 -18.46
CA LYS C 248 -38.65 8.99 -18.87
C LYS C 248 -38.05 9.30 -20.23
N LEU C 249 -36.83 8.80 -20.49
CA LEU C 249 -36.18 9.07 -21.76
C LEU C 249 -36.89 8.37 -22.91
N PHE C 250 -37.28 7.11 -22.71
CA PHE C 250 -38.04 6.40 -23.75
C PHE C 250 -39.40 7.04 -23.97
N ASN C 251 -40.05 7.50 -22.90
CA ASN C 251 -41.31 8.23 -23.04
C ASN C 251 -41.11 9.52 -23.81
N PHE C 252 -39.95 10.17 -23.65
CA PHE C 252 -39.68 11.41 -24.37
C PHE C 252 -39.54 11.17 -25.87
N PHE C 253 -38.90 10.06 -26.25
CA PHE C 253 -38.77 9.74 -27.67
C PHE C 253 -40.13 9.53 -28.31
N LYS C 254 -41.00 8.77 -27.65
CA LYS C 254 -42.28 8.43 -28.24
C LYS C 254 -43.21 9.65 -28.30
N ASP C 255 -43.00 10.64 -27.43
CA ASP C 255 -43.88 11.79 -27.34
C ASP C 255 -43.42 12.99 -28.16
N ASN C 256 -42.17 13.00 -28.64
CA ASN C 256 -41.65 14.20 -29.28
C ASN C 256 -41.00 13.90 -30.63
N ILE C 257 -40.49 12.71 -30.83
CA ILE C 257 -39.86 12.32 -32.09
C ILE C 257 -40.95 11.70 -32.96
N LYS C 258 -41.53 12.50 -33.85
CA LYS C 258 -42.66 12.07 -34.65
C LYS C 258 -42.23 11.36 -35.94
N GLU C 259 -41.13 11.76 -36.55
CA GLU C 259 -40.67 11.13 -37.77
C GLU C 259 -40.29 9.68 -37.49
N GLN C 260 -40.87 8.75 -38.27
CA GLN C 260 -40.83 7.34 -37.91
C GLN C 260 -39.41 6.77 -37.99
N ARG C 261 -38.65 7.16 -39.02
CA ARG C 261 -37.28 6.66 -39.15
C ARG C 261 -36.42 7.09 -37.96
N ASP C 262 -36.56 8.34 -37.53
CA ASP C 262 -35.77 8.82 -36.41
C ASP C 262 -36.22 8.22 -35.09
N LEU C 263 -37.52 7.97 -34.93
CA LEU C 263 -38.02 7.31 -33.73
C LEU C 263 -37.51 5.88 -33.64
N ASP C 264 -37.57 5.14 -34.76
CA ASP C 264 -37.11 3.75 -34.76
C ASP C 264 -35.64 3.65 -34.44
N PHE C 265 -34.84 4.62 -34.91
CA PHE C 265 -33.41 4.57 -34.60
C PHE C 265 -33.14 4.80 -33.12
N MET C 266 -33.76 5.83 -32.54
CA MET C 266 -33.53 6.12 -31.13
C MET C 266 -34.05 5.01 -30.23
N LEU C 267 -35.21 4.44 -30.57
CA LEU C 267 -35.71 3.29 -29.81
C LEU C 267 -34.76 2.11 -29.93
N THR C 268 -34.30 1.81 -31.15
CA THR C 268 -33.42 0.66 -31.35
C THR C 268 -32.06 0.87 -30.70
N HIS C 269 -31.53 2.10 -30.78
CA HIS C 269 -30.19 2.36 -30.26
C HIS C 269 -30.16 2.23 -28.74
N TRP C 270 -31.09 2.89 -28.06
CA TRP C 270 -31.03 2.92 -26.60
C TRP C 270 -31.49 1.60 -25.99
N TYR C 271 -32.45 0.92 -26.63
CA TYR C 271 -32.86 -0.39 -26.14
C TYR C 271 -31.72 -1.39 -26.20
N ARG C 272 -30.92 -1.33 -27.27
CA ARG C 272 -29.79 -2.25 -27.40
C ARG C 272 -28.67 -1.90 -26.44
N SER C 273 -28.44 -0.61 -26.20
CA SER C 273 -27.27 -0.17 -25.44
C SER C 273 -27.52 -0.15 -23.93
N ARG C 274 -28.65 0.40 -23.48
CA ARG C 274 -28.89 0.57 -22.06
C ARG C 274 -29.85 -0.46 -21.46
N VAL C 275 -30.72 -1.05 -22.27
CA VAL C 275 -31.66 -2.05 -21.75
C VAL C 275 -31.06 -3.44 -21.90
N LEU C 276 -30.82 -3.86 -23.15
CA LEU C 276 -30.17 -5.14 -23.38
C LEU C 276 -28.72 -5.13 -22.91
N GLY C 277 -28.14 -3.95 -22.67
CA GLY C 277 -26.77 -3.85 -22.20
C GLY C 277 -26.53 -4.41 -20.82
N ILE C 278 -27.59 -4.80 -20.10
CA ILE C 278 -27.43 -5.43 -18.80
C ILE C 278 -27.62 -6.94 -18.86
N LEU C 279 -28.02 -7.48 -20.01
CA LEU C 279 -28.30 -8.90 -20.14
C LEU C 279 -27.10 -9.71 -20.61
N GLY C 280 -25.93 -9.08 -20.72
CA GLY C 280 -24.73 -9.79 -21.13
C GLY C 280 -23.75 -9.98 -19.99
N GLN C 281 -22.54 -9.41 -20.15
CA GLN C 281 -21.52 -9.53 -19.10
C GLN C 281 -21.88 -8.78 -17.83
N TRP C 282 -22.87 -7.89 -17.89
CA TRP C 282 -23.31 -7.17 -16.70
C TRP C 282 -23.84 -8.13 -15.64
N LEU C 283 -24.38 -9.28 -16.05
CA LEU C 283 -24.92 -10.26 -15.11
C LEU C 283 -23.83 -10.94 -14.29
N LEU C 284 -22.58 -10.94 -14.76
CA LEU C 284 -21.50 -11.59 -14.04
C LEU C 284 -20.78 -10.64 -13.09
N LYS C 285 -21.13 -9.36 -13.07
CA LYS C 285 -20.40 -8.37 -12.29
C LYS C 285 -21.24 -7.70 -11.21
N ASN C 286 -22.49 -8.11 -11.03
CA ASN C 286 -23.37 -7.52 -10.03
C ASN C 286 -23.95 -8.61 -9.15
N ASN C 287 -24.34 -8.23 -7.93
CA ASN C 287 -24.87 -9.18 -6.98
C ASN C 287 -26.27 -9.65 -7.40
N ASN C 288 -26.73 -10.71 -6.75
CA ASN C 288 -27.97 -11.37 -7.16
C ASN C 288 -29.18 -10.46 -7.00
N GLU C 289 -29.15 -9.55 -6.01
CA GLU C 289 -30.32 -8.74 -5.73
C GLU C 289 -30.46 -7.58 -6.71
N ARG C 290 -29.34 -6.97 -7.11
CA ARG C 290 -29.42 -5.89 -8.08
C ARG C 290 -29.79 -6.41 -9.47
N ILE C 291 -29.43 -7.67 -9.76
CA ILE C 291 -29.81 -8.26 -11.03
C ILE C 291 -31.32 -8.41 -11.12
N ASP C 292 -31.94 -8.94 -10.06
CA ASP C 292 -33.38 -9.14 -10.07
C ASP C 292 -34.13 -7.82 -10.21
N ILE C 293 -33.64 -6.77 -9.57
CA ILE C 293 -34.32 -5.47 -9.63
C ILE C 293 -34.26 -4.90 -11.04
N GLU C 294 -33.06 -4.83 -11.62
CA GLU C 294 -32.92 -4.22 -12.95
C GLU C 294 -33.51 -5.10 -14.05
N PHE C 295 -33.45 -6.42 -13.88
CA PHE C 295 -34.05 -7.30 -14.89
C PHE C 295 -35.55 -7.09 -14.97
N ASN C 296 -36.23 -7.04 -13.82
CA ASN C 296 -37.66 -6.80 -13.82
C ASN C 296 -37.99 -5.43 -14.37
N TYR C 297 -37.13 -4.43 -14.09
CA TYR C 297 -37.30 -3.12 -14.68
C TYR C 297 -37.16 -3.18 -16.21
N ALA C 298 -36.12 -3.85 -16.69
CA ALA C 298 -35.90 -3.96 -18.12
C ALA C 298 -37.01 -4.75 -18.80
N LYS C 299 -37.49 -5.81 -18.15
CA LYS C 299 -38.59 -6.59 -18.72
C LYS C 299 -39.88 -5.78 -18.77
N LYS C 300 -40.15 -5.00 -17.74
CA LYS C 300 -41.35 -4.16 -17.75
C LYS C 300 -41.23 -3.03 -18.76
N LEU C 301 -40.02 -2.52 -18.98
CA LEU C 301 -39.83 -1.47 -19.97
C LEU C 301 -39.93 -2.01 -21.38
N ALA C 302 -39.49 -3.25 -21.61
CA ALA C 302 -39.58 -3.83 -22.95
C ALA C 302 -41.03 -4.09 -23.34
N GLU C 303 -41.87 -4.53 -22.40
CA GLU C 303 -43.23 -4.89 -22.73
C GLU C 303 -44.11 -3.66 -22.93
N GLU C 304 -43.89 -2.61 -22.15
CA GLU C 304 -44.77 -1.45 -22.21
C GLU C 304 -44.39 -0.49 -23.34
N LEU C 305 -43.09 -0.21 -23.49
CA LEU C 305 -42.64 0.86 -24.36
C LEU C 305 -42.01 0.40 -25.66
N ILE C 306 -41.35 -0.76 -25.70
CA ILE C 306 -40.57 -1.19 -26.85
C ILE C 306 -41.46 -2.06 -27.73
N PRO C 307 -41.83 -1.62 -28.93
CA PRO C 307 -42.62 -2.46 -29.83
C PRO C 307 -41.86 -3.70 -30.26
N ALA C 308 -42.60 -4.69 -30.74
CA ALA C 308 -42.00 -5.97 -31.09
C ALA C 308 -41.11 -5.88 -32.32
N TYR C 309 -41.44 -5.00 -33.27
CA TYR C 309 -40.68 -4.92 -34.51
C TYR C 309 -39.27 -4.35 -34.31
N ILE C 310 -39.00 -3.72 -33.16
CA ILE C 310 -37.66 -3.23 -32.89
C ILE C 310 -36.68 -4.40 -32.81
N SER C 311 -37.15 -5.56 -32.36
CA SER C 311 -36.29 -6.75 -32.33
C SER C 311 -35.81 -7.13 -33.74
N GLU C 312 -36.57 -6.78 -34.77
CA GLU C 312 -36.17 -7.11 -36.14
C GLU C 312 -34.94 -6.31 -36.58
N ASN C 313 -34.73 -5.14 -35.99
CA ASN C 313 -33.59 -4.30 -36.31
C ASN C 313 -32.31 -4.73 -35.59
N LEU C 314 -32.35 -5.84 -34.87
CA LEU C 314 -31.23 -6.26 -34.03
C LEU C 314 -30.50 -7.44 -34.66
N ASP C 315 -29.27 -7.65 -34.20
CA ASP C 315 -28.45 -8.78 -34.62
C ASP C 315 -28.81 -10.02 -33.81
N LYS C 316 -28.29 -11.17 -34.28
CA LYS C 316 -28.75 -12.46 -33.77
C LYS C 316 -28.56 -12.58 -32.26
N ASN C 317 -27.42 -12.11 -31.74
CA ASN C 317 -27.17 -12.25 -30.31
C ASN C 317 -28.10 -11.37 -29.49
N ASN C 318 -28.40 -10.17 -29.97
CA ASN C 318 -29.32 -9.30 -29.23
C ASN C 318 -30.77 -9.75 -29.37
N GLN C 319 -31.11 -10.41 -30.49
CA GLN C 319 -32.45 -10.97 -30.61
C GLN C 319 -32.68 -12.09 -29.61
N VAL C 320 -31.64 -12.86 -29.28
CA VAL C 320 -31.75 -13.86 -28.24
C VAL C 320 -31.95 -13.20 -26.88
N LYS C 321 -31.24 -12.10 -26.63
CA LYS C 321 -31.39 -11.39 -25.36
C LYS C 321 -32.78 -10.76 -25.24
N ASP C 322 -33.30 -10.22 -26.34
CA ASP C 322 -34.64 -9.64 -26.31
C ASP C 322 -35.70 -10.71 -26.10
N TYR C 323 -35.53 -11.88 -26.73
CA TYR C 323 -36.50 -12.95 -26.58
C TYR C 323 -36.52 -13.48 -25.16
N LEU C 324 -35.35 -13.77 -24.59
CA LEU C 324 -35.29 -14.29 -23.23
C LEU C 324 -35.69 -13.24 -22.20
N LEU C 325 -35.52 -11.95 -22.52
CA LEU C 325 -35.98 -10.91 -21.62
C LEU C 325 -37.50 -10.88 -21.55
N ARG C 326 -38.16 -10.95 -22.71
CA ARG C 326 -39.62 -10.94 -22.74
C ARG C 326 -40.23 -12.21 -22.20
N GLN C 327 -39.46 -13.30 -22.15
CA GLN C 327 -39.90 -14.54 -21.51
C GLN C 327 -39.52 -14.59 -20.03
N GLY C 328 -38.79 -13.60 -19.52
CA GLY C 328 -38.37 -13.59 -18.15
C GLY C 328 -37.31 -14.60 -17.80
N ASP C 329 -36.73 -15.28 -18.79
CA ASP C 329 -35.76 -16.36 -18.54
C ASP C 329 -34.40 -15.75 -18.17
N LEU C 330 -34.33 -15.22 -16.95
CA LEU C 330 -33.06 -14.73 -16.43
C LEU C 330 -32.06 -15.85 -16.22
N ASP C 331 -32.51 -17.09 -16.05
CA ASP C 331 -31.60 -18.20 -15.83
C ASP C 331 -30.78 -18.49 -17.07
N SER C 332 -31.43 -18.59 -18.24
CA SER C 332 -30.70 -18.83 -19.48
C SER C 332 -29.77 -17.66 -19.81
N LEU C 333 -30.22 -16.44 -19.55
CA LEU C 333 -29.38 -15.27 -19.79
C LEU C 333 -28.10 -15.32 -18.94
N LYS C 334 -28.24 -15.67 -17.67
CA LYS C 334 -27.06 -15.88 -16.83
C LYS C 334 -26.20 -17.01 -17.37
N LYS C 335 -26.82 -18.04 -17.95
CA LYS C 335 -26.06 -19.14 -18.52
C LYS C 335 -25.31 -18.70 -19.77
N LEU C 336 -25.94 -17.85 -20.60
CA LEU C 336 -25.28 -17.38 -21.82
C LEU C 336 -24.14 -16.42 -21.51
N ALA C 337 -24.23 -15.68 -20.41
CA ALA C 337 -23.15 -14.76 -20.05
C ALA C 337 -21.86 -15.51 -19.73
N GLN C 338 -21.98 -16.72 -19.14
CA GLN C 338 -20.80 -17.53 -18.90
C GLN C 338 -20.25 -18.12 -20.18
N ILE C 339 -21.10 -18.35 -21.17
CA ILE C 339 -20.64 -18.93 -22.44
C ILE C 339 -20.00 -17.88 -23.33
N ASP C 340 -20.47 -16.63 -23.25
CA ASP C 340 -19.95 -15.55 -24.07
C ASP C 340 -18.75 -14.85 -23.45
N ALA C 341 -18.40 -15.16 -22.21
CA ALA C 341 -17.36 -14.42 -21.51
C ALA C 341 -16.00 -14.65 -22.17
N GLY C 342 -15.32 -13.56 -22.50
CA GLY C 342 -13.97 -13.62 -23.02
C GLY C 342 -13.85 -13.68 -24.53
N ILE C 343 -14.96 -13.66 -25.27
CA ILE C 343 -14.89 -13.68 -26.72
C ILE C 343 -14.28 -12.37 -27.21
N THR C 344 -13.16 -12.48 -27.93
CA THR C 344 -12.42 -11.30 -28.34
C THR C 344 -11.66 -11.62 -29.62
N ALA C 345 -11.00 -10.60 -30.16
CA ALA C 345 -10.19 -10.73 -31.38
C ALA C 345 -8.94 -9.87 -31.18
N LEU C 346 -7.81 -10.52 -30.88
CA LEU C 346 -6.54 -9.84 -30.68
C LEU C 346 -5.67 -10.02 -31.92
N SER C 347 -5.00 -8.94 -32.32
CA SER C 347 -4.15 -8.95 -33.51
C SER C 347 -2.69 -9.09 -33.10
N TYR C 348 -2.01 -10.05 -33.70
CA TYR C 348 -0.57 -10.22 -33.53
C TYR C 348 0.17 -9.57 -34.70
N VAL C 349 1.37 -9.07 -34.42
CA VAL C 349 2.21 -8.49 -35.47
C VAL C 349 2.96 -9.61 -36.18
N GLU C 350 2.68 -9.78 -37.47
CA GLU C 350 3.42 -10.74 -38.28
C GLU C 350 4.61 -10.12 -39.00
N ASP C 351 4.59 -8.80 -39.23
CA ASP C 351 5.73 -8.11 -39.82
C ASP C 351 5.59 -6.61 -39.54
N ALA C 352 6.74 -5.96 -39.33
CA ALA C 352 6.78 -4.53 -39.07
C ALA C 352 8.09 -3.98 -39.61
N TYR C 353 8.01 -2.98 -40.49
CA TYR C 353 9.21 -2.45 -41.10
C TYR C 353 8.92 -1.05 -41.65
N PHE C 354 9.99 -0.27 -41.78
CA PHE C 354 9.92 1.05 -42.40
C PHE C 354 10.23 0.95 -43.88
N LYS C 355 9.43 1.62 -44.71
CA LYS C 355 9.66 1.70 -46.14
C LYS C 355 9.25 3.09 -46.62
N GLU C 356 10.14 3.73 -47.37
CA GLU C 356 9.94 5.10 -47.86
C GLU C 356 9.76 5.99 -46.63
N ASP C 357 8.72 6.81 -46.55
CA ASP C 357 8.49 7.70 -45.41
C ASP C 357 7.37 7.21 -44.50
N LYS C 358 7.14 5.90 -44.47
CA LYS C 358 6.01 5.34 -43.75
C LYS C 358 6.43 4.07 -43.02
N LEU C 359 5.59 3.67 -42.06
CA LEU C 359 5.78 2.44 -41.29
C LEU C 359 4.69 1.45 -41.71
N PHE C 360 5.13 0.26 -42.13
CA PHE C 360 4.22 -0.77 -42.63
C PHE C 360 4.03 -1.87 -41.61
N PHE C 361 2.81 -2.41 -41.56
CA PHE C 361 2.46 -3.48 -40.64
C PHE C 361 1.79 -4.63 -41.39
N LYS C 362 2.00 -5.84 -40.88
CA LYS C 362 1.27 -7.02 -41.31
C LYS C 362 0.78 -7.73 -40.07
N THR C 363 -0.55 -7.82 -39.92
CA THR C 363 -1.16 -8.34 -38.70
C THR C 363 -2.07 -9.50 -39.02
N SER C 364 -2.27 -10.37 -38.03
CA SER C 364 -3.18 -11.50 -38.12
C SER C 364 -4.01 -11.56 -36.85
N THR C 365 -5.26 -12.00 -36.99
CA THR C 365 -6.16 -12.08 -35.85
C THR C 365 -7.09 -13.27 -36.01
N LYS C 366 -7.69 -13.67 -34.89
CA LYS C 366 -8.70 -14.71 -34.87
C LYS C 366 -9.53 -14.56 -33.61
N MET C 367 -10.81 -14.92 -33.70
CA MET C 367 -11.69 -14.86 -32.54
C MET C 367 -11.33 -15.97 -31.57
N THR C 368 -11.05 -15.59 -30.32
CA THR C 368 -10.62 -16.53 -29.29
C THR C 368 -11.34 -16.21 -27.99
N TYR C 369 -11.04 -17.01 -26.97
CA TYR C 369 -11.43 -16.72 -25.59
C TYR C 369 -10.19 -16.25 -24.85
N GLU C 370 -10.11 -14.94 -24.60
N GLU C 370 -10.10 -14.93 -24.61
CA GLU C 370 -9.00 -14.33 -23.85
CA GLU C 370 -9.00 -14.33 -23.86
C GLU C 370 -7.64 -14.65 -24.49
C GLU C 370 -7.65 -14.65 -24.49
N ASP C 371 -7.56 -14.49 -25.80
CA ASP C 371 -6.32 -14.68 -26.57
C ASP C 371 -5.76 -16.09 -26.43
N LYS C 372 -6.62 -17.05 -26.10
CA LYS C 372 -6.20 -18.43 -25.87
C LYS C 372 -6.88 -19.30 -26.93
N GLU C 373 -7.69 -20.28 -26.52
CA GLU C 373 -8.26 -21.21 -27.48
C GLU C 373 -9.23 -20.52 -28.42
N ASP C 374 -9.44 -21.14 -29.58
CA ASP C 374 -10.23 -20.52 -30.64
C ASP C 374 -11.72 -20.51 -30.30
N PHE C 375 -12.41 -19.51 -30.84
CA PHE C 375 -13.86 -19.44 -30.77
C PHE C 375 -14.44 -20.12 -32.01
N PHE C 376 -15.32 -21.09 -31.80
CA PHE C 376 -15.85 -21.91 -32.88
C PHE C 376 -17.34 -21.66 -33.09
N ILE C 377 -17.79 -21.96 -34.30
CA ILE C 377 -19.19 -22.06 -34.64
C ILE C 377 -19.38 -23.37 -35.41
N GLU C 378 -20.51 -24.04 -35.17
CA GLU C 378 -20.71 -25.40 -35.65
C GLU C 378 -21.64 -25.40 -36.85
N LYS C 379 -21.26 -26.17 -37.88
CA LYS C 379 -22.07 -26.31 -39.08
C LYS C 379 -22.95 -27.54 -38.98
N THR C 380 -24.25 -27.35 -39.19
CA THR C 380 -25.21 -28.44 -39.20
C THR C 380 -26.06 -28.32 -40.45
N ALA C 381 -26.16 -29.41 -41.22
CA ALA C 381 -26.88 -29.43 -42.48
C ALA C 381 -26.34 -28.36 -43.42
N ASP C 382 -27.04 -27.23 -43.52
CA ASP C 382 -26.64 -26.13 -44.40
C ASP C 382 -26.60 -24.80 -43.67
N ARG C 383 -26.45 -24.82 -42.34
CA ARG C 383 -26.49 -23.59 -41.56
C ARG C 383 -25.36 -23.59 -40.54
N MET C 384 -24.81 -22.40 -40.30
CA MET C 384 -23.74 -22.20 -39.31
C MET C 384 -24.39 -21.72 -38.02
N GLU C 385 -24.30 -22.53 -36.98
CA GLU C 385 -25.01 -22.27 -35.74
C GLU C 385 -24.06 -21.86 -34.62
N ARG C 386 -24.57 -21.00 -33.74
CA ARG C 386 -23.87 -20.65 -32.51
C ARG C 386 -23.83 -21.87 -31.59
N ILE C 387 -22.65 -22.16 -31.06
CA ILE C 387 -22.46 -23.35 -30.23
C ILE C 387 -23.08 -23.10 -28.86
N LEU C 388 -24.23 -23.71 -28.61
CA LEU C 388 -24.98 -23.57 -27.38
C LEU C 388 -25.31 -24.95 -26.82
N PRO C 389 -25.50 -25.07 -25.51
CA PRO C 389 -26.01 -26.32 -24.96
C PRO C 389 -27.41 -26.62 -25.47
N GLU C 390 -27.71 -27.91 -25.60
CA GLU C 390 -28.98 -28.33 -26.21
C GLU C 390 -30.19 -27.81 -25.45
N GLU C 391 -30.05 -27.59 -24.14
CA GLU C 391 -31.20 -27.14 -23.35
C GLU C 391 -31.60 -25.72 -23.73
N ILE C 392 -30.62 -24.83 -23.94
CA ILE C 392 -30.93 -23.45 -24.30
C ILE C 392 -31.43 -23.36 -25.74
N LYS C 393 -30.88 -24.21 -26.62
CA LYS C 393 -31.28 -24.18 -28.02
C LYS C 393 -32.76 -24.50 -28.19
N SER C 394 -33.29 -25.40 -27.35
CA SER C 394 -34.70 -25.76 -27.43
C SER C 394 -35.62 -24.61 -27.03
N LYS C 395 -35.13 -23.69 -26.21
CA LYS C 395 -35.93 -22.56 -25.76
C LYS C 395 -35.89 -21.37 -26.71
N LEU C 396 -35.14 -21.46 -27.81
CA LEU C 396 -34.97 -20.33 -28.71
C LEU C 396 -35.50 -20.66 -30.10
N PRO C 397 -35.96 -19.66 -30.84
CA PRO C 397 -36.25 -19.87 -32.26
C PRO C 397 -35.00 -20.28 -33.02
N LYS C 398 -35.20 -21.07 -34.08
CA LYS C 398 -34.07 -21.63 -34.81
C LYS C 398 -33.23 -20.55 -35.47
N GLU C 399 -33.87 -19.48 -35.95
CA GLU C 399 -33.19 -18.46 -36.72
C GLU C 399 -32.32 -17.53 -35.87
N PHE C 400 -32.47 -17.55 -34.54
CA PHE C 400 -31.75 -16.59 -33.71
C PHE C 400 -30.31 -17.01 -33.46
N PHE C 401 -30.01 -18.31 -33.46
CA PHE C 401 -28.63 -18.77 -33.35
C PHE C 401 -28.12 -19.32 -34.68
N ASP C 402 -28.61 -18.77 -35.79
CA ASP C 402 -28.17 -19.12 -37.14
C ASP C 402 -27.34 -17.96 -37.66
N TYR C 403 -26.04 -18.20 -37.86
CA TYR C 403 -25.11 -17.18 -38.33
C TYR C 403 -24.88 -17.22 -39.83
N SER C 404 -25.65 -18.02 -40.56
CA SER C 404 -25.37 -18.22 -41.98
C SER C 404 -25.48 -16.94 -42.80
N ASP C 405 -26.34 -16.01 -42.38
CA ASP C 405 -26.55 -14.77 -43.10
C ASP C 405 -25.58 -13.67 -42.70
N ASP C 406 -24.73 -13.91 -41.69
CA ASP C 406 -23.83 -12.88 -41.17
C ASP C 406 -22.35 -13.25 -41.34
N LEU C 407 -22.03 -14.15 -42.26
CA LEU C 407 -20.66 -14.60 -42.43
C LEU C 407 -19.87 -13.76 -43.43
N ALA C 408 -20.45 -12.69 -43.96
CA ALA C 408 -19.76 -11.80 -44.88
C ALA C 408 -19.73 -10.36 -44.39
N GLU C 409 -20.05 -10.13 -43.12
CA GLU C 409 -20.12 -8.78 -42.56
C GLU C 409 -18.97 -8.48 -41.61
N PHE C 410 -17.88 -9.24 -41.70
CA PHE C 410 -16.74 -9.00 -40.83
C PHE C 410 -15.98 -7.74 -41.27
N THR C 411 -15.47 -7.01 -40.28
CA THR C 411 -14.65 -5.83 -40.53
C THR C 411 -13.36 -5.94 -39.73
N TYR C 412 -12.26 -5.44 -40.30
CA TYR C 412 -10.94 -5.56 -39.71
C TYR C 412 -10.15 -4.32 -40.11
N GLU C 413 -9.98 -3.39 -39.18
CA GLU C 413 -9.42 -2.09 -39.47
C GLU C 413 -8.40 -1.68 -38.41
N PRO C 414 -7.39 -0.90 -38.79
CA PRO C 414 -6.40 -0.43 -37.81
C PRO C 414 -6.73 0.95 -37.28
N SER C 415 -6.18 1.30 -36.11
CA SER C 415 -6.41 2.61 -35.52
C SER C 415 -5.15 3.06 -34.79
N ILE C 416 -5.14 4.34 -34.43
CA ILE C 416 -4.01 4.94 -33.73
C ILE C 416 -4.55 5.92 -32.70
N LYS C 417 -3.80 6.09 -31.61
CA LYS C 417 -4.18 7.02 -30.54
C LYS C 417 -2.93 7.73 -30.05
N GLY C 418 -2.95 9.07 -30.09
CA GLY C 418 -1.87 9.84 -29.52
C GLY C 418 -1.92 9.81 -28.01
N ARG C 419 -0.86 9.31 -27.37
CA ARG C 419 -0.87 9.14 -25.92
C ARG C 419 -0.98 10.46 -25.17
N ASN C 420 -0.61 11.58 -25.80
CA ASN C 420 -0.71 12.89 -25.15
C ASN C 420 -2.06 13.54 -25.40
N SER C 421 -2.47 13.63 -26.67
CA SER C 421 -3.74 14.28 -27.00
C SER C 421 -4.95 13.39 -26.76
N ARG C 422 -4.74 12.08 -26.61
CA ARG C 422 -5.79 11.07 -26.46
C ARG C 422 -6.68 10.97 -27.69
N ALA C 423 -6.34 11.66 -28.78
CA ALA C 423 -7.16 11.62 -29.98
C ALA C 423 -6.95 10.31 -30.72
N THR C 424 -8.04 9.72 -31.20
CA THR C 424 -8.02 8.46 -31.91
C THR C 424 -8.40 8.68 -33.37
N TRP C 425 -7.83 7.85 -34.25
CA TRP C 425 -8.10 7.95 -35.67
C TRP C 425 -8.12 6.57 -36.29
N LYS C 426 -9.04 6.37 -37.23
CA LYS C 426 -8.95 5.23 -38.13
C LYS C 426 -7.82 5.45 -39.12
N ILE C 427 -7.01 4.43 -39.34
CA ILE C 427 -5.90 4.51 -40.29
C ILE C 427 -6.41 4.08 -41.65
N ASP C 428 -6.39 5.01 -42.61
CA ASP C 428 -6.96 4.77 -43.93
C ASP C 428 -6.03 3.90 -44.78
N GLY C 429 -6.56 3.47 -45.93
CA GLY C 429 -5.80 2.71 -46.89
C GLY C 429 -5.56 1.25 -46.54
N SER C 430 -6.18 0.75 -45.48
CA SER C 430 -5.92 -0.61 -45.03
C SER C 430 -6.47 -1.64 -46.01
N THR C 431 -5.81 -2.79 -46.07
CA THR C 431 -6.26 -3.93 -46.85
C THR C 431 -6.38 -5.13 -45.89
N SER C 432 -7.59 -5.66 -45.76
CA SER C 432 -7.84 -6.74 -44.83
C SER C 432 -8.72 -7.79 -45.49
N ASN C 433 -8.75 -8.98 -44.87
CA ASN C 433 -9.57 -10.09 -45.35
C ASN C 433 -9.81 -11.04 -44.20
N VAL C 434 -11.08 -11.42 -44.01
CA VAL C 434 -11.48 -12.34 -42.96
C VAL C 434 -12.13 -13.56 -43.59
N GLU C 435 -11.79 -14.74 -43.08
CA GLU C 435 -12.29 -15.99 -43.63
C GLU C 435 -12.85 -16.88 -42.52
N VAL C 436 -13.80 -17.74 -42.90
CA VAL C 436 -14.36 -18.75 -42.02
C VAL C 436 -13.74 -20.09 -42.41
N VAL C 437 -12.94 -20.66 -41.52
CA VAL C 437 -12.10 -21.81 -41.83
C VAL C 437 -12.56 -23.00 -41.01
N ASN C 438 -12.70 -24.15 -41.66
CA ASN C 438 -13.03 -25.41 -40.99
C ASN C 438 -11.77 -25.95 -40.35
N LYS C 439 -11.66 -25.82 -39.03
CA LYS C 439 -10.44 -26.26 -38.35
C LYS C 439 -10.47 -27.77 -38.10
N LYS C 440 -11.57 -28.29 -37.55
CA LYS C 440 -11.67 -29.70 -37.23
C LYS C 440 -13.14 -30.10 -37.19
N ALA C 441 -13.41 -31.34 -37.58
CA ALA C 441 -14.76 -31.89 -37.60
C ALA C 441 -15.71 -30.98 -38.36
N ASN C 442 -16.72 -30.46 -37.65
CA ASN C 442 -17.66 -29.49 -38.22
C ASN C 442 -17.53 -28.12 -37.57
N LEU C 443 -16.43 -27.88 -36.85
CA LEU C 443 -16.19 -26.61 -36.18
C LEU C 443 -15.47 -25.64 -37.11
N TYR C 444 -15.89 -24.37 -37.06
CA TYR C 444 -15.33 -23.33 -37.90
C TYR C 444 -14.80 -22.19 -37.03
N LYS C 445 -13.60 -21.73 -37.34
CA LYS C 445 -13.01 -20.57 -36.71
C LYS C 445 -13.08 -19.37 -37.65
N ILE C 446 -12.74 -18.19 -37.11
CA ILE C 446 -12.82 -16.94 -37.85
C ILE C 446 -11.45 -16.29 -37.79
N GLU C 447 -10.73 -16.30 -38.91
CA GLU C 447 -9.40 -15.73 -38.99
C GLU C 447 -9.39 -14.52 -39.93
N GLY C 448 -8.52 -13.56 -39.61
CA GLY C 448 -8.40 -12.37 -40.42
C GLY C 448 -6.95 -11.97 -40.57
N GLU C 449 -6.65 -11.39 -41.72
CA GLU C 449 -5.32 -10.86 -42.02
C GLU C 449 -5.46 -9.44 -42.53
N MET C 450 -4.45 -8.62 -42.25
CA MET C 450 -4.52 -7.21 -42.60
C MET C 450 -3.10 -6.67 -42.79
N SER C 451 -2.95 -5.80 -43.79
CA SER C 451 -1.73 -5.05 -44.00
C SER C 451 -2.10 -3.58 -44.16
N PHE C 452 -1.34 -2.70 -43.50
CA PHE C 452 -1.59 -1.27 -43.56
C PHE C 452 -0.29 -0.53 -43.34
N SER C 453 -0.32 0.78 -43.57
CA SER C 453 0.83 1.64 -43.38
C SER C 453 0.43 2.87 -42.60
N VAL C 454 1.40 3.47 -41.92
CA VAL C 454 1.17 4.63 -41.07
C VAL C 454 1.97 5.81 -41.64
N GLN C 455 1.26 6.85 -42.05
CA GLN C 455 1.87 8.13 -42.40
C GLN C 455 1.61 9.07 -41.23
N ILE C 456 2.63 9.28 -40.40
CA ILE C 456 2.43 9.97 -39.12
C ILE C 456 1.96 11.40 -39.34
N ASN C 457 2.27 11.98 -40.51
CA ASN C 457 1.83 13.34 -40.81
C ASN C 457 0.31 13.44 -40.93
N ASP C 458 -0.38 12.33 -41.18
CA ASP C 458 -1.83 12.34 -41.24
C ASP C 458 -2.46 12.66 -39.90
N TYR C 459 -1.71 12.51 -38.80
CA TYR C 459 -2.26 12.68 -37.46
C TYR C 459 -1.56 13.78 -36.67
N ILE C 460 -0.63 14.49 -37.27
CA ILE C 460 -0.01 15.66 -36.66
C ILE C 460 -0.77 16.88 -37.18
N LEU C 461 -1.63 17.43 -36.33
CA LEU C 461 -2.44 18.59 -36.69
C LEU C 461 -2.11 19.84 -35.88
N ASP C 462 -1.63 19.69 -34.65
CA ASP C 462 -1.13 20.80 -33.86
C ASP C 462 0.36 20.62 -33.63
N ALA C 463 1.02 21.73 -33.26
CA ALA C 463 2.46 21.68 -33.01
C ALA C 463 2.81 20.70 -31.90
N ALA C 464 1.95 20.57 -30.89
CA ALA C 464 2.20 19.65 -29.80
C ALA C 464 2.19 18.19 -30.26
N ASP C 465 1.52 17.88 -31.37
CA ASP C 465 1.46 16.51 -31.87
C ASP C 465 2.77 16.04 -32.46
N LYS C 466 3.73 16.95 -32.70
CA LYS C 466 4.97 16.57 -33.36
C LYS C 466 5.84 15.70 -32.46
N LYS C 467 5.82 15.94 -31.16
CA LYS C 467 6.58 15.16 -30.19
C LYS C 467 5.58 14.43 -29.30
N GLN C 468 5.36 13.14 -29.60
CA GLN C 468 4.31 12.40 -28.90
C GLN C 468 4.50 10.91 -29.11
N PRO C 469 4.22 10.07 -28.12
CA PRO C 469 4.13 8.64 -28.37
C PRO C 469 2.75 8.26 -28.89
N TRP C 470 2.74 7.33 -29.86
CA TRP C 470 1.50 6.85 -30.45
C TRP C 470 1.35 5.36 -30.18
N ASP C 471 0.12 4.93 -29.93
CA ASP C 471 -0.20 3.53 -29.68
C ASP C 471 -1.12 3.01 -30.77
N ILE C 472 -0.81 1.83 -31.28
CA ILE C 472 -1.52 1.24 -32.42
C ILE C 472 -2.54 0.23 -31.91
N ALA C 473 -3.69 0.16 -32.57
CA ALA C 473 -4.75 -0.75 -32.20
C ALA C 473 -5.44 -1.26 -33.46
N THR C 474 -6.17 -2.36 -33.30
CA THR C 474 -6.96 -2.94 -34.38
C THR C 474 -8.40 -3.10 -33.89
N ARG C 475 -9.34 -3.01 -34.83
CA ARG C 475 -10.76 -3.08 -34.54
C ARG C 475 -11.36 -4.19 -35.39
N PHE C 476 -11.98 -5.17 -34.73
CA PHE C 476 -12.59 -6.31 -35.38
C PHE C 476 -14.05 -6.43 -34.96
N THR C 477 -14.94 -6.57 -35.94
CA THR C 477 -16.36 -6.79 -35.68
C THR C 477 -16.83 -8.01 -36.44
N GLY C 478 -17.76 -8.75 -35.83
CA GLY C 478 -18.33 -9.91 -36.46
C GLY C 478 -19.29 -10.66 -35.56
N LEU C 479 -20.42 -11.11 -36.13
CA LEU C 479 -21.40 -11.91 -35.41
C LEU C 479 -21.94 -11.20 -34.17
N GLY C 480 -21.92 -9.87 -34.18
CA GLY C 480 -22.42 -9.09 -33.07
C GLY C 480 -21.36 -8.68 -32.06
N TYR C 481 -20.15 -9.22 -32.15
CA TYR C 481 -19.06 -8.88 -31.24
C TYR C 481 -18.20 -7.78 -31.86
N THR C 482 -17.85 -6.79 -31.05
CA THR C 482 -16.92 -5.74 -31.43
C THR C 482 -15.70 -5.82 -30.53
N SER C 483 -14.52 -5.89 -31.15
CA SER C 483 -13.26 -6.05 -30.43
C SER C 483 -12.27 -5.01 -30.92
N HIS C 484 -12.05 -3.97 -30.13
CA HIS C 484 -11.11 -2.90 -30.45
C HIS C 484 -10.01 -2.95 -29.39
N ARG C 485 -8.88 -3.56 -29.72
CA ARG C 485 -7.83 -3.80 -28.76
C ARG C 485 -6.48 -3.37 -29.32
N ALA C 486 -5.52 -3.20 -28.42
CA ALA C 486 -4.19 -2.74 -28.80
C ALA C 486 -3.46 -3.82 -29.59
N LEU C 487 -2.70 -3.39 -30.60
CA LEU C 487 -1.87 -4.31 -31.35
C LEU C 487 -0.75 -4.85 -30.47
N THR C 488 -0.47 -6.14 -30.59
CA THR C 488 0.49 -6.81 -29.72
C THR C 488 1.48 -7.62 -30.54
N ILE C 489 2.59 -7.96 -29.90
CA ILE C 489 3.62 -8.81 -30.49
C ILE C 489 4.33 -9.55 -29.35
N GLY C 490 4.88 -10.71 -29.67
CA GLY C 490 5.56 -11.52 -28.67
C GLY C 490 7.07 -11.39 -28.70
N LYS C 491 7.66 -11.42 -29.88
CA LYS C 491 9.10 -11.27 -29.99
C LYS C 491 9.51 -9.84 -29.70
N ILE C 492 10.79 -9.66 -29.41
CA ILE C 492 11.31 -8.32 -29.16
C ILE C 492 11.30 -7.51 -30.45
N LEU C 493 10.67 -6.34 -30.42
CA LEU C 493 10.58 -5.47 -31.58
C LEU C 493 11.11 -4.09 -31.21
N ILE C 494 12.23 -3.69 -31.82
CA ILE C 494 12.75 -2.34 -31.70
C ILE C 494 13.32 -1.94 -33.05
N LYS C 495 12.66 -1.02 -33.76
CA LYS C 495 13.14 -0.55 -35.05
C LYS C 495 13.02 0.95 -35.13
N THR C 496 14.07 1.60 -35.62
CA THR C 496 14.16 3.05 -35.66
C THR C 496 14.15 3.57 -37.09
N ALA C 497 13.89 4.87 -37.22
CA ALA C 497 13.87 5.52 -38.52
C ALA C 497 14.10 7.01 -38.33
N LEU C 498 14.75 7.62 -39.32
CA LEU C 498 14.96 9.06 -39.37
C LEU C 498 14.40 9.55 -40.70
N ILE C 499 13.19 10.10 -40.67
CA ILE C 499 12.42 10.39 -41.87
C ILE C 499 12.03 11.86 -41.86
N ASN C 500 12.65 12.65 -42.73
CA ASN C 500 12.30 14.05 -42.97
C ASN C 500 12.20 14.83 -41.65
N ASN C 501 13.31 14.84 -40.91
CA ASN C 501 13.45 15.54 -39.64
C ASN C 501 12.53 14.98 -38.55
N LYS C 502 12.12 13.73 -38.66
CA LYS C 502 11.30 13.08 -37.65
C LYS C 502 12.01 11.82 -37.17
N THR C 503 12.31 11.76 -35.87
CA THR C 503 12.82 10.54 -35.26
C THR C 503 11.64 9.64 -34.91
N MET C 504 11.64 8.43 -35.45
CA MET C 504 10.52 7.50 -35.27
C MET C 504 11.04 6.17 -34.76
N ILE C 505 10.39 5.63 -33.73
CA ILE C 505 10.75 4.34 -33.15
C ILE C 505 9.47 3.53 -32.93
N VAL C 506 9.37 2.39 -33.59
CA VAL C 506 8.31 1.42 -33.33
C VAL C 506 8.88 0.35 -32.41
N TYR C 507 8.10 -0.06 -31.41
CA TYR C 507 8.64 -0.93 -30.38
C TYR C 507 7.53 -1.64 -29.62
N LYS C 508 7.89 -2.75 -29.01
CA LYS C 508 7.03 -3.47 -28.07
C LYS C 508 7.26 -2.90 -26.68
N ASN C 509 6.23 -2.28 -26.10
CA ASN C 509 6.39 -1.62 -24.81
C ASN C 509 6.41 -2.66 -23.70
N ALA C 510 6.43 -2.19 -22.45
CA ALA C 510 6.52 -3.10 -21.31
C ALA C 510 5.29 -3.98 -21.16
N SER C 511 4.15 -3.57 -21.71
CA SER C 511 2.93 -4.35 -21.64
C SER C 511 2.77 -5.30 -22.83
N GLY C 512 3.75 -5.36 -23.73
CA GLY C 512 3.64 -6.20 -24.90
C GLY C 512 2.85 -5.61 -26.04
N LEU C 513 2.62 -4.30 -26.02
CA LEU C 513 1.81 -3.63 -27.03
C LEU C 513 2.72 -2.82 -27.97
N ILE C 514 2.17 -2.48 -29.13
CA ILE C 514 2.91 -1.77 -30.17
C ILE C 514 2.76 -0.27 -29.96
N SER C 515 3.89 0.41 -29.77
CA SER C 515 3.90 1.86 -29.63
C SER C 515 4.83 2.46 -30.68
N LEU C 516 4.58 3.73 -30.99
CA LEU C 516 5.36 4.48 -31.98
C LEU C 516 5.78 5.80 -31.37
N ASP C 517 7.05 5.92 -31.00
CA ASP C 517 7.57 7.15 -30.42
C ASP C 517 8.09 8.05 -31.55
N VAL C 518 7.57 9.28 -31.61
CA VAL C 518 7.95 10.26 -32.62
C VAL C 518 8.43 11.51 -31.90
N GLY C 519 9.65 11.93 -32.20
CA GLY C 519 10.24 13.08 -31.57
C GLY C 519 10.96 12.81 -30.27
N SER C 520 11.26 11.55 -29.96
CA SER C 520 12.01 11.17 -28.76
C SER C 520 11.28 11.57 -27.48
N SER C 521 9.97 11.31 -27.44
CA SER C 521 9.21 11.65 -26.25
C SER C 521 9.46 10.67 -25.11
N VAL C 522 9.68 9.39 -25.42
CA VAL C 522 9.91 8.39 -24.38
C VAL C 522 11.18 7.58 -24.58
N ARG C 523 11.79 7.56 -25.77
CA ARG C 523 12.96 6.74 -26.02
C ARG C 523 14.01 7.54 -26.78
N SER C 524 15.24 7.06 -26.73
CA SER C 524 16.37 7.67 -27.41
C SER C 524 16.63 6.93 -28.72
N ILE C 525 16.67 7.65 -29.83
CA ILE C 525 16.87 6.99 -31.12
C ILE C 525 18.31 6.53 -31.27
N VAL C 526 19.27 7.21 -30.64
CA VAL C 526 20.65 6.77 -30.70
C VAL C 526 20.83 5.46 -29.95
N GLU C 527 20.17 5.33 -28.80
CA GLU C 527 20.27 4.09 -28.03
C GLU C 527 19.65 2.92 -28.78
N ASP C 528 18.44 3.11 -29.32
CA ASP C 528 17.75 2.01 -29.98
C ASP C 528 18.35 1.67 -31.34
N SER C 529 19.02 2.64 -31.99
CA SER C 529 19.66 2.36 -33.26
C SER C 529 21.02 1.70 -33.09
N GLY C 530 21.70 1.95 -31.98
CA GLY C 530 23.05 1.48 -31.77
C GLY C 530 24.07 2.37 -32.44
N VAL C 531 25.32 2.18 -32.05
CA VAL C 531 26.44 2.98 -32.54
C VAL C 531 27.53 2.05 -33.04
N LYS C 532 28.09 2.36 -34.21
CA LYS C 532 29.26 1.65 -34.73
C LYS C 532 30.49 2.25 -34.06
N ARG C 533 30.87 1.68 -32.90
CA ARG C 533 31.93 2.28 -32.10
C ARG C 533 33.28 2.26 -32.82
N GLU C 534 33.51 1.26 -33.67
CA GLU C 534 34.77 1.17 -34.40
C GLU C 534 34.87 2.17 -35.54
N GLN C 535 33.77 2.80 -35.95
CA GLN C 535 33.78 3.79 -37.01
C GLN C 535 33.61 5.20 -36.49
N ILE C 536 33.79 5.42 -35.19
CA ILE C 536 33.74 6.77 -34.63
C ILE C 536 34.97 7.54 -35.09
N LEU C 537 34.75 8.60 -35.85
CA LEU C 537 35.82 9.43 -36.39
C LEU C 537 36.06 10.62 -35.48
N ILE C 538 37.31 10.81 -35.07
CA ILE C 538 37.72 11.96 -34.27
C ILE C 538 38.63 12.82 -35.14
N ASP C 539 38.26 14.10 -35.27
CA ASP C 539 39.01 15.06 -36.07
C ASP C 539 39.46 16.18 -35.12
N LYS C 540 40.67 16.05 -34.59
CA LYS C 540 41.14 16.98 -33.58
C LYS C 540 41.33 18.38 -34.14
N THR C 541 41.79 18.49 -35.40
CA THR C 541 42.05 19.79 -35.99
C THR C 541 40.76 20.58 -36.18
N SER C 542 39.72 19.93 -36.73
CA SER C 542 38.44 20.60 -36.88
C SER C 542 37.58 20.51 -35.63
N GLY C 543 37.93 19.65 -34.68
CA GLY C 543 37.16 19.51 -33.46
C GLY C 543 35.87 18.74 -33.60
N LYS C 544 35.69 18.00 -34.69
CA LYS C 544 34.45 17.28 -34.96
C LYS C 544 34.63 15.80 -34.64
N VAL C 545 33.65 15.25 -33.91
CA VAL C 545 33.58 13.81 -33.64
C VAL C 545 32.33 13.29 -34.34
N THR C 546 32.52 12.33 -35.25
CA THR C 546 31.42 11.74 -35.99
C THR C 546 31.09 10.37 -35.41
N ILE C 547 29.83 10.17 -35.06
CA ILE C 547 29.34 8.94 -34.45
C ILE C 547 28.24 8.37 -35.34
N PRO C 548 28.55 7.39 -36.17
CA PRO C 548 27.53 6.83 -37.07
C PRO C 548 26.59 5.89 -36.36
N LEU C 549 25.32 5.91 -36.79
CA LEU C 549 24.29 5.04 -36.23
C LEU C 549 24.25 3.72 -36.98
N ASN C 550 23.95 2.64 -36.25
CA ASN C 550 24.04 1.30 -36.80
C ASN C 550 22.80 0.93 -37.61
N GLU C 551 21.75 0.48 -36.92
CA GLU C 551 20.53 0.00 -37.57
C GLU C 551 19.46 1.07 -37.50
N ILE C 552 19.17 1.71 -38.65
CA ILE C 552 18.18 2.78 -38.70
C ILE C 552 17.80 2.98 -40.16
N HIS C 553 16.52 3.32 -40.39
CA HIS C 553 15.99 3.56 -41.72
C HIS C 553 15.97 5.07 -41.97
N VAL C 554 16.82 5.54 -42.88
CA VAL C 554 16.97 6.96 -43.16
C VAL C 554 16.30 7.26 -44.50
N PHE C 555 15.46 8.28 -44.51
CA PHE C 555 14.75 8.71 -45.71
C PHE C 555 14.69 10.23 -45.71
N GLY C 556 15.04 10.84 -46.84
CA GLY C 556 15.09 12.28 -46.94
C GLY C 556 16.28 12.87 -46.19
N GLU C 557 16.33 14.20 -46.18
CA GLU C 557 17.37 14.94 -45.49
C GLU C 557 16.88 15.33 -44.11
N SER C 558 17.73 15.12 -43.10
CA SER C 558 17.37 15.42 -41.72
C SER C 558 18.52 16.12 -41.03
N LEU C 559 18.19 17.10 -40.20
CA LEU C 559 19.19 17.77 -39.35
C LEU C 559 18.46 18.22 -38.10
N ILE C 560 18.74 17.55 -36.99
CA ILE C 560 18.13 17.87 -35.69
C ILE C 560 19.24 18.31 -34.76
N GLU C 561 19.17 19.56 -34.29
CA GLU C 561 20.17 20.10 -33.40
C GLU C 561 19.97 19.59 -31.99
N GLY C 562 21.06 19.29 -31.30
CA GLY C 562 21.03 18.84 -29.93
C GLY C 562 22.28 19.28 -29.22
N ASN C 563 22.76 18.44 -28.29
CA ASN C 563 24.00 18.71 -27.58
C ASN C 563 24.56 17.39 -27.08
N ALA C 564 25.71 17.47 -26.41
CA ALA C 564 26.36 16.30 -25.85
C ALA C 564 27.15 16.72 -24.62
N GLU C 565 27.41 15.75 -23.75
CA GLU C 565 28.13 15.98 -22.50
C GLU C 565 29.42 15.18 -22.50
N LEU C 566 30.52 15.83 -22.14
CA LEU C 566 31.82 15.20 -22.01
C LEU C 566 32.22 15.21 -20.53
N LYS C 567 32.68 14.06 -20.04
CA LYS C 567 33.17 13.95 -18.68
C LYS C 567 34.50 13.22 -18.69
N PRO C 568 35.52 13.75 -18.02
CA PRO C 568 36.82 13.04 -17.96
C PRO C 568 36.68 11.73 -17.21
N VAL C 569 37.14 10.65 -17.84
CA VAL C 569 37.12 9.34 -17.21
C VAL C 569 38.01 9.37 -15.98
N GLY C 570 37.49 8.85 -14.87
CA GLY C 570 38.23 8.75 -13.63
C GLY C 570 37.88 9.80 -12.60
N ILE C 571 37.39 10.95 -13.04
CA ILE C 571 36.99 12.03 -12.13
C ILE C 571 35.47 11.95 -12.01
N SER C 572 35.00 11.38 -10.90
CA SER C 572 33.58 11.09 -10.74
C SER C 572 32.78 12.36 -10.52
N ASP C 573 33.29 13.29 -9.73
CA ASP C 573 32.57 14.51 -9.37
C ASP C 573 32.77 15.63 -10.39
N ALA C 574 33.28 15.33 -11.57
CA ALA C 574 33.59 16.37 -12.54
C ALA C 574 32.33 16.95 -13.15
N ASP C 575 32.39 18.25 -13.46
CA ASP C 575 31.30 18.89 -14.17
C ASP C 575 31.21 18.36 -15.60
N PRO C 576 30.02 18.26 -16.16
CA PRO C 576 29.89 17.93 -17.58
C PRO C 576 30.35 19.09 -18.44
N ILE C 577 30.94 18.75 -19.59
CA ILE C 577 31.37 19.74 -20.56
C ILE C 577 30.34 19.74 -21.68
N ASN C 578 29.60 20.85 -21.79
CA ASN C 578 28.50 20.95 -22.73
C ASN C 578 29.02 21.43 -24.09
N VAL C 579 28.73 20.65 -25.13
CA VAL C 579 29.13 20.98 -26.49
C VAL C 579 27.94 20.76 -27.41
N LYS C 580 28.01 21.36 -28.59
CA LYS C 580 26.94 21.22 -29.57
C LYS C 580 27.02 19.86 -30.27
N ALA C 581 25.86 19.31 -30.59
CA ALA C 581 25.75 18.09 -31.36
C ALA C 581 24.55 18.20 -32.29
N LYS C 582 24.58 17.41 -33.35
CA LYS C 582 23.46 17.39 -34.29
C LYS C 582 23.32 16.00 -34.88
N LEU C 583 22.07 15.58 -35.06
CA LEU C 583 21.74 14.31 -35.69
C LEU C 583 21.45 14.56 -37.16
N ILE C 584 22.25 13.97 -38.04
CA ILE C 584 22.18 14.24 -39.47
C ILE C 584 21.69 12.99 -40.18
N GLY C 585 20.75 13.18 -41.10
CA GLY C 585 20.31 12.11 -41.97
C GLY C 585 20.48 12.48 -43.42
N GLU C 586 21.44 11.85 -44.09
CA GLU C 586 21.70 12.12 -45.50
C GLU C 586 22.21 10.86 -46.17
N ALA C 587 21.88 10.71 -47.46
CA ALA C 587 22.32 9.58 -48.27
C ALA C 587 21.92 8.24 -47.63
N ASN C 588 20.74 8.21 -47.02
CA ASN C 588 20.18 7.00 -46.41
C ASN C 588 21.07 6.47 -45.29
N LYS C 589 21.77 7.37 -44.59
CA LYS C 589 22.59 7.01 -43.45
C LYS C 589 22.50 8.11 -42.41
N ALA C 590 22.63 7.73 -41.14
CA ALA C 590 22.48 8.67 -40.03
C ALA C 590 23.76 8.69 -39.20
N ARG C 591 24.05 9.87 -38.63
CA ARG C 591 25.24 10.05 -37.80
C ARG C 591 24.98 11.21 -36.84
N VAL C 592 25.79 11.25 -35.78
CA VAL C 592 25.76 12.34 -34.81
C VAL C 592 27.13 13.02 -34.84
N GLU C 593 27.15 14.28 -35.25
CA GLU C 593 28.37 15.08 -35.25
C GLU C 593 28.41 15.92 -33.99
N VAL C 594 29.41 15.68 -33.15
CA VAL C 594 29.64 16.45 -31.93
C VAL C 594 30.77 17.44 -32.20
N LEU C 595 30.52 18.71 -31.91
CA LEU C 595 31.47 19.79 -32.19
C LEU C 595 32.12 20.22 -30.88
N LEU C 596 33.43 19.98 -30.76
CA LEU C 596 34.14 20.35 -29.54
C LEU C 596 34.32 21.86 -29.44
N GLY C 597 34.48 22.54 -30.57
CA GLY C 597 34.56 23.99 -30.55
C GLY C 597 35.82 24.47 -29.85
N ASP C 598 35.65 25.43 -28.95
CA ASP C 598 36.76 26.06 -28.26
C ASP C 598 37.14 25.32 -26.97
N GLU C 599 36.62 24.12 -26.75
CA GLU C 599 36.97 23.37 -25.55
C GLU C 599 38.38 22.82 -25.67
N LYS C 600 39.17 23.01 -24.62
CA LYS C 600 40.53 22.46 -24.54
C LYS C 600 40.45 21.13 -23.80
N LEU C 601 40.71 20.03 -24.50
CA LEU C 601 40.48 18.70 -23.96
C LEU C 601 41.70 17.82 -24.19
N SER C 602 42.02 17.02 -23.17
CA SER C 602 43.13 16.08 -23.24
C SER C 602 42.82 14.90 -22.35
N GLY C 603 43.07 13.69 -22.85
CA GLY C 603 42.79 12.48 -22.12
C GLY C 603 41.54 11.79 -22.62
N GLU C 604 41.12 10.78 -21.87
CA GLU C 604 39.93 10.01 -22.20
C GLU C 604 38.69 10.65 -21.58
N TYR C 605 37.62 10.71 -22.35
CA TYR C 605 36.39 11.37 -21.94
C TYR C 605 35.18 10.48 -22.22
N HIS C 606 34.23 10.49 -21.28
CA HIS C 606 32.91 9.97 -21.58
C HIS C 606 32.18 10.92 -22.53
N LEU C 607 31.37 10.34 -23.42
CA LEU C 607 30.60 11.12 -24.38
C LEU C 607 29.17 10.63 -24.36
N VAL C 608 28.23 11.53 -24.06
CA VAL C 608 26.81 11.20 -23.99
C VAL C 608 26.07 12.20 -24.86
N THR C 609 25.45 11.72 -25.94
CA THR C 609 24.65 12.58 -26.79
C THR C 609 23.31 12.87 -26.13
N ASN C 610 22.73 14.03 -26.47
CA ASN C 610 21.43 14.45 -25.95
C ASN C 610 20.64 15.05 -27.12
N ILE C 611 20.02 14.16 -27.90
CA ILE C 611 19.19 14.56 -29.03
C ILE C 611 17.75 14.59 -28.57
N GLN C 612 17.11 15.76 -28.70
CA GLN C 612 15.69 15.94 -28.42
C GLN C 612 15.33 15.56 -26.98
N GLY C 613 16.26 15.78 -26.05
CA GLY C 613 15.99 15.57 -24.65
C GLY C 613 16.20 14.16 -24.13
N LYS C 614 16.75 13.27 -24.93
CA LYS C 614 16.98 11.88 -24.53
C LYS C 614 18.46 11.56 -24.66
N LYS C 615 19.04 11.02 -23.60
CA LYS C 615 20.45 10.66 -23.59
C LYS C 615 20.62 9.20 -23.97
N ASP C 616 21.69 8.91 -24.69
CA ASP C 616 21.99 7.53 -25.04
C ASP C 616 22.69 6.82 -23.88
N LYS C 617 22.69 5.50 -23.94
CA LYS C 617 23.36 4.65 -22.95
C LYS C 617 24.37 3.74 -23.65
N GLN C 618 25.12 4.30 -24.58
CA GLN C 618 26.04 3.53 -25.41
C GLN C 618 27.45 3.43 -24.84
N GLN C 619 27.71 4.09 -23.71
CA GLN C 619 29.01 4.02 -23.04
C GLN C 619 30.14 4.51 -23.95
N ILE C 620 29.87 5.56 -24.72
CA ILE C 620 30.84 6.03 -25.70
C ILE C 620 31.99 6.72 -24.98
N LYS C 621 33.21 6.25 -25.24
CA LYS C 621 34.42 6.88 -24.74
C LYS C 621 35.30 7.30 -25.92
N ILE C 622 35.94 8.45 -25.79
CA ILE C 622 36.87 8.93 -26.79
C ILE C 622 38.14 9.41 -26.08
N THR C 623 39.26 9.35 -26.81
CA THR C 623 40.53 9.85 -26.33
C THR C 623 40.92 11.05 -27.18
N LEU C 624 41.20 12.17 -26.52
CA LEU C 624 41.50 13.42 -27.22
C LEU C 624 42.91 13.92 -26.88
N ASP D 19 18.85 -52.35 16.91
CA ASP D 19 19.72 -51.81 15.88
C ASP D 19 19.10 -50.56 15.24
N ILE D 20 19.94 -49.61 14.84
CA ILE D 20 19.48 -48.35 14.27
C ILE D 20 19.48 -48.47 12.76
N LYS D 21 18.32 -48.22 12.14
CA LYS D 21 18.23 -48.35 10.70
C LYS D 21 18.66 -47.07 9.99
N ILE D 22 18.32 -45.91 10.57
CA ILE D 22 18.51 -44.63 9.91
C ILE D 22 18.98 -43.61 10.94
N SER D 23 20.00 -42.82 10.57
CA SER D 23 20.49 -41.73 11.40
C SER D 23 20.21 -40.41 10.69
N VAL D 24 19.58 -39.48 11.39
CA VAL D 24 19.22 -38.18 10.84
C VAL D 24 20.28 -37.17 11.28
N VAL D 25 21.08 -36.69 10.34
CA VAL D 25 22.13 -35.72 10.60
C VAL D 25 21.58 -34.33 10.26
N VAL D 26 21.53 -33.45 11.26
CA VAL D 26 20.99 -32.11 11.08
C VAL D 26 21.98 -31.07 11.60
N PRO D 27 22.67 -30.35 10.73
CA PRO D 27 23.49 -29.22 11.18
C PRO D 27 22.64 -27.98 11.41
N THR D 28 22.91 -27.28 12.50
CA THR D 28 22.14 -26.12 12.89
C THR D 28 23.07 -24.94 13.14
N TYR D 29 22.55 -23.73 12.89
CA TYR D 29 23.27 -22.51 13.22
C TYR D 29 22.25 -21.37 13.16
N ASN D 30 21.85 -20.87 14.33
CA ASN D 30 20.83 -19.82 14.45
C ASN D 30 19.57 -20.21 13.68
N THR D 31 19.11 -21.44 13.92
CA THR D 31 18.02 -22.01 13.15
C THR D 31 16.70 -21.28 13.43
N GLU D 32 15.94 -21.04 12.37
CA GLU D 32 14.59 -20.52 12.51
C GLU D 32 13.77 -21.46 13.37
N LEU D 33 13.16 -20.94 14.43
CA LEU D 33 12.49 -21.80 15.40
C LEU D 33 11.25 -22.45 14.79
N GLU D 34 10.52 -21.73 13.96
CA GLU D 34 9.33 -22.31 13.34
C GLU D 34 9.68 -23.45 12.39
N GLY D 35 10.76 -23.28 11.63
CA GLY D 35 11.22 -24.36 10.77
C GLY D 35 11.74 -25.55 11.55
N LEU D 36 12.26 -25.31 12.75
CA LEU D 36 12.74 -26.41 13.59
C LEU D 36 11.58 -27.16 14.24
N LYS D 37 10.50 -26.46 14.59
CA LYS D 37 9.30 -27.14 15.07
C LYS D 37 8.72 -28.04 13.99
N ASN D 38 8.62 -27.52 12.76
CA ASN D 38 8.10 -28.31 11.65
C ASN D 38 9.02 -29.48 11.33
N LEU D 39 10.33 -29.28 11.44
CA LEU D 39 11.28 -30.35 11.19
C LEU D 39 11.09 -31.48 12.20
N MET D 40 11.01 -31.14 13.48
CA MET D 40 10.80 -32.16 14.50
C MET D 40 9.45 -32.84 14.34
N ALA D 41 8.43 -32.07 13.94
CA ALA D 41 7.11 -32.66 13.71
C ALA D 41 7.15 -33.69 12.59
N SER D 42 7.92 -33.42 11.53
CA SER D 42 8.00 -34.36 10.42
C SER D 42 8.76 -35.62 10.80
N ILE D 43 9.66 -35.55 11.78
CA ILE D 43 10.38 -36.73 12.22
C ILE D 43 9.51 -37.57 13.14
N ASP D 44 8.72 -36.93 14.00
CA ASP D 44 7.87 -37.66 14.93
C ASP D 44 6.75 -38.39 14.21
N LYS D 45 6.29 -37.86 13.07
CA LYS D 45 5.23 -38.49 12.29
C LYS D 45 5.74 -39.68 11.47
N GLN D 46 7.01 -40.05 11.59
CA GLN D 46 7.54 -41.16 10.84
C GLN D 46 6.88 -42.47 11.25
N THR D 47 6.45 -43.25 10.25
CA THR D 47 5.82 -44.53 10.53
C THR D 47 6.78 -45.54 11.15
N MET D 48 8.08 -45.33 10.98
CA MET D 48 9.07 -46.22 11.57
C MET D 48 9.07 -46.11 13.08
N ASN D 49 9.32 -47.23 13.75
CA ASN D 49 9.36 -47.26 15.20
C ASN D 49 10.43 -46.29 15.70
N PRO D 50 10.08 -45.37 16.63
CA PRO D 50 11.06 -44.36 17.05
C PRO D 50 12.33 -44.92 17.68
N ASP D 51 12.30 -46.15 18.18
CA ASP D 51 13.52 -46.77 18.71
C ASP D 51 14.33 -47.48 17.64
N GLU D 52 13.97 -47.32 16.36
CA GLU D 52 14.72 -47.90 15.25
C GLU D 52 15.43 -46.85 14.41
N TYR D 53 15.46 -45.60 14.86
CA TYR D 53 16.25 -44.56 14.21
C TYR D 53 16.76 -43.60 15.27
N GLU D 54 17.67 -42.72 14.87
CA GLU D 54 18.27 -41.76 15.78
C GLU D 54 18.39 -40.41 15.09
N LEU D 55 18.44 -39.35 15.91
CA LEU D 55 18.59 -37.98 15.45
C LEU D 55 19.90 -37.43 15.99
N VAL D 56 20.73 -36.89 15.10
CA VAL D 56 22.03 -36.37 15.47
C VAL D 56 22.07 -34.90 15.07
N PHE D 57 21.91 -34.01 16.04
CA PHE D 57 21.96 -32.56 15.82
C PHE D 57 23.30 -32.02 16.28
N VAL D 58 24.01 -31.35 15.39
CA VAL D 58 25.31 -30.75 15.70
C VAL D 58 25.20 -29.25 15.43
N ASP D 59 25.24 -28.45 16.49
CA ASP D 59 25.13 -27.01 16.38
C ASP D 59 26.50 -26.40 16.12
N ASP D 60 26.54 -25.43 15.21
CA ASP D 60 27.79 -24.80 14.77
C ASP D 60 28.10 -23.54 15.57
N GLY D 61 27.96 -23.60 16.89
CA GLY D 61 28.20 -22.45 17.73
C GLY D 61 27.22 -21.33 17.49
N SER D 62 25.93 -21.61 17.70
CA SER D 62 24.90 -20.62 17.45
C SER D 62 24.98 -19.48 18.44
N THR D 63 24.65 -18.28 17.98
CA THR D 63 24.56 -17.11 18.82
C THR D 63 23.17 -16.88 19.40
N THR D 64 22.17 -17.62 18.93
CA THR D 64 20.82 -17.54 19.44
C THR D 64 20.59 -18.64 20.48
N ASP D 65 19.32 -18.86 20.84
CA ASP D 65 18.96 -19.92 21.79
C ASP D 65 18.78 -21.27 21.11
N THR D 66 19.45 -21.51 19.98
CA THR D 66 19.25 -22.75 19.23
C THR D 66 19.73 -23.96 20.01
N TYR D 67 20.91 -23.86 20.64
CA TYR D 67 21.44 -25.00 21.39
C TYR D 67 20.61 -25.30 22.64
N GLU D 68 19.97 -24.28 23.21
CA GLU D 68 19.07 -24.51 24.34
C GLU D 68 17.81 -25.23 23.88
N ARG D 69 17.25 -24.82 22.74
CA ARG D 69 16.05 -25.48 22.22
C ARG D 69 16.35 -26.91 21.81
N LEU D 70 17.52 -27.15 21.22
CA LEU D 70 17.89 -28.50 20.82
C LEU D 70 18.09 -29.39 22.04
N GLN D 71 18.72 -28.87 23.09
CA GLN D 71 18.84 -29.64 24.33
C GLN D 71 17.49 -29.83 25.01
N GLU D 72 16.54 -28.92 24.77
CA GLU D 72 15.21 -29.07 25.32
C GLU D 72 14.40 -30.12 24.54
N PHE D 73 14.55 -30.15 23.22
CA PHE D 73 13.91 -31.19 22.42
C PHE D 73 14.46 -32.57 22.78
N ALA D 74 15.77 -32.65 23.02
CA ALA D 74 16.40 -33.94 23.32
C ALA D 74 16.08 -34.43 24.72
N GLU D 75 15.61 -33.56 25.60
CA GLU D 75 15.31 -33.98 26.97
C GLU D 75 14.17 -34.98 27.00
N THR D 76 13.19 -34.82 26.13
CA THR D 76 12.02 -35.69 26.08
C THR D 76 12.11 -36.75 25.00
N ARG D 77 13.26 -36.86 24.32
CA ARG D 77 13.44 -37.84 23.25
C ARG D 77 14.76 -38.56 23.47
N PRO D 78 14.73 -39.84 23.86
CA PRO D 78 15.98 -40.54 24.20
C PRO D 78 16.87 -40.81 22.99
N ASN D 79 16.34 -40.80 21.77
CA ASN D 79 17.09 -41.15 20.58
C ASN D 79 17.67 -39.92 19.87
N MET D 80 17.74 -38.78 20.55
CA MET D 80 18.29 -37.57 19.98
C MET D 80 19.55 -37.16 20.74
N THR D 81 20.62 -36.89 20.01
CA THR D 81 21.87 -36.41 20.58
C THR D 81 22.15 -35.01 20.06
N VAL D 82 22.53 -34.10 20.95
CA VAL D 82 22.83 -32.72 20.62
C VAL D 82 24.25 -32.41 21.06
N LYS D 83 25.04 -31.84 20.15
CA LYS D 83 26.42 -31.48 20.43
C LYS D 83 26.72 -30.12 19.79
N GLN D 84 27.46 -29.28 20.52
CA GLN D 84 27.84 -27.97 20.05
C GLN D 84 29.35 -27.90 19.86
N ILE D 85 29.78 -27.21 18.81
CA ILE D 85 31.20 -27.08 18.48
C ILE D 85 31.50 -25.62 18.21
N GLU D 86 32.78 -25.34 18.00
CA GLU D 86 33.21 -24.01 17.59
C GLU D 86 32.68 -23.70 16.20
N ASN D 87 32.31 -22.44 15.98
CA ASN D 87 31.76 -22.02 14.69
C ASN D 87 32.77 -22.21 13.57
N SER D 88 32.58 -23.25 12.75
CA SER D 88 33.53 -23.54 11.69
C SER D 88 33.35 -22.64 10.48
N GLY D 89 32.12 -22.25 10.19
CA GLY D 89 31.85 -21.38 9.05
C GLY D 89 30.66 -21.83 8.23
N TRP D 90 30.48 -23.14 8.11
CA TRP D 90 29.37 -23.71 7.37
C TRP D 90 29.10 -25.11 7.88
N GLY D 91 28.15 -25.79 7.25
CA GLY D 91 27.66 -27.09 7.69
C GLY D 91 28.52 -28.28 7.37
N SER D 92 29.71 -28.09 6.79
CA SER D 92 30.53 -29.22 6.40
C SER D 92 31.09 -29.95 7.62
N ARG D 93 31.77 -29.23 8.50
CA ARG D 93 32.34 -29.86 9.69
C ARG D 93 31.30 -30.48 10.61
N PRO D 94 30.16 -29.84 10.92
CA PRO D 94 29.14 -30.54 11.73
C PRO D 94 28.57 -31.77 11.04
N ARG D 95 28.47 -31.78 9.71
CA ARG D 95 28.04 -32.98 9.02
C ARG D 95 29.03 -34.11 9.18
N ASN D 96 30.33 -33.81 9.02
CA ASN D 96 31.36 -34.84 9.18
C ASN D 96 31.42 -35.35 10.61
N ILE D 97 31.28 -34.45 11.58
CA ILE D 97 31.30 -34.87 12.98
C ILE D 97 30.09 -35.75 13.30
N ALA D 98 28.91 -35.34 12.83
CA ALA D 98 27.70 -36.11 13.11
C ALA D 98 27.76 -37.51 12.50
N THR D 99 28.40 -37.65 11.34
CA THR D 99 28.50 -38.96 10.70
C THR D 99 29.36 -39.91 11.53
N LYS D 100 30.44 -39.40 12.14
CA LYS D 100 31.29 -40.25 12.95
C LYS D 100 30.58 -40.75 14.21
N MET D 101 29.70 -39.93 14.78
CA MET D 101 28.95 -40.31 15.98
C MET D 101 27.58 -40.89 15.66
N ALA D 102 27.31 -41.20 14.39
CA ALA D 102 26.08 -41.87 14.00
C ALA D 102 26.27 -43.38 14.05
N LYS D 103 25.18 -44.09 14.34
CA LYS D 103 25.22 -45.55 14.48
C LYS D 103 24.25 -46.27 13.57
N GLY D 104 23.52 -45.57 12.70
CA GLY D 104 22.55 -46.22 11.85
C GLY D 104 23.16 -46.78 10.58
N GLU D 105 22.40 -47.67 9.94
CA GLU D 105 22.87 -48.29 8.70
C GLU D 105 22.88 -47.27 7.56
N TYR D 106 21.80 -46.51 7.41
CA TYR D 106 21.71 -45.45 6.42
C TYR D 106 21.71 -44.09 7.12
N ILE D 107 22.23 -43.08 6.42
CA ILE D 107 22.34 -41.73 6.96
C ILE D 107 21.62 -40.77 6.00
N LEU D 108 20.76 -39.93 6.57
CA LEU D 108 20.14 -38.83 5.83
C LEU D 108 20.72 -37.52 6.35
N TYR D 109 21.11 -36.64 5.43
CA TYR D 109 21.61 -35.31 5.78
C TYR D 109 20.45 -34.33 5.63
N LEU D 110 19.68 -34.16 6.71
CA LEU D 110 18.51 -33.30 6.72
C LEU D 110 18.92 -31.89 7.17
N ASP D 111 18.70 -30.91 6.31
CA ASP D 111 18.98 -29.53 6.67
C ASP D 111 17.92 -29.01 7.65
N HIS D 112 18.28 -27.98 8.40
CA HIS D 112 17.50 -27.55 9.55
C HIS D 112 16.27 -26.72 9.21
N ASP D 113 15.98 -26.49 7.92
CA ASP D 113 14.77 -25.77 7.54
C ASP D 113 13.93 -26.55 6.54
N ASP D 114 14.19 -27.84 6.38
CA ASP D 114 13.43 -28.71 5.50
C ASP D 114 12.61 -29.70 6.32
N THR D 115 11.79 -30.50 5.63
CA THR D 115 10.98 -31.51 6.29
C THR D 115 11.08 -32.83 5.51
N VAL D 116 10.55 -33.88 6.13
CA VAL D 116 10.57 -35.23 5.56
C VAL D 116 9.17 -35.80 5.64
N PHE D 117 8.79 -36.57 4.61
CA PHE D 117 7.45 -37.13 4.52
C PHE D 117 7.28 -38.30 5.47
N PRO D 118 6.04 -38.60 5.87
CA PRO D 118 5.83 -39.55 6.99
C PRO D 118 6.30 -40.97 6.71
N GLU D 119 6.20 -41.48 5.48
CA GLU D 119 6.58 -42.85 5.18
C GLU D 119 7.99 -42.94 4.61
N THR D 120 8.81 -41.91 4.80
CA THR D 120 10.13 -41.87 4.17
C THR D 120 11.06 -42.92 4.74
N PHE D 121 11.24 -42.92 6.07
CA PHE D 121 12.24 -43.81 6.68
C PHE D 121 11.92 -45.27 6.40
N GLU D 122 10.65 -45.66 6.51
CA GLU D 122 10.27 -47.05 6.31
C GLU D 122 10.42 -47.46 4.85
N ARG D 123 9.97 -46.60 3.92
CA ARG D 123 10.06 -46.95 2.50
C ARG D 123 11.50 -46.94 2.01
N VAL D 124 12.32 -46.01 2.51
CA VAL D 124 13.70 -45.91 2.06
C VAL D 124 14.52 -47.09 2.56
N TYR D 125 14.44 -47.39 3.87
CA TYR D 125 15.26 -48.46 4.43
C TYR D 125 14.91 -49.81 3.81
N ASN D 126 13.62 -50.10 3.66
CA ASN D 126 13.22 -51.36 3.04
C ASN D 126 13.68 -51.43 1.59
N PHE D 127 13.58 -50.31 0.87
CA PHE D 127 14.07 -50.28 -0.51
C PHE D 127 15.58 -50.44 -0.56
N GLY D 128 16.29 -50.01 0.47
CA GLY D 128 17.73 -50.14 0.51
C GLY D 128 18.20 -51.49 1.00
N LYS D 129 17.58 -52.00 2.07
CA LYS D 129 18.00 -53.27 2.63
C LYS D 129 17.63 -54.45 1.73
N GLU D 130 16.51 -54.37 1.02
CA GLU D 130 16.08 -55.43 0.13
C GLU D 130 16.79 -55.39 -1.23
N ASN D 131 17.75 -54.49 -1.42
CA ASN D 131 18.45 -54.40 -2.69
C ASN D 131 19.95 -54.16 -2.54
N ASN D 132 20.48 -54.11 -1.33
CA ASN D 132 21.91 -53.87 -1.06
C ASN D 132 22.38 -52.61 -1.77
N LEU D 133 21.84 -51.48 -1.30
CA LEU D 133 22.10 -50.17 -1.88
C LEU D 133 22.99 -49.35 -0.96
N ASP D 134 24.05 -48.77 -1.54
CA ASP D 134 24.89 -47.85 -0.77
C ASP D 134 24.31 -46.45 -0.72
N VAL D 135 23.62 -46.03 -1.79
CA VAL D 135 23.01 -44.71 -1.88
C VAL D 135 21.58 -44.90 -2.38
N VAL D 136 20.61 -44.40 -1.62
CA VAL D 136 19.21 -44.43 -2.01
C VAL D 136 18.80 -42.99 -2.34
N SER D 137 18.59 -42.71 -3.62
CA SER D 137 18.23 -41.37 -4.08
C SER D 137 16.71 -41.30 -4.17
N GLY D 138 16.08 -40.94 -3.06
CA GLY D 138 14.63 -40.84 -3.04
C GLY D 138 14.13 -39.60 -3.76
N LYS D 139 12.84 -39.65 -4.11
CA LYS D 139 12.22 -38.53 -4.82
C LYS D 139 12.24 -37.28 -3.95
N GLU D 140 12.80 -36.20 -4.48
CA GLU D 140 12.91 -34.93 -3.77
C GLU D 140 11.87 -33.95 -4.29
N VAL D 141 11.34 -33.15 -3.37
CA VAL D 141 10.29 -32.17 -3.67
C VAL D 141 10.81 -30.78 -3.34
N ARG D 142 10.62 -29.83 -4.25
CA ARG D 142 10.94 -28.44 -4.02
C ARG D 142 9.66 -27.61 -4.02
N THR D 143 9.76 -26.40 -3.46
CA THR D 143 8.58 -25.55 -3.33
C THR D 143 8.13 -25.03 -4.69
N ASN D 144 9.06 -24.51 -5.48
CA ASN D 144 8.74 -23.90 -6.76
C ASN D 144 9.07 -24.84 -7.91
N GLY D 145 8.45 -24.59 -9.05
CA GLY D 145 8.72 -25.33 -10.27
C GLY D 145 7.70 -26.44 -10.51
N TRP D 146 7.59 -26.82 -11.78
CA TRP D 146 6.67 -27.88 -12.19
C TRP D 146 7.33 -29.25 -12.23
N SER D 147 8.63 -29.34 -11.99
CA SER D 147 9.32 -30.61 -11.98
C SER D 147 10.61 -30.49 -11.19
N TRP D 148 11.06 -31.62 -10.65
CA TRP D 148 12.37 -31.70 -10.02
C TRP D 148 12.85 -33.14 -10.15
N GLY D 149 13.95 -33.34 -10.87
CA GLY D 149 14.36 -34.69 -11.21
C GLY D 149 13.39 -35.36 -12.16
N TRP D 150 12.92 -34.63 -13.17
CA TRP D 150 11.92 -35.16 -14.10
C TRP D 150 12.41 -36.45 -14.76
N LYS D 151 13.66 -36.47 -15.21
CA LYS D 151 14.20 -37.65 -15.87
C LYS D 151 14.54 -38.75 -14.86
N GLN D 152 15.15 -38.39 -13.74
CA GLN D 152 15.65 -39.39 -12.80
C GLN D 152 14.52 -39.98 -11.96
N PHE D 153 13.58 -39.15 -11.51
CA PHE D 153 12.50 -39.62 -10.63
C PHE D 153 11.26 -40.04 -11.43
N SER D 154 11.47 -40.85 -12.46
CA SER D 154 10.37 -41.35 -13.27
C SER D 154 9.82 -42.66 -12.74
N GLU D 155 10.68 -43.67 -12.60
CA GLU D 155 10.28 -44.97 -12.09
C GLU D 155 11.36 -45.48 -11.13
N ASN D 156 10.94 -46.38 -10.24
CA ASN D 156 11.87 -47.00 -9.31
C ASN D 156 12.92 -47.81 -10.07
N ASN D 157 14.15 -47.75 -9.58
CA ASN D 157 15.28 -48.43 -10.24
C ASN D 157 16.27 -48.85 -9.17
N PRO D 158 16.24 -50.11 -8.76
CA PRO D 158 17.21 -50.58 -7.75
C PRO D 158 18.61 -50.83 -8.28
N HIS D 159 18.83 -50.69 -9.58
CA HIS D 159 20.14 -50.86 -10.20
C HIS D 159 20.48 -49.63 -11.04
N ALA D 160 20.39 -48.46 -10.42
CA ALA D 160 20.55 -47.21 -11.15
C ALA D 160 22.00 -46.88 -11.47
N GLU D 161 22.96 -47.41 -10.71
CA GLU D 161 24.36 -47.12 -10.98
C GLU D 161 24.81 -47.67 -12.34
N GLU D 162 24.05 -48.61 -12.91
CA GLU D 162 24.39 -49.15 -14.22
C GLU D 162 24.14 -48.14 -15.34
N MET D 163 23.32 -47.12 -15.10
CA MET D 163 23.12 -46.06 -16.08
C MET D 163 24.33 -45.16 -16.22
N GLY D 164 25.22 -45.16 -15.24
CA GLY D 164 26.31 -44.22 -15.15
C GLY D 164 26.14 -43.31 -13.95
N ILE D 165 26.96 -42.26 -13.92
CA ILE D 165 26.91 -41.31 -12.82
C ILE D 165 25.67 -40.43 -12.84
N GLU D 166 24.88 -40.51 -13.92
CA GLU D 166 23.65 -39.71 -14.01
C GLU D 166 22.62 -40.11 -12.96
N CYS D 167 22.70 -41.32 -12.43
CA CYS D 167 21.71 -41.81 -11.48
C CYS D 167 21.67 -41.02 -10.18
N LEU D 168 22.65 -40.13 -9.94
CA LEU D 168 22.70 -39.36 -8.72
C LEU D 168 22.17 -37.94 -8.88
N LEU D 169 21.81 -37.53 -10.09
CA LEU D 169 21.19 -36.23 -10.27
C LEU D 169 19.75 -36.27 -9.79
N PRO D 170 19.25 -35.21 -9.15
CA PRO D 170 19.99 -34.01 -8.73
C PRO D 170 20.92 -34.30 -7.55
N MET D 171 22.16 -33.79 -7.62
CA MET D 171 23.17 -34.11 -6.61
C MET D 171 23.03 -33.22 -5.37
N THR D 172 21.90 -33.36 -4.71
CA THR D 172 21.68 -32.74 -3.42
C THR D 172 22.14 -33.67 -2.31
N PRO D 173 22.45 -33.15 -1.12
CA PRO D 173 22.80 -34.03 0.00
C PRO D 173 21.61 -34.75 0.61
N HIS D 174 20.42 -34.58 0.04
CA HIS D 174 19.17 -35.10 0.60
C HIS D 174 18.89 -36.52 0.11
N LYS D 175 19.89 -37.38 0.19
CA LYS D 175 19.78 -38.80 -0.12
C LYS D 175 20.10 -39.61 1.14
N PHE D 176 19.97 -40.92 1.02
CA PHE D 176 20.28 -41.84 2.10
C PHE D 176 21.53 -42.62 1.73
N TYR D 177 22.58 -42.47 2.55
CA TYR D 177 23.87 -43.10 2.30
C TYR D 177 24.12 -44.16 3.37
N LYS D 178 24.58 -45.33 2.93
CA LYS D 178 24.98 -46.38 3.86
C LYS D 178 26.23 -45.92 4.62
N ARG D 179 26.12 -45.84 5.95
CA ARG D 179 27.20 -45.31 6.75
C ARG D 179 28.47 -46.15 6.61
N GLU D 180 28.32 -47.47 6.45
CA GLU D 180 29.49 -48.32 6.26
C GLU D 180 30.20 -48.02 4.94
N PHE D 181 29.48 -47.51 3.95
CA PHE D 181 30.10 -47.18 2.68
C PHE D 181 30.87 -45.86 2.74
N LEU D 182 30.39 -44.90 3.53
CA LEU D 182 31.08 -43.62 3.64
C LEU D 182 32.39 -43.77 4.43
N LEU D 183 32.35 -44.50 5.53
CA LEU D 183 33.54 -44.63 6.37
C LEU D 183 34.61 -45.48 5.71
N GLU D 184 34.21 -46.58 5.07
CA GLU D 184 35.17 -47.48 4.44
C GLU D 184 35.87 -46.83 3.26
N ASN D 185 35.26 -45.83 2.62
CA ASN D 185 35.86 -45.11 1.52
C ASN D 185 36.27 -43.70 1.88
N ASP D 186 36.03 -43.27 3.12
CA ASP D 186 36.38 -41.94 3.61
C ASP D 186 35.81 -40.85 2.71
N ILE D 187 34.50 -40.90 2.52
CA ILE D 187 33.77 -39.92 1.74
C ILE D 187 33.14 -38.94 2.72
N THR D 188 33.65 -37.70 2.74
CA THR D 188 33.14 -36.68 3.63
C THR D 188 33.00 -35.37 2.85
N PHE D 189 32.47 -34.36 3.53
CA PHE D 189 32.36 -33.03 2.96
C PHE D 189 33.63 -32.24 3.24
N ASP D 190 34.11 -31.52 2.23
CA ASP D 190 35.27 -30.66 2.42
C ASP D 190 34.98 -29.61 3.48
N ASP D 191 35.75 -29.63 4.57
CA ASP D 191 35.57 -28.68 5.66
C ASP D 191 36.69 -27.65 5.71
N GLY D 192 37.29 -27.34 4.56
CA GLY D 192 38.22 -26.23 4.48
C GLY D 192 37.51 -24.95 4.13
N ALA D 193 38.03 -24.20 3.16
CA ALA D 193 37.33 -23.02 2.67
C ALA D 193 36.02 -23.42 2.03
N ARG D 194 35.03 -22.53 2.12
CA ARG D 194 33.71 -22.80 1.55
C ARG D 194 33.82 -22.99 0.04
N VAL D 195 33.21 -24.07 -0.45
CA VAL D 195 33.16 -24.36 -1.86
C VAL D 195 31.70 -24.43 -2.29
N LEU D 196 31.43 -23.96 -3.50
CA LEU D 196 30.08 -24.07 -4.05
C LEU D 196 29.88 -25.48 -4.61
N TRP D 197 28.63 -25.94 -4.53
CA TRP D 197 28.25 -27.27 -5.01
C TRP D 197 29.03 -28.36 -4.28
N GLU D 198 29.20 -28.21 -2.97
CA GLU D 198 29.88 -29.24 -2.18
C GLU D 198 29.18 -30.59 -2.31
N ASP D 199 27.84 -30.58 -2.37
CA ASP D 199 27.10 -31.82 -2.52
C ASP D 199 27.40 -32.50 -3.85
N VAL D 200 27.80 -31.73 -4.87
CA VAL D 200 28.21 -32.35 -6.13
C VAL D 200 29.52 -33.10 -5.95
N TYR D 201 30.43 -32.57 -5.13
CA TYR D 201 31.64 -33.30 -4.77
C TYR D 201 31.30 -34.57 -4.02
N PHE D 202 30.40 -34.47 -3.03
CA PHE D 202 30.11 -35.60 -2.15
C PHE D 202 29.46 -36.74 -2.92
N ASN D 203 28.49 -36.43 -3.78
CA ASN D 203 27.82 -37.48 -4.55
C ASN D 203 28.76 -38.08 -5.58
N SER D 204 29.59 -37.26 -6.23
CA SER D 204 30.54 -37.78 -7.21
C SER D 204 31.52 -38.75 -6.56
N LYS D 205 32.07 -38.37 -5.40
CA LYS D 205 32.98 -39.26 -4.70
C LYS D 205 32.31 -40.56 -4.29
N ALA D 206 31.01 -40.53 -4.02
CA ALA D 206 30.28 -41.75 -3.70
C ALA D 206 30.23 -42.69 -4.91
N PHE D 207 29.93 -42.14 -6.09
CA PHE D 207 29.80 -42.97 -7.28
C PHE D 207 31.16 -43.45 -7.78
N ILE D 208 32.20 -42.61 -7.65
CA ILE D 208 33.53 -42.99 -8.10
C ILE D 208 34.00 -44.25 -7.38
N HIS D 209 33.61 -44.41 -6.12
CA HIS D 209 33.95 -45.59 -5.34
C HIS D 209 33.00 -46.75 -5.56
N GLY D 210 32.25 -46.75 -6.66
CA GLY D 210 31.41 -47.88 -7.02
C GLY D 210 30.20 -48.08 -6.15
N ALA D 211 29.48 -47.01 -5.81
CA ALA D 211 28.28 -47.13 -4.99
C ALA D 211 27.16 -47.75 -5.80
N LYS D 212 26.48 -48.73 -5.21
CA LYS D 212 25.27 -49.30 -5.81
C LYS D 212 24.11 -48.39 -5.46
N VAL D 213 23.70 -47.56 -6.42
CA VAL D 213 22.68 -46.52 -6.20
C VAL D 213 21.33 -47.04 -6.66
N GLY D 214 20.31 -46.81 -5.83
CA GLY D 214 18.94 -47.11 -6.22
C GLY D 214 18.07 -45.87 -6.07
N ILE D 215 17.15 -45.70 -7.02
CA ILE D 215 16.30 -44.52 -7.08
C ILE D 215 14.89 -44.92 -6.65
N LEU D 216 14.38 -44.27 -5.61
CA LEU D 216 13.01 -44.48 -5.14
C LEU D 216 12.18 -43.29 -5.61
N ALA D 217 11.37 -43.51 -6.65
CA ALA D 217 10.65 -42.44 -7.31
C ALA D 217 9.13 -42.52 -7.15
N ASP D 218 8.61 -43.54 -6.47
CA ASP D 218 7.18 -43.70 -6.32
C ASP D 218 6.64 -43.10 -5.03
N TYR D 219 7.48 -42.38 -4.28
CA TYR D 219 7.04 -41.72 -3.05
C TYR D 219 7.96 -40.56 -2.73
N PRO D 220 7.42 -39.36 -2.50
CA PRO D 220 8.27 -38.22 -2.13
C PRO D 220 8.85 -38.41 -0.74
N THR D 221 10.18 -38.30 -0.64
CA THR D 221 10.89 -38.55 0.60
C THR D 221 11.36 -37.29 1.31
N TYR D 222 11.79 -36.28 0.55
CA TYR D 222 12.41 -35.10 1.12
C TYR D 222 11.77 -33.85 0.52
N TYR D 223 11.45 -32.87 1.38
CA TYR D 223 10.91 -31.59 0.94
C TYR D 223 11.99 -30.53 1.15
N TRP D 224 12.60 -30.10 0.04
CA TRP D 224 13.55 -28.99 0.06
C TRP D 224 12.77 -27.69 0.00
N ILE D 225 12.57 -27.05 1.15
CA ILE D 225 11.71 -25.89 1.25
C ILE D 225 12.47 -24.63 0.85
N ALA D 226 11.86 -23.84 -0.03
CA ALA D 226 12.40 -22.53 -0.36
C ALA D 226 12.13 -21.56 0.78
N THR D 227 13.10 -20.71 1.08
CA THR D 227 12.97 -19.74 2.16
C THR D 227 13.16 -18.31 1.66
N PHE D 235 27.40 -15.85 -0.52
CA PHE D 235 28.69 -16.39 -0.95
C PHE D 235 28.61 -16.88 -2.39
N GLY D 236 29.62 -16.52 -3.19
CA GLY D 236 29.65 -16.89 -4.59
C GLY D 236 28.93 -15.93 -5.51
N ARG D 237 28.36 -14.85 -4.98
CA ARG D 237 27.67 -13.88 -5.82
C ARG D 237 28.63 -13.07 -6.66
N ASP D 238 29.87 -12.92 -6.21
CA ASP D 238 30.87 -12.18 -6.97
C ASP D 238 31.27 -12.97 -8.21
N PRO D 239 31.36 -12.32 -9.38
CA PRO D 239 31.69 -13.08 -10.59
C PRO D 239 33.08 -13.73 -10.56
N HIS D 240 34.07 -13.06 -9.95
CA HIS D 240 35.38 -13.67 -9.83
C HIS D 240 35.34 -14.90 -8.92
N GLU D 241 34.66 -14.78 -7.79
CA GLU D 241 34.54 -15.91 -6.88
C GLU D 241 33.66 -17.01 -7.46
N LYS D 242 32.69 -16.64 -8.30
CA LYS D 242 31.84 -17.65 -8.93
C LYS D 242 32.65 -18.55 -9.87
N TRP D 243 33.39 -17.94 -10.80
CA TRP D 243 34.17 -18.71 -11.76
C TRP D 243 35.42 -19.31 -11.13
N ASN D 244 35.83 -18.86 -9.94
CA ASN D 244 36.86 -19.57 -9.21
C ASN D 244 36.36 -20.91 -8.70
N GLN D 245 35.09 -20.98 -8.33
CA GLN D 245 34.48 -22.25 -7.92
C GLN D 245 34.17 -23.14 -9.11
N ILE D 246 33.88 -22.55 -10.27
CA ILE D 246 33.58 -23.34 -11.46
C ILE D 246 34.85 -23.97 -12.02
N ASN D 247 35.95 -23.20 -12.05
CA ASN D 247 37.23 -23.78 -12.46
C ASN D 247 37.67 -24.89 -11.51
N LYS D 248 37.45 -24.71 -10.22
CA LYS D 248 37.77 -25.76 -9.25
C LYS D 248 36.86 -26.97 -9.42
N LEU D 249 35.60 -26.76 -9.78
CA LEU D 249 34.66 -27.87 -9.93
C LEU D 249 35.01 -28.71 -11.15
N PHE D 250 35.23 -28.06 -12.30
CA PHE D 250 35.62 -28.81 -13.50
C PHE D 250 36.96 -29.51 -13.31
N ASN D 251 37.88 -28.88 -12.57
CA ASN D 251 39.15 -29.52 -12.28
C ASN D 251 38.94 -30.78 -11.44
N PHE D 252 37.96 -30.75 -10.54
CA PHE D 252 37.63 -31.95 -9.77
C PHE D 252 37.15 -33.07 -10.67
N PHE D 253 36.37 -32.72 -11.70
CA PHE D 253 35.84 -33.74 -12.61
C PHE D 253 36.97 -34.44 -13.36
N LYS D 254 37.89 -33.67 -13.93
CA LYS D 254 38.96 -34.22 -14.75
C LYS D 254 40.03 -34.92 -13.92
N ASP D 255 40.10 -34.67 -12.62
CA ASP D 255 41.13 -35.24 -11.78
C ASP D 255 40.65 -36.38 -10.91
N ASN D 256 39.37 -36.71 -10.94
CA ASN D 256 38.87 -37.77 -10.06
C ASN D 256 38.00 -38.79 -10.79
N ILE D 257 37.21 -38.36 -11.77
CA ILE D 257 36.36 -39.28 -12.52
C ILE D 257 37.21 -39.99 -13.56
N LYS D 258 37.34 -41.31 -13.43
CA LYS D 258 38.22 -42.09 -14.29
C LYS D 258 37.50 -42.75 -15.46
N GLU D 259 36.19 -43.00 -15.35
CA GLU D 259 35.45 -43.62 -16.44
C GLU D 259 35.05 -42.59 -17.47
N GLN D 260 35.26 -42.92 -18.75
CA GLN D 260 34.97 -41.97 -19.82
C GLN D 260 33.47 -41.73 -19.98
N ARG D 261 32.65 -42.74 -19.65
CA ARG D 261 31.21 -42.55 -19.70
C ARG D 261 30.74 -41.54 -18.67
N ASP D 262 31.26 -41.62 -17.44
CA ASP D 262 30.83 -40.75 -16.37
C ASP D 262 31.48 -39.36 -16.46
N LEU D 263 32.73 -39.30 -16.91
CA LEU D 263 33.42 -38.02 -16.96
C LEU D 263 32.79 -37.08 -17.97
N ASP D 264 32.64 -37.53 -19.22
CA ASP D 264 32.16 -36.65 -20.27
C ASP D 264 30.73 -36.19 -20.02
N PHE D 265 29.93 -37.00 -19.33
CA PHE D 265 28.57 -36.58 -18.98
C PHE D 265 28.60 -35.41 -18.02
N MET D 266 29.35 -35.53 -16.93
CA MET D 266 29.49 -34.42 -15.99
C MET D 266 30.09 -33.20 -16.66
N LEU D 267 31.08 -33.42 -17.54
CA LEU D 267 31.65 -32.31 -18.30
C LEU D 267 30.60 -31.67 -19.19
N THR D 268 29.78 -32.49 -19.86
CA THR D 268 28.75 -31.94 -20.75
C THR D 268 27.64 -31.27 -19.96
N HIS D 269 27.18 -31.91 -18.89
CA HIS D 269 26.05 -31.38 -18.13
C HIS D 269 26.38 -30.04 -17.50
N TRP D 270 27.60 -29.90 -16.97
CA TRP D 270 27.98 -28.67 -16.28
C TRP D 270 28.49 -27.59 -17.23
N TYR D 271 28.89 -27.97 -18.44
CA TYR D 271 29.25 -26.96 -19.44
C TYR D 271 28.00 -26.38 -20.10
N ARG D 272 27.00 -27.22 -20.36
CA ARG D 272 25.77 -26.75 -20.99
C ARG D 272 24.94 -25.93 -20.02
N SER D 273 24.86 -26.35 -18.75
CA SER D 273 23.99 -25.70 -17.79
C SER D 273 24.63 -24.49 -17.11
N ARG D 274 25.92 -24.58 -16.75
CA ARG D 274 26.57 -23.54 -15.97
C ARG D 274 27.40 -22.59 -16.82
N VAL D 275 28.03 -23.07 -17.89
CA VAL D 275 28.89 -22.23 -18.72
C VAL D 275 28.09 -21.65 -19.88
N LEU D 276 27.51 -22.53 -20.70
CA LEU D 276 26.67 -22.06 -21.80
C LEU D 276 25.37 -21.44 -21.30
N GLY D 277 24.98 -21.70 -20.06
CA GLY D 277 23.73 -21.16 -19.54
C GLY D 277 23.74 -19.64 -19.45
N ILE D 278 24.91 -19.03 -19.25
CA ILE D 278 25.01 -17.58 -19.19
C ILE D 278 25.04 -16.94 -20.57
N LEU D 279 25.06 -17.74 -21.63
CA LEU D 279 25.08 -17.23 -22.99
C LEU D 279 23.69 -17.09 -23.60
N GLY D 280 22.65 -17.43 -22.85
CA GLY D 280 21.29 -17.31 -23.36
C GLY D 280 20.62 -16.02 -22.91
N GLN D 281 19.50 -16.16 -22.20
CA GLN D 281 18.79 -14.98 -21.71
C GLN D 281 19.50 -14.28 -20.57
N TRP D 282 20.53 -14.90 -19.99
CA TRP D 282 21.29 -14.25 -18.92
C TRP D 282 21.97 -12.98 -19.42
N LEU D 283 22.26 -12.91 -20.72
CA LEU D 283 22.87 -11.71 -21.29
C LEU D 283 21.93 -10.52 -21.30
N LEU D 284 20.62 -10.76 -21.21
CA LEU D 284 19.63 -9.69 -21.23
C LEU D 284 19.26 -9.20 -19.84
N LYS D 285 19.87 -9.74 -18.78
CA LYS D 285 19.48 -9.41 -17.41
C LYS D 285 20.66 -8.94 -16.58
N ASN D 286 21.73 -8.43 -17.22
CA ASN D 286 22.90 -7.96 -16.48
C ASN D 286 23.54 -6.81 -17.22
N ASN D 287 24.29 -6.01 -16.47
CA ASN D 287 25.02 -4.89 -17.05
C ASN D 287 26.20 -5.40 -17.88
N ASN D 288 26.72 -4.52 -18.75
CA ASN D 288 27.84 -4.88 -19.60
C ASN D 288 29.12 -5.13 -18.82
N GLU D 289 29.23 -4.58 -17.60
CA GLU D 289 30.42 -4.81 -16.79
C GLU D 289 30.55 -6.28 -16.41
N ARG D 290 29.47 -6.88 -15.91
CA ARG D 290 29.52 -8.28 -15.51
C ARG D 290 29.61 -9.19 -16.72
N ILE D 291 28.96 -8.81 -17.83
CA ILE D 291 28.96 -9.65 -19.02
C ILE D 291 30.38 -9.86 -19.54
N ASP D 292 31.18 -8.79 -19.57
CA ASP D 292 32.56 -8.93 -20.02
C ASP D 292 33.37 -9.84 -19.12
N ILE D 293 33.14 -9.76 -17.80
CA ILE D 293 33.90 -10.58 -16.87
C ILE D 293 33.52 -12.05 -17.01
N GLU D 294 32.23 -12.35 -16.97
CA GLU D 294 31.79 -13.75 -17.02
C GLU D 294 32.07 -14.36 -18.39
N PHE D 295 31.92 -13.59 -19.47
CA PHE D 295 32.17 -14.13 -20.80
C PHE D 295 33.64 -14.49 -20.98
N ASN D 296 34.55 -13.65 -20.45
CA ASN D 296 35.98 -13.94 -20.55
C ASN D 296 36.34 -15.22 -19.80
N TYR D 297 35.77 -15.41 -18.60
CA TYR D 297 36.01 -16.64 -17.85
C TYR D 297 35.45 -17.85 -18.59
N ALA D 298 34.23 -17.73 -19.11
CA ALA D 298 33.61 -18.85 -19.82
C ALA D 298 34.43 -19.25 -21.04
N LYS D 299 34.99 -18.27 -21.75
CA LYS D 299 35.84 -18.58 -22.89
C LYS D 299 37.15 -19.21 -22.45
N LYS D 300 37.75 -18.69 -21.38
CA LYS D 300 38.99 -19.27 -20.87
C LYS D 300 38.78 -20.70 -20.39
N LEU D 301 37.69 -20.94 -19.65
CA LEU D 301 37.43 -22.29 -19.16
C LEU D 301 37.12 -23.25 -20.29
N ALA D 302 36.37 -22.80 -21.30
CA ALA D 302 36.07 -23.66 -22.44
C ALA D 302 37.33 -24.04 -23.20
N GLU D 303 38.34 -23.16 -23.21
CA GLU D 303 39.58 -23.47 -23.92
C GLU D 303 40.52 -24.30 -23.06
N GLU D 304 40.51 -24.11 -21.75
CA GLU D 304 41.48 -24.80 -20.90
C GLU D 304 41.01 -26.21 -20.52
N LEU D 305 39.72 -26.38 -20.22
CA LEU D 305 39.23 -27.62 -19.64
C LEU D 305 38.16 -28.34 -20.46
N ILE D 306 37.49 -27.67 -21.39
CA ILE D 306 36.39 -28.26 -22.13
C ILE D 306 36.92 -28.72 -23.48
N PRO D 307 37.01 -30.03 -23.74
CA PRO D 307 37.46 -30.49 -25.05
C PRO D 307 36.43 -30.21 -26.13
N ALA D 308 36.87 -30.33 -27.38
CA ALA D 308 36.00 -30.00 -28.51
C ALA D 308 34.95 -31.08 -28.75
N TYR D 309 35.23 -32.34 -28.36
CA TYR D 309 34.29 -33.40 -28.63
C TYR D 309 33.03 -33.31 -27.77
N ILE D 310 33.04 -32.48 -26.73
CA ILE D 310 31.82 -32.26 -25.95
C ILE D 310 30.82 -31.45 -26.74
N SER D 311 31.31 -30.51 -27.56
CA SER D 311 30.43 -29.68 -28.37
C SER D 311 29.60 -30.52 -29.33
N GLU D 312 30.22 -31.55 -29.92
CA GLU D 312 29.51 -32.40 -30.89
C GLU D 312 28.43 -33.25 -30.25
N ASN D 313 28.30 -33.25 -28.92
CA ASN D 313 27.25 -33.98 -28.24
C ASN D 313 26.15 -33.07 -27.72
N LEU D 314 26.19 -31.79 -28.06
CA LEU D 314 25.14 -30.85 -27.67
C LEU D 314 24.11 -30.73 -28.80
N ASP D 315 23.02 -30.01 -28.50
CA ASP D 315 22.01 -29.76 -29.51
C ASP D 315 22.43 -28.56 -30.37
N LYS D 316 21.65 -28.33 -31.44
CA LYS D 316 22.03 -27.32 -32.43
C LYS D 316 22.21 -25.94 -31.81
N ASN D 317 21.28 -25.55 -30.92
CA ASN D 317 21.36 -24.20 -30.33
C ASN D 317 22.57 -24.06 -29.42
N ASN D 318 22.96 -25.12 -28.72
CA ASN D 318 24.13 -25.05 -27.84
C ASN D 318 25.43 -25.06 -28.63
N GLN D 319 25.47 -25.82 -29.72
CA GLN D 319 26.66 -25.81 -30.57
C GLN D 319 26.91 -24.43 -31.17
N VAL D 320 25.84 -23.65 -31.37
CA VAL D 320 26.01 -22.27 -31.80
C VAL D 320 26.60 -21.42 -30.69
N LYS D 321 26.17 -21.67 -29.44
CA LYS D 321 26.71 -20.92 -28.32
C LYS D 321 28.16 -21.30 -28.04
N ASP D 322 28.50 -22.58 -28.16
CA ASP D 322 29.88 -23.00 -27.94
C ASP D 322 30.81 -22.44 -29.01
N TYR D 323 30.37 -22.45 -30.26
CA TYR D 323 31.21 -21.93 -31.34
C TYR D 323 31.44 -20.43 -31.17
N LEU D 324 30.37 -19.67 -30.90
CA LEU D 324 30.51 -18.23 -30.75
C LEU D 324 31.31 -17.86 -29.50
N LEU D 325 31.18 -18.65 -28.44
CA LEU D 325 31.98 -18.41 -27.24
C LEU D 325 33.47 -18.53 -27.53
N ARG D 326 33.85 -19.59 -28.25
CA ARG D 326 35.26 -19.80 -28.55
C ARG D 326 35.79 -18.81 -29.57
N GLN D 327 34.93 -18.33 -30.47
CA GLN D 327 35.33 -17.29 -31.41
C GLN D 327 35.37 -15.90 -30.78
N GLY D 328 35.07 -15.78 -29.49
CA GLY D 328 35.03 -14.49 -28.82
C GLY D 328 33.95 -13.55 -29.31
N ASP D 329 33.04 -14.02 -30.17
CA ASP D 329 32.00 -13.16 -30.74
C ASP D 329 30.85 -13.01 -29.74
N LEU D 330 31.06 -12.10 -28.78
CA LEU D 330 30.03 -11.85 -27.77
C LEU D 330 28.86 -11.07 -28.34
N ASP D 331 29.14 -10.13 -29.25
CA ASP D 331 28.08 -9.26 -29.76
C ASP D 331 27.05 -10.05 -30.56
N SER D 332 27.45 -11.13 -31.21
CA SER D 332 26.48 -11.97 -31.90
C SER D 332 25.66 -12.82 -30.94
N LEU D 333 26.27 -13.24 -29.83
CA LEU D 333 25.51 -13.94 -28.80
C LEU D 333 24.45 -13.05 -28.18
N LYS D 334 24.79 -11.77 -27.96
CA LYS D 334 23.81 -10.81 -27.46
C LYS D 334 22.70 -10.58 -28.48
N LYS D 335 23.01 -10.71 -29.78
CA LYS D 335 21.98 -10.58 -30.80
C LYS D 335 21.08 -11.80 -30.84
N LEU D 336 21.65 -13.00 -30.62
CA LEU D 336 20.84 -14.21 -30.63
C LEU D 336 19.93 -14.28 -29.41
N ALA D 337 20.40 -13.79 -28.26
CA ALA D 337 19.55 -13.78 -27.07
C ALA D 337 18.32 -12.90 -27.27
N GLN D 338 18.45 -11.84 -28.05
CA GLN D 338 17.31 -10.97 -28.33
C GLN D 338 16.32 -11.63 -29.28
N ILE D 339 16.82 -12.44 -30.22
CA ILE D 339 15.93 -13.11 -31.16
C ILE D 339 15.22 -14.29 -30.50
N ASP D 340 15.88 -15.00 -29.60
CA ASP D 340 15.31 -16.17 -28.95
C ASP D 340 14.43 -15.83 -27.76
N ALA D 341 14.40 -14.57 -27.34
CA ALA D 341 13.66 -14.21 -26.13
C ALA D 341 12.16 -14.42 -26.33
N GLY D 342 11.56 -15.19 -25.41
CA GLY D 342 10.12 -15.40 -25.41
C GLY D 342 9.63 -16.66 -26.08
N ILE D 343 10.53 -17.46 -26.67
CA ILE D 343 10.11 -18.71 -27.30
C ILE D 343 9.57 -19.64 -26.23
N THR D 344 8.35 -20.13 -26.45
CA THR D 344 7.66 -20.91 -25.43
C THR D 344 6.59 -21.76 -26.10
N ALA D 345 6.03 -22.69 -25.33
CA ALA D 345 4.94 -23.55 -25.78
C ALA D 345 3.92 -23.64 -24.67
N LEU D 346 2.74 -23.05 -24.89
CA LEU D 346 1.67 -23.01 -23.90
C LEU D 346 0.49 -23.82 -24.43
N SER D 347 -0.07 -24.67 -23.57
CA SER D 347 -1.16 -25.56 -23.95
C SER D 347 -2.50 -24.93 -23.61
N TYR D 348 -3.42 -24.95 -24.57
CA TYR D 348 -4.79 -24.51 -24.38
C TYR D 348 -5.70 -25.72 -24.20
N VAL D 349 -6.69 -25.62 -23.32
CA VAL D 349 -7.65 -26.69 -23.11
C VAL D 349 -8.64 -26.69 -24.26
N GLU D 350 -8.66 -27.77 -25.04
CA GLU D 350 -9.63 -27.92 -26.11
C GLU D 350 -10.88 -28.64 -25.65
N ASP D 351 -10.78 -29.49 -24.64
CA ASP D 351 -11.93 -30.22 -24.10
C ASP D 351 -11.55 -30.77 -22.74
N ALA D 352 -12.51 -30.73 -21.81
CA ALA D 352 -12.31 -31.26 -20.48
C ALA D 352 -13.65 -31.78 -19.97
N TYR D 353 -13.66 -33.03 -19.48
CA TYR D 353 -14.89 -33.68 -19.06
C TYR D 353 -14.56 -34.86 -18.17
N PHE D 354 -15.51 -35.21 -17.31
CA PHE D 354 -15.41 -36.41 -16.49
C PHE D 354 -16.07 -37.58 -17.21
N LYS D 355 -15.42 -38.74 -17.15
CA LYS D 355 -16.02 -39.98 -17.63
C LYS D 355 -15.69 -41.08 -16.63
N GLU D 356 -16.72 -41.77 -16.15
CA GLU D 356 -16.60 -42.78 -15.11
C GLU D 356 -15.87 -42.21 -13.90
N ASP D 357 -14.71 -42.77 -13.55
CA ASP D 357 -13.99 -42.36 -12.35
C ASP D 357 -12.77 -41.51 -12.65
N LYS D 358 -12.66 -40.97 -13.86
CA LYS D 358 -11.47 -40.23 -14.27
C LYS D 358 -11.86 -38.92 -14.94
N LEU D 359 -10.90 -38.00 -14.98
CA LEU D 359 -11.04 -36.70 -15.62
C LEU D 359 -10.20 -36.69 -16.88
N PHE D 360 -10.84 -36.42 -18.02
CA PHE D 360 -10.20 -36.49 -19.32
C PHE D 360 -9.93 -35.09 -19.87
N PHE D 361 -8.79 -34.94 -20.55
CA PHE D 361 -8.38 -33.67 -21.12
C PHE D 361 -8.03 -33.85 -22.60
N LYS D 362 -8.21 -32.77 -23.36
CA LYS D 362 -7.66 -32.66 -24.71
C LYS D 362 -7.04 -31.28 -24.85
N THR D 363 -5.74 -31.24 -25.14
CA THR D 363 -5.00 -30.00 -25.22
C THR D 363 -4.39 -29.85 -26.61
N SER D 364 -3.96 -28.62 -26.91
CA SER D 364 -3.25 -28.31 -28.13
C SER D 364 -2.23 -27.23 -27.81
N THR D 365 -1.09 -27.28 -28.50
CA THR D 365 -0.02 -26.32 -28.26
C THR D 365 0.68 -25.98 -29.56
N LYS D 366 1.43 -24.89 -29.53
CA LYS D 366 2.24 -24.44 -30.64
C LYS D 366 3.38 -23.59 -30.09
N MET D 367 4.55 -23.70 -30.70
CA MET D 367 5.66 -22.86 -30.28
C MET D 367 5.41 -21.41 -30.69
N THR D 368 5.56 -20.49 -29.74
CA THR D 368 5.23 -19.10 -29.96
C THR D 368 6.27 -18.20 -29.27
N TYR D 369 6.14 -16.91 -29.51
CA TYR D 369 6.81 -15.88 -28.73
C TYR D 369 5.79 -15.34 -27.72
N GLU D 370 5.93 -15.74 -26.45
CA GLU D 370 5.08 -15.26 -25.37
C GLU D 370 3.60 -15.52 -25.63
N ASP D 371 3.29 -16.72 -26.12
CA ASP D 371 1.91 -17.18 -26.35
C ASP D 371 1.17 -16.29 -27.35
N LYS D 372 1.91 -15.61 -28.23
CA LYS D 372 1.32 -14.68 -29.18
C LYS D 372 1.59 -15.24 -30.58
N GLU D 373 2.32 -14.51 -31.43
CA GLU D 373 2.50 -14.96 -32.80
C GLU D 373 3.32 -16.24 -32.84
N ASP D 374 3.22 -16.94 -33.97
CA ASP D 374 3.83 -18.26 -34.11
C ASP D 374 5.35 -18.16 -34.23
N PHE D 375 6.03 -19.18 -33.72
CA PHE D 375 7.45 -19.36 -33.94
C PHE D 375 7.66 -20.18 -35.21
N PHE D 376 8.45 -19.65 -36.14
CA PHE D 376 8.63 -20.27 -37.44
C PHE D 376 10.05 -20.77 -37.63
N ILE D 377 10.20 -21.72 -38.53
CA ILE D 377 11.48 -22.13 -39.10
C ILE D 377 11.31 -22.17 -40.62
N GLU D 378 12.37 -21.84 -41.33
CA GLU D 378 12.30 -21.67 -42.77
C GLU D 378 12.91 -22.86 -43.49
N LYS D 379 12.36 -23.16 -44.68
CA LYS D 379 12.78 -24.27 -45.50
C LYS D 379 13.59 -23.76 -46.69
N THR D 380 14.75 -24.37 -46.91
CA THR D 380 15.57 -24.08 -48.08
C THR D 380 16.18 -25.38 -48.56
N ALA D 381 15.82 -25.79 -49.78
CA ALA D 381 16.28 -27.05 -50.39
C ALA D 381 15.86 -28.20 -49.46
N ASP D 382 16.79 -29.03 -48.98
CA ASP D 382 16.47 -30.12 -48.08
C ASP D 382 16.75 -29.78 -46.62
N ARG D 383 16.79 -28.49 -46.28
CA ARG D 383 17.18 -28.03 -44.96
C ARG D 383 16.06 -27.22 -44.33
N MET D 384 15.60 -27.64 -43.15
CA MET D 384 14.71 -26.85 -42.33
C MET D 384 15.58 -26.02 -41.39
N GLU D 385 15.71 -24.73 -41.69
CA GLU D 385 16.72 -23.89 -41.06
C GLU D 385 16.13 -22.99 -39.99
N ARG D 386 17.02 -22.44 -39.17
CA ARG D 386 16.67 -21.54 -38.09
C ARG D 386 16.68 -20.10 -38.59
N ILE D 387 15.60 -19.38 -38.31
CA ILE D 387 15.45 -18.00 -38.77
C ILE D 387 16.55 -17.15 -38.15
N LEU D 388 17.56 -16.82 -38.94
CA LEU D 388 18.70 -16.04 -38.49
C LEU D 388 19.04 -14.98 -39.53
N PRO D 389 19.56 -13.84 -39.11
CA PRO D 389 20.00 -12.83 -40.09
C PRO D 389 21.17 -13.33 -40.90
N GLU D 390 21.29 -12.79 -42.12
CA GLU D 390 22.40 -13.16 -42.99
C GLU D 390 23.74 -12.75 -42.40
N GLU D 391 23.76 -11.71 -41.57
CA GLU D 391 25.00 -11.28 -40.94
C GLU D 391 25.50 -12.27 -39.90
N ILE D 392 24.65 -13.17 -39.42
CA ILE D 392 25.04 -14.11 -38.38
C ILE D 392 25.18 -15.49 -38.98
N LYS D 393 24.34 -15.80 -39.96
CA LYS D 393 24.38 -17.11 -40.60
C LYS D 393 25.70 -17.33 -41.33
N SER D 394 26.32 -16.27 -41.86
CA SER D 394 27.61 -16.41 -42.51
C SER D 394 28.76 -16.64 -41.54
N LYS D 395 28.55 -16.41 -40.24
CA LYS D 395 29.57 -16.62 -39.23
C LYS D 395 29.49 -17.99 -38.56
N LEU D 396 28.52 -18.81 -38.95
CA LEU D 396 28.30 -20.10 -38.30
C LEU D 396 28.44 -21.24 -39.31
N PRO D 397 28.86 -22.42 -38.85
CA PRO D 397 28.79 -23.60 -39.71
C PRO D 397 27.36 -23.87 -40.14
N LYS D 398 27.20 -24.35 -41.38
CA LYS D 398 25.88 -24.41 -41.99
C LYS D 398 24.97 -25.43 -41.31
N GLU D 399 25.54 -26.48 -40.70
CA GLU D 399 24.71 -27.52 -40.10
C GLU D 399 24.23 -27.16 -38.70
N PHE D 400 24.79 -26.13 -38.08
CA PHE D 400 24.40 -25.79 -36.72
C PHE D 400 23.04 -25.12 -36.66
N PHE D 401 22.61 -24.46 -37.74
CA PHE D 401 21.26 -23.92 -37.83
C PHE D 401 20.37 -24.75 -38.75
N ASP D 402 20.73 -26.02 -38.96
CA ASP D 402 19.97 -26.94 -39.80
C ASP D 402 19.24 -27.91 -38.87
N TYR D 403 17.93 -27.71 -38.72
CA TYR D 403 17.11 -28.50 -37.81
C TYR D 403 16.61 -29.79 -38.44
N SER D 404 17.08 -30.14 -39.64
CA SER D 404 16.50 -31.26 -40.38
C SER D 404 16.58 -32.57 -39.60
N ASP D 405 17.67 -32.79 -38.87
CA ASP D 405 17.86 -34.05 -38.15
C ASP D 405 17.12 -34.11 -36.82
N ASP D 406 16.57 -32.99 -36.34
CA ASP D 406 15.98 -32.94 -35.00
C ASP D 406 14.49 -32.61 -35.06
N LEU D 407 13.83 -32.94 -36.16
CA LEU D 407 12.41 -32.64 -36.32
C LEU D 407 11.50 -33.78 -35.88
N ALA D 408 12.05 -34.82 -35.25
CA ALA D 408 11.25 -35.92 -34.76
C ALA D 408 11.59 -36.27 -33.31
N GLU D 409 12.14 -35.32 -32.57
CA GLU D 409 12.54 -35.53 -31.18
C GLU D 409 11.64 -34.78 -30.21
N PHE D 410 10.48 -34.33 -30.66
CA PHE D 410 9.58 -33.57 -29.79
C PHE D 410 8.94 -34.48 -28.75
N THR D 411 8.77 -33.94 -27.55
CA THR D 411 8.03 -34.61 -26.49
C THR D 411 6.93 -33.68 -25.97
N TYR D 412 5.78 -34.26 -25.67
CA TYR D 412 4.62 -33.51 -25.21
C TYR D 412 3.96 -34.32 -24.10
N GLU D 413 4.15 -33.90 -22.86
CA GLU D 413 3.72 -34.67 -21.70
C GLU D 413 2.97 -33.79 -20.72
N PRO D 414 1.96 -34.34 -20.04
CA PRO D 414 1.28 -33.61 -18.99
C PRO D 414 1.85 -33.92 -17.61
N SER D 415 1.64 -32.99 -16.70
CA SER D 415 2.11 -33.14 -15.32
C SER D 415 1.08 -32.54 -14.37
N ILE D 416 1.23 -32.88 -13.10
CA ILE D 416 0.34 -32.39 -12.04
C ILE D 416 1.18 -32.05 -10.82
N LYS D 417 0.75 -31.04 -10.08
CA LYS D 417 1.43 -30.62 -8.86
C LYS D 417 0.40 -30.37 -7.77
N GLY D 418 0.63 -30.96 -6.60
CA GLY D 418 -0.23 -30.69 -5.46
C GLY D 418 0.15 -29.39 -4.80
N ARG D 419 -0.85 -28.53 -4.58
CA ARG D 419 -0.57 -27.18 -4.09
C ARG D 419 -0.11 -27.17 -2.63
N ASN D 420 -0.40 -28.23 -1.87
CA ASN D 420 0.01 -28.26 -0.48
C ASN D 420 1.32 -29.01 -0.29
N SER D 421 1.42 -30.22 -0.84
CA SER D 421 2.63 -31.02 -0.70
C SER D 421 3.76 -30.53 -1.60
N ARG D 422 3.44 -29.79 -2.65
CA ARG D 422 4.36 -29.31 -3.68
C ARG D 422 4.96 -30.45 -4.51
N ALA D 423 4.43 -31.67 -4.37
CA ALA D 423 4.94 -32.80 -5.12
C ALA D 423 4.48 -32.72 -6.57
N THR D 424 5.42 -32.92 -7.50
CA THR D 424 5.13 -32.90 -8.93
C THR D 424 5.20 -34.31 -9.48
N TRP D 425 4.26 -34.63 -10.39
CA TRP D 425 4.16 -35.96 -10.95
C TRP D 425 3.93 -35.87 -12.45
N LYS D 426 4.48 -36.84 -13.18
CA LYS D 426 4.17 -37.00 -14.59
C LYS D 426 2.88 -37.81 -14.73
N ILE D 427 1.92 -37.25 -15.45
CA ILE D 427 0.65 -37.93 -15.69
C ILE D 427 0.89 -38.98 -16.78
N ASP D 428 0.82 -40.25 -16.40
CA ASP D 428 1.09 -41.33 -17.33
C ASP D 428 -0.11 -41.60 -18.23
N GLY D 429 0.13 -42.35 -19.30
CA GLY D 429 -0.92 -42.76 -20.21
C GLY D 429 -1.28 -41.74 -21.27
N SER D 430 -0.50 -40.67 -21.41
CA SER D 430 -0.84 -39.61 -22.36
C SER D 430 -0.60 -40.07 -23.78
N THR D 431 -1.38 -39.52 -24.71
CA THR D 431 -1.21 -39.71 -26.14
C THR D 431 -1.04 -38.34 -26.78
N SER D 432 0.11 -38.10 -27.38
CA SER D 432 0.42 -36.81 -27.97
C SER D 432 0.99 -36.99 -29.37
N ASN D 433 0.95 -35.92 -30.14
CA ASN D 433 1.44 -35.92 -31.51
C ASN D 433 1.88 -34.51 -31.88
N VAL D 434 3.11 -34.39 -32.38
CA VAL D 434 3.69 -33.10 -32.78
C VAL D 434 3.91 -33.14 -34.29
N GLU D 435 3.61 -32.02 -34.96
CA GLU D 435 3.73 -31.93 -36.41
C GLU D 435 4.42 -30.62 -36.77
N VAL D 436 5.27 -30.69 -37.79
CA VAL D 436 5.86 -29.50 -38.41
C VAL D 436 5.00 -29.14 -39.62
N VAL D 437 4.35 -27.98 -39.55
CA VAL D 437 3.30 -27.62 -40.49
C VAL D 437 3.70 -26.37 -41.27
N ASN D 438 3.58 -26.43 -42.59
CA ASN D 438 3.82 -25.29 -43.45
C ASN D 438 2.64 -24.34 -43.36
N LYS D 439 2.82 -23.19 -42.72
CA LYS D 439 1.74 -22.22 -42.59
C LYS D 439 1.63 -21.37 -43.85
N LYS D 440 2.62 -20.52 -44.10
CA LYS D 440 2.64 -19.66 -45.28
C LYS D 440 4.04 -19.67 -45.88
N ALA D 441 4.09 -19.47 -47.20
CA ALA D 441 5.35 -19.48 -47.96
C ALA D 441 6.15 -20.73 -47.66
N ASN D 442 7.39 -20.57 -47.21
CA ASN D 442 8.23 -21.68 -46.77
C ASN D 442 8.43 -21.69 -45.27
N LEU D 443 7.62 -20.94 -44.52
CA LEU D 443 7.71 -20.93 -43.07
C LEU D 443 6.94 -22.10 -42.48
N TYR D 444 7.50 -22.71 -41.44
CA TYR D 444 6.91 -23.86 -40.79
C TYR D 444 6.74 -23.61 -39.30
N LYS D 445 5.61 -24.05 -38.74
CA LYS D 445 5.34 -23.98 -37.32
C LYS D 445 5.35 -25.38 -36.72
N ILE D 446 5.32 -25.43 -35.39
CA ILE D 446 5.39 -26.68 -34.64
C ILE D 446 4.13 -26.75 -33.78
N GLU D 447 3.16 -27.57 -34.18
CA GLU D 447 1.90 -27.71 -33.48
C GLU D 447 1.82 -29.07 -32.81
N GLY D 448 1.24 -29.10 -31.62
CA GLY D 448 1.09 -30.34 -30.89
C GLY D 448 -0.34 -30.55 -30.45
N GLU D 449 -0.72 -31.83 -30.35
CA GLU D 449 -2.00 -32.25 -29.82
C GLU D 449 -1.78 -33.33 -28.79
N MET D 450 -2.54 -33.28 -27.69
CA MET D 450 -2.38 -34.24 -26.61
C MET D 450 -3.72 -34.53 -25.97
N SER D 451 -3.89 -35.79 -25.55
CA SER D 451 -5.05 -36.23 -24.80
C SER D 451 -4.59 -37.11 -23.65
N PHE D 452 -5.05 -36.80 -22.44
CA PHE D 452 -4.65 -37.55 -21.26
C PHE D 452 -5.79 -37.55 -20.25
N SER D 453 -5.69 -38.45 -19.27
CA SER D 453 -6.68 -38.58 -18.23
C SER D 453 -5.99 -38.57 -16.87
N VAL D 454 -6.72 -38.13 -15.85
CA VAL D 454 -6.19 -38.01 -14.50
C VAL D 454 -6.95 -38.98 -13.60
N GLN D 455 -6.22 -39.85 -12.92
CA GLN D 455 -6.75 -40.71 -11.88
C GLN D 455 -6.15 -40.21 -10.57
N ILE D 456 -6.96 -39.45 -9.81
CA ILE D 456 -6.45 -38.73 -8.65
C ILE D 456 -5.90 -39.67 -7.59
N ASN D 457 -6.32 -40.93 -7.58
CA ASN D 457 -5.80 -41.86 -6.59
C ASN D 457 -4.31 -42.15 -6.81
N ASP D 458 -3.83 -41.99 -8.04
CA ASP D 458 -2.43 -42.27 -8.34
C ASP D 458 -1.49 -41.39 -7.51
N TYR D 459 -1.90 -40.17 -7.20
CA TYR D 459 -1.04 -39.19 -6.56
C TYR D 459 -1.41 -38.94 -5.11
N ILE D 460 -2.35 -39.72 -4.58
CA ILE D 460 -2.72 -39.66 -3.16
C ILE D 460 -1.92 -40.75 -2.46
N LEU D 461 -0.82 -40.36 -1.82
CA LEU D 461 0.02 -41.28 -1.08
C LEU D 461 -0.06 -41.10 0.43
N ASP D 462 -0.25 -39.87 0.90
CA ASP D 462 -0.46 -39.59 2.30
C ASP D 462 -1.93 -39.27 2.55
N ALA D 463 -2.37 -39.46 3.79
CA ALA D 463 -3.75 -39.15 4.14
C ALA D 463 -4.06 -37.68 3.94
N ALA D 464 -3.07 -36.81 4.12
CA ALA D 464 -3.28 -35.38 3.89
C ALA D 464 -3.48 -35.06 2.42
N ASP D 465 -2.97 -35.91 1.50
CA ASP D 465 -3.11 -35.65 0.08
C ASP D 465 -4.55 -35.76 -0.41
N LYS D 466 -5.46 -36.30 0.40
CA LYS D 466 -6.83 -36.52 -0.06
C LYS D 466 -7.60 -35.22 -0.19
N LYS D 467 -7.27 -34.22 0.62
CA LYS D 467 -7.91 -32.89 0.56
C LYS D 467 -6.84 -31.88 0.17
N GLN D 468 -6.80 -31.53 -1.11
CA GLN D 468 -5.73 -30.69 -1.64
C GLN D 468 -6.15 -30.13 -2.98
N PRO D 469 -5.75 -28.91 -3.31
CA PRO D 469 -5.89 -28.43 -4.69
C PRO D 469 -4.71 -28.90 -5.53
N TRP D 470 -5.01 -29.35 -6.75
CA TRP D 470 -4.00 -29.80 -7.69
C TRP D 470 -3.95 -28.84 -8.88
N ASP D 471 -2.74 -28.57 -9.36
CA ASP D 471 -2.52 -27.69 -10.50
C ASP D 471 -1.96 -28.50 -11.66
N ILE D 472 -2.52 -28.32 -12.85
CA ILE D 472 -2.16 -29.09 -14.03
C ILE D 472 -1.19 -28.28 -14.89
N ALA D 473 -0.22 -28.96 -15.48
CA ALA D 473 0.76 -28.33 -16.34
C ALA D 473 1.09 -29.29 -17.49
N THR D 474 1.77 -28.75 -18.50
CA THR D 474 2.25 -29.54 -19.64
C THR D 474 3.71 -29.23 -19.87
N ARG D 475 4.42 -30.19 -20.45
CA ARG D 475 5.85 -30.09 -20.68
C ARG D 475 6.14 -30.38 -22.15
N PHE D 476 6.81 -29.45 -22.82
CA PHE D 476 7.07 -29.53 -24.25
C PHE D 476 8.54 -29.26 -24.51
N THR D 477 9.21 -30.19 -25.19
CA THR D 477 10.61 -30.04 -25.55
C THR D 477 10.77 -30.21 -27.05
N GLY D 478 11.66 -29.40 -27.63
CA GLY D 478 11.92 -29.47 -29.06
C GLY D 478 12.91 -28.41 -29.52
N LEU D 479 13.83 -28.80 -30.40
CA LEU D 479 14.84 -27.89 -30.94
C LEU D 479 15.68 -27.24 -29.85
N GLY D 480 15.88 -27.96 -28.74
CA GLY D 480 16.65 -27.46 -27.63
C GLY D 480 15.85 -26.72 -26.57
N TYR D 481 14.63 -26.28 -26.89
CA TYR D 481 13.81 -25.53 -25.95
C TYR D 481 12.97 -26.47 -25.10
N THR D 482 12.91 -26.18 -23.80
CA THR D 482 12.05 -26.89 -22.87
C THR D 482 11.05 -25.91 -22.29
N SER D 483 9.76 -26.18 -22.51
CA SER D 483 8.68 -25.30 -22.07
C SER D 483 7.73 -26.12 -21.20
N HIS D 484 7.84 -25.94 -19.88
CA HIS D 484 7.01 -26.65 -18.90
C HIS D 484 6.16 -25.60 -18.20
N ARG D 485 4.92 -25.43 -18.64
CA ARG D 485 4.07 -24.36 -18.17
C ARG D 485 2.70 -24.89 -17.76
N ALA D 486 1.98 -24.06 -17.01
CA ALA D 486 0.66 -24.45 -16.52
C ALA D 486 -0.36 -24.46 -17.65
N LEU D 487 -1.25 -25.44 -17.60
CA LEU D 487 -2.33 -25.53 -18.58
C LEU D 487 -3.30 -24.37 -18.41
N THR D 488 -3.70 -23.76 -19.53
CA THR D 488 -4.55 -22.58 -19.52
C THR D 488 -5.80 -22.82 -20.36
N ILE D 489 -6.79 -21.94 -20.14
CA ILE D 489 -8.00 -21.92 -20.95
C ILE D 489 -8.59 -20.51 -20.86
N GLY D 490 -9.29 -20.11 -21.91
CA GLY D 490 -9.84 -18.77 -21.98
C GLY D 490 -11.28 -18.67 -21.51
N LYS D 491 -12.12 -19.58 -22.01
CA LYS D 491 -13.52 -19.60 -21.60
C LYS D 491 -13.64 -20.04 -20.15
N ILE D 492 -14.76 -19.66 -19.52
CA ILE D 492 -15.04 -20.08 -18.16
C ILE D 492 -15.23 -21.60 -18.13
N LEU D 493 -14.52 -22.27 -17.23
CA LEU D 493 -14.61 -23.71 -17.07
C LEU D 493 -14.85 -24.03 -15.62
N ILE D 494 -16.01 -24.63 -15.32
CA ILE D 494 -16.34 -25.10 -13.97
C ILE D 494 -17.12 -26.40 -14.15
N LYS D 495 -16.52 -27.52 -13.76
CA LYS D 495 -17.15 -28.83 -13.90
C LYS D 495 -16.91 -29.63 -12.63
N THR D 496 -18.00 -30.12 -12.03
CA THR D 496 -17.94 -30.83 -10.76
C THR D 496 -18.15 -32.32 -10.97
N ALA D 497 -17.77 -33.10 -9.96
CA ALA D 497 -17.91 -34.54 -10.00
C ALA D 497 -17.93 -35.07 -8.57
N LEU D 498 -18.70 -36.14 -8.36
CA LEU D 498 -18.73 -36.88 -7.11
C LEU D 498 -18.41 -38.33 -7.45
N ILE D 499 -17.19 -38.76 -7.17
CA ILE D 499 -16.65 -40.02 -7.65
C ILE D 499 -16.15 -40.81 -6.44
N ASN D 500 -16.92 -41.81 -6.02
CA ASN D 500 -16.53 -42.74 -4.96
C ASN D 500 -16.03 -42.00 -3.72
N ASN D 501 -16.93 -41.19 -3.16
CA ASN D 501 -16.69 -40.39 -1.96
C ASN D 501 -15.62 -39.33 -2.15
N LYS D 502 -15.35 -38.93 -3.38
CA LYS D 502 -14.41 -37.84 -3.67
C LYS D 502 -15.14 -36.71 -4.37
N THR D 503 -15.14 -35.53 -3.74
CA THR D 503 -15.64 -34.33 -4.39
C THR D 503 -14.52 -33.73 -5.23
N MET D 504 -14.77 -33.59 -6.54
CA MET D 504 -13.76 -33.13 -7.48
C MET D 504 -14.31 -31.98 -8.30
N ILE D 505 -13.51 -30.91 -8.44
CA ILE D 505 -13.90 -29.73 -9.20
C ILE D 505 -12.71 -29.31 -10.06
N VAL D 506 -12.89 -29.34 -11.38
CA VAL D 506 -11.91 -28.79 -12.31
C VAL D 506 -12.39 -27.41 -12.72
N TYR D 507 -11.48 -26.44 -12.74
CA TYR D 507 -11.89 -25.06 -12.93
C TYR D 507 -10.72 -24.24 -13.44
N LYS D 508 -11.07 -23.11 -14.07
CA LYS D 508 -10.10 -22.10 -14.46
C LYS D 508 -9.94 -21.11 -13.32
N ASN D 509 -8.74 -21.03 -12.76
CA ASN D 509 -8.53 -20.18 -11.60
C ASN D 509 -8.43 -18.71 -12.05
N ALA D 510 -8.22 -17.82 -11.07
CA ALA D 510 -8.20 -16.39 -11.36
C ALA D 510 -7.05 -15.99 -12.25
N SER D 511 -5.98 -16.79 -12.31
CA SER D 511 -4.86 -16.54 -13.19
C SER D 511 -5.08 -17.11 -14.59
N GLY D 512 -6.22 -17.74 -14.83
CA GLY D 512 -6.50 -18.37 -16.12
C GLY D 512 -5.94 -19.76 -16.27
N LEU D 513 -5.46 -20.37 -15.20
CA LEU D 513 -4.84 -21.69 -15.26
C LEU D 513 -5.82 -22.76 -14.78
N ILE D 514 -5.53 -24.01 -15.15
CA ILE D 514 -6.41 -25.14 -14.87
C ILE D 514 -6.03 -25.73 -13.52
N SER D 515 -6.97 -25.71 -12.58
CA SER D 515 -6.77 -26.29 -11.26
C SER D 515 -7.82 -27.37 -11.01
N LEU D 516 -7.54 -28.22 -10.04
CA LEU D 516 -8.40 -29.35 -9.70
C LEU D 516 -8.53 -29.41 -8.18
N ASP D 517 -9.72 -29.07 -7.67
CA ASP D 517 -9.98 -29.13 -6.24
C ASP D 517 -10.58 -30.49 -5.88
N VAL D 518 -9.96 -31.16 -4.93
CA VAL D 518 -10.39 -32.48 -4.47
C VAL D 518 -10.59 -32.41 -2.97
N GLY D 519 -11.81 -32.72 -2.51
CA GLY D 519 -12.09 -32.70 -1.09
C GLY D 519 -12.50 -31.35 -0.53
N SER D 520 -12.86 -30.41 -1.40
CA SER D 520 -13.33 -29.08 -0.99
C SER D 520 -12.27 -28.32 -0.22
N SER D 521 -11.06 -28.27 -0.77
CA SER D 521 -9.98 -27.51 -0.15
C SER D 521 -10.14 -26.02 -0.40
N VAL D 522 -10.64 -25.63 -1.57
CA VAL D 522 -10.77 -24.21 -1.90
C VAL D 522 -12.16 -23.83 -2.41
N ARG D 523 -12.95 -24.75 -2.96
CA ARG D 523 -14.24 -24.41 -3.53
C ARG D 523 -15.32 -25.34 -2.99
N SER D 524 -16.56 -24.86 -3.05
CA SER D 524 -17.72 -25.60 -2.57
C SER D 524 -18.38 -26.30 -3.75
N ILE D 525 -18.52 -27.63 -3.66
CA ILE D 525 -19.04 -28.40 -4.78
C ILE D 525 -20.53 -28.15 -4.97
N VAL D 526 -21.25 -27.81 -3.91
CA VAL D 526 -22.66 -27.45 -4.06
C VAL D 526 -22.79 -26.13 -4.80
N GLU D 527 -21.95 -25.16 -4.47
CA GLU D 527 -22.03 -23.85 -5.11
C GLU D 527 -21.70 -23.94 -6.59
N ASP D 528 -20.70 -24.76 -6.96
CA ASP D 528 -20.30 -24.85 -8.35
C ASP D 528 -21.20 -25.78 -9.17
N SER D 529 -21.91 -26.70 -8.53
CA SER D 529 -22.81 -27.57 -9.26
C SER D 529 -24.16 -26.92 -9.53
N GLY D 530 -24.60 -26.03 -8.64
CA GLY D 530 -25.92 -25.45 -8.72
C GLY D 530 -26.96 -26.31 -8.04
N VAL D 531 -28.13 -25.71 -7.80
CA VAL D 531 -29.21 -26.35 -7.08
C VAL D 531 -30.49 -26.20 -7.88
N LYS D 532 -31.22 -27.30 -8.04
CA LYS D 532 -32.57 -27.26 -8.62
C LYS D 532 -33.50 -26.73 -7.54
N ARG D 533 -33.74 -25.41 -7.57
CA ARG D 533 -34.53 -24.78 -6.52
C ARG D 533 -35.96 -25.31 -6.49
N GLU D 534 -36.58 -25.46 -7.66
CA GLU D 534 -37.95 -25.93 -7.75
C GLU D 534 -38.08 -27.44 -7.54
N GLN D 535 -37.01 -28.11 -7.11
CA GLN D 535 -37.06 -29.52 -6.77
C GLN D 535 -36.63 -29.79 -5.34
N ILE D 536 -36.40 -28.76 -4.54
CA ILE D 536 -36.11 -28.95 -3.12
C ILE D 536 -37.35 -29.49 -2.42
N LEU D 537 -37.24 -30.68 -1.85
CA LEU D 537 -38.35 -31.35 -1.20
C LEU D 537 -38.27 -31.15 0.31
N ILE D 538 -39.40 -30.79 0.92
CA ILE D 538 -39.50 -30.56 2.35
C ILE D 538 -40.45 -31.61 2.91
N ASP D 539 -39.91 -32.58 3.63
CA ASP D 539 -40.68 -33.63 4.29
C ASP D 539 -40.68 -33.32 5.78
N LYS D 540 -41.62 -32.47 6.19
CA LYS D 540 -41.65 -31.99 7.56
C LYS D 540 -41.94 -33.10 8.55
N THR D 541 -42.71 -34.12 8.15
CA THR D 541 -43.03 -35.21 9.05
C THR D 541 -41.82 -36.10 9.31
N SER D 542 -40.97 -36.29 8.30
CA SER D 542 -39.76 -37.08 8.46
C SER D 542 -38.56 -36.24 8.84
N GLY D 543 -38.66 -34.92 8.79
CA GLY D 543 -37.56 -34.04 9.15
C GLY D 543 -36.41 -34.06 8.18
N LYS D 544 -36.68 -34.13 6.88
CA LYS D 544 -35.65 -34.21 5.86
C LYS D 544 -35.93 -33.19 4.76
N VAL D 545 -34.90 -32.44 4.39
CA VAL D 545 -34.96 -31.52 3.26
C VAL D 545 -33.95 -32.01 2.24
N THR D 546 -34.43 -32.35 1.04
CA THR D 546 -33.59 -32.90 -0.02
C THR D 546 -33.30 -31.81 -1.04
N ILE D 547 -32.02 -31.54 -1.26
CA ILE D 547 -31.54 -30.49 -2.14
C ILE D 547 -30.79 -31.13 -3.29
N PRO D 548 -31.43 -31.28 -4.46
CA PRO D 548 -30.74 -31.90 -5.60
C PRO D 548 -29.73 -30.95 -6.22
N LEU D 549 -28.53 -31.48 -6.50
CA LEU D 549 -27.51 -30.71 -7.19
C LEU D 549 -27.75 -30.76 -8.70
N ASN D 550 -27.46 -29.65 -9.37
CA ASN D 550 -27.86 -29.48 -10.76
C ASN D 550 -26.93 -30.23 -11.71
N GLU D 551 -25.78 -29.64 -12.04
CA GLU D 551 -24.85 -30.20 -13.01
C GLU D 551 -23.67 -30.80 -12.25
N ILE D 552 -23.54 -32.13 -12.32
CA ILE D 552 -22.50 -32.84 -11.59
C ILE D 552 -22.38 -34.25 -12.17
N HIS D 553 -21.14 -34.74 -12.23
CA HIS D 553 -20.85 -36.10 -12.71
C HIS D 553 -20.74 -37.02 -11.51
N VAL D 554 -21.69 -37.96 -11.39
CA VAL D 554 -21.75 -38.86 -10.25
C VAL D 554 -21.40 -40.26 -10.71
N PHE D 555 -20.41 -40.87 -10.06
CA PHE D 555 -19.97 -42.21 -10.38
C PHE D 555 -19.72 -42.96 -9.08
N GLY D 556 -20.39 -44.09 -8.91
CA GLY D 556 -20.24 -44.89 -7.71
C GLY D 556 -21.05 -44.37 -6.53
N GLU D 557 -21.02 -45.15 -5.46
CA GLU D 557 -21.67 -44.76 -4.22
C GLU D 557 -20.86 -43.70 -3.49
N SER D 558 -21.55 -42.72 -2.92
CA SER D 558 -20.88 -41.64 -2.21
C SER D 558 -21.78 -41.15 -1.09
N LEU D 559 -21.22 -41.04 0.11
CA LEU D 559 -21.93 -40.50 1.28
C LEU D 559 -20.93 -39.69 2.08
N ILE D 560 -21.08 -38.38 2.08
CA ILE D 560 -20.16 -37.48 2.77
C ILE D 560 -20.94 -36.71 3.83
N GLU D 561 -20.59 -36.93 5.08
CA GLU D 561 -21.26 -36.23 6.18
C GLU D 561 -20.89 -34.75 6.17
N GLY D 562 -21.79 -33.95 6.71
CA GLY D 562 -21.58 -32.51 6.80
C GLY D 562 -22.57 -31.92 7.77
N ASN D 563 -22.94 -30.67 7.53
CA ASN D 563 -23.95 -30.01 8.34
C ASN D 563 -24.51 -28.83 7.57
N ALA D 564 -25.54 -28.22 8.13
CA ALA D 564 -26.18 -27.05 7.55
C ALA D 564 -26.61 -26.10 8.66
N GLU D 565 -26.73 -24.83 8.31
CA GLU D 565 -27.15 -23.79 9.24
C GLU D 565 -28.47 -23.21 8.78
N LEU D 566 -29.42 -23.10 9.71
CA LEU D 566 -30.69 -22.46 9.46
C LEU D 566 -30.75 -21.13 10.19
N LYS D 567 -31.34 -20.12 9.55
CA LYS D 567 -31.50 -18.81 10.15
C LYS D 567 -32.89 -18.28 9.82
N PRO D 568 -33.65 -17.82 10.82
CA PRO D 568 -34.95 -17.22 10.53
C PRO D 568 -34.78 -15.93 9.73
N VAL D 569 -35.52 -15.84 8.63
CA VAL D 569 -35.42 -14.67 7.74
C VAL D 569 -35.97 -13.45 8.45
N GLY D 570 -35.23 -12.34 8.38
CA GLY D 570 -35.66 -11.10 8.99
C GLY D 570 -34.92 -10.75 10.26
N ILE D 571 -34.64 -11.75 11.09
CA ILE D 571 -33.92 -11.54 12.34
C ILE D 571 -32.43 -11.51 12.03
N SER D 572 -31.83 -10.32 12.13
CA SER D 572 -30.46 -10.12 11.65
C SER D 572 -29.45 -10.85 12.52
N ASP D 573 -29.48 -10.61 13.84
CA ASP D 573 -28.51 -11.18 14.75
C ASP D 573 -28.96 -12.49 15.37
N ALA D 574 -29.72 -13.30 14.62
CA ALA D 574 -30.18 -14.58 15.14
C ALA D 574 -29.05 -15.60 15.13
N ASP D 575 -29.03 -16.46 16.13
CA ASP D 575 -28.07 -17.55 16.15
C ASP D 575 -28.36 -18.50 14.99
N PRO D 576 -27.33 -19.09 14.38
CA PRO D 576 -27.59 -20.15 13.41
C PRO D 576 -28.05 -21.42 14.13
N ILE D 577 -28.97 -22.14 13.50
CA ILE D 577 -29.47 -23.40 14.00
C ILE D 577 -28.69 -24.51 13.31
N ASN D 578 -27.88 -25.24 14.07
CA ASN D 578 -26.99 -26.25 13.52
C ASN D 578 -27.72 -27.59 13.39
N VAL D 579 -27.72 -28.14 12.18
CA VAL D 579 -28.34 -29.43 11.89
C VAL D 579 -27.37 -30.27 11.07
N LYS D 580 -27.61 -31.58 11.09
CA LYS D 580 -26.79 -32.49 10.29
C LYS D 580 -27.20 -32.43 8.82
N ALA D 581 -26.24 -32.72 7.96
CA ALA D 581 -26.48 -32.80 6.53
C ALA D 581 -25.51 -33.81 5.93
N LYS D 582 -25.89 -34.37 4.78
CA LYS D 582 -25.02 -35.30 4.10
C LYS D 582 -25.17 -35.17 2.59
N LEU D 583 -24.04 -35.24 1.89
CA LEU D 583 -24.01 -35.22 0.44
C LEU D 583 -24.00 -36.66 -0.06
N ILE D 584 -25.01 -37.02 -0.85
CA ILE D 584 -25.25 -38.39 -1.26
C ILE D 584 -25.06 -38.49 -2.76
N GLY D 585 -24.35 -39.53 -3.20
CA GLY D 585 -24.19 -39.81 -4.61
C GLY D 585 -24.61 -41.24 -4.95
N GLU D 586 -25.70 -41.38 -5.70
CA GLU D 586 -26.18 -42.69 -6.10
C GLU D 586 -27.02 -42.55 -7.35
N ALA D 587 -27.06 -43.62 -8.15
CA ALA D 587 -27.84 -43.66 -9.38
C ALA D 587 -27.50 -42.49 -10.29
N ASN D 588 -26.21 -42.12 -10.33
CA ASN D 588 -25.70 -41.08 -11.22
C ASN D 588 -26.32 -39.72 -10.94
N LYS D 589 -26.79 -39.51 -9.71
CA LYS D 589 -27.37 -38.23 -9.30
C LYS D 589 -26.87 -37.90 -7.89
N ALA D 590 -26.73 -36.61 -7.63
CA ALA D 590 -26.24 -36.13 -6.34
C ALA D 590 -27.30 -35.28 -5.66
N ARG D 591 -27.32 -35.33 -4.33
CA ARG D 591 -28.26 -34.55 -3.55
C ARG D 591 -27.69 -34.31 -2.16
N VAL D 592 -28.18 -33.25 -1.52
CA VAL D 592 -27.86 -32.95 -0.13
C VAL D 592 -29.13 -33.12 0.69
N GLU D 593 -29.07 -33.99 1.69
CA GLU D 593 -30.18 -34.19 2.62
C GLU D 593 -29.87 -33.49 3.92
N VAL D 594 -30.72 -32.53 4.31
CA VAL D 594 -30.59 -31.81 5.56
C VAL D 594 -31.59 -32.39 6.55
N LEU D 595 -31.11 -32.80 7.72
CA LEU D 595 -31.92 -33.47 8.72
C LEU D 595 -32.29 -32.47 9.81
N LEU D 596 -33.59 -32.24 10.00
CA LEU D 596 -34.04 -31.24 10.96
C LEU D 596 -33.93 -31.73 12.40
N GLY D 597 -34.04 -33.04 12.62
CA GLY D 597 -33.86 -33.56 13.96
C GLY D 597 -34.95 -33.10 14.91
N ASP D 598 -34.55 -32.83 16.15
CA ASP D 598 -35.47 -32.43 17.21
C ASP D 598 -35.76 -30.94 17.22
N GLU D 599 -35.30 -30.19 16.22
CA GLU D 599 -35.59 -28.76 16.15
C GLU D 599 -37.03 -28.54 15.72
N LYS D 600 -37.73 -27.65 16.42
CA LYS D 600 -39.06 -27.22 15.99
C LYS D 600 -38.93 -25.85 15.33
N LEU D 601 -39.35 -25.76 14.08
CA LEU D 601 -39.19 -24.55 13.28
C LEU D 601 -40.53 -24.13 12.71
N SER D 602 -40.73 -22.82 12.62
CA SER D 602 -41.94 -22.25 12.04
C SER D 602 -41.58 -20.97 11.31
N GLY D 603 -41.85 -20.93 10.02
CA GLY D 603 -41.58 -19.76 9.19
C GLY D 603 -40.55 -20.06 8.12
N GLU D 604 -40.11 -18.99 7.46
CA GLU D 604 -39.12 -19.11 6.39
C GLU D 604 -37.71 -19.01 6.97
N TYR D 605 -36.82 -19.85 6.46
CA TYR D 605 -35.46 -19.96 6.98
C TYR D 605 -34.45 -19.95 5.85
N HIS D 606 -33.34 -19.23 6.07
CA HIS D 606 -32.16 -19.42 5.23
C HIS D 606 -31.57 -20.80 5.51
N LEU D 607 -31.16 -21.50 4.46
CA LEU D 607 -30.50 -22.78 4.59
C LEU D 607 -29.16 -22.71 3.86
N VAL D 608 -28.07 -22.87 4.61
CA VAL D 608 -26.71 -22.85 4.06
C VAL D 608 -26.08 -24.19 4.36
N THR D 609 -25.75 -24.93 3.30
CA THR D 609 -25.07 -26.21 3.48
C THR D 609 -23.60 -25.99 3.78
N ASN D 610 -22.98 -26.97 4.45
CA ASN D 610 -21.60 -26.90 4.90
C ASN D 610 -20.97 -28.29 4.73
N ILE D 611 -20.61 -28.62 3.49
CA ILE D 611 -20.03 -29.91 3.17
C ILE D 611 -18.51 -29.76 3.11
N GLN D 612 -17.81 -30.58 3.90
CA GLN D 612 -16.35 -30.60 3.93
C GLN D 612 -15.75 -29.23 4.23
N GLY D 613 -16.45 -28.44 5.05
CA GLY D 613 -15.94 -27.15 5.49
C GLY D 613 -16.20 -25.99 4.56
N LYS D 614 -16.92 -26.21 3.44
CA LYS D 614 -17.20 -25.16 2.48
C LYS D 614 -18.70 -24.91 2.42
N LYS D 615 -19.09 -23.65 2.55
CA LYS D 615 -20.49 -23.26 2.53
C LYS D 615 -20.90 -22.80 1.14
N ASP D 616 -22.13 -23.13 0.76
CA ASP D 616 -22.62 -22.70 -0.54
C ASP D 616 -23.09 -21.25 -0.48
N LYS D 617 -23.17 -20.63 -1.66
CA LYS D 617 -23.69 -19.28 -1.81
C LYS D 617 -24.98 -19.26 -2.62
N GLN D 618 -25.78 -20.32 -2.52
CA GLN D 618 -26.98 -20.46 -3.33
C GLN D 618 -28.17 -19.69 -2.78
N GLN D 619 -28.08 -19.14 -1.57
CA GLN D 619 -29.14 -18.33 -0.96
C GLN D 619 -30.47 -19.12 -0.92
N ILE D 620 -30.39 -20.32 -0.36
CA ILE D 620 -31.56 -21.21 -0.32
C ILE D 620 -32.48 -20.76 0.81
N LYS D 621 -33.78 -20.66 0.49
CA LYS D 621 -34.82 -20.35 1.46
C LYS D 621 -35.85 -21.46 1.46
N ILE D 622 -36.21 -21.93 2.65
CA ILE D 622 -37.26 -22.92 2.81
C ILE D 622 -38.28 -22.40 3.82
N THR D 623 -39.53 -22.85 3.67
CA THR D 623 -40.61 -22.48 4.58
C THR D 623 -41.03 -23.72 5.36
N LEU D 624 -40.82 -23.67 6.67
CA LEU D 624 -41.15 -24.79 7.55
C LEU D 624 -42.40 -24.49 8.37
N ASP E 19 24.98 52.67 -49.13
CA ASP E 19 25.02 53.13 -47.75
C ASP E 19 25.24 51.95 -46.80
N ILE E 20 26.51 51.68 -46.51
CA ILE E 20 26.90 50.55 -45.67
C ILE E 20 27.48 51.08 -44.38
N LYS E 21 26.98 50.58 -43.24
CA LYS E 21 27.47 51.03 -41.95
C LYS E 21 28.79 50.36 -41.59
N ILE E 22 28.93 49.06 -41.87
CA ILE E 22 30.08 48.28 -41.42
C ILE E 22 30.52 47.34 -42.54
N SER E 23 31.82 47.31 -42.79
CA SER E 23 32.43 46.31 -43.66
C SER E 23 33.25 45.35 -42.83
N VAL E 24 33.15 44.06 -43.15
CA VAL E 24 33.87 43.01 -42.42
C VAL E 24 34.93 42.44 -43.34
N VAL E 25 36.19 42.73 -43.05
CA VAL E 25 37.32 42.25 -43.84
C VAL E 25 37.84 40.97 -43.22
N VAL E 26 37.84 39.89 -43.99
CA VAL E 26 38.31 38.59 -43.52
C VAL E 26 39.33 38.01 -44.48
N PRO E 27 40.61 37.95 -44.10
CA PRO E 27 41.60 37.26 -44.95
C PRO E 27 41.57 35.77 -44.67
N THR E 28 41.47 34.97 -45.73
CA THR E 28 41.34 33.53 -45.61
C THR E 28 42.47 32.83 -46.36
N TYR E 29 42.95 31.73 -45.76
CA TYR E 29 43.92 30.86 -46.42
C TYR E 29 43.86 29.50 -45.75
N ASN E 30 43.35 28.50 -46.46
CA ASN E 30 43.17 27.15 -45.92
C ASN E 30 42.40 27.20 -44.61
N THR E 31 41.31 27.97 -44.62
CA THR E 31 40.56 28.25 -43.40
C THR E 31 39.94 26.97 -42.84
N GLU E 32 40.01 26.84 -41.52
CA GLU E 32 39.32 25.75 -40.83
C GLU E 32 37.83 25.84 -41.12
N LEU E 33 37.27 24.79 -41.73
CA LEU E 33 35.89 24.84 -42.19
C LEU E 33 34.91 25.07 -41.05
N GLU E 34 35.10 24.34 -39.94
CA GLU E 34 34.18 24.49 -38.81
C GLU E 34 34.31 25.87 -38.18
N GLY E 35 35.52 26.38 -38.04
CA GLY E 35 35.70 27.74 -37.58
C GLY E 35 35.13 28.76 -38.55
N LEU E 36 35.09 28.42 -39.84
CA LEU E 36 34.49 29.31 -40.82
C LEU E 36 32.97 29.31 -40.70
N LYS E 37 32.38 28.14 -40.47
CA LYS E 37 30.93 28.07 -40.26
C LYS E 37 30.52 28.83 -39.01
N ASN E 38 31.30 28.69 -37.93
CA ASN E 38 30.99 29.43 -36.71
C ASN E 38 31.12 30.93 -36.91
N LEU E 39 32.10 31.35 -37.72
CA LEU E 39 32.25 32.77 -38.03
C LEU E 39 31.03 33.29 -38.78
N MET E 40 30.58 32.54 -39.79
CA MET E 40 29.43 32.97 -40.59
C MET E 40 28.16 33.02 -39.75
N ALA E 41 28.01 32.08 -38.81
CA ALA E 41 26.83 32.09 -37.95
C ALA E 41 26.82 33.30 -37.01
N SER E 42 28.00 33.74 -36.59
CA SER E 42 28.07 34.90 -35.70
C SER E 42 27.72 36.19 -36.42
N ILE E 43 27.96 36.25 -37.73
CA ILE E 43 27.58 37.43 -38.51
C ILE E 43 26.08 37.43 -38.77
N ASP E 44 25.52 36.26 -39.10
CA ASP E 44 24.10 36.17 -39.40
C ASP E 44 23.24 36.53 -38.20
N LYS E 45 23.73 36.23 -36.99
CA LYS E 45 22.99 36.53 -35.76
C LYS E 45 23.13 37.99 -35.33
N GLN E 46 23.73 38.84 -36.16
CA GLN E 46 23.84 40.26 -35.82
C GLN E 46 22.47 40.91 -35.82
N THR E 47 22.20 41.70 -34.78
CA THR E 47 20.90 42.37 -34.69
C THR E 47 20.74 43.43 -35.78
N MET E 48 21.85 43.98 -36.28
CA MET E 48 21.80 44.96 -37.34
C MET E 48 21.25 44.32 -38.62
N ASN E 49 20.48 45.09 -39.38
CA ASN E 49 19.91 44.58 -40.62
C ASN E 49 21.03 44.15 -41.57
N PRO E 50 20.88 43.00 -42.23
CA PRO E 50 21.96 42.50 -43.08
C PRO E 50 22.29 43.39 -44.27
N ASP E 51 21.35 44.21 -44.74
CA ASP E 51 21.62 45.12 -45.83
C ASP E 51 22.31 46.40 -45.38
N GLU E 52 22.51 46.59 -44.07
CA GLU E 52 23.21 47.75 -43.54
C GLU E 52 24.68 47.48 -43.27
N TYR E 53 25.15 46.25 -43.49
CA TYR E 53 26.57 45.93 -43.40
C TYR E 53 26.92 45.03 -44.58
N GLU E 54 28.22 44.80 -44.76
CA GLU E 54 28.72 43.98 -45.86
C GLU E 54 29.90 43.15 -45.39
N LEU E 55 30.08 41.99 -46.03
CA LEU E 55 31.18 41.09 -45.72
C LEU E 55 32.08 40.99 -46.95
N VAL E 56 33.34 41.37 -46.78
CA VAL E 56 34.33 41.34 -47.85
C VAL E 56 35.34 40.26 -47.50
N PHE E 57 35.33 39.17 -48.26
CA PHE E 57 36.28 38.08 -48.08
C PHE E 57 37.33 38.13 -49.18
N VAL E 58 38.59 37.90 -48.79
CA VAL E 58 39.72 37.88 -49.71
C VAL E 58 40.55 36.64 -49.41
N ASP E 59 40.68 35.76 -50.39
CA ASP E 59 41.44 34.52 -50.24
C ASP E 59 42.82 34.69 -50.82
N ASP E 60 43.84 34.32 -50.05
CA ASP E 60 45.24 34.47 -50.45
C ASP E 60 45.76 33.17 -51.06
N GLY E 61 45.10 32.73 -52.13
CA GLY E 61 45.51 31.56 -52.87
C GLY E 61 45.50 30.28 -52.04
N SER E 62 44.34 29.93 -51.50
CA SER E 62 44.23 28.70 -50.73
C SER E 62 44.45 27.49 -51.61
N THR E 63 45.11 26.47 -51.07
CA THR E 63 45.30 25.22 -51.78
C THR E 63 44.13 24.26 -51.58
N THR E 64 43.34 24.46 -50.53
CA THR E 64 42.19 23.61 -50.26
C THR E 64 40.96 24.17 -51.00
N ASP E 65 39.77 23.67 -50.64
CA ASP E 65 38.52 24.14 -51.22
C ASP E 65 37.95 25.35 -50.47
N THR E 66 38.81 26.18 -49.88
CA THR E 66 38.34 27.30 -49.08
C THR E 66 37.60 28.33 -49.92
N TYR E 67 38.15 28.66 -51.10
CA TYR E 67 37.51 29.66 -51.95
C TYR E 67 36.16 29.16 -52.47
N GLU E 68 36.01 27.84 -52.64
CA GLU E 68 34.74 27.30 -53.08
C GLU E 68 33.68 27.40 -51.99
N ARG E 69 34.07 27.23 -50.73
CA ARG E 69 33.13 27.40 -49.64
C ARG E 69 32.69 28.85 -49.50
N LEU E 70 33.61 29.79 -49.69
CA LEU E 70 33.26 31.21 -49.60
C LEU E 70 32.25 31.59 -50.67
N GLN E 71 32.43 31.10 -51.90
CA GLN E 71 31.46 31.36 -52.95
C GLN E 71 30.10 30.73 -52.63
N GLU E 72 30.09 29.65 -51.85
CA GLU E 72 28.81 29.06 -51.45
C GLU E 72 28.13 29.91 -50.39
N PHE E 73 28.90 30.48 -49.46
CA PHE E 73 28.31 31.37 -48.46
C PHE E 73 27.75 32.63 -49.09
N ALA E 74 28.38 33.11 -50.17
CA ALA E 74 27.91 34.32 -50.85
C ALA E 74 26.61 34.09 -51.62
N GLU E 75 26.19 32.84 -51.80
CA GLU E 75 24.99 32.55 -52.56
C GLU E 75 23.74 33.07 -51.84
N THR E 76 23.64 32.79 -50.55
CA THR E 76 22.46 33.17 -49.76
C THR E 76 22.62 34.53 -49.09
N ARG E 77 23.61 35.33 -49.49
CA ARG E 77 23.87 36.62 -48.87
C ARG E 77 24.29 37.61 -49.97
N PRO E 78 23.37 38.46 -50.43
CA PRO E 78 23.74 39.45 -51.45
C PRO E 78 24.70 40.52 -50.97
N ASN E 79 24.96 40.61 -49.67
CA ASN E 79 25.89 41.59 -49.12
C ASN E 79 27.26 40.97 -48.81
N MET E 80 27.61 39.88 -49.47
CA MET E 80 28.89 39.21 -49.28
C MET E 80 29.68 39.23 -50.57
N THR E 81 30.92 39.71 -50.49
CA THR E 81 31.83 39.77 -51.62
C THR E 81 32.99 38.81 -51.38
N VAL E 82 33.30 37.98 -52.37
CA VAL E 82 34.37 37.00 -52.29
C VAL E 82 35.35 37.28 -53.43
N LYS E 83 36.61 37.48 -53.07
CA LYS E 83 37.65 37.77 -54.06
C LYS E 83 38.87 36.91 -53.76
N GLN E 84 39.59 36.56 -54.83
CA GLN E 84 40.75 35.69 -54.75
C GLN E 84 42.00 36.42 -55.22
N ILE E 85 43.16 35.93 -54.76
CA ILE E 85 44.47 36.42 -55.15
C ILE E 85 45.44 35.25 -55.11
N GLU E 86 46.40 35.23 -56.03
CA GLU E 86 47.47 34.22 -56.02
C GLU E 86 48.20 34.19 -54.67
N GLY E 91 48.43 38.02 -43.90
CA GLY E 91 47.32 38.93 -44.11
C GLY E 91 47.76 40.35 -44.41
N SER E 92 48.96 40.51 -44.96
CA SER E 92 49.45 41.84 -45.31
C SER E 92 48.72 42.40 -46.52
N ARG E 93 48.76 41.69 -47.65
CA ARG E 93 48.11 42.20 -48.85
C ARG E 93 46.59 42.03 -48.80
N PRO E 94 46.02 40.87 -48.39
CA PRO E 94 44.56 40.75 -48.44
C PRO E 94 43.80 41.72 -47.56
N ARG E 95 44.34 42.07 -46.39
CA ARG E 95 43.67 43.03 -45.53
C ARG E 95 43.62 44.42 -46.18
N ASN E 96 44.63 44.77 -46.96
CA ASN E 96 44.63 46.07 -47.63
C ASN E 96 43.76 46.08 -48.87
N ILE E 97 43.75 44.97 -49.62
CA ILE E 97 42.96 44.90 -50.84
C ILE E 97 41.47 44.92 -50.52
N ALA E 98 41.07 44.23 -49.45
CA ALA E 98 39.67 44.26 -49.05
C ALA E 98 39.25 45.66 -48.60
N THR E 99 40.17 46.41 -47.99
CA THR E 99 39.86 47.79 -47.60
C THR E 99 39.64 48.66 -48.82
N LYS E 100 40.36 48.40 -49.91
CA LYS E 100 40.16 49.16 -51.15
C LYS E 100 38.75 48.96 -51.68
N MET E 101 38.26 47.72 -51.66
CA MET E 101 36.94 47.41 -52.18
C MET E 101 35.83 47.51 -51.14
N ALA E 102 36.18 47.74 -49.88
CA ALA E 102 35.16 47.95 -48.86
C ALA E 102 34.52 49.33 -49.04
N LYS E 103 33.22 49.40 -48.73
CA LYS E 103 32.46 50.64 -48.89
C LYS E 103 31.74 51.06 -47.62
N GLY E 104 31.95 50.37 -46.51
CA GLY E 104 31.27 50.70 -45.28
C GLY E 104 31.88 51.90 -44.57
N GLU E 105 31.13 52.44 -43.61
CA GLU E 105 31.62 53.57 -42.84
C GLU E 105 32.69 53.13 -41.84
N TYR E 106 32.54 51.94 -41.28
CA TYR E 106 33.53 51.36 -40.38
C TYR E 106 33.95 50.00 -40.89
N ILE E 107 35.19 49.62 -40.59
CA ILE E 107 35.77 48.36 -41.04
C ILE E 107 36.24 47.58 -39.82
N LEU E 108 35.85 46.30 -39.76
CA LEU E 108 36.35 45.37 -38.77
C LEU E 108 37.21 44.33 -39.47
N TYR E 109 38.44 44.16 -38.96
CA TYR E 109 39.35 43.14 -39.49
C TYR E 109 39.18 41.88 -38.66
N LEU E 110 38.30 41.01 -39.12
CA LEU E 110 37.96 39.77 -38.42
C LEU E 110 38.78 38.63 -38.98
N ASP E 111 39.54 37.96 -38.12
CA ASP E 111 40.33 36.81 -38.54
C ASP E 111 39.41 35.60 -38.73
N HIS E 112 39.82 34.71 -39.64
CA HIS E 112 38.92 33.70 -40.17
C HIS E 112 38.56 32.58 -39.18
N ASP E 113 39.15 32.54 -37.98
CA ASP E 113 38.74 31.54 -36.99
C ASP E 113 38.34 32.20 -35.66
N ASP E 114 37.74 33.39 -35.74
CA ASP E 114 37.18 34.09 -34.58
C ASP E 114 35.68 34.25 -34.79
N THR E 115 35.01 34.82 -33.79
CA THR E 115 33.58 35.08 -33.89
C THR E 115 33.28 36.48 -33.35
N VAL E 116 32.05 36.92 -33.61
CA VAL E 116 31.55 38.22 -33.19
C VAL E 116 30.27 37.99 -32.40
N PHE E 117 30.06 38.81 -31.37
CA PHE E 117 28.88 38.70 -30.54
C PHE E 117 27.66 39.31 -31.25
N PRO E 118 26.45 38.86 -30.89
CA PRO E 118 25.27 39.19 -31.72
C PRO E 118 24.91 40.67 -31.77
N GLU E 119 25.21 41.44 -30.72
CA GLU E 119 24.83 42.85 -30.70
C GLU E 119 26.03 43.77 -30.94
N THR E 120 27.10 43.27 -31.56
CA THR E 120 28.31 44.06 -31.72
C THR E 120 28.12 45.16 -32.75
N PHE E 121 27.69 44.80 -33.97
CA PHE E 121 27.57 45.78 -35.05
C PHE E 121 26.66 46.94 -34.63
N GLU E 122 25.51 46.62 -34.04
CA GLU E 122 24.55 47.64 -33.65
C GLU E 122 25.14 48.58 -32.60
N ARG E 123 25.64 48.00 -31.50
CA ARG E 123 26.15 48.82 -30.40
C ARG E 123 27.37 49.63 -30.82
N VAL E 124 28.28 49.02 -31.60
CA VAL E 124 29.52 49.69 -31.95
C VAL E 124 29.25 50.88 -32.88
N TYR E 125 28.40 50.68 -33.89
CA TYR E 125 28.15 51.76 -34.85
C TYR E 125 27.46 52.95 -34.18
N ASN E 126 26.42 52.69 -33.39
CA ASN E 126 25.75 53.77 -32.68
C ASN E 126 26.70 54.48 -31.73
N PHE E 127 27.63 53.74 -31.11
CA PHE E 127 28.61 54.37 -30.24
C PHE E 127 29.58 55.24 -31.05
N GLY E 128 29.98 54.79 -32.23
CA GLY E 128 30.88 55.54 -33.06
C GLY E 128 30.21 56.71 -33.77
N LYS E 129 28.97 56.51 -34.22
CA LYS E 129 28.27 57.56 -34.93
C LYS E 129 27.87 58.71 -34.00
N GLU E 130 27.53 58.40 -32.75
CA GLU E 130 27.11 59.44 -31.81
C GLU E 130 28.28 60.25 -31.24
N ASN E 131 29.52 59.82 -31.45
CA ASN E 131 30.67 60.54 -30.93
C ASN E 131 31.70 60.87 -32.00
N ASN E 132 31.38 60.66 -33.28
CA ASN E 132 32.28 60.96 -34.39
C ASN E 132 33.64 60.29 -34.18
N LEU E 133 33.60 59.00 -33.89
CA LEU E 133 34.80 58.24 -33.57
C LEU E 133 35.47 57.71 -34.84
N ASP E 134 36.80 57.82 -34.86
CA ASP E 134 37.61 57.21 -35.90
C ASP E 134 37.94 55.75 -35.60
N VAL E 135 38.12 55.42 -34.33
CA VAL E 135 38.41 54.06 -33.89
C VAL E 135 37.51 53.74 -32.70
N VAL E 136 36.85 52.59 -32.73
CA VAL E 136 36.08 52.08 -31.61
C VAL E 136 36.82 50.84 -31.09
N SER E 137 37.35 50.93 -29.87
CA SER E 137 38.05 49.81 -29.24
C SER E 137 37.04 49.08 -28.37
N GLY E 138 36.36 48.09 -28.94
CA GLY E 138 35.40 47.32 -28.19
C GLY E 138 36.04 46.25 -27.32
N LYS E 139 35.30 45.85 -26.29
CA LYS E 139 35.79 44.85 -25.34
C LYS E 139 36.10 43.56 -26.07
N GLU E 140 37.33 43.08 -25.93
CA GLU E 140 37.77 41.86 -26.59
C GLU E 140 37.81 40.71 -25.59
N VAL E 141 37.51 39.51 -26.08
CA VAL E 141 37.40 38.31 -25.25
C VAL E 141 38.35 37.26 -25.80
N ARG E 142 39.06 36.58 -24.90
CA ARG E 142 39.97 35.50 -25.27
C ARG E 142 39.58 34.22 -24.55
N THR E 143 39.95 33.09 -25.16
CA THR E 143 39.55 31.79 -24.62
C THR E 143 40.12 31.56 -23.23
N ASN E 144 41.42 31.81 -23.06
CA ASN E 144 42.12 31.53 -21.82
C ASN E 144 42.38 32.83 -21.06
N GLY E 145 42.66 32.69 -19.77
CA GLY E 145 42.98 33.81 -18.92
C GLY E 145 41.78 34.30 -18.12
N TRP E 146 42.09 34.97 -17.01
CA TRP E 146 41.07 35.56 -16.16
C TRP E 146 40.77 37.00 -16.51
N SER E 147 41.48 37.58 -17.48
CA SER E 147 41.26 38.97 -17.86
C SER E 147 41.83 39.19 -19.26
N TRP E 148 41.43 40.31 -19.84
CA TRP E 148 42.01 40.82 -21.08
C TRP E 148 41.59 42.28 -21.26
N GLY E 149 42.58 43.19 -21.31
CA GLY E 149 42.25 44.60 -21.26
C GLY E 149 41.63 44.98 -19.93
N TRP E 150 42.12 44.39 -18.84
CA TRP E 150 41.57 44.63 -17.51
C TRP E 150 41.51 46.11 -17.18
N LYS E 151 42.56 46.85 -17.53
CA LYS E 151 42.59 48.28 -17.23
C LYS E 151 41.81 49.10 -18.25
N GLN E 152 41.97 48.77 -19.54
CA GLN E 152 41.39 49.61 -20.58
C GLN E 152 39.89 49.40 -20.72
N PHE E 153 39.42 48.16 -20.64
CA PHE E 153 38.00 47.85 -20.78
C PHE E 153 37.25 47.96 -19.45
N SER E 154 37.59 48.96 -18.63
CA SER E 154 36.96 49.11 -17.33
C SER E 154 35.58 49.75 -17.44
N GLU E 155 35.45 50.79 -18.27
CA GLU E 155 34.17 51.46 -18.47
C GLU E 155 34.20 52.20 -19.79
N ASN E 156 33.01 52.54 -20.29
CA ASN E 156 32.90 53.24 -21.57
C ASN E 156 33.62 54.56 -21.52
N ASN E 157 34.26 54.93 -22.63
CA ASN E 157 34.99 56.20 -22.74
C ASN E 157 34.85 56.69 -24.17
N PRO E 158 33.91 57.62 -24.42
CA PRO E 158 33.75 58.12 -25.79
C PRO E 158 34.86 59.08 -26.22
N HIS E 159 35.65 59.60 -25.28
CA HIS E 159 36.75 60.48 -25.62
C HIS E 159 38.07 59.91 -25.11
N ALA E 160 38.41 58.70 -25.58
CA ALA E 160 39.55 57.98 -25.03
C ALA E 160 40.90 58.50 -25.53
N GLU E 161 40.94 59.17 -26.67
CA GLU E 161 42.21 59.68 -27.18
C GLU E 161 42.81 60.74 -26.27
N GLU E 162 42.03 61.30 -25.37
CA GLU E 162 42.53 62.30 -24.43
C GLU E 162 43.39 61.68 -23.32
N MET E 163 43.36 60.35 -23.16
CA MET E 163 44.23 59.66 -22.23
C MET E 163 45.64 59.46 -22.77
N GLY E 164 45.84 59.63 -24.07
CA GLY E 164 47.09 59.25 -24.70
C GLY E 164 46.93 57.97 -25.50
N ILE E 165 48.07 57.49 -26.01
CA ILE E 165 48.06 56.30 -26.84
C ILE E 165 47.69 55.04 -26.06
N GLU E 166 47.66 55.12 -24.73
CA GLU E 166 47.27 53.98 -23.91
C GLU E 166 45.85 53.50 -24.21
N CYS E 167 45.00 54.36 -24.77
CA CYS E 167 43.60 54.05 -24.97
C CYS E 167 43.37 52.93 -25.98
N LEU E 168 44.37 52.60 -26.79
CA LEU E 168 44.21 51.58 -27.83
C LEU E 168 44.68 50.20 -27.39
N LEU E 169 45.20 50.06 -26.16
CA LEU E 169 45.62 48.74 -25.71
C LEU E 169 44.41 47.93 -25.30
N PRO E 170 44.41 46.61 -25.53
CA PRO E 170 45.44 45.86 -26.28
C PRO E 170 45.37 46.14 -27.77
N MET E 171 46.51 46.38 -28.41
CA MET E 171 46.56 46.81 -29.80
C MET E 171 46.40 45.61 -30.75
N THR E 172 45.27 44.93 -30.61
CA THR E 172 44.86 43.95 -31.60
C THR E 172 44.19 44.66 -32.77
N PRO E 173 44.15 44.03 -33.94
CA PRO E 173 43.45 44.63 -35.08
C PRO E 173 41.95 44.44 -35.05
N HIS E 174 41.40 43.94 -33.94
CA HIS E 174 39.99 43.60 -33.80
C HIS E 174 39.16 44.77 -33.29
N LYS E 175 39.44 45.97 -33.78
CA LYS E 175 38.67 47.17 -33.48
C LYS E 175 37.87 47.58 -34.71
N PHE E 176 37.10 48.64 -34.57
CA PHE E 176 36.32 49.20 -35.68
C PHE E 176 36.93 50.52 -36.08
N TYR E 177 37.47 50.58 -37.29
CA TYR E 177 38.15 51.76 -37.80
C TYR E 177 37.30 52.42 -38.88
N LYS E 178 37.19 53.75 -38.82
CA LYS E 178 36.46 54.48 -39.84
C LYS E 178 37.22 54.40 -41.16
N ARG E 179 36.55 53.90 -42.20
CA ARG E 179 37.20 53.72 -43.49
C ARG E 179 37.69 55.05 -44.06
N GLU E 180 36.95 56.14 -43.81
CA GLU E 180 37.40 57.46 -44.23
C GLU E 180 38.72 57.83 -43.59
N PHE E 181 38.92 57.45 -42.33
CA PHE E 181 40.14 57.82 -41.61
C PHE E 181 41.35 57.09 -42.15
N LEU E 182 41.22 55.79 -42.42
CA LEU E 182 42.36 55.00 -42.89
C LEU E 182 42.84 55.48 -44.25
N LEU E 183 41.91 55.90 -45.12
CA LEU E 183 42.30 56.32 -46.46
C LEU E 183 42.84 57.74 -46.49
N GLU E 184 42.36 58.61 -45.60
CA GLU E 184 42.87 59.97 -45.56
C GLU E 184 44.33 60.02 -45.10
N ASN E 185 44.74 59.08 -44.26
CA ASN E 185 46.10 59.05 -43.73
C ASN E 185 46.95 57.92 -44.29
N ASP E 186 46.43 57.15 -45.24
CA ASP E 186 47.16 56.06 -45.88
C ASP E 186 47.67 55.06 -44.84
N ILE E 187 46.81 54.71 -43.90
CA ILE E 187 47.15 53.75 -42.84
C ILE E 187 46.83 52.36 -43.37
N THR E 188 47.87 51.60 -43.69
CA THR E 188 47.73 50.24 -44.21
C THR E 188 48.55 49.29 -43.37
N PHE E 189 48.32 47.99 -43.58
CA PHE E 189 49.16 46.98 -42.97
C PHE E 189 50.47 46.86 -43.75
N ASP E 190 51.54 46.50 -43.03
CA ASP E 190 52.89 46.51 -43.57
C ASP E 190 52.97 45.77 -44.90
N ASP E 191 53.07 46.54 -45.99
CA ASP E 191 52.95 45.96 -47.34
C ASP E 191 54.15 45.10 -47.69
N GLY E 192 55.36 45.56 -47.39
CA GLY E 192 56.56 44.89 -47.84
C GLY E 192 56.92 43.63 -47.08
N ALA E 193 57.99 43.72 -46.30
CA ALA E 193 58.53 42.54 -45.63
C ALA E 193 57.61 42.08 -44.49
N ARG E 194 57.69 40.78 -44.20
CA ARG E 194 56.92 40.21 -43.10
C ARG E 194 57.47 40.70 -41.77
N VAL E 195 56.57 41.16 -40.89
CA VAL E 195 56.94 41.69 -39.59
C VAL E 195 56.07 41.04 -38.52
N LEU E 196 56.49 41.21 -37.28
CA LEU E 196 55.70 40.85 -36.11
C LEU E 196 55.01 42.08 -35.54
N TRP E 197 53.94 41.86 -34.79
CA TRP E 197 53.19 42.92 -34.14
C TRP E 197 52.70 43.97 -35.14
N GLU E 198 52.32 43.51 -36.34
CA GLU E 198 51.88 44.45 -37.37
C GLU E 198 50.64 45.22 -36.97
N ASP E 199 49.84 44.69 -36.04
CA ASP E 199 48.69 45.43 -35.55
C ASP E 199 49.09 46.53 -34.58
N VAL E 200 50.23 46.39 -33.90
CA VAL E 200 50.73 47.47 -33.05
C VAL E 200 51.16 48.65 -33.92
N TYR E 201 51.82 48.38 -35.04
CA TYR E 201 52.10 49.43 -36.02
C TYR E 201 50.81 50.09 -36.48
N PHE E 202 49.78 49.28 -36.78
CA PHE E 202 48.54 49.80 -37.32
C PHE E 202 47.85 50.73 -36.33
N ASN E 203 47.66 50.26 -35.09
CA ASN E 203 46.99 51.08 -34.08
C ASN E 203 47.81 52.31 -33.72
N SER E 204 49.14 52.19 -33.73
CA SER E 204 49.97 53.36 -33.42
C SER E 204 49.83 54.43 -34.49
N LYS E 205 49.85 54.04 -35.76
CA LYS E 205 49.70 55.02 -36.84
C LYS E 205 48.34 55.69 -36.79
N ALA E 206 47.30 54.94 -36.41
CA ALA E 206 45.98 55.54 -36.26
C ALA E 206 45.99 56.65 -35.22
N PHE E 207 46.63 56.40 -34.07
CA PHE E 207 46.70 57.42 -33.03
C PHE E 207 47.67 58.53 -33.41
N ILE E 208 48.75 58.21 -34.12
CA ILE E 208 49.71 59.24 -34.52
C ILE E 208 49.05 60.27 -35.42
N HIS E 209 48.11 59.83 -36.26
CA HIS E 209 47.38 60.73 -37.15
C HIS E 209 46.15 61.36 -36.49
N GLY E 210 46.08 61.33 -35.16
CA GLY E 210 45.04 62.04 -34.44
C GLY E 210 43.66 61.42 -34.53
N ALA E 211 43.56 60.14 -34.18
CA ALA E 211 42.27 59.46 -34.22
C ALA E 211 41.47 59.75 -32.95
N LYS E 212 40.18 60.03 -33.13
CA LYS E 212 39.26 60.13 -32.00
C LYS E 212 38.82 58.72 -31.62
N VAL E 213 39.34 58.24 -30.50
CA VAL E 213 39.18 56.84 -30.10
C VAL E 213 38.12 56.75 -29.02
N GLY E 214 37.29 55.71 -29.10
CA GLY E 214 36.31 55.43 -28.07
C GLY E 214 36.39 53.98 -27.64
N ILE E 215 36.23 53.75 -26.34
CA ILE E 215 36.29 52.42 -25.75
C ILE E 215 34.89 51.99 -25.39
N LEU E 216 34.41 50.92 -26.01
CA LEU E 216 33.12 50.31 -25.68
C LEU E 216 33.40 49.12 -24.77
N ALA E 217 33.21 49.31 -23.47
CA ALA E 217 33.62 48.33 -22.48
C ALA E 217 32.47 47.61 -21.80
N ASP E 218 31.23 48.01 -22.04
CA ASP E 218 30.09 47.42 -21.35
C ASP E 218 29.48 46.25 -22.10
N TYR E 219 30.04 45.86 -23.24
CA TYR E 219 29.52 44.74 -24.02
C TYR E 219 30.68 44.06 -24.73
N PRO E 220 30.80 42.73 -24.64
CA PRO E 220 31.85 42.02 -25.37
C PRO E 220 31.58 42.06 -26.87
N THR E 221 32.53 42.60 -27.63
CA THR E 221 32.35 42.82 -29.05
C THR E 221 33.03 41.77 -29.92
N TYR E 222 34.14 41.20 -29.48
CA TYR E 222 34.96 40.33 -30.31
C TYR E 222 35.44 39.15 -29.48
N TYR E 223 35.43 37.96 -30.09
CA TYR E 223 35.94 36.75 -29.45
C TYR E 223 37.18 36.29 -30.23
N TRP E 224 38.35 36.52 -29.66
CA TRP E 224 39.62 36.02 -30.19
C TRP E 224 39.83 34.61 -29.66
N ILE E 225 39.63 33.62 -30.52
CA ILE E 225 39.59 32.22 -30.11
C ILE E 225 40.98 31.61 -30.21
N ALA E 226 41.35 30.83 -29.20
CA ALA E 226 42.60 30.08 -29.23
C ALA E 226 42.39 28.76 -29.98
N THR E 227 43.33 28.43 -30.86
CA THR E 227 43.24 27.20 -31.63
C THR E 227 44.39 26.26 -31.32
N SER E 233 55.52 28.07 -40.30
CA SER E 233 55.57 29.08 -39.24
C SER E 233 56.98 29.25 -38.70
N SER E 234 57.97 29.21 -39.60
CA SER E 234 59.36 29.38 -39.17
C SER E 234 59.63 30.81 -38.73
N PHE E 235 59.00 31.78 -39.39
CA PHE E 235 59.22 33.19 -39.07
C PHE E 235 58.86 33.48 -37.61
N GLY E 236 59.71 34.25 -36.94
CA GLY E 236 59.47 34.67 -35.58
C GLY E 236 59.87 33.68 -34.51
N ARG E 237 60.05 32.40 -34.85
CA ARG E 237 60.36 31.41 -33.83
C ARG E 237 61.81 31.50 -33.36
N ASP E 238 62.74 31.75 -34.28
CA ASP E 238 64.14 31.80 -33.89
C ASP E 238 64.43 33.10 -33.12
N PRO E 239 65.40 33.08 -32.21
CA PRO E 239 65.62 34.25 -31.34
C PRO E 239 66.18 35.46 -32.06
N HIS E 240 66.92 35.26 -33.15
CA HIS E 240 67.47 36.42 -33.88
C HIS E 240 66.38 37.20 -34.58
N GLU E 241 65.39 36.50 -35.16
CA GLU E 241 64.27 37.19 -35.79
C GLU E 241 63.41 37.91 -34.77
N LYS E 242 63.27 37.35 -33.57
CA LYS E 242 62.49 38.01 -32.53
C LYS E 242 63.07 39.37 -32.19
N TRP E 243 64.37 39.43 -31.90
CA TRP E 243 65.01 40.68 -31.55
C TRP E 243 65.32 41.55 -32.76
N ASN E 244 65.21 41.00 -33.98
CA ASN E 244 65.17 41.86 -35.16
C ASN E 244 63.87 42.64 -35.21
N GLN E 245 62.77 42.01 -34.81
CA GLN E 245 61.48 42.69 -34.80
C GLN E 245 61.36 43.64 -33.61
N ILE E 246 61.92 43.27 -32.46
CA ILE E 246 61.85 44.14 -31.30
C ILE E 246 62.64 45.42 -31.54
N ASN E 247 63.85 45.31 -32.08
CA ASN E 247 64.62 46.50 -32.43
C ASN E 247 63.86 47.36 -33.45
N LYS E 248 63.23 46.72 -34.43
CA LYS E 248 62.51 47.46 -35.46
C LYS E 248 61.28 48.16 -34.88
N LEU E 249 60.66 47.57 -33.85
CA LEU E 249 59.47 48.19 -33.26
C LEU E 249 59.84 49.39 -32.39
N PHE E 250 60.89 49.27 -31.56
CA PHE E 250 61.32 50.39 -30.75
C PHE E 250 61.79 51.55 -31.61
N ASN E 251 62.45 51.25 -32.74
CA ASN E 251 62.85 52.31 -33.66
C ASN E 251 61.63 53.01 -34.26
N PHE E 252 60.56 52.26 -34.52
CA PHE E 252 59.33 52.87 -35.03
C PHE E 252 58.74 53.83 -34.01
N PHE E 253 58.73 53.45 -32.73
CA PHE E 253 58.23 54.34 -31.68
C PHE E 253 59.01 55.65 -31.66
N LYS E 254 60.34 55.56 -31.54
CA LYS E 254 61.16 56.75 -31.36
C LYS E 254 61.12 57.65 -32.60
N ASP E 255 60.92 57.07 -33.78
CA ASP E 255 60.98 57.83 -35.02
C ASP E 255 59.62 58.32 -35.52
N ASN E 256 58.52 57.92 -34.88
CA ASN E 256 57.22 58.33 -35.39
C ASN E 256 56.32 58.95 -34.34
N ILE E 257 56.36 58.47 -33.10
CA ILE E 257 55.56 59.08 -32.04
C ILE E 257 56.20 60.39 -31.63
N LYS E 258 55.41 61.46 -31.62
CA LYS E 258 55.91 62.80 -31.34
C LYS E 258 55.53 63.33 -29.97
N GLU E 259 54.36 62.95 -29.45
CA GLU E 259 53.98 63.36 -28.10
C GLU E 259 54.86 62.64 -27.08
N GLN E 260 55.55 63.42 -26.24
CA GLN E 260 56.47 62.82 -25.28
C GLN E 260 55.76 61.90 -24.31
N ARG E 261 54.54 62.26 -23.90
CA ARG E 261 53.77 61.38 -23.01
C ARG E 261 53.45 60.05 -23.69
N ASP E 262 53.08 60.10 -24.97
CA ASP E 262 52.75 58.86 -25.68
C ASP E 262 53.99 58.04 -25.98
N LEU E 263 55.07 58.70 -26.42
CA LEU E 263 56.31 57.98 -26.70
C LEU E 263 56.85 57.31 -25.44
N ASP E 264 56.84 58.03 -24.32
CA ASP E 264 57.32 57.44 -23.07
C ASP E 264 56.45 56.29 -22.61
N PHE E 265 55.14 56.34 -22.88
CA PHE E 265 54.28 55.23 -22.49
C PHE E 265 54.59 53.98 -23.29
N MET E 266 54.73 54.11 -24.62
CA MET E 266 55.02 52.95 -25.45
C MET E 266 56.39 52.36 -25.11
N LEU E 267 57.39 53.23 -24.90
CA LEU E 267 58.71 52.75 -24.50
C LEU E 267 58.64 52.03 -23.16
N THR E 268 57.96 52.62 -22.18
CA THR E 268 57.83 51.98 -20.87
C THR E 268 57.09 50.66 -20.96
N HIS E 269 55.98 50.65 -21.69
CA HIS E 269 55.14 49.46 -21.75
C HIS E 269 55.85 48.29 -22.42
N TRP E 270 56.53 48.57 -23.55
CA TRP E 270 57.14 47.48 -24.30
C TRP E 270 58.51 47.09 -23.74
N TYR E 271 59.20 48.00 -23.06
CA TYR E 271 60.43 47.63 -22.39
C TYR E 271 60.17 46.71 -21.20
N ARG E 272 59.15 47.04 -20.40
CA ARG E 272 58.87 46.24 -19.21
C ARG E 272 58.31 44.87 -19.58
N SER E 273 57.50 44.79 -20.63
CA SER E 273 56.81 43.55 -20.98
C SER E 273 57.67 42.61 -21.81
N ARG E 274 58.34 43.12 -22.85
CA ARG E 274 59.07 42.24 -23.77
C ARG E 274 60.56 42.15 -23.48
N VAL E 275 61.18 43.21 -22.95
CA VAL E 275 62.61 43.18 -22.68
C VAL E 275 62.85 42.70 -21.25
N LEU E 276 62.37 43.46 -20.26
CA LEU E 276 62.47 43.01 -18.88
C LEU E 276 61.65 41.75 -18.63
N GLY E 277 60.73 41.41 -19.53
CA GLY E 277 59.89 40.23 -19.38
C GLY E 277 60.63 38.92 -19.51
N ILE E 278 61.87 38.91 -19.99
CA ILE E 278 62.67 37.70 -20.09
C ILE E 278 63.68 37.58 -18.96
N LEU E 279 63.71 38.54 -18.04
CA LEU E 279 64.67 38.53 -16.95
C LEU E 279 64.07 38.02 -15.64
N GLY E 280 62.84 37.51 -15.69
CA GLY E 280 62.21 36.94 -14.50
C GLY E 280 62.17 35.43 -14.52
N GLN E 281 60.96 34.86 -14.44
CA GLN E 281 60.82 33.41 -14.49
C GLN E 281 61.15 32.83 -15.86
N TRP E 282 61.33 33.67 -16.88
CA TRP E 282 61.70 33.19 -18.20
C TRP E 282 63.08 32.53 -18.20
N LEU E 283 63.95 32.96 -17.28
CA LEU E 283 65.29 32.39 -17.22
C LEU E 283 65.30 30.94 -16.74
N LEU E 284 64.22 30.50 -16.09
CA LEU E 284 64.14 29.15 -15.58
C LEU E 284 63.40 28.20 -16.52
N LYS E 285 63.03 28.66 -17.72
CA LYS E 285 62.26 27.86 -18.65
C LYS E 285 62.93 27.74 -20.02
N ASN E 286 64.21 28.12 -20.13
CA ASN E 286 64.92 28.05 -21.40
C ASN E 286 66.34 27.57 -21.13
N ASN E 287 66.97 27.04 -22.17
CA ASN E 287 68.34 26.55 -22.06
C ASN E 287 69.32 27.72 -22.07
N ASN E 288 70.54 27.44 -21.61
CA ASN E 288 71.54 28.49 -21.44
C ASN E 288 71.98 29.11 -22.75
N GLU E 289 71.86 28.40 -23.87
CA GLU E 289 72.26 28.97 -25.15
C GLU E 289 71.28 30.06 -25.59
N ARG E 290 69.98 29.78 -25.51
CA ARG E 290 68.99 30.79 -25.89
C ARG E 290 68.99 31.96 -24.92
N ILE E 291 69.28 31.70 -23.64
CA ILE E 291 69.31 32.77 -22.65
C ILE E 291 70.38 33.79 -23.00
N ASP E 292 71.60 33.31 -23.28
CA ASP E 292 72.70 34.22 -23.58
C ASP E 292 72.47 34.98 -24.89
N ILE E 293 71.80 34.37 -25.86
CA ILE E 293 71.51 35.06 -27.12
C ILE E 293 70.56 36.24 -26.87
N GLU E 294 69.44 35.97 -26.19
CA GLU E 294 68.46 37.02 -25.98
C GLU E 294 68.91 38.01 -24.91
N PHE E 295 69.67 37.56 -23.90
CA PHE E 295 70.15 38.47 -22.88
C PHE E 295 71.06 39.53 -23.47
N ASN E 296 71.98 39.12 -24.36
CA ASN E 296 72.85 40.09 -25.02
C ASN E 296 72.07 40.99 -25.96
N TYR E 297 71.03 40.45 -26.60
CA TYR E 297 70.14 41.30 -27.40
C TYR E 297 69.43 42.31 -26.52
N ALA E 298 68.92 41.87 -25.36
CA ALA E 298 68.20 42.76 -24.46
C ALA E 298 69.11 43.83 -23.88
N LYS E 299 70.34 43.46 -23.53
CA LYS E 299 71.29 44.44 -23.00
C LYS E 299 71.65 45.47 -24.06
N LYS E 300 71.84 45.03 -25.31
CA LYS E 300 72.20 45.96 -26.38
C LYS E 300 71.06 46.93 -26.67
N LEU E 301 69.81 46.46 -26.62
CA LEU E 301 68.68 47.33 -26.90
C LEU E 301 68.48 48.36 -25.80
N ALA E 302 68.63 47.95 -24.54
CA ALA E 302 68.49 48.90 -23.44
C ALA E 302 69.50 50.02 -23.53
N GLU E 303 70.73 49.70 -23.93
CA GLU E 303 71.77 50.72 -24.03
C GLU E 303 71.53 51.65 -25.22
N GLU E 304 70.99 51.13 -26.32
CA GLU E 304 70.86 51.94 -27.52
C GLU E 304 69.57 52.74 -27.54
N LEU E 305 68.46 52.13 -27.15
CA LEU E 305 67.14 52.70 -27.43
C LEU E 305 66.39 53.19 -26.20
N ILE E 306 66.66 52.64 -25.02
CA ILE E 306 65.85 52.88 -23.83
C ILE E 306 66.57 53.93 -22.97
N PRO E 307 66.03 55.14 -22.83
CA PRO E 307 66.65 56.11 -21.94
C PRO E 307 66.55 55.68 -20.48
N ALA E 308 67.42 56.28 -19.66
CA ALA E 308 67.48 55.89 -18.25
C ALA E 308 66.24 56.33 -17.48
N TYR E 309 65.60 57.43 -17.90
CA TYR E 309 64.44 57.92 -17.16
C TYR E 309 63.25 56.98 -17.25
N ILE E 310 63.22 56.09 -18.24
CA ILE E 310 62.12 55.13 -18.36
C ILE E 310 62.04 54.26 -17.11
N SER E 311 63.19 53.72 -16.69
CA SER E 311 63.20 52.82 -15.54
C SER E 311 63.01 53.56 -14.22
N GLU E 312 63.17 54.88 -14.20
CA GLU E 312 62.90 55.64 -12.99
C GLU E 312 61.44 55.55 -12.59
N ASN E 313 60.55 55.39 -13.56
CA ASN E 313 59.12 55.27 -13.32
C ASN E 313 58.66 53.82 -13.18
N LEU E 314 59.58 52.88 -13.10
CA LEU E 314 59.25 51.47 -12.91
C LEU E 314 59.26 51.11 -11.43
N ASP E 315 58.64 49.98 -11.11
CA ASP E 315 58.63 49.49 -9.75
C ASP E 315 60.01 48.98 -9.35
N LYS E 316 60.17 48.70 -8.05
CA LYS E 316 61.48 48.35 -7.51
C LYS E 316 62.04 47.08 -8.17
N ASN E 317 61.20 46.07 -8.39
CA ASN E 317 61.68 44.82 -8.95
C ASN E 317 62.15 44.99 -10.39
N ASN E 318 61.41 45.76 -11.19
CA ASN E 318 61.83 46.00 -12.56
C ASN E 318 63.04 46.93 -12.62
N GLN E 319 63.23 47.77 -11.61
CA GLN E 319 64.44 48.58 -11.56
C GLN E 319 65.66 47.73 -11.29
N VAL E 320 65.52 46.70 -10.45
CA VAL E 320 66.62 45.77 -10.21
C VAL E 320 66.96 45.00 -11.49
N LYS E 321 65.92 44.59 -12.23
CA LYS E 321 66.15 43.89 -13.50
C LYS E 321 66.83 44.80 -14.51
N ASP E 322 66.42 46.06 -14.58
CA ASP E 322 67.03 47.01 -15.50
C ASP E 322 68.49 47.25 -15.15
N TYR E 323 68.77 47.44 -13.87
CA TYR E 323 70.15 47.70 -13.43
C TYR E 323 71.05 46.51 -13.74
N LEU E 324 70.62 45.31 -13.36
CA LEU E 324 71.45 44.13 -13.58
C LEU E 324 71.59 43.81 -15.06
N LEU E 325 70.59 44.17 -15.88
CA LEU E 325 70.71 43.99 -17.31
C LEU E 325 71.82 44.88 -17.88
N ARG E 326 71.77 46.18 -17.58
CA ARG E 326 72.78 47.10 -18.08
C ARG E 326 74.17 46.83 -17.50
N GLN E 327 74.24 46.13 -16.37
CA GLN E 327 75.51 45.69 -15.82
C GLN E 327 76.00 44.38 -16.44
N GLY E 328 75.15 43.72 -17.24
CA GLY E 328 75.51 42.42 -17.79
C GLY E 328 75.53 41.31 -16.78
N ASP E 329 74.93 41.51 -15.61
CA ASP E 329 74.97 40.54 -14.52
C ASP E 329 73.82 39.54 -14.68
N LEU E 330 73.97 38.68 -15.69
CA LEU E 330 73.02 37.59 -15.89
C LEU E 330 73.08 36.59 -14.74
N ASP E 331 74.24 36.48 -14.09
CA ASP E 331 74.39 35.53 -12.98
C ASP E 331 73.45 35.88 -11.83
N SER E 332 73.38 37.15 -11.45
CA SER E 332 72.50 37.55 -10.35
C SER E 332 71.04 37.46 -10.74
N LEU E 333 70.72 37.76 -12.01
CA LEU E 333 69.33 37.69 -12.45
C LEU E 333 68.80 36.26 -12.40
N LYS E 334 69.66 35.29 -12.74
CA LYS E 334 69.26 33.89 -12.60
C LYS E 334 69.01 33.54 -11.14
N LYS E 335 69.85 34.04 -10.24
CA LYS E 335 69.65 33.75 -8.82
C LYS E 335 68.43 34.48 -8.27
N LEU E 336 68.14 35.67 -8.79
CA LEU E 336 66.91 36.37 -8.38
C LEU E 336 65.67 35.62 -8.85
N ALA E 337 65.73 34.99 -10.02
CA ALA E 337 64.58 34.24 -10.52
C ALA E 337 64.25 33.07 -9.62
N GLN E 338 65.26 32.48 -8.98
CA GLN E 338 65.00 31.38 -8.06
C GLN E 338 64.48 31.89 -6.72
N ILE E 339 64.96 33.05 -6.27
CA ILE E 339 64.45 33.63 -5.03
C ILE E 339 63.00 34.03 -5.19
N ASP E 340 62.62 34.56 -6.35
CA ASP E 340 61.25 34.99 -6.62
C ASP E 340 60.35 33.86 -7.11
N ALA E 341 60.89 32.68 -7.37
CA ALA E 341 60.11 31.61 -7.95
C ALA E 341 59.00 31.16 -6.99
N GLY E 342 57.77 31.15 -7.49
CA GLY E 342 56.65 30.65 -6.73
C GLY E 342 55.88 31.69 -5.93
N ILE E 343 56.32 32.95 -5.94
CA ILE E 343 55.58 33.99 -5.24
C ILE E 343 54.21 34.14 -5.88
N THR E 344 53.16 34.05 -5.07
CA THR E 344 51.78 34.08 -5.57
C THR E 344 50.87 34.56 -4.45
N ALA E 345 49.59 34.67 -4.77
CA ALA E 345 48.57 35.06 -3.79
C ALA E 345 47.28 34.34 -4.15
N LEU E 346 46.91 33.37 -3.33
CA LEU E 346 45.72 32.56 -3.56
C LEU E 346 44.65 32.91 -2.53
N SER E 347 43.42 33.06 -2.98
CA SER E 347 42.31 33.48 -2.11
C SER E 347 41.50 32.27 -1.67
N TYR E 348 41.21 32.21 -0.38
CA TYR E 348 40.36 31.18 0.21
C TYR E 348 39.01 31.79 0.54
N VAL E 349 37.95 30.99 0.43
CA VAL E 349 36.61 31.44 0.78
C VAL E 349 36.44 31.39 2.29
N GLU E 350 36.21 32.55 2.90
CA GLU E 350 35.93 32.58 4.33
C GLU E 350 34.46 32.35 4.61
N ASP E 351 33.59 32.86 3.75
CA ASP E 351 32.15 32.63 3.87
C ASP E 351 31.50 32.91 2.53
N ALA E 352 30.46 32.14 2.21
CA ALA E 352 29.73 32.29 0.96
C ALA E 352 28.26 32.03 1.25
N TYR E 353 27.42 33.03 0.99
CA TYR E 353 26.00 32.92 1.33
C TYR E 353 25.19 33.86 0.45
N PHE E 354 23.92 33.50 0.23
CA PHE E 354 22.99 34.35 -0.48
C PHE E 354 22.29 35.29 0.49
N LYS E 355 22.05 36.52 0.06
CA LYS E 355 21.27 37.48 0.81
C LYS E 355 20.46 38.31 -0.17
N GLU E 356 19.13 38.27 -0.02
CA GLU E 356 18.19 38.93 -0.92
C GLU E 356 18.42 38.39 -2.32
N ASP E 357 18.84 39.21 -3.29
CA ASP E 357 18.95 38.77 -4.67
C ASP E 357 20.40 38.68 -5.15
N LYS E 358 21.35 38.58 -4.22
CA LYS E 358 22.76 38.53 -4.58
C LYS E 358 23.47 37.44 -3.77
N LEU E 359 24.64 37.05 -4.27
CA LEU E 359 25.48 36.03 -3.65
C LEU E 359 26.71 36.72 -3.07
N PHE E 360 26.85 36.66 -1.75
CA PHE E 360 27.90 37.38 -1.04
C PHE E 360 29.10 36.48 -0.75
N PHE E 361 30.29 37.07 -0.77
CA PHE E 361 31.54 36.37 -0.54
C PHE E 361 32.39 37.11 0.47
N LYS E 362 33.08 36.36 1.33
CA LYS E 362 34.16 36.87 2.16
C LYS E 362 35.39 36.03 1.88
N THR E 363 36.45 36.67 1.39
CA THR E 363 37.66 35.97 1.00
C THR E 363 38.86 36.54 1.76
N SER E 364 39.94 35.76 1.77
CA SER E 364 41.19 36.17 2.41
C SER E 364 42.35 35.61 1.59
N THR E 365 43.48 36.32 1.65
CA THR E 365 44.66 35.89 0.92
C THR E 365 45.90 36.41 1.63
N LYS E 366 47.04 35.85 1.26
CA LYS E 366 48.33 36.36 1.67
C LYS E 366 49.38 35.88 0.68
N MET E 367 50.43 36.70 0.52
CA MET E 367 51.51 36.33 -0.38
C MET E 367 52.27 35.15 0.19
N THR E 368 52.43 34.11 -0.63
CA THR E 368 53.08 32.86 -0.22
C THR E 368 54.02 32.40 -1.31
N TYR E 369 54.71 31.29 -1.04
CA TYR E 369 55.40 30.52 -2.06
C TYR E 369 54.57 29.26 -2.30
N GLU E 370 53.87 29.23 -3.44
CA GLU E 370 53.11 28.04 -3.86
C GLU E 370 52.03 27.66 -2.84
N ASP E 371 51.33 28.68 -2.31
CA ASP E 371 50.23 28.49 -1.36
CA ASP E 371 50.24 28.48 -1.36
C ASP E 371 50.70 27.74 -0.11
N LYS E 372 51.98 27.89 0.24
CA LYS E 372 52.56 27.18 1.38
C LYS E 372 52.99 28.22 2.41
N GLU E 373 54.27 28.33 2.72
CA GLU E 373 54.72 29.25 3.75
C GLU E 373 54.67 30.70 3.24
N ASP E 374 54.68 31.63 4.19
CA ASP E 374 54.42 33.03 3.91
C ASP E 374 55.61 33.70 3.22
N PHE E 375 55.30 34.55 2.24
CA PHE E 375 56.29 35.45 1.69
C PHE E 375 56.56 36.57 2.69
N PHE E 376 57.84 36.88 2.92
CA PHE E 376 58.23 37.85 3.92
C PHE E 376 59.01 38.99 3.31
N ILE E 377 58.87 40.16 3.93
CA ILE E 377 59.79 41.27 3.75
C ILE E 377 60.26 41.69 5.14
N GLU E 378 61.49 42.20 5.20
CA GLU E 378 62.16 42.43 6.47
C GLU E 378 62.36 43.92 6.73
N LYS E 379 62.23 44.31 8.00
CA LYS E 379 62.40 45.69 8.42
C LYS E 379 63.79 45.86 9.02
N THR E 380 64.69 46.50 8.27
CA THR E 380 66.02 46.83 8.75
C THR E 380 66.03 48.32 9.07
N ALA E 381 66.13 48.64 10.36
CA ALA E 381 66.06 50.01 10.85
C ALA E 381 64.74 50.66 10.46
N ASP E 382 64.78 51.58 9.48
CA ASP E 382 63.60 52.31 9.03
C ASP E 382 63.17 51.93 7.62
N ARG E 383 63.65 50.80 7.12
CA ARG E 383 63.40 50.39 5.74
C ARG E 383 62.77 49.01 5.73
N MET E 384 61.71 48.86 4.95
CA MET E 384 61.11 47.55 4.65
C MET E 384 61.81 47.02 3.41
N GLU E 385 62.72 46.07 3.60
CA GLU E 385 63.60 45.64 2.53
C GLU E 385 63.17 44.29 1.94
N ARG E 386 63.52 44.11 0.67
CA ARG E 386 63.34 42.82 0.01
C ARG E 386 64.40 41.86 0.50
N ILE E 387 63.95 40.68 0.97
CA ILE E 387 64.85 39.73 1.60
C ILE E 387 65.74 39.11 0.52
N LEU E 388 67.03 39.46 0.54
CA LEU E 388 68.01 39.01 -0.42
C LEU E 388 69.29 38.61 0.29
N PRO E 389 70.05 37.66 -0.26
CA PRO E 389 71.35 37.36 0.30
C PRO E 389 72.30 38.55 0.18
N GLU E 390 73.31 38.58 1.04
CA GLU E 390 74.23 39.71 1.07
C GLU E 390 75.02 39.84 -0.23
N GLU E 391 75.26 38.72 -0.93
CA GLU E 391 76.03 38.78 -2.16
C GLU E 391 75.31 39.55 -3.26
N ILE E 392 73.98 39.56 -3.23
CA ILE E 392 73.20 40.27 -4.24
C ILE E 392 72.89 41.70 -3.81
N LYS E 393 72.56 41.89 -2.53
CA LYS E 393 72.28 43.24 -2.03
C LYS E 393 73.48 44.16 -2.19
N SER E 394 74.69 43.60 -2.13
CA SER E 394 75.89 44.43 -2.27
C SER E 394 76.05 44.97 -3.69
N LYS E 395 75.52 44.26 -4.68
CA LYS E 395 75.65 44.67 -6.08
C LYS E 395 74.51 45.56 -6.55
N LEU E 396 73.70 46.08 -5.63
CA LEU E 396 72.52 46.85 -6.00
C LEU E 396 72.50 48.18 -5.26
N PRO E 397 71.97 49.23 -5.89
CA PRO E 397 71.67 50.45 -5.16
C PRO E 397 70.66 50.17 -4.06
N LYS E 398 70.87 50.78 -2.90
CA LYS E 398 70.08 50.44 -1.72
C LYS E 398 68.60 50.76 -1.91
N GLU E 399 68.27 51.72 -2.78
CA GLU E 399 66.88 52.12 -2.93
C GLU E 399 66.06 51.13 -3.74
N PHE E 400 66.71 50.22 -4.47
CA PHE E 400 65.98 49.33 -5.38
C PHE E 400 65.39 48.11 -4.67
N PHE E 401 65.89 47.75 -3.49
CA PHE E 401 65.27 46.69 -2.69
C PHE E 401 64.66 47.25 -1.41
N ASP E 402 64.22 48.51 -1.45
CA ASP E 402 63.52 49.15 -0.35
C ASP E 402 62.06 49.33 -0.75
N TYR E 403 61.16 48.69 0.00
CA TYR E 403 59.74 48.72 -0.30
C TYR E 403 58.96 49.75 0.52
N SER E 404 59.64 50.55 1.34
CA SER E 404 58.95 51.40 2.32
C SER E 404 57.96 52.35 1.66
N ASP E 405 58.26 52.82 0.45
CA ASP E 405 57.41 53.78 -0.24
C ASP E 405 56.31 53.11 -1.05
N ASP E 406 56.21 51.79 -1.03
CA ASP E 406 55.25 51.08 -1.87
C ASP E 406 54.29 50.20 -1.07
N LEU E 407 54.24 50.36 0.25
CA LEU E 407 53.42 49.50 1.09
C LEU E 407 51.95 49.90 1.11
N ALA E 408 51.55 50.90 0.33
CA ALA E 408 50.15 51.31 0.22
C ALA E 408 49.65 51.20 -1.21
N GLU E 409 50.32 50.40 -2.05
CA GLU E 409 49.98 50.28 -3.46
C GLU E 409 49.36 48.93 -3.80
N PHE E 410 48.83 48.22 -2.81
CA PHE E 410 48.23 46.92 -3.05
C PHE E 410 46.81 47.07 -3.58
N THR E 411 46.43 46.13 -4.45
CA THR E 411 45.06 46.00 -4.91
C THR E 411 44.58 44.57 -4.69
N TYR E 412 43.27 44.41 -4.53
CA TYR E 412 42.68 43.10 -4.25
C TYR E 412 41.23 43.17 -4.71
N GLU E 413 40.96 42.61 -5.90
CA GLU E 413 39.67 42.74 -6.54
C GLU E 413 39.16 41.39 -7.01
N PRO E 414 37.84 41.21 -7.10
CA PRO E 414 37.29 39.94 -7.60
C PRO E 414 36.90 40.02 -9.07
N SER E 415 36.89 38.88 -9.76
CA SER E 415 36.50 38.83 -11.16
C SER E 415 35.65 37.60 -11.40
N ILE E 416 34.98 37.57 -12.55
CA ILE E 416 34.11 36.48 -12.94
C ILE E 416 34.35 36.17 -14.41
N LYS E 417 34.08 34.92 -14.79
CA LYS E 417 34.25 34.50 -16.18
C LYS E 417 33.11 33.57 -16.56
N GLY E 418 32.46 33.87 -17.69
CA GLY E 418 31.48 32.94 -18.23
C GLY E 418 32.18 31.76 -18.88
N ARG E 419 31.77 30.55 -18.49
CA ARG E 419 32.45 29.36 -18.99
C ARG E 419 32.12 29.06 -20.45
N ASN E 420 31.04 29.64 -20.98
CA ASN E 420 30.67 29.46 -22.38
C ASN E 420 31.15 30.60 -23.26
N SER E 421 30.87 31.84 -22.86
CA SER E 421 31.28 33.00 -23.64
C SER E 421 32.75 33.34 -23.47
N ARG E 422 33.38 32.88 -22.39
CA ARG E 422 34.75 33.19 -22.01
C ARG E 422 34.96 34.66 -21.68
N ALA E 423 33.87 35.44 -21.58
CA ALA E 423 33.98 36.84 -21.23
C ALA E 423 34.32 36.99 -19.75
N THR E 424 35.22 37.93 -19.44
CA THR E 424 35.66 38.18 -18.09
C THR E 424 35.25 39.59 -17.67
N TRP E 425 34.88 39.73 -16.40
CA TRP E 425 34.44 41.00 -15.85
C TRP E 425 35.01 41.19 -14.46
N LYS E 426 35.33 42.44 -14.12
CA LYS E 426 35.58 42.80 -12.73
C LYS E 426 34.25 42.91 -12.00
N ILE E 427 34.18 42.33 -10.80
CA ILE E 427 32.98 42.42 -9.98
C ILE E 427 33.06 43.73 -9.20
N ASP E 428 32.20 44.68 -9.56
CA ASP E 428 32.24 46.01 -8.95
C ASP E 428 31.68 45.98 -7.54
N GLY E 429 31.87 47.09 -6.83
CA GLY E 429 31.33 47.26 -5.49
C GLY E 429 32.09 46.54 -4.40
N SER E 430 33.19 45.87 -4.71
CA SER E 430 33.94 45.14 -3.70
C SER E 430 34.67 46.10 -2.77
N THR E 431 34.94 45.62 -1.56
CA THR E 431 35.71 46.37 -0.56
C THR E 431 36.79 45.43 -0.03
N SER E 432 38.05 45.85 -0.14
CA SER E 432 39.18 45.05 0.28
C SER E 432 40.14 45.89 1.11
N ASN E 433 41.05 45.21 1.79
CA ASN E 433 42.07 45.86 2.60
C ASN E 433 43.27 44.93 2.73
N VAL E 434 44.46 45.48 2.52
CA VAL E 434 45.70 44.71 2.56
C VAL E 434 46.58 45.28 3.66
N GLU E 435 47.05 44.41 4.55
CA GLU E 435 47.85 44.80 5.69
C GLU E 435 49.24 44.19 5.61
N VAL E 436 50.23 44.93 6.09
CA VAL E 436 51.60 44.45 6.23
C VAL E 436 51.79 44.13 7.71
N VAL E 437 51.68 42.85 8.07
CA VAL E 437 51.61 42.42 9.46
C VAL E 437 52.94 41.83 9.89
N ASN E 438 53.39 42.21 11.09
CA ASN E 438 54.63 41.69 11.66
C ASN E 438 54.36 40.33 12.28
N LYS E 439 54.85 39.26 11.64
CA LYS E 439 54.58 37.91 12.14
C LYS E 439 55.55 37.53 13.24
N LYS E 440 56.85 37.71 13.00
CA LYS E 440 57.87 37.32 13.97
C LYS E 440 59.13 38.11 13.69
N ALA E 441 59.84 38.45 14.76
CA ALA E 441 61.11 39.20 14.71
C ALA E 441 60.87 40.46 13.87
N ASN E 442 61.70 40.74 12.87
CA ASN E 442 61.48 41.88 11.98
C ASN E 442 60.87 41.45 10.64
N LEU E 443 60.23 40.29 10.59
CA LEU E 443 59.64 39.78 9.37
C LEU E 443 58.18 40.21 9.26
N TYR E 444 57.80 40.66 8.08
CA TYR E 444 56.45 41.14 7.80
C TYR E 444 55.84 40.37 6.65
N LYS E 445 54.59 39.95 6.81
CA LYS E 445 53.82 39.31 5.76
C LYS E 445 52.75 40.26 5.24
N ILE E 446 52.17 39.89 4.11
CA ILE E 446 51.17 40.70 3.42
C ILE E 446 49.87 39.92 3.39
N GLU E 447 48.85 40.41 4.07
CA GLU E 447 47.56 39.74 4.19
C GLU E 447 46.45 40.63 3.65
N GLY E 448 45.54 40.03 2.90
CA GLY E 448 44.42 40.76 2.32
C GLY E 448 43.10 40.11 2.70
N GLU E 449 42.08 40.95 2.89
CA GLU E 449 40.72 40.51 3.15
C GLU E 449 39.78 41.26 2.22
N MET E 450 38.80 40.56 1.67
CA MET E 450 37.90 41.14 0.68
C MET E 450 36.49 40.57 0.86
N SER E 451 35.51 41.42 0.62
CA SER E 451 34.10 41.03 0.63
C SER E 451 33.42 41.66 -0.57
N PHE E 452 32.63 40.86 -1.28
CA PHE E 452 31.93 41.34 -2.47
C PHE E 452 30.66 40.52 -2.68
N SER E 453 29.81 41.00 -3.58
CA SER E 453 28.57 40.33 -3.92
C SER E 453 28.45 40.22 -5.43
N VAL E 454 27.72 39.21 -5.88
CA VAL E 454 27.52 38.94 -7.31
C VAL E 454 26.04 39.14 -7.62
N GLN E 455 25.75 40.12 -8.48
CA GLN E 455 24.43 40.28 -9.09
C GLN E 455 24.55 39.77 -10.52
N ILE E 456 24.09 38.53 -10.74
CA ILE E 456 24.37 37.84 -11.99
C ILE E 456 23.76 38.56 -13.18
N ASN E 457 22.75 39.39 -12.97
CA ASN E 457 22.16 40.15 -14.07
C ASN E 457 23.13 41.17 -14.66
N ASP E 458 24.14 41.58 -13.89
CA ASP E 458 25.10 42.54 -14.41
C ASP E 458 25.93 41.96 -15.56
N TYR E 459 26.07 40.64 -15.60
CA TYR E 459 26.93 39.97 -16.57
C TYR E 459 26.14 39.18 -17.60
N ILE E 460 24.81 39.30 -17.61
CA ILE E 460 23.96 38.64 -18.58
C ILE E 460 23.56 39.70 -19.61
N LEU E 461 24.16 39.62 -20.78
CA LEU E 461 23.90 40.59 -21.85
C LEU E 461 23.25 39.96 -23.07
N ASP E 462 23.63 38.73 -23.41
CA ASP E 462 22.96 37.97 -24.46
C ASP E 462 22.06 36.92 -23.82
N ALA E 463 21.11 36.43 -24.61
CA ALA E 463 20.18 35.43 -24.10
C ALA E 463 20.90 34.14 -23.73
N ALA E 464 21.95 33.79 -24.46
CA ALA E 464 22.71 32.59 -24.17
C ALA E 464 23.39 32.63 -22.82
N ASP E 465 23.58 33.82 -22.25
CA ASP E 465 24.25 33.96 -20.96
C ASP E 465 23.36 33.60 -19.78
N LYS E 466 22.06 33.41 -19.99
CA LYS E 466 21.16 33.11 -18.87
C LYS E 466 21.31 31.67 -18.37
N LYS E 467 21.85 30.78 -19.19
CA LYS E 467 22.08 29.38 -18.83
C LYS E 467 23.56 29.10 -19.06
N GLN E 468 24.37 29.31 -18.02
CA GLN E 468 25.81 29.23 -18.17
C GLN E 468 26.45 28.97 -16.82
N PRO E 469 27.55 28.24 -16.77
CA PRO E 469 28.36 28.19 -15.55
C PRO E 469 29.32 29.37 -15.48
N TRP E 470 29.58 29.83 -14.26
CA TRP E 470 30.47 30.95 -14.03
C TRP E 470 31.56 30.53 -13.03
N ASP E 471 32.76 31.04 -13.24
CA ASP E 471 33.91 30.73 -12.40
C ASP E 471 34.45 32.00 -11.79
N ILE E 472 34.70 31.99 -10.48
CA ILE E 472 35.11 33.17 -9.73
C ILE E 472 36.62 33.16 -9.56
N ALA E 473 37.23 34.34 -9.66
CA ALA E 473 38.67 34.49 -9.48
C ALA E 473 38.93 35.78 -8.71
N THR E 474 40.16 35.91 -8.22
CA THR E 474 40.59 37.10 -7.51
C THR E 474 41.90 37.60 -8.10
N ARG E 475 42.07 38.92 -8.09
CA ARG E 475 43.24 39.57 -8.68
C ARG E 475 43.96 40.33 -7.58
N PHE E 476 45.25 40.03 -7.41
CA PHE E 476 46.06 40.63 -6.36
C PHE E 476 47.33 41.21 -6.96
N THR E 477 47.61 42.48 -6.66
CA THR E 477 48.85 43.12 -7.08
C THR E 477 49.52 43.74 -5.86
N GLY E 478 50.85 43.85 -5.94
CA GLY E 478 51.62 44.42 -4.86
C GLY E 478 53.09 44.09 -4.94
N LEU E 479 53.93 45.08 -4.63
CA LEU E 479 55.39 44.92 -4.63
C LEU E 479 55.91 44.43 -5.97
N GLY E 480 55.17 44.71 -7.05
CA GLY E 480 55.55 44.31 -8.38
C GLY E 480 55.00 42.98 -8.83
N TYR E 481 54.34 42.23 -7.95
CA TYR E 481 53.81 40.92 -8.30
C TYR E 481 52.33 41.02 -8.61
N THR E 482 51.89 40.22 -9.59
CA THR E 482 50.49 40.15 -9.98
C THR E 482 50.05 38.69 -9.94
N SER E 483 48.97 38.43 -9.20
CA SER E 483 48.43 37.08 -9.05
C SER E 483 46.93 37.13 -9.31
N HIS E 484 46.52 36.61 -10.47
CA HIS E 484 45.11 36.52 -10.84
C HIS E 484 44.76 35.04 -10.96
N ARG E 485 44.18 34.49 -9.90
CA ARG E 485 43.91 33.06 -9.83
C ARG E 485 42.49 32.81 -9.37
N ALA E 486 42.00 31.61 -9.68
CA ALA E 486 40.65 31.23 -9.31
C ALA E 486 40.49 31.21 -7.79
N LEU E 487 39.30 31.58 -7.34
CA LEU E 487 38.96 31.47 -5.93
C LEU E 487 38.77 30.01 -5.55
N THR E 488 39.29 29.63 -4.38
CA THR E 488 39.29 28.24 -3.96
C THR E 488 38.72 28.12 -2.55
N ILE E 489 38.34 26.88 -2.20
CA ILE E 489 37.83 26.57 -0.87
C ILE E 489 38.20 25.13 -0.55
N GLY E 490 38.38 24.85 0.73
CA GLY E 490 38.78 23.51 1.15
C GLY E 490 37.60 22.63 1.53
N LYS E 491 36.69 23.17 2.33
CA LYS E 491 35.52 22.41 2.74
C LYS E 491 34.56 22.22 1.57
N ILE E 492 33.70 21.22 1.70
CA ILE E 492 32.62 21.02 0.73
C ILE E 492 31.67 22.20 0.81
N LEU E 493 31.33 22.77 -0.34
CA LEU E 493 30.44 23.92 -0.42
C LEU E 493 29.41 23.67 -1.51
N ILE E 494 28.14 23.59 -1.12
CA ILE E 494 27.02 23.51 -2.06
C ILE E 494 25.89 24.34 -1.46
N LYS E 495 25.53 25.44 -2.12
CA LYS E 495 24.46 26.30 -1.64
C LYS E 495 23.62 26.76 -2.83
N THR E 496 22.31 26.59 -2.71
CA THR E 496 21.37 26.82 -3.80
C THR E 496 20.49 28.03 -3.50
N ALA E 497 19.97 28.64 -4.58
CA ALA E 497 19.09 29.78 -4.44
C ALA E 497 18.13 29.84 -5.62
N LEU E 498 16.90 30.27 -5.35
CA LEU E 498 15.88 30.52 -6.37
C LEU E 498 15.52 32.00 -6.25
N ILE E 499 16.05 32.82 -7.15
CA ILE E 499 15.96 34.27 -7.05
C ILE E 499 15.39 34.81 -8.36
N ASN E 500 14.14 35.27 -8.34
CA ASN E 500 13.51 35.95 -9.47
C ASN E 500 13.68 35.16 -10.76
N ASN E 501 13.19 33.92 -10.73
CA ASN E 501 13.22 32.98 -11.84
C ASN E 501 14.64 32.61 -12.28
N LYS E 502 15.61 32.70 -11.37
CA LYS E 502 16.98 32.28 -11.64
C LYS E 502 17.37 31.20 -10.66
N THR E 503 17.63 30.00 -11.17
CA THR E 503 18.21 28.93 -10.36
C THR E 503 19.72 29.15 -10.25
N MET E 504 20.23 29.21 -9.02
CA MET E 504 21.63 29.54 -8.79
C MET E 504 22.23 28.55 -7.81
N ILE E 505 23.41 28.03 -8.15
CA ILE E 505 24.13 27.05 -7.34
C ILE E 505 25.59 27.45 -7.29
N VAL E 506 26.06 27.90 -6.12
CA VAL E 506 27.47 28.12 -5.89
C VAL E 506 28.05 26.85 -5.30
N TYR E 507 29.25 26.47 -5.74
CA TYR E 507 29.77 25.17 -5.32
C TYR E 507 31.28 25.11 -5.51
N LYS E 508 31.90 24.20 -4.76
CA LYS E 508 33.28 23.81 -4.98
C LYS E 508 33.32 22.74 -6.07
N ASN E 509 33.97 23.05 -7.19
CA ASN E 509 33.98 22.11 -8.31
C ASN E 509 35.00 21.01 -8.06
N ALA E 510 35.16 20.13 -9.05
CA ALA E 510 36.04 18.97 -8.89
C ALA E 510 37.50 19.37 -8.73
N SER E 511 37.89 20.55 -9.20
CA SER E 511 39.25 21.04 -9.04
C SER E 511 39.44 21.84 -7.76
N GLY E 512 38.42 21.96 -6.93
CA GLY E 512 38.51 22.72 -5.71
C GLY E 512 38.31 24.21 -5.86
N LEU E 513 37.75 24.65 -6.98
CA LEU E 513 37.57 26.06 -7.27
C LEU E 513 36.09 26.43 -7.18
N ILE E 514 35.83 27.72 -7.02
CA ILE E 514 34.48 28.22 -6.81
C ILE E 514 33.80 28.41 -8.16
N SER E 515 32.62 27.82 -8.32
CA SER E 515 31.85 27.95 -9.55
C SER E 515 30.41 28.33 -9.19
N LEU E 516 29.71 28.88 -10.18
CA LEU E 516 28.36 29.39 -10.00
C LEU E 516 27.51 28.95 -11.19
N ASP E 517 26.60 28.01 -10.97
CA ASP E 517 25.70 27.53 -12.02
C ASP E 517 24.41 28.33 -11.99
N VAL E 518 24.07 28.95 -13.12
CA VAL E 518 22.83 29.69 -13.28
C VAL E 518 22.07 29.10 -14.44
N GLY E 519 20.82 28.72 -14.21
CA GLY E 519 20.00 28.13 -15.24
C GLY E 519 20.13 26.63 -15.39
N SER E 520 20.73 25.95 -14.40
CA SER E 520 20.89 24.50 -14.41
C SER E 520 21.65 24.03 -15.64
N SER E 521 22.82 24.63 -15.86
CA SER E 521 23.64 24.22 -16.99
C SER E 521 24.50 23.01 -16.67
N VAL E 522 24.86 22.83 -15.40
CA VAL E 522 25.70 21.70 -15.00
C VAL E 522 25.16 20.94 -13.80
N ARG E 523 24.29 21.50 -12.96
CA ARG E 523 23.82 20.81 -11.77
C ARG E 523 22.31 20.98 -11.64
N SER E 524 21.72 20.10 -10.82
CA SER E 524 20.28 20.11 -10.57
C SER E 524 20.00 20.81 -9.24
N ILE E 525 19.17 21.84 -9.28
CA ILE E 525 18.89 22.60 -8.07
C ILE E 525 18.05 21.80 -7.10
N VAL E 526 17.22 20.87 -7.59
CA VAL E 526 16.46 20.00 -6.69
C VAL E 526 17.39 19.02 -6.00
N GLU E 527 18.36 18.47 -6.73
CA GLU E 527 19.28 17.51 -6.14
C GLU E 527 20.16 18.15 -5.07
N ASP E 528 20.70 19.34 -5.35
CA ASP E 528 21.60 19.99 -4.42
C ASP E 528 20.88 20.61 -3.22
N SER E 529 19.58 20.88 -3.34
CA SER E 529 18.83 21.46 -2.23
C SER E 529 18.28 20.42 -1.28
N GLY E 530 17.97 19.22 -1.77
CA GLY E 530 17.33 18.21 -0.97
C GLY E 530 15.82 18.31 -1.01
N VAL E 531 15.16 17.20 -0.68
CA VAL E 531 13.71 17.11 -0.68
C VAL E 531 13.25 16.73 0.72
N LYS E 532 12.28 17.49 1.25
CA LYS E 532 11.61 17.11 2.48
C LYS E 532 10.70 15.93 2.21
N ARG E 533 11.25 14.71 2.31
CA ARG E 533 10.54 13.53 1.84
C ARG E 533 9.23 13.31 2.59
N GLU E 534 9.25 13.51 3.91
CA GLU E 534 8.07 13.26 4.73
C GLU E 534 7.04 14.37 4.65
N GLN E 535 7.27 15.40 3.83
CA GLN E 535 6.31 16.50 3.67
C GLN E 535 5.75 16.56 2.26
N ILE E 536 5.94 15.53 1.45
CA ILE E 536 5.39 15.51 0.10
C ILE E 536 3.88 15.32 0.17
N LEU E 537 3.14 16.22 -0.47
CA LEU E 537 1.70 16.20 -0.47
C LEU E 537 1.17 15.60 -1.76
N ILE E 538 0.17 14.73 -1.64
CA ILE E 538 -0.46 14.08 -2.78
C ILE E 538 -1.96 14.40 -2.70
N ASP E 539 -2.39 15.35 -3.53
CA ASP E 539 -3.79 15.75 -3.59
C ASP E 539 -4.44 15.02 -4.76
N LYS E 540 -5.28 14.03 -4.44
CA LYS E 540 -5.86 13.17 -5.48
C LYS E 540 -6.84 13.94 -6.36
N THR E 541 -7.70 14.76 -5.76
CA THR E 541 -8.73 15.43 -6.54
C THR E 541 -8.14 16.49 -7.47
N SER E 542 -7.16 17.25 -6.99
CA SER E 542 -6.50 18.23 -7.84
C SER E 542 -5.42 17.63 -8.73
N GLY E 543 -4.99 16.40 -8.44
CA GLY E 543 -3.93 15.77 -9.21
C GLY E 543 -2.58 16.45 -9.06
N LYS E 544 -2.34 17.08 -7.93
CA LYS E 544 -1.11 17.84 -7.70
C LYS E 544 -0.27 17.13 -6.64
N VAL E 545 0.98 16.85 -6.98
CA VAL E 545 1.97 16.32 -6.05
C VAL E 545 2.94 17.44 -5.71
N THR E 546 3.04 17.78 -4.43
CA THR E 546 3.86 18.88 -3.97
C THR E 546 5.15 18.34 -3.36
N ILE E 547 6.28 18.81 -3.86
CA ILE E 547 7.60 18.39 -3.40
C ILE E 547 8.34 19.62 -2.90
N PRO E 548 8.29 19.89 -1.59
CA PRO E 548 9.03 21.05 -1.06
C PRO E 548 10.53 20.76 -1.01
N LEU E 549 11.32 21.77 -1.38
CA LEU E 549 12.77 21.67 -1.33
C LEU E 549 13.26 22.05 0.06
N ASN E 550 14.33 21.39 0.50
CA ASN E 550 14.78 21.53 1.88
C ASN E 550 15.64 22.77 2.08
N GLU E 551 16.90 22.73 1.65
CA GLU E 551 17.85 23.80 1.88
C GLU E 551 18.01 24.62 0.60
N ILE E 552 17.42 25.81 0.58
CA ILE E 552 17.51 26.70 -0.58
C ILE E 552 17.12 28.10 -0.15
N HIS E 553 17.87 29.08 -0.64
CA HIS E 553 17.57 30.49 -0.39
C HIS E 553 16.59 30.98 -1.46
N VAL E 554 15.38 31.34 -1.03
CA VAL E 554 14.32 31.75 -1.94
C VAL E 554 14.05 33.23 -1.74
N PHE E 555 14.18 34.01 -2.80
CA PHE E 555 13.92 35.44 -2.78
C PHE E 555 13.09 35.82 -4.00
N GLY E 556 12.07 36.64 -3.78
CA GLY E 556 11.19 37.02 -4.87
C GLY E 556 10.26 35.88 -5.26
N GLU E 557 9.53 36.11 -6.34
CA GLU E 557 8.57 35.15 -6.87
C GLU E 557 9.15 34.50 -8.12
N SER E 558 9.11 33.18 -8.18
CA SER E 558 9.64 32.42 -9.30
C SER E 558 8.64 31.37 -9.76
N LEU E 559 8.64 31.12 -11.07
CA LEU E 559 7.82 30.06 -11.66
C LEU E 559 8.55 29.55 -12.89
N ILE E 560 9.13 28.36 -12.80
CA ILE E 560 9.91 27.77 -13.88
C ILE E 560 9.21 26.50 -14.32
N GLU E 561 8.75 26.48 -15.57
CA GLU E 561 8.03 25.34 -16.10
C GLU E 561 8.99 24.21 -16.47
N GLY E 562 8.64 23.00 -16.08
CA GLY E 562 9.45 21.82 -16.39
C GLY E 562 8.58 20.62 -16.63
N ASN E 563 9.05 19.46 -16.20
CA ASN E 563 8.27 18.24 -16.31
C ASN E 563 8.84 17.20 -15.35
N ALA E 564 8.12 16.09 -15.22
CA ALA E 564 8.53 14.99 -14.37
C ALA E 564 8.20 13.68 -15.07
N GLU E 565 8.91 12.62 -14.67
CA GLU E 565 8.75 11.30 -15.26
C GLU E 565 8.32 10.30 -14.19
N LEU E 566 7.23 9.59 -14.46
CA LEU E 566 6.70 8.58 -13.56
C LEU E 566 6.93 7.20 -14.15
N LYS E 567 7.39 6.27 -13.32
CA LYS E 567 7.60 4.89 -13.71
C LYS E 567 7.11 4.01 -12.57
N PRO E 568 6.31 2.99 -12.87
CA PRO E 568 5.83 2.09 -11.80
C PRO E 568 6.97 1.26 -11.22
N VAL E 569 6.93 1.07 -9.90
CA VAL E 569 7.94 0.27 -9.23
C VAL E 569 7.75 -1.20 -9.60
N GLY E 570 8.84 -1.87 -9.94
CA GLY E 570 8.83 -3.28 -10.28
C GLY E 570 8.94 -3.56 -11.77
N ILE E 571 8.40 -2.70 -12.61
CA ILE E 571 8.45 -2.88 -14.06
C ILE E 571 9.67 -2.10 -14.56
N SER E 572 10.77 -2.82 -14.77
CA SER E 572 12.05 -2.17 -15.08
C SER E 572 12.04 -1.52 -16.46
N ASP E 573 11.41 -2.18 -17.44
CA ASP E 573 11.41 -1.69 -18.81
C ASP E 573 10.22 -0.81 -19.14
N ALA E 574 9.54 -0.28 -18.12
CA ALA E 574 8.34 0.53 -18.36
C ALA E 574 8.71 1.86 -19.00
N ASP E 575 7.88 2.29 -19.95
CA ASP E 575 8.04 3.62 -20.52
C ASP E 575 7.81 4.67 -19.43
N PRO E 576 8.49 5.80 -19.51
CA PRO E 576 8.20 6.89 -18.58
C PRO E 576 6.87 7.54 -18.91
N ILE E 577 6.16 7.96 -17.86
CA ILE E 577 4.92 8.71 -18.00
C ILE E 577 5.26 10.18 -17.81
N ASN E 578 5.18 10.95 -18.89
CA ASN E 578 5.55 12.36 -18.86
C ASN E 578 4.40 13.19 -18.32
N VAL E 579 4.70 14.03 -17.32
CA VAL E 579 3.72 14.91 -16.71
C VAL E 579 4.35 16.29 -16.53
N LYS E 580 3.50 17.30 -16.46
CA LYS E 580 3.98 18.67 -16.28
C LYS E 580 4.42 18.91 -14.85
N ALA E 581 5.44 19.74 -14.69
CA ALA E 581 5.95 20.11 -13.38
C ALA E 581 6.46 21.53 -13.44
N LYS E 582 6.48 22.21 -12.29
CA LYS E 582 7.00 23.56 -12.23
C LYS E 582 7.66 23.80 -10.88
N LEU E 583 8.78 24.51 -10.91
CA LEU E 583 9.48 24.95 -9.71
C LEU E 583 8.96 26.33 -9.33
N ILE E 584 8.49 26.46 -8.09
CA ILE E 584 7.79 27.66 -7.64
C ILE E 584 8.58 28.28 -6.49
N GLY E 585 8.87 29.57 -6.62
CA GLY E 585 9.42 30.34 -5.52
C GLY E 585 8.38 31.31 -4.99
N GLU E 586 8.02 31.18 -3.72
CA GLU E 586 6.93 31.96 -3.16
C GLU E 586 7.06 32.00 -1.65
N ALA E 587 7.00 33.21 -1.08
CA ALA E 587 7.06 33.41 0.37
C ALA E 587 8.29 32.77 0.98
N ASN E 588 9.43 32.97 0.30
CA ASN E 588 10.74 32.51 0.79
C ASN E 588 10.81 30.99 0.92
N LYS E 589 10.03 30.27 0.10
CA LYS E 589 10.07 28.82 0.09
C LYS E 589 9.98 28.33 -1.36
N ALA E 590 10.60 27.18 -1.61
CA ALA E 590 10.63 26.57 -2.93
C ALA E 590 9.95 25.21 -2.89
N ARG E 591 9.28 24.88 -3.98
CA ARG E 591 8.57 23.60 -4.10
C ARG E 591 8.44 23.25 -5.57
N VAL E 592 8.35 21.96 -5.84
CA VAL E 592 8.09 21.44 -7.18
C VAL E 592 6.71 20.80 -7.17
N GLU E 593 5.80 21.34 -7.97
CA GLU E 593 4.46 20.80 -8.11
C GLU E 593 4.40 19.95 -9.37
N VAL E 594 3.98 18.69 -9.21
CA VAL E 594 3.82 17.76 -10.32
C VAL E 594 2.33 17.60 -10.56
N LEU E 595 1.88 17.88 -11.78
CA LEU E 595 0.47 17.83 -12.15
C LEU E 595 0.20 16.51 -12.85
N LEU E 596 -0.53 15.61 -12.18
CA LEU E 596 -0.81 14.31 -12.75
C LEU E 596 -1.72 14.41 -13.97
N GLY E 597 -2.54 15.46 -14.05
CA GLY E 597 -3.38 15.65 -15.23
C GLY E 597 -4.43 14.56 -15.35
N ASP E 598 -4.57 14.05 -16.57
CA ASP E 598 -5.55 13.02 -16.87
C ASP E 598 -5.02 11.60 -16.69
N GLU E 599 -3.80 11.46 -16.18
CA GLU E 599 -3.21 10.13 -16.00
C GLU E 599 -3.95 9.38 -14.90
N LYS E 600 -4.52 8.23 -15.26
CA LYS E 600 -5.19 7.36 -14.30
C LYS E 600 -4.17 6.35 -13.79
N LEU E 601 -3.66 6.57 -12.58
CA LEU E 601 -2.55 5.81 -12.04
C LEU E 601 -2.95 5.11 -10.76
N SER E 602 -2.39 3.91 -10.55
CA SER E 602 -2.63 3.12 -9.36
C SER E 602 -1.34 2.40 -8.98
N GLY E 603 -1.01 2.42 -7.69
CA GLY E 603 0.17 1.77 -7.18
C GLY E 603 1.27 2.76 -6.82
N GLU E 604 2.48 2.24 -6.72
CA GLU E 604 3.65 3.03 -6.36
C GLU E 604 4.46 3.35 -7.61
N TYR E 605 4.99 4.58 -7.67
CA TYR E 605 5.68 5.06 -8.85
C TYR E 605 6.95 5.80 -8.46
N HIS E 606 7.95 5.73 -9.33
CA HIS E 606 9.12 6.58 -9.20
C HIS E 606 8.82 7.96 -9.77
N LEU E 607 9.27 9.00 -9.07
CA LEU E 607 9.04 10.38 -9.48
C LEU E 607 10.39 11.08 -9.61
N VAL E 608 10.76 11.42 -10.84
CA VAL E 608 11.99 12.15 -11.13
C VAL E 608 11.61 13.48 -11.76
N THR E 609 11.94 14.58 -11.08
CA THR E 609 11.68 15.90 -11.62
C THR E 609 12.75 16.27 -12.65
N ASN E 610 12.33 17.04 -13.65
CA ASN E 610 13.21 17.43 -14.76
C ASN E 610 13.02 18.93 -14.99
N ILE E 611 13.76 19.73 -14.22
CA ILE E 611 13.69 21.19 -14.31
C ILE E 611 14.91 21.69 -15.07
N GLN E 612 14.67 22.47 -16.12
CA GLN E 612 15.74 23.12 -16.88
C GLN E 612 16.73 22.10 -17.42
N GLY E 613 16.23 20.91 -17.76
CA GLY E 613 17.02 19.87 -18.39
C GLY E 613 17.79 18.97 -17.46
N LYS E 614 17.83 19.27 -16.16
CA LYS E 614 18.58 18.48 -15.20
C LYS E 614 17.62 17.68 -14.33
N LYS E 615 17.92 16.40 -14.16
CA LYS E 615 17.07 15.49 -13.40
C LYS E 615 17.66 15.26 -12.01
N ASP E 616 16.80 15.24 -11.01
CA ASP E 616 17.23 14.98 -9.64
C ASP E 616 17.52 13.50 -9.44
N LYS E 617 18.25 13.21 -8.36
CA LYS E 617 18.55 11.84 -7.96
C LYS E 617 18.09 11.57 -6.53
N GLN E 618 17.01 12.23 -6.12
CA GLN E 618 16.48 12.06 -4.77
C GLN E 618 15.72 10.75 -4.59
N GLN E 619 15.49 10.00 -5.67
CA GLN E 619 14.80 8.71 -5.61
C GLN E 619 13.44 8.84 -4.94
N ILE E 620 12.64 9.80 -5.42
CA ILE E 620 11.32 10.04 -4.86
C ILE E 620 10.37 8.92 -5.29
N LYS E 621 9.64 8.37 -4.31
CA LYS E 621 8.64 7.35 -4.57
C LYS E 621 7.32 7.79 -3.95
N ILE E 622 6.25 7.75 -4.73
CA ILE E 622 4.92 8.09 -4.26
C ILE E 622 3.97 6.94 -4.55
N THR E 623 2.90 6.87 -3.77
CA THR E 623 1.87 5.85 -3.93
C THR E 623 0.55 6.53 -4.31
N LEU E 624 -0.06 6.07 -5.40
CA LEU E 624 -1.31 6.65 -5.88
C LEU E 624 -2.41 5.60 -5.93
N ASP F 19 70.85 -27.25 18.00
CA ASP F 19 69.91 -26.31 18.61
C ASP F 19 69.41 -25.28 17.59
N ILE F 20 68.28 -25.59 16.96
CA ILE F 20 67.66 -24.66 16.02
C ILE F 20 67.09 -23.49 16.81
N LYS F 21 67.72 -22.33 16.69
CA LYS F 21 67.27 -21.17 17.46
C LYS F 21 65.92 -20.66 16.97
N ILE F 22 65.75 -20.52 15.66
CA ILE F 22 64.56 -19.91 15.09
C ILE F 22 64.10 -20.74 13.90
N SER F 23 62.79 -20.93 13.78
CA SER F 23 62.18 -21.56 12.62
C SER F 23 61.51 -20.51 11.75
N VAL F 24 61.42 -20.81 10.46
CA VAL F 24 60.86 -19.90 9.46
C VAL F 24 59.77 -20.66 8.71
N VAL F 25 58.51 -20.39 9.05
CA VAL F 25 57.37 -21.02 8.38
C VAL F 25 56.95 -20.13 7.22
N VAL F 26 56.94 -20.70 6.02
CA VAL F 26 56.58 -19.94 4.81
C VAL F 26 55.50 -20.68 4.03
N PRO F 27 54.23 -20.32 4.20
CA PRO F 27 53.18 -20.93 3.36
C PRO F 27 53.19 -20.35 1.96
N THR F 28 53.00 -21.23 0.97
CA THR F 28 53.07 -20.85 -0.43
C THR F 28 51.90 -21.42 -1.21
N TYR F 29 51.42 -20.65 -2.18
CA TYR F 29 50.34 -21.11 -3.08
C TYR F 29 50.32 -20.16 -4.27
N ASN F 30 50.66 -20.69 -5.45
CA ASN F 30 50.78 -19.89 -6.67
C ASN F 30 51.68 -18.67 -6.43
N THR F 31 52.89 -18.96 -5.96
CA THR F 31 53.78 -17.90 -5.49
C THR F 31 54.38 -17.13 -6.66
N GLU F 32 54.34 -15.80 -6.57
CA GLU F 32 55.10 -14.97 -7.50
C GLU F 32 56.58 -15.24 -7.33
N LEU F 33 57.28 -15.47 -8.44
CA LEU F 33 58.65 -15.94 -8.36
C LEU F 33 59.58 -14.85 -7.80
N GLU F 34 59.44 -13.62 -8.30
CA GLU F 34 60.32 -12.53 -7.85
C GLU F 34 60.17 -12.29 -6.36
N GLY F 35 58.95 -12.41 -5.82
CA GLY F 35 58.77 -12.31 -4.38
C GLY F 35 59.41 -13.44 -3.63
N LEU F 36 59.54 -14.60 -4.27
CA LEU F 36 60.22 -15.74 -3.65
C LEU F 36 61.73 -15.66 -3.84
N LYS F 37 62.19 -14.99 -4.90
CA LYS F 37 63.63 -14.83 -5.11
C LYS F 37 64.24 -13.98 -3.99
N ASN F 38 63.69 -12.78 -3.78
CA ASN F 38 64.22 -11.90 -2.73
C ASN F 38 63.95 -12.44 -1.33
N LEU F 39 62.93 -13.29 -1.17
CA LEU F 39 62.69 -13.90 0.13
C LEU F 39 63.87 -14.77 0.54
N MET F 40 64.34 -15.62 -0.36
CA MET F 40 65.52 -16.44 -0.07
C MET F 40 66.76 -15.58 0.07
N ALA F 41 66.86 -14.50 -0.73
CA ALA F 41 68.02 -13.63 -0.64
C ALA F 41 68.06 -12.85 0.67
N SER F 42 66.89 -12.55 1.25
CA SER F 42 66.85 -11.83 2.51
C SER F 42 67.32 -12.71 3.67
N ILE F 43 67.00 -14.00 3.63
CA ILE F 43 67.50 -14.92 4.65
C ILE F 43 68.96 -15.28 4.39
N ASP F 44 69.45 -15.13 3.16
CA ASP F 44 70.84 -15.43 2.86
C ASP F 44 71.78 -14.40 3.48
N LYS F 45 71.31 -13.18 3.69
CA LYS F 45 72.12 -12.13 4.28
C LYS F 45 72.12 -12.15 5.80
N GLN F 46 71.39 -13.08 6.42
CA GLN F 46 71.36 -13.18 7.88
C GLN F 46 72.75 -13.45 8.43
N THR F 47 73.16 -12.64 9.42
CA THR F 47 74.47 -12.80 10.01
C THR F 47 74.54 -13.95 11.01
N MET F 48 73.39 -14.41 11.51
CA MET F 48 73.38 -15.60 12.36
C MET F 48 73.91 -16.80 11.59
N ASN F 49 74.62 -17.68 12.29
CA ASN F 49 75.18 -18.87 11.69
C ASN F 49 74.08 -19.65 10.96
N PRO F 50 74.25 -19.97 9.67
CA PRO F 50 73.15 -20.59 8.91
C PRO F 50 72.63 -21.90 9.49
N ASP F 51 73.40 -22.59 10.32
CA ASP F 51 72.95 -23.85 10.89
C ASP F 51 72.15 -23.69 12.17
N GLU F 52 72.07 -22.48 12.72
CA GLU F 52 71.33 -22.24 13.95
C GLU F 52 69.85 -21.97 13.71
N TYR F 53 69.40 -21.97 12.46
CA TYR F 53 67.99 -21.76 12.15
C TYR F 53 67.57 -22.70 11.03
N GLU F 54 66.36 -23.23 11.14
CA GLU F 54 65.80 -24.14 10.15
C GLU F 54 64.73 -23.44 9.34
N LEU F 55 64.41 -24.03 8.19
CA LEU F 55 63.35 -23.56 7.32
C LEU F 55 62.26 -24.61 7.25
N VAL F 56 61.01 -24.18 7.27
CA VAL F 56 59.88 -25.11 7.16
C VAL F 56 58.88 -24.58 6.13
N PHE F 57 58.96 -25.10 4.91
CA PHE F 57 58.09 -24.66 3.83
C PHE F 57 56.97 -25.67 3.60
N VAL F 58 55.76 -25.15 3.38
CA VAL F 58 54.59 -25.99 3.10
C VAL F 58 53.82 -25.35 1.94
N ASP F 59 53.60 -26.13 0.89
CA ASP F 59 52.88 -25.68 -0.30
C ASP F 59 51.41 -26.09 -0.19
N ASP F 60 50.52 -25.19 -0.60
CA ASP F 60 49.08 -25.39 -0.49
C ASP F 60 48.47 -25.94 -1.78
N GLY F 61 49.13 -26.91 -2.41
CA GLY F 61 48.63 -27.51 -3.64
C GLY F 61 48.48 -26.51 -4.77
N SER F 62 49.58 -25.87 -5.13
CA SER F 62 49.57 -24.87 -6.20
C SER F 62 49.21 -25.48 -7.54
N ARG F 77 70.71 -26.61 0.19
CA ARG F 77 70.65 -26.19 1.58
C ARG F 77 70.31 -27.36 2.50
N PRO F 78 71.02 -27.45 3.63
CA PRO F 78 70.70 -28.52 4.60
C PRO F 78 69.39 -28.29 5.32
N ASN F 79 68.98 -27.05 5.49
CA ASN F 79 67.73 -26.71 6.16
C ASN F 79 66.75 -26.15 5.13
N MET F 80 65.62 -26.84 4.95
CA MET F 80 64.61 -26.41 4.00
C MET F 80 63.26 -27.02 4.33
N THR F 81 63.20 -28.35 4.39
CA THR F 81 62.00 -29.09 4.78
C THR F 81 60.77 -28.67 3.99
N VAL F 82 60.64 -29.16 2.76
CA VAL F 82 59.53 -28.82 1.88
C VAL F 82 58.52 -29.97 1.90
N LYS F 83 57.23 -29.62 1.97
CA LYS F 83 56.17 -30.60 1.96
C LYS F 83 54.94 -29.98 1.30
N GLN F 84 54.27 -30.77 0.45
CA GLN F 84 53.10 -30.32 -0.29
C GLN F 84 51.83 -30.93 0.30
N ILE F 85 50.78 -30.13 0.41
CA ILE F 85 49.51 -30.53 0.98
C ILE F 85 48.40 -30.14 0.00
N GLU F 86 47.31 -30.90 0.03
CA GLU F 86 46.14 -30.60 -0.80
C GLU F 86 45.68 -29.16 -0.56
N ASN F 87 45.01 -28.60 -1.57
CA ASN F 87 44.63 -27.20 -1.53
C ASN F 87 43.61 -26.95 -0.43
N SER F 88 43.92 -26.03 0.47
CA SER F 88 43.01 -25.63 1.53
C SER F 88 42.25 -24.35 1.21
N GLY F 89 42.70 -23.57 0.22
CA GLY F 89 42.07 -22.32 -0.12
C GLY F 89 42.39 -21.18 0.83
N TRP F 90 43.36 -21.35 1.71
CA TRP F 90 43.69 -20.39 2.76
C TRP F 90 44.90 -20.91 3.50
N GLY F 91 45.57 -20.01 4.22
CA GLY F 91 46.86 -20.32 4.82
C GLY F 91 46.85 -20.89 6.21
N SER F 92 45.67 -21.06 6.84
CA SER F 92 45.64 -21.53 8.21
C SER F 92 46.03 -23.00 8.33
N ARG F 93 45.66 -23.82 7.34
CA ARG F 93 46.02 -25.24 7.41
C ARG F 93 47.50 -25.46 7.14
N PRO F 94 48.13 -24.86 6.12
CA PRO F 94 49.57 -25.07 5.93
C PRO F 94 50.44 -24.52 7.06
N ARG F 95 49.96 -23.54 7.82
CA ARG F 95 50.75 -23.01 8.92
C ARG F 95 50.76 -23.97 10.10
N ASN F 96 49.60 -24.57 10.40
CA ASN F 96 49.53 -25.53 11.52
C ASN F 96 50.30 -26.80 11.20
N ILE F 97 50.35 -27.20 9.93
CA ILE F 97 51.16 -28.35 9.53
C ILE F 97 52.64 -28.03 9.69
N ALA F 98 53.05 -26.84 9.25
CA ALA F 98 54.46 -26.45 9.33
C ALA F 98 54.91 -26.26 10.78
N THR F 99 54.00 -25.84 11.66
CA THR F 99 54.38 -25.59 13.04
C THR F 99 54.66 -26.89 13.80
N LYS F 100 53.93 -27.96 13.48
CA LYS F 100 54.15 -29.22 14.17
C LYS F 100 55.46 -29.88 13.74
N MET F 101 55.93 -29.60 12.52
CA MET F 101 57.13 -30.23 11.98
C MET F 101 58.35 -29.33 12.09
N ALA F 102 58.40 -28.47 13.08
CA ALA F 102 59.53 -27.58 13.32
C ALA F 102 60.16 -27.91 14.67
N LYS F 103 61.50 -27.85 14.71
CA LYS F 103 62.26 -28.08 15.93
C LYS F 103 62.80 -26.79 16.52
N GLY F 104 62.48 -25.65 15.92
CA GLY F 104 63.05 -24.39 16.38
C GLY F 104 62.42 -23.91 17.67
N GLU F 105 63.20 -23.11 18.41
CA GLU F 105 62.71 -22.55 19.67
C GLU F 105 61.69 -21.45 19.42
N TYR F 106 61.94 -20.59 18.43
CA TYR F 106 61.04 -19.51 18.07
C TYR F 106 60.52 -19.72 16.65
N ILE F 107 59.27 -19.36 16.43
CA ILE F 107 58.61 -19.51 15.14
C ILE F 107 58.38 -18.13 14.54
N LEU F 108 58.66 -18.00 13.24
CA LEU F 108 58.41 -16.76 12.50
C LEU F 108 57.55 -17.10 11.28
N TYR F 109 56.29 -16.68 11.30
CA TYR F 109 55.38 -16.93 10.18
C TYR F 109 55.64 -15.86 9.12
N LEU F 110 56.59 -16.15 8.23
CA LEU F 110 56.92 -15.26 7.13
C LEU F 110 56.11 -15.62 5.89
N ASP F 111 55.53 -14.62 5.25
CA ASP F 111 54.70 -14.83 4.08
C ASP F 111 55.56 -14.80 2.81
N HIS F 112 55.01 -15.37 1.74
CA HIS F 112 55.73 -15.51 0.48
C HIS F 112 55.67 -14.25 -0.36
N ASP F 113 55.51 -13.09 0.30
CA ASP F 113 55.49 -11.81 -0.40
C ASP F 113 56.30 -10.74 0.32
N ASP F 114 57.21 -11.14 1.22
CA ASP F 114 57.89 -10.16 2.06
C ASP F 114 59.40 -10.38 2.10
N THR F 115 60.06 -9.70 3.04
CA THR F 115 61.52 -9.67 3.11
C THR F 115 61.93 -9.43 4.56
N VAL F 116 63.02 -10.08 4.99
CA VAL F 116 63.51 -9.96 6.35
C VAL F 116 64.83 -9.21 6.33
N PHE F 117 64.99 -8.27 7.27
CA PHE F 117 66.21 -7.49 7.37
C PHE F 117 67.38 -8.36 7.80
N PRO F 118 68.63 -7.94 7.53
CA PRO F 118 69.79 -8.80 7.78
C PRO F 118 69.98 -9.25 9.23
N GLU F 119 70.18 -8.29 10.15
CA GLU F 119 70.51 -8.64 11.52
C GLU F 119 69.26 -8.93 12.35
N THR F 120 68.25 -9.55 11.73
CA THR F 120 66.99 -9.78 12.44
C THR F 120 67.07 -10.95 13.39
N PHE F 121 67.47 -12.13 12.89
CA PHE F 121 67.38 -13.35 13.68
C PHE F 121 68.23 -13.26 14.94
N GLU F 122 69.44 -12.70 14.83
CA GLU F 122 70.33 -12.69 15.99
C GLU F 122 69.89 -11.67 17.03
N ARG F 123 69.39 -10.51 16.60
CA ARG F 123 68.93 -9.51 17.55
C ARG F 123 67.64 -9.95 18.24
N VAL F 124 66.77 -10.66 17.52
CA VAL F 124 65.53 -11.13 18.12
C VAL F 124 65.81 -12.22 19.16
N TYR F 125 66.74 -13.12 18.87
CA TYR F 125 67.03 -14.21 19.80
C TYR F 125 67.70 -13.69 21.06
N ASN F 126 68.68 -12.79 20.91
CA ASN F 126 69.34 -12.22 22.08
C ASN F 126 68.34 -11.49 22.97
N PHE F 127 67.45 -10.70 22.36
CA PHE F 127 66.46 -9.97 23.14
C PHE F 127 65.40 -10.90 23.72
N GLY F 128 65.10 -12.00 23.04
CA GLY F 128 64.06 -12.91 23.48
C GLY F 128 64.52 -13.95 24.49
N LYS F 129 65.70 -14.54 24.25
CA LYS F 129 66.19 -15.58 25.15
C LYS F 129 66.66 -14.99 26.48
N GLU F 130 67.25 -13.80 26.45
CA GLU F 130 67.73 -13.18 27.69
C GLU F 130 66.60 -12.71 28.58
N ASN F 131 65.39 -12.53 28.04
CA ASN F 131 64.24 -12.16 28.83
C ASN F 131 63.19 -13.25 28.90
N ASN F 132 63.46 -14.43 28.33
CA ASN F 132 62.55 -15.57 28.34
C ASN F 132 61.16 -15.17 27.84
N LEU F 133 61.15 -14.65 26.62
CA LEU F 133 59.91 -14.18 26.00
C LEU F 133 59.28 -15.29 25.17
N ASP F 134 57.98 -15.46 25.32
CA ASP F 134 57.24 -16.40 24.49
C ASP F 134 56.86 -15.78 23.15
N VAL F 135 56.69 -14.46 23.10
CA VAL F 135 56.40 -13.73 21.87
C VAL F 135 57.34 -12.54 21.80
N VAL F 136 57.98 -12.35 20.63
CA VAL F 136 58.84 -11.20 20.38
C VAL F 136 58.26 -10.44 19.20
N SER F 137 57.80 -9.22 19.45
CA SER F 137 57.17 -8.38 18.43
C SER F 137 58.19 -7.36 17.96
N GLY F 138 58.89 -7.68 16.87
CA GLY F 138 59.88 -6.77 16.33
C GLY F 138 59.27 -5.66 15.50
N LYS F 139 60.07 -4.63 15.25
CA LYS F 139 59.62 -3.50 14.45
C LYS F 139 59.29 -3.94 13.03
N GLU F 140 58.04 -3.75 12.63
CA GLU F 140 57.57 -4.14 11.31
C GLU F 140 57.53 -2.92 10.40
N VAL F 141 57.85 -3.14 9.12
CA VAL F 141 57.99 -2.06 8.15
C VAL F 141 57.12 -2.37 6.94
N ARG F 142 56.26 -1.42 6.56
CA ARG F 142 55.46 -1.51 5.35
C ARG F 142 55.96 -0.51 4.32
N THR F 143 55.62 -0.77 3.06
CA THR F 143 56.15 0.04 1.97
C THR F 143 55.50 1.43 1.95
N ASN F 144 54.21 1.50 2.24
CA ASN F 144 53.46 2.76 2.16
C ASN F 144 53.17 3.30 3.54
N GLY F 145 53.05 4.63 3.63
CA GLY F 145 52.75 5.30 4.87
C GLY F 145 54.00 5.89 5.53
N TRP F 146 53.75 6.82 6.44
CA TRP F 146 54.83 7.47 7.18
C TRP F 146 55.06 6.86 8.56
N SER F 147 54.32 5.81 8.92
CA SER F 147 54.50 5.17 10.21
C SER F 147 53.81 3.81 10.18
N TRP F 148 54.26 2.95 11.10
CA TRP F 148 53.61 1.66 11.33
C TRP F 148 53.94 1.23 12.74
N GLY F 149 52.92 1.02 13.56
CA GLY F 149 53.15 0.79 14.98
C GLY F 149 53.79 1.98 15.66
N TRP F 150 53.29 3.19 15.36
CA TRP F 150 53.91 4.41 15.88
C TRP F 150 53.95 4.41 17.40
N LYS F 151 52.94 3.84 18.05
CA LYS F 151 52.87 3.84 19.50
C LYS F 151 53.65 2.69 20.14
N GLN F 152 53.63 1.51 19.52
CA GLN F 152 54.23 0.33 20.11
C GLN F 152 55.73 0.20 19.81
N PHE F 153 56.16 0.61 18.61
CA PHE F 153 57.55 0.47 18.20
C PHE F 153 58.38 1.72 18.49
N SER F 154 58.10 2.40 19.60
CA SER F 154 58.86 3.60 19.95
C SER F 154 60.17 3.24 20.66
N GLU F 155 60.09 2.36 21.66
CA GLU F 155 61.28 1.92 22.39
C GLU F 155 61.04 0.51 22.91
N ASN F 156 62.12 -0.09 23.42
CA ASN F 156 62.06 -1.48 23.86
C ASN F 156 61.32 -1.61 25.19
N ASN F 157 60.83 -2.82 25.44
CA ASN F 157 60.09 -3.13 26.65
C ASN F 157 59.99 -4.64 26.82
N PRO F 158 60.95 -5.28 27.51
CA PRO F 158 60.92 -6.75 27.65
C PRO F 158 59.81 -7.25 28.55
N HIS F 159 59.06 -6.37 29.21
CA HIS F 159 57.94 -6.74 30.05
C HIS F 159 56.67 -6.04 29.58
N ALA F 160 56.47 -6.01 28.26
CA ALA F 160 55.34 -5.31 27.67
C ALA F 160 54.00 -5.96 28.01
N GLU F 161 54.00 -7.22 28.45
CA GLU F 161 52.75 -7.88 28.80
C GLU F 161 52.08 -7.25 30.02
N GLU F 162 52.82 -6.45 30.80
CA GLU F 162 52.22 -5.76 31.92
C GLU F 162 51.35 -4.59 31.48
N MET F 163 51.52 -4.11 30.24
CA MET F 163 50.62 -3.09 29.71
C MET F 163 49.23 -3.65 29.47
N GLY F 164 49.12 -4.94 29.18
CA GLY F 164 47.91 -5.56 28.70
C GLY F 164 48.10 -6.09 27.30
N ILE F 165 46.99 -6.55 26.72
CA ILE F 165 47.04 -7.10 25.37
C ILE F 165 47.40 -6.05 24.32
N GLU F 166 47.45 -4.77 24.72
CA GLU F 166 47.84 -3.71 23.81
C GLU F 166 49.26 -3.88 23.27
N CYS F 167 50.10 -4.64 23.96
CA CYS F 167 51.51 -4.76 23.60
C CYS F 167 51.73 -5.46 22.27
N LEU F 168 50.74 -6.19 21.76
CA LEU F 168 50.90 -6.97 20.54
C LEU F 168 50.40 -6.25 19.29
N LEU F 169 50.16 -4.94 19.38
CA LEU F 169 49.72 -4.32 18.13
C LEU F 169 50.92 -3.79 17.35
N PRO F 170 50.90 -3.87 16.02
CA PRO F 170 49.83 -4.47 15.20
C PRO F 170 49.85 -6.00 15.24
N MET F 171 48.70 -6.60 15.57
CA MET F 171 48.62 -8.04 15.68
C MET F 171 48.73 -8.73 14.33
N THR F 172 49.93 -8.63 13.70
CA THR F 172 50.23 -9.31 12.46
C THR F 172 50.85 -10.68 12.75
N PRO F 173 50.76 -11.64 11.83
CA PRO F 173 51.32 -12.97 12.12
C PRO F 173 52.83 -13.00 11.94
N HIS F 174 53.43 -11.82 11.78
CA HIS F 174 54.83 -11.68 11.45
C HIS F 174 55.68 -11.46 12.71
N LYS F 175 55.36 -12.13 13.80
CA LYS F 175 56.11 -12.01 15.04
C LYS F 175 56.80 -13.34 15.37
N PHE F 176 57.74 -13.27 16.31
CA PHE F 176 58.47 -14.45 16.77
C PHE F 176 57.74 -15.07 17.95
N TYR F 177 57.23 -16.28 17.77
CA TYR F 177 56.51 -17.00 18.80
C TYR F 177 57.29 -18.23 19.22
N LYS F 178 57.38 -18.45 20.52
CA LYS F 178 58.04 -19.65 21.05
C LYS F 178 57.19 -20.87 20.74
N ARG F 179 57.77 -21.85 20.04
CA ARG F 179 57.02 -23.04 19.65
C ARG F 179 56.56 -23.83 20.86
N GLU F 180 57.40 -23.90 21.90
CA GLU F 180 57.01 -24.59 23.12
C GLU F 180 55.80 -23.95 23.78
N PHE F 181 55.55 -22.67 23.51
CA PHE F 181 54.39 -21.98 24.09
C PHE F 181 53.11 -22.32 23.32
N LEU F 182 53.19 -22.34 21.99
CA LEU F 182 51.99 -22.64 21.19
C LEU F 182 51.55 -24.08 21.38
N LEU F 183 52.50 -25.01 21.46
CA LEU F 183 52.14 -26.42 21.61
C LEU F 183 51.56 -26.70 22.99
N GLU F 184 52.17 -26.14 24.04
CA GLU F 184 51.73 -26.42 25.40
C GLU F 184 50.37 -25.79 25.69
N ASN F 185 50.05 -24.69 25.03
CA ASN F 185 48.78 -24.01 25.22
C ASN F 185 47.80 -24.27 24.09
N ASP F 186 48.17 -25.13 23.13
CA ASP F 186 47.28 -25.56 22.04
C ASP F 186 46.77 -24.36 21.24
N ILE F 187 47.69 -23.47 20.88
CA ILE F 187 47.37 -22.24 20.15
C ILE F 187 47.67 -22.49 18.68
N THR F 188 46.62 -22.49 17.86
CA THR F 188 46.75 -22.71 16.43
C THR F 188 45.85 -21.72 15.71
N PHE F 189 45.71 -21.91 14.40
CA PHE F 189 44.83 -21.11 13.57
C PHE F 189 43.50 -21.82 13.36
N ASP F 190 42.54 -21.08 12.79
CA ASP F 190 41.23 -21.65 12.45
C ASP F 190 41.35 -22.36 11.11
N ASP F 191 41.45 -23.69 11.14
CA ASP F 191 41.59 -24.47 9.92
C ASP F 191 40.27 -24.72 9.20
N GLY F 192 39.22 -23.97 9.54
CA GLY F 192 37.94 -24.12 8.87
C GLY F 192 37.78 -23.16 7.70
N ALA F 193 36.66 -22.44 7.67
CA ALA F 193 36.41 -21.51 6.59
C ALA F 193 37.29 -20.27 6.72
N ARG F 194 37.45 -19.57 5.60
CA ARG F 194 38.20 -18.32 5.59
C ARG F 194 37.53 -17.31 6.52
N VAL F 195 38.26 -16.85 7.52
CA VAL F 195 37.79 -15.77 8.37
C VAL F 195 38.66 -14.54 8.18
N LEU F 196 38.14 -13.40 8.62
CA LEU F 196 38.84 -12.14 8.51
C LEU F 196 39.59 -11.86 9.81
N TRP F 197 40.81 -11.34 9.67
CA TRP F 197 41.68 -11.01 10.79
C TRP F 197 42.00 -12.23 11.65
N GLU F 198 42.51 -13.29 10.99
CA GLU F 198 42.83 -14.51 11.71
C GLU F 198 44.03 -14.34 12.63
N ASP F 199 44.97 -13.46 12.25
CA ASP F 199 46.11 -13.16 13.11
C ASP F 199 45.70 -12.42 14.37
N VAL F 200 44.55 -11.76 14.37
CA VAL F 200 44.03 -11.18 15.61
C VAL F 200 43.56 -12.27 16.54
N TYR F 201 42.93 -13.32 16.01
CA TYR F 201 42.63 -14.49 16.81
C TYR F 201 43.90 -15.12 17.35
N PHE F 202 44.94 -15.20 16.52
CA PHE F 202 46.15 -15.92 16.91
C PHE F 202 46.89 -15.20 18.03
N ASN F 203 47.17 -13.91 17.86
CA ASN F 203 47.88 -13.17 18.89
C ASN F 203 47.05 -13.05 20.16
N SER F 204 45.73 -12.93 20.04
CA SER F 204 44.88 -12.83 21.23
C SER F 204 44.91 -14.13 22.03
N LYS F 205 44.92 -15.27 21.34
CA LYS F 205 45.02 -16.55 22.04
C LYS F 205 46.34 -16.68 22.78
N ALA F 206 47.42 -16.09 22.24
CA ALA F 206 48.71 -16.14 22.92
C ALA F 206 48.68 -15.36 24.22
N PHE F 207 48.12 -14.15 24.20
CA PHE F 207 48.13 -13.31 25.40
C PHE F 207 47.13 -13.80 26.43
N ILE F 208 46.00 -14.37 25.99
CA ILE F 208 45.03 -14.92 26.92
C ILE F 208 45.67 -16.01 27.78
N HIS F 209 46.58 -16.78 27.20
CA HIS F 209 47.23 -17.86 27.92
C HIS F 209 48.48 -17.35 28.65
N GLY F 210 48.48 -16.06 29.00
CA GLY F 210 49.55 -15.47 29.77
C GLY F 210 50.92 -15.53 29.11
N ALA F 211 51.09 -14.79 28.02
CA ALA F 211 52.34 -14.79 27.27
C ALA F 211 53.22 -13.62 27.71
N LYS F 212 54.47 -13.92 28.05
CA LYS F 212 55.46 -12.88 28.31
C LYS F 212 55.87 -12.26 26.97
N VAL F 213 55.53 -10.99 26.77
CA VAL F 213 55.68 -10.32 25.48
C VAL F 213 56.78 -9.28 25.60
N GLY F 214 57.69 -9.27 24.64
CA GLY F 214 58.70 -8.25 24.53
C GLY F 214 58.60 -7.53 23.20
N ILE F 215 58.98 -6.25 23.20
CA ILE F 215 58.90 -5.41 22.01
C ILE F 215 60.31 -4.96 21.65
N LEU F 216 60.74 -5.32 20.44
CA LEU F 216 62.02 -4.88 19.90
C LEU F 216 61.74 -3.75 18.92
N ALA F 217 62.15 -2.53 19.29
CA ALA F 217 61.76 -1.34 18.56
C ALA F 217 62.91 -0.54 17.96
N ASP F 218 64.16 -0.85 18.30
CA ASP F 218 65.29 -0.08 17.83
C ASP F 218 65.93 -0.67 16.56
N TYR F 219 65.29 -1.64 15.92
CA TYR F 219 65.85 -2.22 14.71
C TYR F 219 64.71 -2.79 13.85
N PRO F 220 64.68 -2.47 12.56
CA PRO F 220 63.64 -3.02 11.68
C PRO F 220 63.91 -4.50 11.41
N THR F 221 62.88 -5.32 11.62
CA THR F 221 63.01 -6.78 11.52
C THR F 221 62.28 -7.36 10.32
N TYR F 222 61.01 -7.03 10.14
CA TYR F 222 60.18 -7.62 9.10
C TYR F 222 59.74 -6.53 8.13
N TYR F 223 59.86 -6.81 6.84
CA TYR F 223 59.48 -5.87 5.78
C TYR F 223 58.25 -6.43 5.08
N TRP F 224 57.08 -5.93 5.47
CA TRP F 224 55.80 -6.32 4.86
C TRP F 224 55.61 -5.52 3.59
N ILE F 225 55.95 -6.12 2.45
CA ILE F 225 55.87 -5.44 1.16
C ILE F 225 54.47 -5.62 0.59
N ALA F 226 53.89 -4.51 0.11
CA ALA F 226 52.57 -4.56 -0.51
C ALA F 226 52.68 -5.01 -1.96
N THR F 227 51.68 -5.78 -2.41
CA THR F 227 51.66 -6.31 -3.76
C THR F 227 50.68 -5.57 -4.67
N GLY F 228 49.45 -5.37 -4.21
CA GLY F 228 48.44 -4.68 -5.00
C GLY F 228 47.83 -5.55 -6.07
N GLY F 236 36.99 -10.86 0.40
CA GLY F 236 36.45 -10.26 1.60
C GLY F 236 35.57 -9.05 1.31
N ARG F 237 35.59 -8.59 0.07
CA ARG F 237 34.80 -7.44 -0.37
C ARG F 237 33.34 -7.86 -0.48
N ASP F 238 32.64 -7.81 0.67
CA ASP F 238 31.24 -8.18 0.70
C ASP F 238 30.60 -7.66 1.99
N PRO F 239 29.60 -6.77 1.88
CA PRO F 239 28.97 -6.23 3.11
C PRO F 239 28.32 -7.29 3.97
N HIS F 240 27.95 -8.44 3.41
CA HIS F 240 27.39 -9.53 4.20
C HIS F 240 28.47 -10.45 4.76
N GLU F 241 29.57 -10.64 4.03
CA GLU F 241 30.70 -11.38 4.59
C GLU F 241 31.45 -10.55 5.61
N LYS F 242 31.58 -9.25 5.36
CA LYS F 242 32.30 -8.36 6.28
C LYS F 242 31.69 -8.41 7.67
N TRP F 243 30.39 -8.09 7.78
CA TRP F 243 29.74 -8.03 9.07
C TRP F 243 29.46 -9.41 9.65
N ASN F 244 29.48 -10.46 8.84
CA ASN F 244 29.46 -11.81 9.39
C ASN F 244 30.80 -12.13 10.08
N GLN F 245 31.89 -11.51 9.62
CA GLN F 245 33.19 -11.68 10.27
C GLN F 245 33.35 -10.75 11.45
N ILE F 246 32.81 -9.53 11.35
CA ILE F 246 32.92 -8.57 12.44
C ILE F 246 32.17 -9.08 13.68
N ASN F 247 30.96 -9.61 13.48
CA ASN F 247 30.24 -10.21 14.59
C ASN F 247 30.96 -11.43 15.13
N LYS F 248 31.68 -12.15 14.28
CA LYS F 248 32.42 -13.32 14.74
C LYS F 248 33.61 -12.94 15.61
N LEU F 249 34.23 -11.79 15.33
CA LEU F 249 35.40 -11.37 16.08
C LEU F 249 35.02 -10.79 17.45
N PHE F 250 33.96 -9.98 17.50
CA PHE F 250 33.51 -9.45 18.77
C PHE F 250 32.93 -10.55 19.65
N ASN F 251 32.28 -11.55 19.06
CA ASN F 251 31.84 -12.70 19.83
C ASN F 251 33.03 -13.47 20.40
N PHE F 252 34.14 -13.53 19.66
CA PHE F 252 35.34 -14.18 20.17
C PHE F 252 35.96 -13.39 21.31
N PHE F 253 35.97 -12.06 21.20
CA PHE F 253 36.53 -11.23 22.26
C PHE F 253 35.78 -11.39 23.57
N LYS F 254 34.44 -11.29 23.52
CA LYS F 254 33.64 -11.34 24.73
C LYS F 254 33.60 -12.73 25.35
N ASP F 255 33.89 -13.78 24.58
CA ASP F 255 33.80 -15.14 25.08
C ASP F 255 35.10 -15.63 25.71
N ASN F 256 36.24 -15.23 25.17
CA ASN F 256 37.53 -15.79 25.58
C ASN F 256 38.35 -14.86 26.47
N ILE F 257 38.32 -13.56 26.23
CA ILE F 257 39.12 -12.62 27.02
C ILE F 257 38.43 -12.39 28.36
N LYS F 258 39.12 -12.78 29.44
CA LYS F 258 38.60 -12.63 30.79
C LYS F 258 39.16 -11.41 31.51
N GLU F 259 40.42 -11.07 31.28
CA GLU F 259 41.02 -9.88 31.87
C GLU F 259 40.25 -8.64 31.43
N GLN F 260 39.58 -7.97 32.38
CA GLN F 260 38.73 -6.83 32.06
C GLN F 260 39.49 -5.76 31.28
N ARG F 261 40.74 -5.50 31.68
CA ARG F 261 41.53 -4.47 31.01
C ARG F 261 41.77 -4.80 29.55
N ASP F 262 41.97 -6.09 29.23
CA ASP F 262 42.21 -6.48 27.85
C ASP F 262 40.92 -6.56 27.06
N LEU F 263 39.84 -7.03 27.69
CA LEU F 263 38.53 -7.01 27.02
C LEU F 263 38.11 -5.58 26.73
N ASP F 264 38.35 -4.66 27.66
CA ASP F 264 37.98 -3.26 27.44
C ASP F 264 38.80 -2.65 26.31
N PHE F 265 40.06 -3.04 26.18
CA PHE F 265 40.90 -2.45 25.14
C PHE F 265 40.52 -2.98 23.76
N MET F 266 40.37 -4.30 23.63
CA MET F 266 40.06 -4.88 22.33
C MET F 266 38.69 -4.44 21.84
N LEU F 267 37.73 -4.29 22.75
CA LEU F 267 36.42 -3.77 22.35
C LEU F 267 36.53 -2.31 21.94
N THR F 268 37.24 -1.50 22.72
CA THR F 268 37.37 -0.07 22.39
C THR F 268 38.13 0.13 21.09
N HIS F 269 39.19 -0.66 20.87
CA HIS F 269 40.01 -0.49 19.67
C HIS F 269 39.24 -0.87 18.42
N TRP F 270 38.54 -2.02 18.45
CA TRP F 270 37.91 -2.54 17.26
C TRP F 270 36.53 -1.92 17.01
N TYR F 271 35.84 -1.47 18.06
CA TYR F 271 34.61 -0.73 17.85
C TYR F 271 34.91 0.64 17.23
N ARG F 272 36.07 1.22 17.53
CA ARG F 272 36.45 2.50 16.97
C ARG F 272 36.96 2.36 15.54
N SER F 273 37.78 1.35 15.27
CA SER F 273 38.48 1.27 14.00
C SER F 273 37.62 0.67 12.90
N ARG F 274 36.94 -0.45 13.17
CA ARG F 274 36.22 -1.16 12.12
C ARG F 274 34.71 -0.91 12.14
N VAL F 275 34.14 -0.53 13.28
CA VAL F 275 32.69 -0.31 13.35
C VAL F 275 32.38 1.16 13.14
N LEU F 276 32.82 2.01 14.08
CA LEU F 276 32.67 3.45 13.90
C LEU F 276 33.55 3.99 12.79
N GLY F 277 34.49 3.20 12.28
CA GLY F 277 35.37 3.62 11.20
C GLY F 277 34.71 3.71 9.85
N ILE F 278 33.45 3.26 9.72
CA ILE F 278 32.70 3.43 8.49
C ILE F 278 31.70 4.55 8.57
N LEU F 279 31.56 5.20 9.73
CA LEU F 279 30.65 6.33 9.91
C LEU F 279 31.31 7.67 9.64
N GLY F 280 32.54 7.66 9.12
CA GLY F 280 33.22 8.90 8.77
C GLY F 280 33.19 9.16 7.28
N GLN F 281 34.37 9.28 6.67
CA GLN F 281 34.46 9.53 5.23
C GLN F 281 34.06 8.32 4.40
N TRP F 282 33.83 7.17 5.02
CA TRP F 282 33.39 5.99 4.29
C TRP F 282 32.00 6.21 3.69
N LEU F 283 31.18 7.06 4.30
CA LEU F 283 29.86 7.37 3.76
C LEU F 283 29.94 8.17 2.48
N LEU F 284 31.08 8.79 2.17
CA LEU F 284 31.24 9.63 1.00
C LEU F 284 31.93 8.90 -0.15
N LYS F 285 32.14 7.59 -0.04
CA LYS F 285 32.82 6.83 -1.07
C LYS F 285 32.05 5.61 -1.56
N ASN F 286 30.85 5.36 -1.02
CA ASN F 286 30.09 4.16 -1.35
C ASN F 286 28.68 4.53 -1.76
N ASN F 287 28.01 3.59 -2.40
CA ASN F 287 26.63 3.77 -2.83
C ASN F 287 25.68 3.58 -1.67
N ASN F 288 24.47 4.13 -1.81
CA ASN F 288 23.48 4.08 -0.75
C ASN F 288 23.00 2.67 -0.44
N GLU F 289 23.11 1.75 -1.41
CA GLU F 289 22.68 0.38 -1.16
C GLU F 289 23.60 -0.30 -0.15
N ARG F 290 24.92 -0.24 -0.38
CA ARG F 290 25.87 -0.83 0.56
C ARG F 290 25.89 -0.07 1.88
N ILE F 291 25.75 1.26 1.83
CA ILE F 291 25.74 2.05 3.06
C ILE F 291 24.57 1.66 3.94
N ASP F 292 23.40 1.41 3.34
CA ASP F 292 22.24 0.99 4.13
C ASP F 292 22.42 -0.43 4.67
N ILE F 293 23.22 -1.26 3.99
CA ILE F 293 23.45 -2.62 4.48
C ILE F 293 24.40 -2.58 5.68
N GLU F 294 25.52 -1.88 5.54
CA GLU F 294 26.53 -1.91 6.59
C GLU F 294 26.12 -1.10 7.82
N PHE F 295 25.34 -0.03 7.62
CA PHE F 295 24.89 0.75 8.77
C PHE F 295 23.90 -0.03 9.63
N ASN F 296 23.04 -0.84 8.99
CA ASN F 296 22.10 -1.66 9.75
C ASN F 296 22.82 -2.77 10.50
N TYR F 297 23.88 -3.32 9.91
CA TYR F 297 24.67 -4.32 10.61
C TYR F 297 25.50 -3.70 11.73
N ALA F 298 25.88 -2.43 11.57
CA ALA F 298 26.65 -1.75 12.63
C ALA F 298 25.78 -1.45 13.83
N LYS F 299 24.54 -1.02 13.60
CA LYS F 299 23.65 -0.69 14.72
C LYS F 299 23.28 -1.94 15.51
N LYS F 300 23.03 -3.06 14.82
CA LYS F 300 22.68 -4.29 15.52
C LYS F 300 23.84 -4.83 16.34
N LEU F 301 25.07 -4.62 15.88
CA LEU F 301 26.23 -5.11 16.63
C LEU F 301 26.49 -4.28 17.87
N ALA F 302 26.39 -2.95 17.75
CA ALA F 302 26.68 -2.09 18.89
C ALA F 302 25.65 -2.26 20.01
N GLU F 303 24.39 -2.50 19.65
CA GLU F 303 23.34 -2.57 20.65
C GLU F 303 23.31 -3.90 21.40
N GLU F 304 24.00 -4.93 20.91
CA GLU F 304 24.00 -6.23 21.56
C GLU F 304 25.37 -6.72 22.00
N LEU F 305 26.46 -6.23 21.40
CA LEU F 305 27.79 -6.69 21.75
C LEU F 305 28.65 -5.63 22.42
N ILE F 306 28.46 -4.35 22.11
CA ILE F 306 29.29 -3.27 22.62
C ILE F 306 28.57 -2.65 23.81
N PRO F 307 29.12 -2.73 25.02
CA PRO F 307 28.47 -2.10 26.18
C PRO F 307 28.63 -0.59 26.15
N ALA F 308 27.82 0.07 26.97
CA ALA F 308 27.76 1.54 26.95
C ALA F 308 29.03 2.17 27.51
N TYR F 309 29.68 1.51 28.48
CA TYR F 309 30.86 2.12 29.09
C TYR F 309 32.02 2.21 28.10
N ILE F 310 32.04 1.33 27.09
CA ILE F 310 33.08 1.41 26.07
C ILE F 310 33.03 2.75 25.35
N SER F 311 31.83 3.28 25.14
CA SER F 311 31.68 4.57 24.48
C SER F 311 32.37 5.68 25.26
N GLU F 312 32.37 5.60 26.59
CA GLU F 312 32.96 6.64 27.42
C GLU F 312 34.48 6.67 27.33
N ASN F 313 35.11 5.66 26.75
CA ASN F 313 36.56 5.61 26.60
C ASN F 313 37.03 6.19 25.27
N LEU F 314 36.18 6.93 24.57
CA LEU F 314 36.48 7.44 23.24
C LEU F 314 36.47 8.96 23.25
N ASP F 315 36.96 9.53 22.15
CA ASP F 315 37.00 10.98 21.97
C ASP F 315 35.61 11.51 21.62
N LYS F 316 35.50 12.85 21.62
CA LYS F 316 34.20 13.49 21.43
C LYS F 316 33.58 13.12 20.08
N ASN F 317 34.39 13.10 19.02
CA ASN F 317 33.87 12.82 17.69
C ASN F 317 33.37 11.37 17.59
N ASN F 318 34.09 10.44 18.22
CA ASN F 318 33.63 9.05 18.22
C ASN F 318 32.43 8.85 19.12
N GLN F 319 32.30 9.66 20.18
CA GLN F 319 31.11 9.59 21.01
C GLN F 319 29.87 10.07 20.26
N VAL F 320 30.04 11.00 19.32
CA VAL F 320 28.94 11.41 18.47
C VAL F 320 28.55 10.28 17.53
N LYS F 321 29.54 9.61 16.92
CA LYS F 321 29.26 8.52 16.00
C LYS F 321 28.61 7.35 16.71
N ASP F 322 29.06 7.04 17.92
CA ASP F 322 28.46 5.94 18.69
C ASP F 322 27.00 6.25 19.03
N TYR F 323 26.73 7.47 19.48
CA TYR F 323 25.35 7.84 19.81
C TYR F 323 24.45 7.82 18.59
N LEU F 324 24.93 8.40 17.48
CA LEU F 324 24.11 8.46 16.27
C LEU F 324 23.95 7.09 15.62
N LEU F 325 24.90 6.19 15.83
CA LEU F 325 24.72 4.83 15.34
C LEU F 325 23.63 4.11 16.10
N ARG F 326 23.67 4.16 17.43
CA ARG F 326 22.64 3.51 18.25
C ARG F 326 21.29 4.16 18.06
N GLN F 327 21.25 5.46 17.76
CA GLN F 327 20.00 6.15 17.45
C GLN F 327 19.52 5.90 16.03
N GLY F 328 20.31 5.19 15.22
CA GLY F 328 19.90 4.92 13.85
C GLY F 328 19.81 6.13 12.96
N ASP F 329 20.50 7.22 13.31
CA ASP F 329 20.43 8.47 12.55
C ASP F 329 21.56 8.51 11.52
N LEU F 330 21.39 7.70 10.48
CA LEU F 330 22.34 7.70 9.37
C LEU F 330 22.31 9.02 8.61
N ASP F 331 21.17 9.71 8.63
CA ASP F 331 21.06 10.99 7.93
C ASP F 331 22.00 12.03 8.53
N SER F 332 22.06 12.11 9.86
CA SER F 332 22.97 13.05 10.50
C SER F 332 24.42 12.65 10.28
N LEU F 333 24.71 11.35 10.26
CA LEU F 333 26.08 10.90 10.04
C LEU F 333 26.56 11.21 8.63
N LYS F 334 25.66 11.16 7.65
CA LYS F 334 26.05 11.55 6.29
C LYS F 334 26.38 13.04 6.22
N LYS F 335 25.65 13.86 6.98
CA LYS F 335 25.91 15.29 6.96
C LYS F 335 27.20 15.63 7.72
N LEU F 336 27.46 14.94 8.83
CA LEU F 336 28.69 15.17 9.57
C LEU F 336 29.92 14.78 8.77
N ALA F 337 29.79 13.76 7.90
CA ALA F 337 30.92 13.37 7.06
C ALA F 337 31.29 14.47 6.09
N GLN F 338 30.31 15.18 5.55
CA GLN F 338 30.60 16.29 4.65
C GLN F 338 31.20 17.47 5.40
N ILE F 339 30.82 17.67 6.67
CA ILE F 339 31.38 18.77 7.44
C ILE F 339 32.83 18.50 7.80
N ASP F 340 33.15 17.26 8.15
CA ASP F 340 34.51 16.89 8.55
C ASP F 340 35.42 16.59 7.36
N ALA F 341 34.89 16.58 6.14
CA ALA F 341 35.69 16.19 4.98
C ALA F 341 36.81 17.19 4.74
N GLY F 342 38.03 16.68 4.64
CA GLY F 342 39.18 17.50 4.30
C GLY F 342 39.96 18.08 5.45
N ILE F 343 39.52 17.85 6.69
CA ILE F 343 40.25 18.39 7.83
C ILE F 343 41.63 17.75 7.88
N THR F 344 42.67 18.59 7.97
CA THR F 344 44.05 18.11 7.93
C THR F 344 44.95 19.18 8.55
N ALA F 345 46.22 18.83 8.67
CA ALA F 345 47.24 19.74 9.20
C ALA F 345 48.53 19.52 8.42
N LEU F 346 48.88 20.48 7.57
CA LEU F 346 50.09 20.41 6.77
C LEU F 346 51.16 21.30 7.37
N SER F 347 52.39 20.79 7.43
CA SER F 347 53.51 21.51 8.01
C SER F 347 54.30 22.21 6.93
N TYR F 348 54.60 23.49 7.17
CA TYR F 348 55.43 24.29 6.28
C TYR F 348 56.78 24.55 6.96
N VAL F 349 57.82 24.70 6.15
CA VAL F 349 59.17 24.93 6.67
C VAL F 349 59.36 26.42 6.91
N GLU F 350 59.61 26.81 8.15
CA GLU F 350 59.90 28.19 8.49
C GLU F 350 61.39 28.48 8.56
N ASP F 351 62.23 27.45 8.76
CA ASP F 351 63.67 27.63 8.83
C ASP F 351 64.33 26.25 8.72
N ALA F 352 65.48 26.21 8.04
CA ALA F 352 66.23 24.97 7.86
C ALA F 352 67.69 25.31 7.69
N TYR F 353 68.55 24.76 8.55
CA TYR F 353 69.95 25.13 8.55
C TYR F 353 70.77 24.03 9.22
N PHE F 354 72.08 24.08 8.98
CA PHE F 354 73.03 23.17 9.61
C PHE F 354 73.75 23.89 10.75
N LYS F 355 73.86 23.22 11.89
CA LYS F 355 74.62 23.74 13.03
C LYS F 355 75.32 22.56 13.69
N GLU F 356 76.63 22.71 13.91
CA GLU F 356 77.46 21.65 14.47
C GLU F 356 77.32 20.38 13.63
N ASP F 357 76.86 19.29 14.23
CA ASP F 357 76.79 18.00 13.54
C ASP F 357 75.37 17.56 13.26
N LYS F 358 74.42 18.49 13.17
CA LYS F 358 73.02 18.15 12.98
C LYS F 358 72.35 19.15 12.04
N LEU F 359 71.20 18.74 11.51
CA LEU F 359 70.36 19.56 10.66
C LEU F 359 69.14 20.00 11.46
N PHE F 360 68.89 21.31 11.50
CA PHE F 360 67.84 21.89 12.32
C PHE F 360 66.67 22.34 11.46
N PHE F 361 65.46 22.19 11.99
CA PHE F 361 64.24 22.60 11.33
C PHE F 361 63.39 23.43 12.28
N LYS F 362 62.70 24.41 11.71
CA LYS F 362 61.62 25.12 12.39
C LYS F 362 60.39 25.05 11.49
N THR F 363 59.35 24.38 11.96
CA THR F 363 58.15 24.16 11.16
C THR F 363 56.94 24.77 11.85
N SER F 364 55.90 25.02 11.04
CA SER F 364 54.64 25.55 11.54
C SER F 364 53.50 24.86 10.82
N THR F 365 52.37 24.73 11.52
CA THR F 365 51.19 24.10 10.94
C THR F 365 49.94 24.66 11.61
N LYS F 366 48.80 24.42 10.96
CA LYS F 366 47.51 24.74 11.53
C LYS F 366 46.46 23.84 10.90
N MET F 367 45.43 23.53 11.67
CA MET F 367 44.34 22.71 11.14
C MET F 367 43.57 23.50 10.10
N THR F 368 43.39 22.90 8.92
CA THR F 368 42.71 23.55 7.81
C THR F 368 41.81 22.53 7.12
N TYR F 369 41.12 23.00 6.09
CA TYR F 369 40.42 22.14 5.14
C TYR F 369 41.25 22.07 3.87
N GLU F 370 41.93 20.95 3.67
CA GLU F 370 42.69 20.69 2.43
C GLU F 370 43.72 21.78 2.16
N ASP F 371 44.47 22.14 3.20
CA ASP F 371 45.60 23.08 3.10
CA ASP F 371 45.60 23.08 3.11
C ASP F 371 45.16 24.48 2.69
N LYS F 372 43.88 24.81 2.87
CA LYS F 372 43.36 26.10 2.46
C LYS F 372 42.86 26.92 3.65
N GLU F 373 41.55 27.14 3.75
CA GLU F 373 41.03 28.00 4.81
C GLU F 373 41.11 27.31 6.17
N ASP F 374 41.04 28.12 7.22
CA ASP F 374 41.28 27.62 8.57
C ASP F 374 40.13 26.76 9.07
N PHE F 375 40.47 25.70 9.79
CA PHE F 375 39.50 24.98 10.60
C PHE F 375 39.22 25.76 11.88
N PHE F 376 37.95 25.83 12.25
CA PHE F 376 37.52 26.64 13.38
C PHE F 376 36.73 25.81 14.39
N ILE F 377 36.90 26.17 15.65
CA ILE F 377 35.99 25.77 16.72
C ILE F 377 35.46 27.06 17.34
N GLU F 378 34.26 26.98 17.90
CA GLU F 378 33.54 28.17 18.34
C GLU F 378 33.31 28.13 19.84
N LYS F 379 33.58 29.25 20.50
CA LYS F 379 33.37 29.39 21.94
C LYS F 379 31.99 29.99 22.17
N THR F 380 31.08 29.21 22.74
CA THR F 380 29.75 29.65 23.08
C THR F 380 29.56 29.52 24.59
N ALA F 381 29.20 30.62 25.24
CA ALA F 381 29.10 30.69 26.69
C ALA F 381 30.42 30.30 27.34
N ASP F 382 30.48 29.12 27.95
CA ASP F 382 31.67 28.67 28.68
C ASP F 382 32.13 27.30 28.17
N ARG F 383 32.16 27.13 26.86
CA ARG F 383 32.58 25.85 26.29
C ARG F 383 33.01 26.05 24.85
N MET F 384 34.01 25.28 24.43
CA MET F 384 34.53 25.31 23.06
C MET F 384 33.90 24.17 22.29
N GLU F 385 33.02 24.51 21.35
CA GLU F 385 32.24 23.52 20.60
C GLU F 385 32.73 23.44 19.16
N ARG F 386 32.54 22.26 18.55
CA ARG F 386 32.74 22.12 17.13
C ARG F 386 31.57 22.75 16.39
N ILE F 387 31.86 23.43 15.28
CA ILE F 387 30.84 24.17 14.55
C ILE F 387 29.96 23.17 13.81
N LEU F 388 28.69 23.08 14.21
CA LEU F 388 27.73 22.17 13.63
C LEU F 388 26.42 22.91 13.40
N PRO F 389 25.62 22.49 12.43
CA PRO F 389 24.29 23.08 12.25
C PRO F 389 23.37 22.73 13.41
N GLU F 390 22.36 23.58 13.61
CA GLU F 390 21.45 23.40 14.75
C GLU F 390 20.62 22.14 14.62
N GLU F 391 20.32 21.71 13.39
CA GLU F 391 19.55 20.48 13.21
C GLU F 391 20.30 19.25 13.70
N ILE F 392 21.62 19.36 13.89
CA ILE F 392 22.41 18.26 14.42
C ILE F 392 22.81 18.48 15.88
N LYS F 393 23.06 19.73 16.29
CA LYS F 393 23.42 19.98 17.68
C LYS F 393 22.30 19.62 18.64
N SER F 394 21.05 19.86 18.22
CA SER F 394 19.92 19.54 19.09
C SER F 394 19.70 18.05 19.25
N LYS F 395 20.16 17.24 18.29
CA LYS F 395 19.99 15.80 18.34
C LYS F 395 21.08 15.09 19.15
N LEU F 396 22.07 15.83 19.65
CA LEU F 396 23.20 15.24 20.35
C LEU F 396 23.24 15.71 21.80
N PRO F 397 23.78 14.89 22.70
CA PRO F 397 24.00 15.36 24.07
C PRO F 397 24.92 16.58 24.10
N LYS F 398 24.79 17.36 25.18
CA LYS F 398 25.46 18.65 25.25
C LYS F 398 26.98 18.51 25.32
N GLU F 399 27.49 17.39 25.81
CA GLU F 399 28.92 17.23 26.04
C GLU F 399 29.66 16.58 24.87
N PHE F 400 28.96 15.97 23.92
CA PHE F 400 29.62 15.22 22.87
C PHE F 400 30.27 16.11 21.81
N PHE F 401 29.92 17.39 21.76
CA PHE F 401 30.59 18.34 20.88
C PHE F 401 31.22 19.48 21.66
N ASP F 402 31.66 19.20 22.89
CA ASP F 402 32.29 20.19 23.77
C ASP F 402 33.76 19.81 23.91
N TYR F 403 34.62 20.58 23.25
CA TYR F 403 36.06 20.32 23.22
C TYR F 403 36.81 20.96 24.38
N SER F 404 36.10 21.47 25.40
CA SER F 404 36.75 22.21 26.47
C SER F 404 37.84 21.39 27.15
N ASP F 405 37.50 20.18 27.58
CA ASP F 405 38.45 19.32 28.28
C ASP F 405 39.43 18.63 27.35
N ASP F 406 39.47 19.00 26.07
CA ASP F 406 40.35 18.37 25.10
C ASP F 406 41.29 19.36 24.42
N LEU F 407 41.32 20.62 24.87
CA LEU F 407 42.14 21.64 24.22
C LEU F 407 43.61 21.55 24.61
N ALA F 408 44.02 20.51 25.34
CA ALA F 408 45.40 20.34 25.75
C ALA F 408 45.98 19.00 25.33
N GLU F 409 45.27 18.26 24.48
CA GLU F 409 45.68 16.92 24.08
C GLU F 409 46.22 16.88 22.65
N PHE F 410 46.80 17.98 22.19
CA PHE F 410 47.41 18.01 20.87
C PHE F 410 48.81 17.43 20.89
N THR F 411 49.23 16.88 19.76
CA THR F 411 50.61 16.43 19.57
C THR F 411 51.13 16.94 18.23
N TYR F 412 52.40 17.31 18.21
CA TYR F 412 53.07 17.80 17.01
C TYR F 412 54.48 17.23 17.03
N GLU F 413 54.76 16.24 16.19
CA GLU F 413 56.00 15.49 16.24
C GLU F 413 56.57 15.31 14.84
N PRO F 414 57.89 15.24 14.71
CA PRO F 414 58.50 14.99 13.40
C PRO F 414 58.82 13.52 13.19
N SER F 415 58.84 13.08 11.94
CA SER F 415 59.21 11.71 11.61
C SER F 415 60.13 11.72 10.39
N ILE F 416 60.84 10.62 10.21
CA ILE F 416 61.75 10.46 9.08
C ILE F 416 61.53 9.09 8.48
N LYS F 417 61.75 8.97 7.18
CA LYS F 417 61.57 7.72 6.46
C LYS F 417 62.69 7.55 5.45
N GLY F 418 63.24 6.33 5.39
CA GLY F 418 64.21 5.99 4.37
C GLY F 418 63.51 5.54 3.10
N ARG F 419 63.85 6.18 1.99
CA ARG F 419 63.14 5.92 0.75
C ARG F 419 63.37 4.50 0.24
N ASN F 420 64.48 3.87 0.62
CA ASN F 420 64.78 2.50 0.25
C ASN F 420 64.44 1.50 1.34
N SER F 421 64.79 1.82 2.60
CA SER F 421 64.49 0.90 3.69
C SER F 421 63.01 0.89 4.04
N ARG F 422 62.31 1.98 3.72
CA ARG F 422 60.88 2.18 4.03
C ARG F 422 60.63 2.20 5.53
N ALA F 423 61.70 2.11 6.33
CA ALA F 423 61.58 2.15 7.77
C ALA F 423 61.36 3.59 8.24
N THR F 424 60.40 3.77 9.15
CA THR F 424 60.03 5.09 9.64
C THR F 424 60.44 5.22 11.10
N TRP F 425 60.90 6.42 11.47
CA TRP F 425 61.37 6.69 12.81
C TRP F 425 60.84 8.02 13.30
N LYS F 426 60.39 8.04 14.55
CA LYS F 426 60.10 9.30 15.22
C LYS F 426 61.40 10.00 15.56
N ILE F 427 61.47 11.30 15.27
CA ILE F 427 62.66 12.08 15.54
C ILE F 427 62.55 12.64 16.96
N ASP F 428 63.43 12.18 17.84
CA ASP F 428 63.38 12.58 19.24
C ASP F 428 63.97 13.98 19.42
N GLY F 429 63.82 14.50 20.64
CA GLY F 429 64.36 15.79 21.00
C GLY F 429 63.56 16.99 20.54
N SER F 430 62.51 16.78 19.74
CA SER F 430 61.73 17.90 19.24
C SER F 430 60.97 18.58 20.37
N THR F 431 60.79 19.89 20.24
CA THR F 431 59.94 20.67 21.14
C THR F 431 58.83 21.31 20.31
N SER F 432 57.60 21.07 20.71
CA SER F 432 56.44 21.56 19.97
C SER F 432 55.56 22.40 20.89
N ASN F 433 54.67 23.17 20.26
CA ASN F 433 53.74 24.03 20.99
C ASN F 433 52.52 24.25 20.11
N VAL F 434 51.34 23.91 20.64
CA VAL F 434 50.09 24.05 19.92
C VAL F 434 49.21 25.04 20.69
N GLU F 435 48.67 26.02 19.97
CA GLU F 435 47.88 27.09 20.57
C GLU F 435 46.48 27.11 19.98
N VAL F 436 45.50 27.45 20.82
CA VAL F 436 44.14 27.72 20.38
C VAL F 436 43.99 29.23 20.32
N VAL F 437 43.90 29.77 19.11
CA VAL F 437 44.03 31.21 18.87
C VAL F 437 42.68 31.75 18.39
N ASN F 438 42.21 32.82 19.02
CA ASN F 438 41.00 33.50 18.59
C ASN F 438 41.28 34.25 17.30
N LYS F 439 40.79 33.70 16.18
CA LYS F 439 41.03 34.31 14.88
C LYS F 439 40.19 35.56 14.70
N LYS F 440 38.86 35.41 14.70
CA LYS F 440 37.94 36.52 14.59
C LYS F 440 36.69 36.19 15.37
N ALA F 441 36.03 37.22 15.88
CA ALA F 441 34.79 37.08 16.65
C ALA F 441 34.95 36.09 17.79
N ASN F 442 34.24 34.96 17.71
CA ASN F 442 34.36 33.88 18.69
C ASN F 442 34.90 32.61 18.06
N LEU F 443 35.61 32.71 16.94
CA LEU F 443 36.15 31.55 16.24
C LEU F 443 37.60 31.35 16.62
N TYR F 444 37.98 30.09 16.82
CA TYR F 444 39.31 29.74 17.30
C TYR F 444 39.95 28.73 16.34
N LYS F 445 41.16 29.04 15.91
CA LYS F 445 41.96 28.12 15.11
C LYS F 445 43.00 27.43 15.99
N ILE F 446 43.59 26.38 15.44
CA ILE F 446 44.61 25.58 16.13
C ILE F 446 45.91 25.73 15.36
N GLU F 447 46.91 26.34 15.98
CA GLU F 447 48.20 26.60 15.35
C GLU F 447 49.30 25.85 16.09
N GLY F 448 50.27 25.35 15.33
CA GLY F 448 51.37 24.60 15.91
C GLY F 448 52.71 25.08 15.41
N GLU F 449 53.67 25.13 16.34
CA GLU F 449 55.06 25.44 16.01
C GLU F 449 55.94 24.31 16.56
N MET F 450 56.95 23.93 15.79
CA MET F 450 57.83 22.83 16.17
C MET F 450 59.25 23.13 15.72
N SER F 451 60.21 22.72 16.55
CA SER F 451 61.63 22.81 16.23
C SER F 451 62.29 21.49 16.58
N PHE F 452 63.04 20.92 15.64
CA PHE F 452 63.73 19.67 15.88
C PHE F 452 65.04 19.65 15.11
N SER F 453 65.94 18.77 15.53
CA SER F 453 67.21 18.54 14.87
C SER F 453 67.26 17.11 14.36
N VAL F 454 68.17 16.87 13.42
CA VAL F 454 68.32 15.55 12.80
C VAL F 454 69.79 15.15 12.89
N GLN F 455 70.09 14.16 13.72
CA GLN F 455 71.39 13.49 13.73
C GLN F 455 71.22 12.19 12.94
N ILE F 456 71.76 12.16 11.72
CA ILE F 456 71.50 11.05 10.83
C ILE F 456 72.09 9.74 11.35
N ASN F 457 73.04 9.81 12.28
CA ASN F 457 73.60 8.59 12.86
C ASN F 457 72.56 7.77 13.61
N ASP F 458 71.46 8.39 14.04
CA ASP F 458 70.41 7.68 14.77
C ASP F 458 69.62 6.73 13.89
N TYR F 459 69.77 6.81 12.57
CA TYR F 459 68.96 6.01 11.65
C TYR F 459 69.80 5.21 10.68
N ILE F 460 71.12 5.16 10.87
CA ILE F 460 72.01 4.38 10.02
C ILE F 460 72.37 3.13 10.82
N LEU F 461 71.62 2.06 10.58
CA LEU F 461 71.82 0.79 11.28
C LEU F 461 72.52 -0.24 10.40
N ASP F 462 72.07 -0.40 9.16
CA ASP F 462 72.68 -1.29 8.20
C ASP F 462 73.60 -0.52 7.26
N ALA F 463 74.41 -1.26 6.51
CA ALA F 463 75.33 -0.62 5.56
C ALA F 463 74.57 0.13 4.47
N ALA F 464 73.44 -0.42 4.04
CA ALA F 464 72.65 0.22 3.00
C ALA F 464 72.04 1.55 3.46
N ASP F 465 71.97 1.77 4.76
CA ASP F 465 71.43 3.04 5.27
C ASP F 465 72.39 4.20 5.09
N LYS F 466 73.68 3.91 4.86
CA LYS F 466 74.66 4.97 4.66
C LYS F 466 74.42 5.73 3.36
N LYS F 467 73.95 5.04 2.33
CA LYS F 467 73.65 5.65 1.03
C LYS F 467 72.14 5.55 0.82
N GLN F 468 71.42 6.61 1.20
CA GLN F 468 69.96 6.57 1.15
C GLN F 468 69.37 7.98 1.20
N PRO F 469 68.40 8.29 0.35
CA PRO F 469 67.67 9.56 0.49
C PRO F 469 66.57 9.44 1.53
N TRP F 470 66.50 10.43 2.42
CA TRP F 470 65.54 10.43 3.50
C TRP F 470 64.43 11.45 3.22
N ASP F 471 63.22 11.11 3.65
CA ASP F 471 62.06 11.98 3.49
C ASP F 471 61.52 12.36 4.87
N ILE F 472 61.21 13.65 5.03
CA ILE F 472 60.79 14.20 6.32
C ILE F 472 59.27 14.34 6.32
N ALA F 473 58.67 14.10 7.48
CA ALA F 473 57.22 14.23 7.65
C ALA F 473 56.94 14.71 9.07
N THR F 474 55.73 15.22 9.26
CA THR F 474 55.26 15.63 10.58
C THR F 474 53.93 14.97 10.89
N ARG F 475 53.67 14.76 12.17
CA ARG F 475 52.50 14.05 12.65
C ARG F 475 51.74 14.94 13.62
N PHE F 476 50.49 15.25 13.30
CA PHE F 476 49.66 16.12 14.11
C PHE F 476 48.40 15.38 14.52
N THR F 477 48.08 15.44 15.81
CA THR F 477 46.85 14.88 16.35
C THR F 477 46.18 15.91 17.24
N GLY F 478 44.85 15.87 17.28
CA GLY F 478 44.09 16.78 18.10
C GLY F 478 42.61 16.79 17.75
N LEU F 479 41.76 16.90 18.76
CA LEU F 479 40.30 16.91 18.60
C LEU F 479 39.79 15.66 17.89
N GLY F 480 40.55 14.57 17.94
CA GLY F 480 40.18 13.32 17.32
C GLY F 480 40.75 13.09 15.94
N TYR F 481 41.42 14.09 15.36
CA TYR F 481 41.96 13.98 14.01
C TYR F 481 43.43 13.59 14.06
N THR F 482 43.89 12.95 12.98
CA THR F 482 45.27 12.50 12.86
C THR F 482 45.77 12.84 11.47
N SER F 483 46.86 13.61 11.39
CA SER F 483 47.40 14.09 10.13
C SER F 483 48.90 13.85 10.12
N HIS F 484 49.32 12.80 9.40
CA HIS F 484 50.73 12.43 9.27
C HIS F 484 51.10 12.56 7.79
N ARG F 485 51.69 13.70 7.43
CA ARG F 485 51.96 14.04 6.05
C ARG F 485 53.40 14.52 5.91
N ALA F 486 53.88 14.52 4.67
CA ALA F 486 55.25 14.94 4.38
C ALA F 486 55.42 16.43 4.64
N LEU F 487 56.61 16.79 5.11
CA LEU F 487 56.98 18.19 5.31
C LEU F 487 57.24 18.84 3.95
N THR F 488 56.64 20.00 3.73
CA THR F 488 56.69 20.67 2.45
C THR F 488 57.24 22.09 2.60
N ILE F 489 57.62 22.67 1.45
CA ILE F 489 58.09 24.05 1.39
C ILE F 489 57.76 24.59 0.01
N GLY F 490 57.62 25.91 -0.08
CA GLY F 490 57.29 26.54 -1.34
C GLY F 490 58.50 27.10 -2.07
N LYS F 491 59.29 27.91 -1.37
CA LYS F 491 60.49 28.48 -1.97
C LYS F 491 61.52 27.39 -2.27
N ILE F 492 62.43 27.70 -3.19
CA ILE F 492 63.50 26.78 -3.51
C ILE F 492 64.47 26.72 -2.35
N LEU F 493 64.68 25.52 -1.82
CA LEU F 493 65.58 25.28 -0.69
C LEU F 493 66.65 24.28 -1.12
N ILE F 494 67.91 24.68 -1.02
CA ILE F 494 69.04 23.80 -1.29
C ILE F 494 70.17 24.16 -0.34
N LYS F 495 70.54 23.24 0.54
CA LYS F 495 71.63 23.45 1.48
C LYS F 495 72.43 22.17 1.63
N THR F 496 73.75 22.28 1.61
CA THR F 496 74.65 21.15 1.72
C THR F 496 75.51 21.29 2.99
N ALA F 497 76.16 20.18 3.35
CA ALA F 497 77.03 20.16 4.52
C ALA F 497 77.97 18.96 4.43
N LEU F 498 79.12 19.08 5.09
CA LEU F 498 80.13 18.04 5.15
C LEU F 498 80.44 17.80 6.62
N ILE F 499 79.76 16.83 7.22
CA ILE F 499 79.78 16.61 8.66
C ILE F 499 80.37 15.24 8.93
N ASN F 500 81.63 15.21 9.40
CA ASN F 500 82.31 13.99 9.84
C ASN F 500 82.21 12.89 8.78
N ASN F 501 82.76 13.19 7.60
CA ASN F 501 82.82 12.26 6.47
C ASN F 501 81.43 11.84 5.99
N LYS F 502 80.45 12.74 6.10
CA LYS F 502 79.10 12.49 5.63
C LYS F 502 78.65 13.67 4.78
N THR F 503 78.25 13.39 3.55
CA THR F 503 77.72 14.41 2.65
C THR F 503 76.20 14.45 2.78
N MET F 504 75.68 15.58 3.24
CA MET F 504 74.25 15.74 3.50
C MET F 504 73.73 16.95 2.73
N ILE F 505 72.58 16.79 2.08
CA ILE F 505 71.93 17.84 1.31
C ILE F 505 70.45 17.84 1.66
N VAL F 506 69.98 18.95 2.25
CA VAL F 506 68.57 19.16 2.51
C VAL F 506 68.01 20.03 1.40
N TYR F 507 66.86 19.66 0.85
CA TYR F 507 66.38 20.33 -0.36
C TYR F 507 64.91 20.02 -0.56
N LYS F 508 64.26 20.89 -1.34
CA LYS F 508 62.91 20.67 -1.83
C LYS F 508 62.97 19.73 -3.03
N ASN F 509 62.37 18.55 -2.90
CA ASN F 509 62.47 17.53 -3.93
C ASN F 509 61.57 17.88 -5.11
N ALA F 510 61.48 16.97 -6.09
CA ALA F 510 60.70 17.25 -7.30
C ALA F 510 59.21 17.36 -7.02
N SER F 511 58.74 16.82 -5.90
CA SER F 511 57.32 16.85 -5.55
C SER F 511 56.98 18.01 -4.61
N GLY F 512 57.93 18.89 -4.32
CA GLY F 512 57.68 19.97 -3.40
C GLY F 512 57.77 19.59 -1.94
N LEU F 513 58.45 18.49 -1.62
CA LEU F 513 58.58 18.00 -0.26
C LEU F 513 60.05 18.06 0.17
N ILE F 514 60.26 18.02 1.49
CA ILE F 514 61.59 18.16 2.06
C ILE F 514 62.26 16.79 2.10
N SER F 515 63.40 16.67 1.42
CA SER F 515 64.17 15.44 1.39
C SER F 515 65.60 15.71 1.86
N LEU F 516 66.20 14.71 2.48
CA LEU F 516 67.57 14.77 2.97
C LEU F 516 68.37 13.67 2.29
N ASP F 517 69.27 14.06 1.38
CA ASP F 517 70.13 13.11 0.69
C ASP F 517 71.38 12.87 1.53
N VAL F 518 71.65 11.61 1.85
CA VAL F 518 72.81 11.22 2.64
C VAL F 518 73.61 10.21 1.83
N GLY F 519 74.84 10.57 1.49
CA GLY F 519 75.70 9.71 0.72
C GLY F 519 75.70 9.95 -0.78
N SER F 520 75.28 11.14 -1.23
CA SER F 520 75.28 11.49 -2.67
C SER F 520 74.43 10.51 -3.48
N SER F 521 73.27 10.15 -2.94
CA SER F 521 72.44 9.13 -3.58
C SER F 521 71.58 9.67 -4.71
N VAL F 522 71.28 10.97 -4.72
CA VAL F 522 70.45 11.55 -5.78
C VAL F 522 71.02 12.87 -6.27
N ARG F 523 71.83 13.54 -5.45
CA ARG F 523 72.33 14.87 -5.77
C ARG F 523 73.83 14.92 -5.62
N SER F 524 74.42 15.99 -6.16
CA SER F 524 75.86 16.22 -6.13
C SER F 524 76.15 17.35 -5.15
N ILE F 525 76.96 17.06 -4.13
CA ILE F 525 77.27 18.06 -3.12
C ILE F 525 78.23 19.12 -3.66
N VAL F 526 79.02 18.79 -4.69
CA VAL F 526 79.92 19.79 -5.26
C VAL F 526 79.15 20.80 -6.10
N GLU F 527 78.12 20.34 -6.82
CA GLU F 527 77.33 21.24 -7.65
C GLU F 527 76.49 22.20 -6.81
N ASP F 528 75.85 21.69 -5.76
CA ASP F 528 74.96 22.54 -4.98
C ASP F 528 75.71 23.44 -4.00
N SER F 529 76.92 23.06 -3.59
CA SER F 529 77.70 23.91 -2.70
C SER F 529 78.27 25.12 -3.44
N GLY F 530 78.62 24.95 -4.71
CA GLY F 530 79.28 25.99 -5.46
C GLY F 530 80.79 25.83 -5.45
N VAL F 531 81.44 26.58 -6.35
CA VAL F 531 82.88 26.53 -6.49
C VAL F 531 83.40 27.96 -6.60
N LYS F 532 84.30 28.34 -5.70
CA LYS F 532 84.96 29.64 -5.79
C LYS F 532 85.95 29.62 -6.95
N ARG F 533 85.46 29.92 -8.15
CA ARG F 533 86.25 29.71 -9.36
C ARG F 533 87.48 30.61 -9.40
N GLU F 534 87.33 31.88 -9.04
CA GLU F 534 88.44 32.82 -9.08
C GLU F 534 89.38 32.68 -7.88
N GLN F 535 89.61 31.47 -7.39
CA GLN F 535 90.50 31.24 -6.27
C GLN F 535 90.96 29.78 -6.23
N ILE F 536 91.33 29.23 -7.37
CA ILE F 536 91.77 27.84 -7.44
C ILE F 536 93.27 27.78 -7.73
N ILE F 547 90.35 23.06 -5.54
CA ILE F 547 89.04 23.62 -5.87
C ILE F 547 88.25 23.91 -4.59
N PRO F 548 88.29 25.15 -4.11
CA PRO F 548 87.57 25.49 -2.88
C PRO F 548 86.07 25.58 -3.11
N LEU F 549 85.31 25.04 -2.16
CA LEU F 549 83.86 25.07 -2.26
C LEU F 549 83.33 26.39 -1.69
N ASN F 550 82.24 26.87 -2.28
CA ASN F 550 81.73 28.21 -1.99
C ASN F 550 80.90 28.23 -0.71
N GLU F 551 79.63 27.85 -0.80
CA GLU F 551 78.69 27.92 0.30
C GLU F 551 78.39 26.49 0.78
N ILE F 552 78.99 26.12 1.91
CA ILE F 552 78.79 24.79 2.49
C ILE F 552 79.19 24.83 3.96
N HIS F 553 78.33 24.28 4.82
CA HIS F 553 78.60 24.21 6.25
C HIS F 553 79.46 22.98 6.53
N VAL F 554 80.62 23.18 7.13
CA VAL F 554 81.57 22.12 7.41
C VAL F 554 81.76 22.00 8.92
N PHE F 555 81.71 20.77 9.42
CA PHE F 555 81.94 20.49 10.83
C PHE F 555 82.78 19.23 10.96
N GLY F 556 83.74 19.26 11.87
CA GLY F 556 84.62 18.13 12.02
C GLY F 556 85.59 18.01 10.86
N GLU F 557 86.19 16.84 10.75
CA GLU F 557 87.16 16.54 9.69
C GLU F 557 86.61 15.43 8.81
N SER F 558 86.75 15.61 7.50
CA SER F 558 86.17 14.68 6.54
C SER F 558 87.16 14.38 5.42
N LEU F 559 86.99 13.21 4.80
CA LEU F 559 87.83 12.81 3.67
C LEU F 559 87.12 11.65 2.95
N ILE F 560 86.50 11.95 1.82
CA ILE F 560 85.83 10.95 1.00
C ILE F 560 86.59 10.80 -0.31
N GLU F 561 86.79 9.55 -0.73
CA GLU F 561 87.56 9.28 -1.94
C GLU F 561 86.88 9.89 -3.15
N GLY F 562 87.68 10.47 -4.03
CA GLY F 562 87.17 11.09 -5.24
C GLY F 562 88.18 11.03 -6.36
N ASN F 563 87.71 11.35 -7.56
CA ASN F 563 88.56 11.38 -8.75
C ASN F 563 88.13 12.55 -9.63
N ALA F 564 89.09 13.08 -10.38
CA ALA F 564 88.88 14.23 -11.24
C ALA F 564 89.11 13.82 -12.69
N GLU F 565 88.03 13.72 -13.46
CA GLU F 565 88.13 13.32 -14.87
C GLU F 565 88.52 14.51 -15.75
N VAL F 579 93.82 11.75 -13.40
CA VAL F 579 94.24 12.00 -12.01
C VAL F 579 93.03 11.98 -11.10
N LYS F 580 93.27 12.06 -9.79
CA LYS F 580 92.22 11.95 -8.80
C LYS F 580 92.27 13.12 -7.83
N ALA F 581 91.13 13.39 -7.21
CA ALA F 581 90.94 14.49 -6.29
C ALA F 581 90.64 13.95 -4.89
N LYS F 582 90.48 14.86 -3.93
CA LYS F 582 90.11 14.49 -2.57
C LYS F 582 89.15 15.52 -2.02
N LEU F 583 88.23 15.05 -1.17
CA LEU F 583 87.19 15.89 -0.58
C LEU F 583 87.61 16.22 0.86
N ILE F 584 88.24 17.39 1.03
CA ILE F 584 88.80 17.79 2.32
C ILE F 584 87.77 18.58 3.11
N GLY F 585 87.67 18.27 4.39
CA GLY F 585 86.91 19.08 5.31
C GLY F 585 87.71 19.35 6.57
N GLU F 586 88.22 20.56 6.72
CA GLU F 586 89.04 20.91 7.87
C GLU F 586 88.80 22.37 8.25
N ALA F 587 88.63 22.62 9.54
CA ALA F 587 88.45 23.96 10.10
C ALA F 587 87.32 24.70 9.38
N ASN F 588 86.11 24.17 9.58
CA ASN F 588 84.87 24.62 8.95
C ASN F 588 85.06 25.14 7.53
N LYS F 589 85.79 24.39 6.71
CA LYS F 589 85.97 24.72 5.30
C LYS F 589 86.01 23.44 4.48
N ALA F 590 85.52 23.52 3.25
CA ALA F 590 85.51 22.38 2.33
C ALA F 590 86.45 22.69 1.16
N ARG F 591 87.58 22.01 1.12
CA ARG F 591 88.55 22.14 0.04
C ARG F 591 88.55 20.86 -0.80
N VAL F 592 88.84 21.02 -2.08
CA VAL F 592 88.97 19.89 -3.00
C VAL F 592 90.39 19.90 -3.55
N GLU F 593 91.12 18.81 -3.32
CA GLU F 593 92.53 18.72 -3.69
C GLU F 593 92.66 18.28 -5.15
N VAL F 594 93.55 18.94 -5.88
CA VAL F 594 93.85 18.60 -7.27
C VAL F 594 95.29 18.12 -7.35
N LEU F 595 95.47 16.91 -7.86
CA LEU F 595 96.79 16.31 -7.99
C LEU F 595 97.20 16.18 -9.47
N THR F 609 84.37 15.84 -11.49
CA THR F 609 84.49 15.03 -10.28
C THR F 609 83.39 13.98 -10.21
N ASN F 610 83.71 12.83 -9.62
CA ASN F 610 82.76 11.73 -9.44
C ASN F 610 82.89 11.21 -8.02
N ILE F 611 81.90 11.49 -7.18
CA ILE F 611 81.93 11.12 -5.77
C ILE F 611 80.67 10.30 -5.48
N GLN F 612 80.87 9.07 -5.00
CA GLN F 612 79.78 8.17 -4.62
C GLN F 612 78.80 7.99 -5.79
N GLY F 613 79.36 7.72 -6.97
CA GLY F 613 78.56 7.49 -8.16
C GLY F 613 77.85 8.71 -8.70
N LYS F 614 78.19 9.90 -8.23
CA LYS F 614 77.52 11.12 -8.63
C LYS F 614 78.54 12.10 -9.21
N LYS F 615 78.22 12.65 -10.38
CA LYS F 615 79.11 13.55 -11.09
C LYS F 615 78.54 14.97 -11.11
N ASP F 616 79.41 15.95 -10.91
CA ASP F 616 79.00 17.35 -10.84
C ASP F 616 78.79 17.93 -12.24
N LYS F 617 78.31 19.17 -12.28
CA LYS F 617 78.09 19.89 -13.54
C LYS F 617 78.50 21.35 -13.40
N GLN F 618 79.63 21.59 -12.72
CA GLN F 618 80.15 22.96 -12.62
C GLN F 618 80.92 23.34 -13.87
N GLN F 619 81.71 22.43 -14.42
CA GLN F 619 82.42 22.67 -15.67
C GLN F 619 83.33 23.89 -15.58
O08 A1IR6 G . -48.28 -37.90 26.47
P09 A1IR6 G . -47.82 -37.53 28.02
O10 A1IR6 G . -46.90 -38.77 28.63
C11 A1IR6 G . -47.32 -39.41 29.81
C12 A1IR6 G . -46.07 -39.84 30.59
O13 A1IR6 G . -45.52 -40.97 30.01
C14 A1IR6 G . -46.47 -40.13 32.04
O15 A1IR6 G . -47.72 -40.76 32.06
C16 A1IR6 G . -46.56 -38.82 32.83
O17 A1IR6 G . -45.53 -37.96 32.44
C18 A1IR6 G . -46.44 -39.14 34.33
O19 A1IR6 G . -46.71 -37.95 35.06
P20 A1IR6 G . -45.88 -37.70 36.49
O21 A1IR6 G . -44.53 -36.75 36.18
C22 A1IR6 G . -44.69 -35.33 36.10
C23 A1IR6 G . -43.67 -34.72 37.06
O24 A1IR6 G . -44.20 -34.66 38.34
C25 A1IR6 G . -43.29 -33.31 36.59
O26 A1IR6 G . -44.25 -32.84 35.68
C27 A1IR6 G . -41.93 -33.36 35.90
O28 A1IR6 G . -40.95 -33.68 36.83
C29 A1IR6 G . -41.64 -31.98 35.29
O30 A1IR6 G . -41.98 -30.99 36.24
P31 A1IR6 G . -40.74 -30.24 37.06
O32 A1IR6 G . -40.51 -31.00 38.52
O40 A1IR6 G . -41.10 -28.80 37.29
O41 A1IR6 G . -39.47 -30.32 36.23
O42 A1IR6 G . -45.44 -39.04 37.07
O43 A1IR6 G . -46.77 -36.99 37.48
O44 A1IR6 G . -47.01 -36.26 28.03
O45 A1IR6 G . -49.06 -37.36 28.89
MG MG H . -40.29 -39.65 20.97
O10 A1IR6 I . -39.38 14.75 5.97
C11 A1IR6 I . -39.25 16.12 6.33
C12 A1IR6 I . -40.60 16.81 6.13
O13 A1IR6 I . -40.93 16.79 4.78
C14 A1IR6 I . -40.55 18.26 6.63
O15 A1IR6 I . -39.87 19.04 5.69
C16 A1IR6 I . -39.83 18.34 7.98
O17 A1IR6 I . -40.54 17.60 8.93
C18 A1IR6 I . -39.76 19.80 8.44
O19 A1IR6 I . -38.56 19.98 9.19
P20 A1IR6 I . -38.68 20.21 10.84
O21 A1IR6 I . -40.03 19.39 11.44
C22 A1IR6 I . -39.81 18.31 12.36
C23 A1IR6 I . -39.99 18.85 13.78
O24 A1IR6 I . -38.86 19.58 14.15
C25 A1IR6 I . -40.19 17.69 14.74
O26 A1IR6 I . -39.50 16.56 14.28
C27 A1IR6 I . -41.68 17.35 14.82
O28 A1IR6 I . -42.34 18.34 15.55
C29 A1IR6 I . -41.84 16.00 15.52
O30 A1IR6 I . -41.34 16.14 16.83
P31 A1IR6 I . -42.19 15.42 18.07
O32 A1IR6 I . -42.32 13.79 17.79
O40 A1IR6 I . -43.56 16.03 18.15
O41 A1IR6 I . -41.45 15.65 19.38
O42 A1IR6 I . -38.84 21.68 11.14
O43 A1IR6 I . -37.45 19.68 11.53
O10 A1IR6 J . -45.97 3.32 15.09
C11 A1IR6 J . -46.87 4.08 15.85
C12 A1IR6 J . -48.30 3.66 15.46
O13 A1IR6 J . -48.39 3.72 14.07
C14 A1IR6 J . -49.33 4.59 16.12
O15 A1IR6 J . -48.75 5.20 17.23
C16 A1IR6 J . -50.61 3.86 16.56
O17 A1IR6 J . -50.42 3.35 17.85
C18 A1IR6 J . -50.96 2.74 15.59
O19 A1IR6 J . -52.03 1.95 16.10
P20 A1IR6 J . -53.15 1.35 15.01
O21 A1IR6 J . -54.00 0.07 15.68
C22 A1IR6 J . -53.77 -0.24 17.07
C23 A1IR6 J . -53.61 -1.76 17.19
O24 A1IR6 J . -54.67 -2.39 16.52
C25 A1IR6 J . -53.57 -2.13 18.68
O26 A1IR6 J . -52.25 -2.51 19.01
C27 A1IR6 J . -54.51 -3.27 19.06
O28 A1IR6 J . -54.53 -4.25 18.06
C29 A1IR6 J . -55.93 -2.71 19.30
O30 A1IR6 J . -56.83 -3.77 19.52
P31 A1IR6 J . -58.33 -3.40 20.16
O32 A1IR6 J . -59.50 -3.56 19.00
C33 A1IR6 J . -59.24 -4.38 17.88
C34 A1IR6 J . -60.16 -5.61 17.95
C35 A1IR6 J . -59.43 -6.88 18.44
C36 A1IR6 J . -57.89 -6.73 18.40
C37 A1IR6 J . -57.22 -7.87 17.61
C38 A1IR6 J . -55.99 -7.39 16.84
N39 A1IR6 J . -55.04 -8.47 16.68
O40 A1IR6 J . -58.31 -1.96 20.63
O41 A1IR6 J . -58.63 -4.30 21.34
O42 A1IR6 J . -52.40 0.86 13.77
O43 A1IR6 J . -54.11 2.45 14.61
MG MG K . -40.42 -5.04 32.84
O10 A1IR6 L . -22.40 9.61 -20.44
C11 A1IR6 L . -23.53 10.15 -21.09
C12 A1IR6 L . -23.06 11.27 -22.02
O13 A1IR6 L . -23.11 12.49 -21.35
C14 A1IR6 L . -23.96 11.31 -23.26
O15 A1IR6 L . -25.27 11.57 -22.87
C16 A1IR6 L . -23.88 9.96 -23.97
O17 A1IR6 L . -22.55 9.66 -24.27
C18 A1IR6 L . -24.70 9.99 -25.26
O19 A1IR6 L . -24.88 8.65 -25.69
P20 A1IR6 L . -25.12 8.33 -27.31
O21 A1IR6 L . -23.63 8.18 -28.08
C22 A1IR6 L . -22.82 7.06 -27.73
C23 A1IR6 L . -22.42 6.36 -29.03
O24 A1IR6 L . -23.52 5.66 -29.55
C25 A1IR6 L . -21.28 5.39 -28.75
O26 A1IR6 L . -21.46 4.80 -27.50
C27 A1IR6 L . -19.97 6.18 -28.74
O28 A1IR6 L . -19.92 7.00 -29.86
C29 A1IR6 L . -18.80 5.19 -28.78
O30 A1IR6 L . -18.85 4.54 -30.03
P31 A1IR6 L . -17.50 3.74 -30.55
O32 A1IR6 L . -16.80 2.98 -29.24
O40 A1IR6 L . -16.53 4.74 -31.13
O41 A1IR6 L . -17.87 2.71 -31.60
O42 A1IR6 L . -25.91 9.46 -27.94
O43 A1IR6 L . -25.87 7.03 -27.45
MG MG M . -2.38 -16.59 -27.60
MG MG N . -14.52 16.38 -17.43
O08 A1IR6 O . 20.09 -24.92 -7.16
P09 A1IR6 O . 20.84 -24.10 -5.92
O10 A1IR6 O . 21.59 -25.19 -4.92
C11 A1IR6 O . 22.52 -26.09 -5.49
C12 A1IR6 O . 22.23 -27.50 -4.95
O13 A1IR6 O . 22.57 -27.58 -3.60
C14 A1IR6 O . 23.03 -28.53 -5.75
O15 A1IR6 O . 24.38 -28.22 -5.70
C16 A1IR6 O . 22.57 -28.49 -7.22
O17 A1IR6 O . 21.19 -28.67 -7.28
C18 A1IR6 O . 23.26 -29.59 -8.01
O19 A1IR6 O . 22.85 -29.46 -9.37
P20 A1IR6 O . 22.50 -30.85 -10.23
O21 A1IR6 O . 20.85 -31.19 -10.08
C22 A1IR6 O . 19.93 -30.37 -10.80
C23 A1IR6 O . 19.69 -31.04 -12.16
O24 A1IR6 O . 20.82 -30.86 -12.97
C25 A1IR6 O . 18.49 -30.39 -12.84
O26 A1IR6 O . 18.67 -28.99 -12.88
C27 A1IR6 O . 17.23 -30.70 -12.03
O28 A1IR6 O . 16.94 -32.07 -12.12
C29 A1IR6 O . 16.07 -29.88 -12.61
O30 A1IR6 O . 15.81 -30.36 -13.91
P31 A1IR6 O . 14.24 -30.34 -14.45
O32 A1IR6 O . 13.66 -28.78 -14.44
O40 A1IR6 O . 13.39 -31.20 -13.53
O41 A1IR6 O . 14.17 -30.91 -15.85
O42 A1IR6 O . 22.81 -30.62 -11.70
O43 A1IR6 O . 23.31 -32.02 -9.71
O44 A1IR6 O . 19.80 -23.34 -5.14
O45 A1IR6 O . 21.86 -23.14 -6.50
MG MG P . 15.66 -24.83 2.71
O08 A1IR6 Q . 49.57 36.59 -28.77
P09 A1IR6 Q . 50.27 37.44 -30.00
O10 A1IR6 Q . 49.22 38.61 -30.53
C11 A1IR6 Q . 49.71 39.89 -30.85
C12 A1IR6 Q . 48.56 40.89 -30.73
O13 A1IR6 Q . 47.80 40.86 -31.89
C14 A1IR6 Q . 49.13 42.29 -30.50
O15 A1IR6 Q . 50.10 42.58 -31.45
C16 A1IR6 Q . 49.75 42.38 -29.10
O17 A1IR6 Q . 49.04 41.58 -28.21
C18 A1IR6 Q . 49.72 43.84 -28.62
O19 A1IR6 Q . 50.10 43.84 -27.25
P20 A1IR6 Q . 49.55 45.08 -26.27
O21 A1IR6 Q . 48.48 44.43 -25.14
C22 A1IR6 Q . 49.04 43.68 -24.07
C23 A1IR6 Q . 48.26 44.05 -22.80
O24 A1IR6 Q . 49.03 44.90 -22.00
C25 A1IR6 Q . 47.93 42.77 -22.05
O26 A1IR6 Q . 48.69 41.71 -22.55
C27 A1IR6 Q . 46.45 42.47 -22.20
O28 A1IR6 Q . 45.72 43.65 -22.13
C29 A1IR6 Q . 46.02 41.56 -21.03
O30 A1IR6 Q . 46.58 42.15 -19.87
P31 A1IR6 Q . 45.79 41.87 -18.44
O32 A1IR6 Q . 46.41 40.52 -17.68
C33 A1IR6 Q . 47.39 39.72 -18.32
C34 A1IR6 Q . 46.76 38.34 -18.62
C35 A1IR6 Q . 47.00 37.86 -20.07
C36 A1IR6 Q . 45.93 36.85 -20.54
C37 A1IR6 Q . 46.20 36.29 -21.95
C38 A1IR6 Q . 45.04 35.44 -22.48
N39 A1IR6 Q . 45.54 34.34 -23.29
O40 A1IR6 Q . 44.32 41.67 -18.72
O41 A1IR6 Q . 45.95 43.08 -17.54
O42 A1IR6 Q . 48.86 46.13 -27.10
O43 A1IR6 Q . 50.73 45.69 -25.55
O44 A1IR6 Q . 51.55 38.09 -29.51
O45 A1IR6 Q . 50.60 36.51 -31.15
MG MG R . 47.95 26.65 1.89
MG MG S . 41.91 32.73 -33.69
O10 A1IR6 T . 45.18 -7.05 6.98
C11 A1IR6 T . 45.12 -7.43 8.33
C12 A1IR6 T . 46.55 -7.36 8.90
O13 A1IR6 T . 47.24 -8.51 8.54
C14 A1IR6 T . 46.53 -7.25 10.43
O15 A1IR6 T . 46.05 -8.44 10.98
C16 A1IR6 T . 45.67 -6.08 10.92
O17 A1IR6 T . 45.85 -4.96 10.11
C18 A1IR6 T . 46.08 -5.73 12.36
O19 A1IR6 T . 45.19 -4.73 12.84
P20 A1IR6 T . 45.58 -3.94 14.27
O21 A1IR6 T . 46.93 -2.97 14.01
C22 A1IR6 T . 46.73 -1.73 13.33
C23 A1IR6 T . 47.02 -0.61 14.33
O24 A1IR6 T . 45.84 -0.19 14.93
C25 A1IR6 T . 47.67 0.58 13.62
O26 A1IR6 T . 46.86 0.99 12.55
C27 A1IR6 T . 49.05 0.17 13.10
O28 A1IR6 T . 49.87 -0.16 14.19
C29 A1IR6 T . 49.67 1.37 12.37
O30 A1IR6 T . 49.81 2.40 13.33
P31 A1IR6 T . 50.00 3.96 12.80
O32 A1IR6 T . 49.31 4.14 11.30
O40 A1IR6 T . 51.48 4.27 12.72
O41 A1IR6 T . 49.33 4.91 13.78
O42 A1IR6 T . 45.89 -4.97 15.35
O43 A1IR6 T . 44.41 -3.09 14.71
O21 A1IR6 U . 58.80 8.14 -3.31
C22 A1IR6 U . 59.13 9.51 -3.09
C23 A1IR6 U . 59.41 10.14 -4.47
O24 A1IR6 U . 60.57 9.58 -5.00
C25 A1IR6 U . 59.52 11.66 -4.31
O26 A1IR6 U . 58.25 12.24 -4.39
C27 A1IR6 U . 60.42 12.28 -5.38
O28 A1IR6 U . 60.42 11.48 -6.53
C29 A1IR6 U . 61.86 12.39 -4.82
O30 A1IR6 U . 62.57 13.39 -5.53
P31 A1IR6 U . 64.18 13.58 -5.18
O32 A1IR6 U . 65.09 12.47 -6.02
O40 A1IR6 U . 64.39 13.37 -3.70
O41 A1IR6 U . 64.63 14.98 -5.55
#